data_5FVM
#
_entry.id   5FVM
#
_cell.length_a   1.000
_cell.length_b   1.000
_cell.length_c   1.000
_cell.angle_alpha   90.00
_cell.angle_beta   90.00
_cell.angle_gamma   90.00
#
_symmetry.space_group_name_H-M   'P 1'
#
loop_
_entity.id
_entity.type
_entity.pdbx_description
1 polymer 'SERINE/THREONINE-PROTEIN KINASE TOR2'
2 polymer 'TARGET OF RAPAMYCIN COMPLEX SUBUNIT LST8'
#
loop_
_entity_poly.entity_id
_entity_poly.type
_entity_poly.pdbx_seq_one_letter_code
_entity_poly.pdbx_strand_id
1 'polypeptide(L)'
;ELLEGELKTAALAQHDEAMGGSLRRKGESVKKRLVSGTAASLQELSLQPSSNGIASAGKSEDGEAGDGMSGEFGAALTDS
NVENNVKAFDLIFTKLKSTNQLERVAASYELKSCLISLAREVSTEYFQRFSNDINNKVFELIHGTDSNEKLGGVLAVDTL
IDFYSHTDELPNQTSRLANYLRVLIPSNDIEVMRAAATTLGKLAVPGGTLTSEFVEFEVKTCIEWLTTSPESSSSNSKQE
YRKHASLLIISSIAHNSPYLLYPFVNSILDNIWRALRDTKLVIRTDAAVTLGKCLTIINDRDSSLTKKWVQRLFNGCIYG
LQLNTTVSIHGTLLVYRQLVSLEGGYLKDKYEEIYETTMKHRDNKNIIIRKEIYAIIPVLAAFDPKLFTQKYLDATMIHY
LTLLKNMTSHQIALSDKGPILVSIGDIAYHVGSEIGPYLDAIVENLRDGLETKFKTRKEFEKDIFYCVSKLACAVRPLLA
KYLNRGLLDALLACPLSDHMQETLLVICEKIPSMEVTVNEKLLNIICLVLSGEKFRPPGSPTPMKSLSSETARAYRDQSL
LRKTGENNNDTLDAMILRKALRMLSDIKPKYSLTEFIRRVIISYMEHDNMQVRKLAALTSCDLFVKDSICKQTSLYALNV
VSEVLSKLLTVAITDPVAEIRLEILKHLDRNFDPQLSQPDNTKLLFMALNDEVFAIQMEAMKICGRLALVNPAYVIPSLR
KTLIQLLTELKHSKMTRKKEECASLLCTLISSSSDVTKPYLEPVIEILLPKSQDPSSAVASTALKALGEISVVGGEDMLP
FLDELMPLIIDTFQDQSNSFKRGAALKALGQLAASSGYVIDPLLDYPELLGVLINILKSESSQNIRRETVRLIGILGALD
PYKHREVERTSITNITSEQNAPPIDVALLMQGMSPSNEEYYPTVVIGVLMKILKDPSLSIHHSTVIQAIMHIFQTMGLRC
VIFLKQIIPGFILVMHTCPPSLLELYFQQLSVLISIVKQHIRPHVTEIVDVISEFFPVLKLQLTIISVIESLSRALEGEF
NPHLPTILSLFLDVLEKDQSNKKVVSVRILKSLVVFGPHLEEYVHLVLPTIIKLSEFSSGNLKKAAIITIGRLSKNVNAL
EMSSRIVQALVRVLNTSETEYVKATMNTLSLLLLQLNIDFTVFIPVINKTLVKQNIQHTIYDRLVAKLLNNEPLPTKIII
DKDFDLPNKEMDDVKVASKKLPVNQMVLKNAWDCSQQRTKEDWQEWIRRLSISLLKESSSHALRACSGLAGIYYPLAREL
FNASFASCWGELYTQYQEDLIQSLCAALSSPNNPPEIHQTLLNLVEFMEHDDKPLPISISTLGEYAQRCHAYAKALHYKE
LEFIEEPSTSTIESLITINNQLHQTDAAIGILKHAQQHHDLQLKETWYEKLQRWDDALNAYNKREAAGEDSVEVTIGKMR
SLHALGEWDQLSELAADKWASSQLEVKRAIAPLAAGAAWGLAQWDRVEQYIEVMKPQSPDKAFFDAILCLHRNNFEKAAE
HIFSARDLLVTEMSALVNESYNRAYGVVVRTQMVAELEEIIQYKKLPQGSERRAMIRKTWNKRLLGCQKNVDVWQRVLKV
RSLVIKPKQDMKVWIKFANLCRKSGRLGLAQKTLNTLLEESGDPKNPNTARAPPPVVYAQLKYMWATGSQKEALNHLISF
TSRMAHDLGLDPSNMIAQSVPQNSSVSQHHIEDYTKLLARCFLKQGEWRVSLQPNWRLENPDAILGSYLLATHFDKTWYK
AWHNWALANFEVTSSLTQRIKDDKVPPTLEDASTEFTNGAVAGLNANDNFPPELVQRHVVPAIKGFFHSIALSQSSSLQD
TLRLLTLWFKFGGIPEAAQAMHEGFGLIKIDNWLEVIPQLISRIHQPNQTVSRSLLSLLADLGKAHPQALVYPLTVAIKS
DSVSRQRAALSIIDKMRMHSPKLVNQAELVSDELIRVAVLWHELWYEGLEDASRQFFGEHNTEKMFATLEPLHEMLKRGP
ETLREISFQNSFGRDLNDAYEWVLNYKRTKDINNLNQAWDIYYNVFRRISRKLPQLQTLDLQHVSPKLSAAKDLELAVPG
TYHAGKPIVRITHFEPVFTVISSKQRPRRVIIKGSDGKDYQYLLKSHEDIRQDNLVMQLFGLVNTLLQNDPESFQRHLNI
QQYPAIPLSPKTGLLGWVPNSDTFHVLIREHREASKIPLNIEHRIMLQMAPDYDNLTLLQKVEVFTYALDNTKGQDLYKV
LWLKSRSSESWLDRRTTYTRSLAVMSMVGYILGLGDRHPSNLMLDRITGKVVHIDFGDCFEAAILREKYPEKVPFRLTRM
LTYAMEVSGIEGSFRITCENVMMVLRDNKESLMAILEAFAYDPLINWGFDLPTHAVMEQTGIDLPLANPSELLRKGVISV
EDAAKMELQQKAEVRNARATLVLKRIADKLTGNDFPRCQELSVPDQVDKLIQQATSVENLCQHYIGWCSFW
;
A,B
2 'polypeptide(L)'
;MSVILASAGYDHTIRFWEALTGVCSRTIQHADSQVNRLEITSDKKYLAAAGHLHVRLYDIRSNNPNPVSSFEGHKGNVTS
IAFQQENRWMVSSSEDGTIKVWDVRSPSVQRNYKHNAPVNEVAIHPNQGELISCDQDGNIRIWDLGENQCTNQLTPEDNT
PLQSLSVASDGSMLVAGNNKGNCYVWRMPHHTDASTLEPVTKFKSHTKYITRVLLSADVKNLATCSADHTARVWNIEDNY
QLETTLDGHQRWVWDCAFSADSAYLVTACSDHYVRLWDLSTSEIVRQYGGHHKGAVCVALNDV
;
C,D
#
# COMPACT_ATOMS: atom_id res chain seq x y z
N ASN A 85 -0.21 -45.78 36.06
CA ASN A 85 0.11 -44.56 36.80
C ASN A 85 -1.01 -44.24 37.79
N VAL A 86 -2.06 -43.61 37.28
CA VAL A 86 -3.22 -43.31 38.11
C VAL A 86 -3.82 -44.61 38.59
N LYS A 87 -3.82 -45.61 37.71
CA LYS A 87 -4.36 -46.93 38.03
C LYS A 87 -3.56 -47.56 39.16
N ALA A 88 -2.25 -47.31 39.16
CA ALA A 88 -1.37 -47.83 40.20
C ALA A 88 -1.84 -47.39 41.58
N PHE A 89 -1.79 -46.09 41.83
CA PHE A 89 -2.22 -45.53 43.11
C PHE A 89 -3.68 -45.86 43.40
N ASP A 90 -4.47 -45.99 42.34
CA ASP A 90 -5.86 -46.43 42.47
C ASP A 90 -5.94 -47.76 43.19
N LEU A 91 -5.40 -48.79 42.55
CA LEU A 91 -5.40 -50.13 43.12
C LEU A 91 -4.73 -50.16 44.48
N ILE A 92 -3.70 -49.33 44.65
CA ILE A 92 -2.98 -49.25 45.91
C ILE A 92 -3.95 -48.82 46.99
N PHE A 93 -4.69 -47.75 46.70
CA PHE A 93 -5.73 -47.25 47.58
C PHE A 93 -6.76 -48.33 47.90
N THR A 94 -7.47 -48.77 46.86
CA THR A 94 -8.57 -49.72 47.00
C THR A 94 -8.16 -50.96 47.80
N LYS A 95 -6.98 -51.49 47.52
CA LYS A 95 -6.46 -52.63 48.24
C LYS A 95 -6.20 -52.26 49.70
N LEU A 96 -5.53 -51.12 49.88
CA LEU A 96 -5.29 -50.55 51.20
C LEU A 96 -4.48 -51.50 52.10
N ASN A 100 -4.26 -49.02 59.14
CA ASN A 100 -3.28 -49.21 58.08
C ASN A 100 -3.95 -49.11 56.72
N GLN A 101 -4.85 -50.04 56.46
CA GLN A 101 -5.64 -50.04 55.24
C GLN A 101 -6.35 -48.71 55.09
N LEU A 102 -7.02 -48.31 56.17
CA LEU A 102 -7.80 -47.08 56.23
C LEU A 102 -7.02 -45.88 55.72
N GLU A 103 -5.99 -45.49 56.46
CA GLU A 103 -5.19 -44.32 56.13
C GLU A 103 -4.63 -44.40 54.72
N ARG A 104 -4.21 -45.60 54.34
CA ARG A 104 -3.69 -45.86 53.00
C ARG A 104 -4.69 -45.40 51.94
N VAL A 105 -5.83 -46.09 51.91
CA VAL A 105 -6.89 -45.77 50.97
C VAL A 105 -7.25 -44.29 51.04
N ALA A 106 -7.28 -43.76 52.26
CA ALA A 106 -7.63 -42.36 52.49
C ALA A 106 -6.73 -41.40 51.71
N ALA A 107 -5.46 -41.36 52.11
CA ALA A 107 -4.52 -40.45 51.51
C ALA A 107 -4.38 -40.69 50.02
N SER A 108 -4.28 -41.97 49.65
CA SER A 108 -4.09 -42.33 48.25
C SER A 108 -5.23 -41.84 47.38
N TYR A 109 -6.46 -42.04 47.85
CA TYR A 109 -7.64 -41.62 47.09
C TYR A 109 -7.75 -40.10 47.05
N GLU A 110 -7.47 -39.48 48.19
CA GLU A 110 -7.41 -38.03 48.29
C GLU A 110 -6.55 -37.49 47.17
N LEU A 111 -5.27 -37.85 47.22
CA LEU A 111 -4.31 -37.49 46.19
C LEU A 111 -4.81 -37.82 44.79
N LYS A 112 -5.44 -38.98 44.65
CA LYS A 112 -5.95 -39.42 43.36
C LYS A 112 -6.91 -38.41 42.75
N SER A 113 -8.05 -38.24 43.41
CA SER A 113 -9.09 -37.34 42.91
C SER A 113 -8.57 -35.92 42.79
N CYS A 114 -7.72 -35.52 43.73
CA CYS A 114 -7.16 -34.18 43.69
C CYS A 114 -6.34 -33.94 42.44
N LEU A 115 -5.34 -34.80 42.25
CA LEU A 115 -4.40 -34.68 41.13
C LEU A 115 -5.11 -34.91 39.81
N ILE A 116 -6.24 -35.60 39.88
CA ILE A 116 -7.04 -35.86 38.71
C ILE A 116 -7.35 -34.54 38.01
N SER A 117 -7.60 -33.51 38.83
CA SER A 117 -7.90 -32.18 38.33
C SER A 117 -9.05 -32.26 37.33
N LEU A 118 -10.23 -32.61 37.84
CA LEU A 118 -11.44 -32.70 37.04
C LEU A 118 -11.32 -33.74 35.92
N VAL A 122 -13.18 -35.52 27.41
CA VAL A 122 -13.30 -36.79 26.70
C VAL A 122 -12.44 -37.83 27.38
N SER A 123 -11.46 -37.37 28.14
CA SER A 123 -10.58 -38.23 28.89
C SER A 123 -11.02 -38.22 30.34
N THR A 124 -10.91 -37.04 30.94
CA THR A 124 -11.24 -36.81 32.35
C THR A 124 -12.56 -37.46 32.75
N GLU A 125 -13.64 -36.95 32.16
CA GLU A 125 -14.97 -37.50 32.39
C GLU A 125 -14.94 -39.02 32.24
N TYR A 126 -14.64 -39.47 31.03
CA TYR A 126 -14.57 -40.90 30.72
C TYR A 126 -13.76 -41.70 31.74
N PHE A 127 -12.46 -41.42 31.81
CA PHE A 127 -11.56 -42.11 32.74
C PHE A 127 -12.13 -42.18 34.14
N GLN A 128 -12.30 -41.01 34.75
CA GLN A 128 -12.84 -40.89 36.10
C GLN A 128 -14.08 -41.73 36.30
N ARG A 129 -15.16 -41.38 35.61
CA ARG A 129 -16.43 -42.10 35.70
C ARG A 129 -16.24 -43.60 35.59
N PHE A 130 -15.79 -44.06 34.42
CA PHE A 130 -15.61 -45.48 34.15
C PHE A 130 -14.83 -46.20 35.24
N SER A 131 -13.56 -45.83 35.39
CA SER A 131 -12.70 -46.42 36.40
C SER A 131 -13.36 -46.43 37.77
N ASN A 132 -13.61 -45.24 38.31
CA ASN A 132 -14.16 -45.08 39.66
C ASN A 132 -15.41 -45.90 39.91
N ASP A 133 -16.33 -45.90 38.95
CA ASP A 133 -17.58 -46.64 39.09
C ASP A 133 -17.29 -48.15 39.05
N ILE A 134 -16.30 -48.52 38.24
CA ILE A 134 -15.90 -49.91 38.14
C ILE A 134 -15.36 -50.37 39.49
N ASN A 135 -14.66 -49.47 40.17
CA ASN A 135 -14.12 -49.76 41.48
C ASN A 135 -15.20 -49.62 42.54
N ASN A 136 -16.31 -48.99 42.16
CA ASN A 136 -17.44 -48.83 43.06
C ASN A 136 -18.19 -50.15 43.12
N LYS A 137 -18.40 -50.75 41.95
CA LYS A 137 -18.96 -52.08 41.85
C LYS A 137 -17.99 -53.09 42.47
N VAL A 138 -16.72 -52.93 42.14
CA VAL A 138 -15.67 -53.83 42.62
C VAL A 138 -15.63 -53.82 44.13
N PHE A 139 -15.76 -52.63 44.71
CA PHE A 139 -15.75 -52.50 46.16
C PHE A 139 -17.02 -53.07 46.76
N GLU A 140 -18.16 -52.64 46.23
CA GLU A 140 -19.47 -53.06 46.72
C GLU A 140 -19.58 -54.58 46.75
N LEU A 141 -18.93 -55.23 45.80
CA LEU A 141 -18.87 -56.68 45.78
C LEU A 141 -17.81 -57.21 46.77
N ILE A 142 -16.66 -56.56 46.80
CA ILE A 142 -15.53 -57.06 47.60
C ILE A 142 -15.71 -56.76 49.08
N HIS A 143 -16.40 -55.66 49.37
CA HIS A 143 -16.68 -55.24 50.75
C HIS A 143 -15.39 -55.05 51.55
N ASP A 146 -10.79 -56.91 55.14
CA ASP A 146 -12.00 -56.38 54.53
C ASP A 146 -12.09 -54.86 54.72
N SER A 147 -13.19 -54.29 54.25
CA SER A 147 -13.49 -52.86 54.39
C SER A 147 -12.53 -51.99 53.58
N ASN A 148 -11.48 -52.61 53.05
CA ASN A 148 -10.61 -52.01 52.06
C ASN A 148 -11.49 -51.41 50.99
N GLU A 149 -12.22 -52.31 50.35
CA GLU A 149 -13.28 -51.97 49.42
C GLU A 149 -14.15 -50.87 50.02
N LYS A 150 -14.82 -51.18 51.13
CA LYS A 150 -15.66 -50.22 51.83
C LYS A 150 -14.98 -48.86 52.02
N LEU A 151 -13.90 -48.84 52.80
CA LEU A 151 -13.17 -47.61 53.09
C LEU A 151 -12.89 -46.80 51.83
N GLY A 152 -12.08 -47.36 50.93
CA GLY A 152 -11.75 -46.71 49.68
C GLY A 152 -12.96 -46.19 48.93
N GLY A 153 -14.04 -46.96 48.97
CA GLY A 153 -15.28 -46.56 48.32
C GLY A 153 -15.86 -45.28 48.91
N VAL A 154 -16.03 -45.26 50.23
CA VAL A 154 -16.56 -44.08 50.90
C VAL A 154 -15.65 -42.89 50.64
N LEU A 155 -14.35 -43.16 50.61
CA LEU A 155 -13.36 -42.14 50.29
C LEU A 155 -13.65 -41.56 48.92
N ALA A 156 -13.93 -42.44 47.97
CA ALA A 156 -14.26 -42.04 46.61
C ALA A 156 -15.53 -41.21 46.62
N VAL A 157 -16.43 -41.52 47.53
CA VAL A 157 -17.68 -40.79 47.64
C VAL A 157 -17.37 -39.36 48.05
N ASP A 158 -16.58 -39.21 49.11
CA ASP A 158 -16.24 -37.88 49.61
C ASP A 158 -15.49 -37.08 48.56
N THR A 159 -14.60 -37.75 47.85
CA THR A 159 -13.80 -37.12 46.82
C THR A 159 -14.67 -36.63 45.69
N LEU A 160 -15.53 -37.51 45.20
CA LEU A 160 -16.45 -37.18 44.12
C LEU A 160 -17.40 -36.09 44.57
N ILE A 161 -17.57 -35.98 45.87
CA ILE A 161 -18.39 -34.94 46.44
C ILE A 161 -17.58 -33.66 46.35
N ASP A 162 -16.47 -33.63 47.08
CA ASP A 162 -15.55 -32.51 47.01
C ASP A 162 -14.79 -32.51 45.69
N GLU A 169 -25.51 -33.62 42.21
CA GLU A 169 -26.32 -34.31 43.21
C GLU A 169 -26.95 -35.57 42.63
N LEU A 170 -27.39 -35.48 41.38
CA LEU A 170 -28.00 -36.61 40.71
C LEU A 170 -27.04 -37.79 40.66
N PRO A 171 -25.86 -37.58 40.05
CA PRO A 171 -24.85 -38.64 40.02
C PRO A 171 -24.40 -39.01 41.41
N ASN A 172 -24.38 -38.01 42.30
CA ASN A 172 -24.02 -38.23 43.68
C ASN A 172 -24.90 -39.30 44.31
N GLN A 173 -26.18 -38.98 44.48
CA GLN A 173 -27.12 -39.92 45.08
C GLN A 173 -27.17 -41.21 44.29
N THR A 174 -26.97 -41.08 42.98
CA THR A 174 -26.94 -42.24 42.09
C THR A 174 -25.92 -43.26 42.53
N SER A 175 -24.64 -42.92 42.40
CA SER A 175 -23.57 -43.84 42.73
C SER A 175 -23.61 -44.16 44.21
N ARG A 176 -24.11 -43.21 44.99
CA ARG A 176 -24.26 -43.39 46.42
C ARG A 176 -25.11 -44.61 46.72
N LEU A 177 -26.40 -44.52 46.39
CA LEU A 177 -27.33 -45.61 46.65
C LEU A 177 -26.88 -46.86 45.92
N ALA A 178 -26.33 -46.67 44.72
CA ALA A 178 -25.85 -47.78 43.90
C ALA A 178 -24.85 -48.64 44.66
N ASN A 179 -23.67 -48.06 44.89
CA ASN A 179 -22.58 -48.78 45.52
C ASN A 179 -22.91 -49.16 46.96
N TYR A 180 -23.63 -48.30 47.66
CA TYR A 180 -23.96 -48.56 49.07
C TYR A 180 -24.88 -49.76 49.21
N LEU A 181 -26.01 -49.72 48.51
CA LEU A 181 -26.96 -50.81 48.58
C LEU A 181 -26.35 -52.07 47.99
N ARG A 182 -25.45 -51.90 47.02
CA ARG A 182 -24.75 -53.04 46.46
C ARG A 182 -23.83 -53.64 47.52
N VAL A 183 -23.32 -52.78 48.40
CA VAL A 183 -22.48 -53.22 49.50
C VAL A 183 -23.26 -53.41 50.79
N LEU A 184 -24.56 -53.12 50.78
CA LEU A 184 -25.34 -53.22 52.01
C LEU A 184 -26.74 -53.81 51.80
N ILE A 185 -27.08 -54.77 52.65
CA ILE A 185 -28.40 -55.39 52.61
C ILE A 185 -29.44 -54.46 53.21
N ASP A 189 -19.26 -56.93 58.59
CA ASP A 189 -19.26 -56.37 59.94
C ASP A 189 -18.92 -54.89 59.90
N ILE A 190 -19.80 -54.08 60.45
CA ILE A 190 -19.62 -52.62 60.57
C ILE A 190 -19.63 -51.95 59.20
N GLU A 191 -19.63 -52.75 58.14
CA GLU A 191 -19.79 -52.25 56.79
C GLU A 191 -21.17 -51.61 56.69
N VAL A 192 -22.08 -52.13 57.50
CA VAL A 192 -23.40 -51.54 57.69
C VAL A 192 -23.24 -50.09 58.12
N MET A 193 -22.67 -49.89 59.30
CA MET A 193 -22.44 -48.54 59.83
C MET A 193 -21.53 -47.74 58.90
N ARG A 194 -20.62 -48.44 58.23
CA ARG A 194 -19.71 -47.81 57.27
C ARG A 194 -20.49 -47.08 56.18
N ALA A 195 -21.19 -47.84 55.36
CA ALA A 195 -21.99 -47.26 54.28
C ALA A 195 -23.09 -46.38 54.83
N ALA A 196 -23.49 -46.65 56.07
CA ALA A 196 -24.47 -45.85 56.77
C ALA A 196 -24.00 -44.42 56.83
N ALA A 197 -22.92 -44.20 57.57
CA ALA A 197 -22.33 -42.87 57.70
C ALA A 197 -21.93 -42.31 56.36
N THR A 198 -21.38 -43.17 55.51
CA THR A 198 -20.92 -42.80 54.19
C THR A 198 -22.03 -42.09 53.42
N THR A 199 -23.08 -42.84 53.12
CA THR A 199 -24.22 -42.31 52.40
C THR A 199 -24.88 -41.17 53.17
N LEU A 200 -24.78 -41.22 54.50
CA LEU A 200 -25.39 -40.21 55.34
C LEU A 200 -24.81 -38.85 55.04
N GLY A 201 -23.49 -38.74 55.16
CA GLY A 201 -22.80 -37.49 54.86
C GLY A 201 -22.88 -37.17 53.39
N LYS A 202 -22.83 -38.21 52.56
CA LYS A 202 -22.88 -38.05 51.12
C LYS A 202 -24.15 -37.33 50.72
N LEU A 203 -25.24 -37.65 51.41
CA LEU A 203 -26.51 -37.02 51.12
C LEU A 203 -26.61 -35.68 51.82
N ALA A 204 -26.74 -35.73 53.14
CA ALA A 204 -26.80 -34.51 53.93
C ALA A 204 -25.74 -34.53 55.00
N VAL A 205 -24.79 -33.60 54.89
CA VAL A 205 -23.73 -33.49 55.86
C VAL A 205 -23.80 -32.10 56.49
N LEU A 210 -35.01 -36.30 51.43
CA LEU A 210 -35.65 -37.07 52.51
C LEU A 210 -36.82 -37.87 51.97
N THR A 211 -36.74 -38.25 50.70
CA THR A 211 -37.81 -39.01 50.07
C THR A 211 -37.35 -40.42 49.73
N SER A 212 -36.51 -40.54 48.70
CA SER A 212 -35.87 -41.81 48.38
C SER A 212 -35.08 -42.24 49.61
N GLU A 213 -34.59 -41.23 50.31
CA GLU A 213 -34.01 -41.41 51.62
C GLU A 213 -34.99 -42.11 52.54
N PHE A 214 -36.11 -41.44 52.86
CA PHE A 214 -37.12 -42.00 53.75
C PHE A 214 -37.66 -43.32 53.21
N VAL A 215 -37.79 -43.40 51.89
CA VAL A 215 -38.26 -44.60 51.22
C VAL A 215 -37.40 -45.79 51.60
N GLU A 216 -36.15 -45.78 51.14
CA GLU A 216 -35.21 -46.87 51.40
C GLU A 216 -35.02 -47.06 52.89
N PHE A 217 -35.15 -45.96 53.63
CA PHE A 217 -35.05 -46.00 55.09
C PHE A 217 -36.06 -46.97 55.67
N GLU A 218 -37.34 -46.61 55.59
CA GLU A 218 -38.38 -47.44 56.17
C GLU A 218 -38.33 -48.82 55.55
N VAL A 219 -38.01 -48.86 54.26
CA VAL A 219 -37.93 -50.10 53.51
C VAL A 219 -36.96 -51.10 54.14
N LYS A 220 -35.67 -50.78 54.07
CA LYS A 220 -34.64 -51.70 54.53
C LYS A 220 -34.65 -51.86 56.04
N THR A 221 -34.94 -50.76 56.74
CA THR A 221 -35.06 -50.79 58.19
C THR A 221 -36.08 -51.83 58.58
N CYS A 222 -37.34 -51.61 58.22
CA CYS A 222 -38.39 -52.55 58.56
C CYS A 222 -38.10 -53.92 57.97
N ILE A 223 -37.33 -53.95 56.88
CA ILE A 223 -36.97 -55.20 56.23
C ILE A 223 -36.18 -56.09 57.19
N GLU A 224 -35.08 -55.56 57.72
CA GLU A 224 -34.26 -56.34 58.62
C GLU A 224 -34.83 -56.31 60.03
N TRP A 225 -35.87 -55.50 60.22
CA TRP A 225 -36.50 -55.32 61.53
C TRP A 225 -37.59 -56.36 61.77
N LEU A 226 -37.94 -57.09 60.72
CA LEU A 226 -38.91 -58.15 60.85
C LEU A 226 -38.17 -59.43 61.21
N THR A 227 -38.48 -59.97 62.39
CA THR A 227 -37.78 -61.14 62.90
C THR A 227 -38.75 -62.29 63.14
N GLN A 239 -32.09 -52.66 59.55
CA GLN A 239 -32.95 -52.50 60.72
C GLN A 239 -32.39 -51.49 61.70
N GLU A 240 -31.28 -51.85 62.33
CA GLU A 240 -30.67 -51.03 63.36
C GLU A 240 -29.69 -50.05 62.76
N TYR A 241 -28.62 -50.57 62.18
CA TYR A 241 -27.61 -49.75 61.53
C TYR A 241 -28.19 -49.01 60.33
N ARG A 242 -29.29 -49.53 59.79
CA ARG A 242 -30.00 -48.86 58.71
C ARG A 242 -30.81 -47.69 59.28
N LYS A 243 -31.39 -47.91 60.45
CA LYS A 243 -32.13 -46.87 61.15
C LYS A 243 -31.21 -45.71 61.47
N HIS A 244 -30.07 -46.02 62.07
CA HIS A 244 -29.08 -45.01 62.39
C HIS A 244 -28.51 -44.39 61.12
N ALA A 245 -28.43 -45.20 60.06
CA ALA A 245 -27.99 -44.73 58.74
C ALA A 245 -28.86 -43.56 58.31
N SER A 246 -30.13 -43.86 58.10
CA SER A 246 -31.08 -42.85 57.67
C SER A 246 -31.24 -41.76 58.72
N LEU A 247 -30.84 -42.06 59.95
CA LEU A 247 -30.92 -41.08 61.01
C LEU A 247 -29.88 -39.99 60.78
N LEU A 248 -28.63 -40.41 60.59
CA LEU A 248 -27.55 -39.46 60.36
C LEU A 248 -27.71 -38.80 59.00
N ILE A 249 -28.24 -39.57 58.06
CA ILE A 249 -28.48 -39.07 56.72
C ILE A 249 -29.48 -37.94 56.77
N ILE A 250 -30.62 -38.20 57.39
CA ILE A 250 -31.67 -37.21 57.53
C ILE A 250 -31.29 -36.19 58.60
N SER A 251 -30.22 -36.49 59.34
CA SER A 251 -29.72 -35.53 60.31
C SER A 251 -29.04 -34.41 59.58
N SER A 252 -28.52 -33.44 60.32
CA SER A 252 -27.87 -32.30 59.71
C SER A 252 -26.46 -32.67 59.22
N TYR A 262 -43.27 -35.03 61.47
CA TYR A 262 -43.29 -36.15 62.41
C TYR A 262 -43.03 -37.46 61.70
N PRO A 263 -42.61 -37.39 60.42
CA PRO A 263 -42.21 -38.60 59.70
C PRO A 263 -41.16 -39.34 60.50
N PHE A 264 -40.22 -38.58 61.04
CA PHE A 264 -39.23 -39.11 61.94
C PHE A 264 -39.88 -39.66 63.19
N VAL A 265 -40.80 -38.90 63.77
CA VAL A 265 -41.52 -39.31 64.98
C VAL A 265 -42.12 -40.70 64.80
N ASN A 266 -43.06 -40.82 63.88
CA ASN A 266 -43.76 -42.08 63.61
C ASN A 266 -42.83 -43.20 63.19
N SER A 267 -41.94 -42.91 62.23
CA SER A 267 -40.94 -43.88 61.80
C SER A 267 -40.27 -44.48 63.02
N ILE A 268 -39.59 -43.62 63.77
CA ILE A 268 -38.91 -44.00 65.01
C ILE A 268 -39.81 -44.78 65.95
N LEU A 269 -41.08 -44.37 66.04
CA LEU A 269 -42.04 -45.09 66.86
C LEU A 269 -42.08 -46.56 66.44
N ASP A 270 -42.53 -46.78 65.20
CA ASP A 270 -42.65 -48.14 64.65
C ASP A 270 -41.36 -48.94 64.74
N ASN A 271 -40.26 -48.28 64.39
CA ASN A 271 -38.94 -48.88 64.47
C ASN A 271 -38.67 -49.39 65.88
N ILE A 272 -38.61 -48.46 66.84
CA ILE A 272 -38.32 -48.78 68.24
C ILE A 272 -39.23 -49.88 68.74
N TRP A 273 -40.47 -49.85 68.29
CA TRP A 273 -41.39 -50.93 68.55
C TRP A 273 -40.80 -52.25 68.08
N ARG A 274 -40.59 -52.37 66.78
CA ARG A 274 -40.13 -53.62 66.18
C ARG A 274 -38.82 -54.12 66.77
N ALA A 275 -37.85 -53.22 66.89
CA ALA A 275 -36.51 -53.59 67.33
C ALA A 275 -36.43 -53.79 68.83
N LEU A 276 -37.10 -52.93 69.59
CA LEU A 276 -37.01 -52.96 71.04
C LEU A 276 -38.35 -53.28 71.71
N ARG A 277 -38.45 -54.32 72.56
CA ARG A 277 -37.38 -55.27 72.95
C ARG A 277 -36.12 -54.63 73.52
N LYS A 280 -27.79 -53.04 66.60
CA LYS A 280 -28.94 -53.65 67.27
C LYS A 280 -29.74 -52.60 68.01
N LEU A 281 -30.21 -52.96 69.21
CA LEU A 281 -30.90 -52.03 70.08
C LEU A 281 -29.99 -50.85 70.37
N VAL A 282 -28.70 -51.08 70.27
CA VAL A 282 -27.71 -50.02 70.32
C VAL A 282 -27.93 -49.07 69.16
N ILE A 283 -27.92 -49.61 67.94
CA ILE A 283 -28.01 -48.78 66.75
C ILE A 283 -29.42 -48.21 66.63
N ARG A 284 -30.37 -48.96 67.15
CA ARG A 284 -31.73 -48.48 67.26
C ARG A 284 -31.74 -47.24 68.15
N THR A 285 -31.04 -47.32 69.27
CA THR A 285 -30.93 -46.22 70.20
C THR A 285 -30.20 -45.05 69.56
N ASP A 286 -29.31 -45.37 68.63
CA ASP A 286 -28.56 -44.36 67.90
C ASP A 286 -29.50 -43.55 67.04
N ALA A 287 -30.27 -44.25 66.21
CA ALA A 287 -31.27 -43.59 65.39
C ALA A 287 -32.24 -42.81 66.27
N ALA A 288 -32.54 -43.37 67.44
CA ALA A 288 -33.48 -42.78 68.37
C ALA A 288 -33.02 -41.42 68.86
N VAL A 289 -31.83 -41.40 69.45
CA VAL A 289 -31.28 -40.18 69.99
C VAL A 289 -31.03 -39.20 68.85
N THR A 290 -30.73 -39.75 67.67
CA THR A 290 -30.48 -38.94 66.49
C THR A 290 -31.74 -38.16 66.11
N LEU A 291 -32.87 -38.84 66.13
CA LEU A 291 -34.14 -38.22 65.81
C LEU A 291 -34.51 -37.21 66.89
N GLY A 292 -34.40 -37.64 68.14
CA GLY A 292 -34.70 -36.78 69.27
C GLY A 292 -33.91 -35.49 69.21
N LYS A 293 -32.69 -35.60 68.70
CA LYS A 293 -31.84 -34.44 68.47
C LYS A 293 -32.38 -33.61 67.31
N CYS A 294 -32.64 -34.28 66.19
CA CYS A 294 -33.06 -33.62 64.96
C CYS A 294 -34.29 -32.74 65.20
N LEU A 295 -35.23 -33.25 65.97
CA LEU A 295 -36.43 -32.49 66.28
C LEU A 295 -36.07 -31.28 67.14
N THR A 296 -35.13 -31.48 68.06
CA THR A 296 -34.69 -30.40 68.93
C THR A 296 -33.86 -29.38 68.16
N SER A 303 -43.97 -28.72 70.36
CA SER A 303 -44.76 -29.35 69.31
C SER A 303 -44.37 -30.81 69.15
N SER A 304 -43.26 -31.05 68.46
CA SER A 304 -42.72 -32.40 68.35
C SER A 304 -42.28 -32.86 69.74
N LEU A 305 -42.08 -31.89 70.63
CA LEU A 305 -41.78 -32.17 72.02
C LEU A 305 -42.95 -32.91 72.66
N THR A 306 -44.15 -32.62 72.19
CA THR A 306 -45.35 -33.26 72.69
C THR A 306 -45.40 -34.72 72.24
N LYS A 307 -45.14 -34.96 70.97
CA LYS A 307 -45.14 -36.32 70.43
C LYS A 307 -44.03 -37.14 71.07
N LYS A 308 -42.90 -36.48 71.29
CA LYS A 308 -41.75 -37.11 71.91
C LYS A 308 -42.05 -37.49 73.35
N TRP A 309 -42.66 -36.58 74.10
CA TRP A 309 -43.02 -36.84 75.48
C TRP A 309 -44.12 -37.88 75.53
N VAL A 310 -44.88 -37.98 74.43
CA VAL A 310 -45.95 -38.95 74.33
C VAL A 310 -45.37 -40.34 74.22
N GLN A 311 -44.44 -40.51 73.29
CA GLN A 311 -43.74 -41.77 73.15
C GLN A 311 -42.95 -42.05 74.42
N ARG A 312 -42.56 -40.98 75.12
CA ARG A 312 -41.79 -41.08 76.34
C ARG A 312 -42.60 -41.73 77.45
N LEU A 313 -43.79 -41.18 77.71
CA LEU A 313 -44.67 -41.76 78.70
C LEU A 313 -45.11 -43.14 78.24
N PHE A 314 -45.22 -43.29 76.93
CA PHE A 314 -45.66 -44.55 76.34
C PHE A 314 -44.71 -45.70 76.68
N ASN A 315 -43.44 -45.53 76.34
CA ASN A 315 -42.44 -46.54 76.66
C ASN A 315 -42.28 -46.62 78.17
N GLY A 316 -42.42 -45.46 78.83
CA GLY A 316 -42.40 -45.39 80.27
C GLY A 316 -43.56 -46.17 80.86
N CYS A 317 -44.66 -46.22 80.12
CA CYS A 317 -45.81 -47.02 80.52
C CYS A 317 -45.53 -48.48 80.26
N ILE A 329 -38.73 -51.96 79.00
CA ILE A 329 -37.68 -52.92 78.67
C ILE A 329 -36.32 -52.36 79.06
N HIS A 330 -35.35 -53.24 79.21
CA HIS A 330 -34.00 -52.85 79.59
C HIS A 330 -33.40 -51.81 78.64
N GLY A 331 -33.13 -52.23 77.41
CA GLY A 331 -32.54 -51.36 76.41
C GLY A 331 -33.43 -50.18 76.08
N THR A 332 -34.72 -50.44 75.99
CA THR A 332 -35.71 -49.40 75.72
C THR A 332 -35.60 -48.28 76.74
N LEU A 333 -35.89 -48.61 77.99
CA LEU A 333 -35.83 -47.63 79.08
C LEU A 333 -34.45 -47.01 79.20
N LEU A 334 -33.42 -47.79 78.89
CA LEU A 334 -32.05 -47.29 78.87
C LEU A 334 -31.93 -46.09 77.94
N VAL A 335 -32.13 -46.35 76.65
CA VAL A 335 -32.02 -45.33 75.61
C VAL A 335 -32.94 -44.16 75.90
N TYR A 336 -34.16 -44.49 76.31
CA TYR A 336 -35.17 -43.50 76.66
C TYR A 336 -34.62 -42.53 77.70
N ARG A 337 -34.32 -43.07 78.89
CA ARG A 337 -33.77 -42.29 79.98
C ARG A 337 -32.56 -41.48 79.56
N GLN A 338 -31.68 -42.10 78.78
CA GLN A 338 -30.50 -41.42 78.27
C GLN A 338 -30.87 -40.16 77.50
N LEU A 339 -31.52 -40.33 76.36
CA LEU A 339 -31.86 -39.22 75.49
C LEU A 339 -32.70 -38.16 76.21
N VAL A 340 -33.68 -38.63 76.97
CA VAL A 340 -34.55 -37.76 77.74
C VAL A 340 -33.76 -36.90 78.70
N SER A 341 -33.14 -37.53 79.69
CA SER A 341 -32.38 -36.83 80.73
C SER A 341 -31.32 -35.94 80.11
N LEU A 342 -30.88 -36.32 78.93
CA LEU A 342 -30.00 -35.46 78.15
C LEU A 342 -30.82 -34.34 77.56
N GLU A 343 -31.72 -34.69 76.65
CA GLU A 343 -32.58 -33.71 75.99
C GLU A 343 -33.84 -34.35 75.43
N LEU A 347 -37.78 -33.25 82.70
CA LEU A 347 -38.93 -32.37 82.64
C LEU A 347 -39.87 -32.64 83.81
N LYS A 348 -39.50 -32.11 84.98
CA LYS A 348 -40.30 -32.28 86.17
C LYS A 348 -40.55 -33.76 86.48
N ASP A 349 -41.82 -34.15 86.47
CA ASP A 349 -42.23 -35.52 86.76
C ASP A 349 -41.49 -36.53 85.89
N LYS A 350 -41.07 -36.10 84.70
CA LYS A 350 -40.14 -36.87 83.90
C LYS A 350 -38.96 -37.23 84.78
N TYR A 351 -38.22 -36.22 85.22
CA TYR A 351 -37.07 -36.40 86.10
C TYR A 351 -37.43 -37.09 87.41
N GLU A 352 -38.61 -36.79 87.94
CA GLU A 352 -39.08 -37.44 89.15
C GLU A 352 -39.11 -38.95 89.00
N GLU A 353 -40.02 -39.42 88.14
CA GLU A 353 -40.20 -40.86 87.88
C GLU A 353 -38.91 -41.49 87.40
N ILE A 354 -38.10 -40.68 86.72
CA ILE A 354 -36.77 -41.08 86.33
C ILE A 354 -36.02 -41.51 87.59
N TYR A 355 -35.79 -40.55 88.48
CA TYR A 355 -35.07 -40.79 89.73
C TYR A 355 -35.65 -41.98 90.46
N GLU A 356 -36.98 -42.09 90.42
CA GLU A 356 -37.69 -43.22 91.01
C GLU A 356 -37.20 -44.56 90.46
N THR A 357 -37.51 -44.82 89.21
CA THR A 357 -37.22 -46.11 88.59
C THR A 357 -35.72 -46.40 88.60
N THR A 358 -34.95 -45.35 88.34
CA THR A 358 -33.50 -45.45 88.29
C THR A 358 -32.90 -45.84 89.62
N MET A 359 -33.19 -45.07 90.67
CA MET A 359 -32.63 -45.35 91.99
C MET A 359 -33.17 -46.70 92.46
N LYS A 360 -34.36 -47.04 91.97
CA LYS A 360 -34.95 -48.34 92.26
C LYS A 360 -34.08 -49.46 91.74
N HIS A 361 -33.78 -49.44 90.44
CA HIS A 361 -32.95 -50.48 89.84
C HIS A 361 -31.52 -50.36 90.34
N ARG A 362 -31.18 -49.22 90.93
CA ARG A 362 -29.83 -48.93 91.40
C ARG A 362 -29.48 -49.79 92.60
N ASP A 363 -30.39 -49.84 93.57
CA ASP A 363 -30.17 -50.66 94.75
C ASP A 363 -30.43 -52.13 94.43
N ASN A 366 -28.61 -56.69 82.86
CA ASN A 366 -29.45 -56.35 84.00
C ASN A 366 -28.65 -55.60 85.06
N ILE A 367 -27.38 -55.97 85.20
CA ILE A 367 -26.51 -55.28 86.13
C ILE A 367 -25.82 -54.13 85.43
N ILE A 368 -24.90 -54.48 84.52
CA ILE A 368 -24.16 -53.49 83.77
C ILE A 368 -25.11 -52.70 82.89
N ILE A 369 -26.13 -53.38 82.38
CA ILE A 369 -27.16 -52.75 81.57
C ILE A 369 -27.77 -51.60 82.36
N ARG A 370 -28.43 -51.95 83.47
CA ARG A 370 -29.03 -50.96 84.35
C ARG A 370 -27.98 -50.01 84.90
N LYS A 371 -26.77 -50.51 85.15
CA LYS A 371 -25.68 -49.68 85.63
C LYS A 371 -25.51 -48.48 84.73
N GLU A 372 -25.13 -48.75 83.48
CA GLU A 372 -24.92 -47.71 82.49
C GLU A 372 -26.16 -46.88 82.22
N ILE A 373 -27.31 -47.55 82.13
CA ILE A 373 -28.57 -46.89 81.86
C ILE A 373 -28.80 -45.80 82.88
N TYR A 374 -28.95 -46.20 84.14
CA TYR A 374 -29.17 -45.29 85.24
C TYR A 374 -28.08 -44.25 85.37
N ALA A 375 -26.83 -44.70 85.29
CA ALA A 375 -25.68 -43.80 85.37
C ALA A 375 -25.84 -42.65 84.39
N ILE A 376 -25.85 -42.98 83.11
CA ILE A 376 -26.04 -42.03 82.03
C ILE A 376 -27.25 -41.15 82.29
N ILE A 377 -28.32 -41.77 82.78
CA ILE A 377 -29.54 -41.05 83.08
C ILE A 377 -29.28 -40.01 84.16
N PRO A 378 -28.66 -40.43 85.27
CA PRO A 378 -28.41 -39.61 86.45
C PRO A 378 -27.59 -38.37 86.17
N VAL A 379 -26.52 -38.54 85.41
CA VAL A 379 -25.66 -37.43 85.07
C VAL A 379 -26.41 -36.45 84.18
N LEU A 380 -27.09 -36.99 83.18
CA LEU A 380 -27.76 -36.17 82.18
C LEU A 380 -28.88 -35.35 82.81
N ALA A 381 -29.66 -35.99 83.67
CA ALA A 381 -30.76 -35.34 84.35
C ALA A 381 -30.26 -34.30 85.33
N ALA A 382 -29.01 -34.47 85.77
CA ALA A 382 -28.40 -33.54 86.72
C ALA A 382 -28.04 -32.24 86.03
N ASP A 384 -31.60 -29.03 92.75
CA ASP A 384 -31.24 -29.30 94.14
C ASP A 384 -31.84 -30.61 94.61
N PRO A 385 -33.18 -30.71 94.54
CA PRO A 385 -33.89 -31.96 94.89
C PRO A 385 -33.42 -33.10 94.00
N LYS A 386 -33.30 -32.80 92.72
CA LYS A 386 -32.67 -33.72 91.80
C LYS A 386 -31.24 -33.94 92.25
N LEU A 387 -30.56 -32.85 92.60
CA LEU A 387 -29.16 -32.90 92.99
C LEU A 387 -28.95 -33.63 94.32
N PHE A 388 -29.88 -33.48 95.24
CA PHE A 388 -29.77 -34.13 96.54
C PHE A 388 -30.13 -35.62 96.46
N THR A 389 -31.19 -35.93 95.72
CA THR A 389 -31.60 -37.32 95.54
C THR A 389 -30.50 -38.06 94.82
N GLN A 390 -29.93 -37.40 93.82
CA GLN A 390 -28.80 -37.93 93.09
C GLN A 390 -27.61 -38.06 94.01
N LYS A 391 -27.45 -37.14 94.95
CA LYS A 391 -26.32 -37.19 95.88
C LYS A 391 -26.40 -38.44 96.75
N TYR A 392 -27.56 -38.64 97.34
CA TYR A 392 -27.81 -39.80 98.20
C TYR A 392 -27.63 -41.11 97.44
N LEU A 393 -28.35 -41.24 96.33
CA LEU A 393 -28.30 -42.46 95.53
C LEU A 393 -26.88 -42.74 95.06
N ASP A 394 -26.19 -41.69 94.62
CA ASP A 394 -24.79 -41.77 94.20
C ASP A 394 -23.92 -42.35 95.29
N ALA A 395 -23.82 -41.64 96.41
CA ALA A 395 -22.99 -42.09 97.52
C ALA A 395 -23.31 -43.53 97.87
N THR A 396 -24.60 -43.81 97.99
CA THR A 396 -25.10 -45.15 98.28
C THR A 396 -24.52 -46.20 97.35
N MET A 397 -24.86 -46.11 96.07
CA MET A 397 -24.44 -47.10 95.08
C MET A 397 -22.92 -47.18 94.95
N ILE A 398 -22.27 -46.03 95.09
CA ILE A 398 -20.82 -45.96 95.05
C ILE A 398 -20.23 -46.89 96.11
N HIS A 399 -20.52 -46.58 97.37
CA HIS A 399 -20.03 -47.40 98.47
C HIS A 399 -20.48 -48.85 98.33
N TYR A 400 -21.66 -49.04 97.77
CA TYR A 400 -22.18 -50.37 97.49
C TYR A 400 -21.22 -51.16 96.61
N LEU A 401 -21.09 -50.72 95.36
CA LEU A 401 -20.24 -51.38 94.39
C LEU A 401 -18.81 -51.44 94.87
N THR A 402 -18.31 -50.32 95.39
CA THR A 402 -16.96 -50.30 95.92
C THR A 402 -17.00 -50.14 97.43
N LEU A 403 -16.63 -51.19 98.14
CA LEU A 403 -16.21 -52.45 97.52
C LEU A 403 -17.27 -53.53 97.63
N LEU A 404 -17.34 -54.38 96.61
CA LEU A 404 -18.27 -55.50 96.62
C LEU A 404 -17.55 -56.83 96.40
N LEU A 414 -16.72 -54.57 88.10
CA LEU A 414 -17.64 -54.20 87.04
C LEU A 414 -18.45 -52.98 87.44
N SER A 415 -19.32 -53.15 88.43
CA SER A 415 -20.13 -52.05 88.94
C SER A 415 -19.24 -51.01 89.63
N ASP A 416 -18.02 -51.41 89.93
CA ASP A 416 -17.04 -50.54 90.58
C ASP A 416 -16.87 -49.22 89.82
N LYS A 417 -16.35 -49.29 88.61
CA LYS A 417 -16.11 -48.11 87.80
C LYS A 417 -17.40 -47.41 87.40
N GLY A 418 -18.42 -48.21 87.07
CA GLY A 418 -19.68 -47.69 86.59
C GLY A 418 -20.35 -46.72 87.56
N PRO A 419 -20.54 -47.14 88.81
CA PRO A 419 -21.08 -46.22 89.80
C PRO A 419 -20.09 -45.09 90.10
N ILE A 420 -18.80 -45.41 90.01
CA ILE A 420 -17.76 -44.42 90.17
C ILE A 420 -17.85 -43.43 89.03
N LEU A 421 -18.26 -43.92 87.86
CA LEU A 421 -18.42 -43.07 86.70
C LEU A 421 -19.63 -42.15 86.85
N VAL A 422 -20.72 -42.71 87.38
CA VAL A 422 -21.94 -41.94 87.59
C VAL A 422 -21.66 -40.84 88.61
N SER A 423 -20.93 -41.21 89.66
CA SER A 423 -20.55 -40.27 90.70
C SER A 423 -19.63 -39.20 90.11
N ILE A 424 -18.78 -39.62 89.18
CA ILE A 424 -17.85 -38.71 88.53
C ILE A 424 -18.63 -37.68 87.73
N GLY A 425 -19.64 -38.13 87.00
CA GLY A 425 -20.49 -37.26 86.21
C GLY A 425 -21.28 -36.33 87.10
N ASP A 426 -21.63 -36.81 88.29
CA ASP A 426 -22.32 -35.98 89.28
C ASP A 426 -21.42 -34.85 89.74
N ILE A 427 -20.17 -35.20 90.06
CA ILE A 427 -19.18 -34.21 90.49
C ILE A 427 -18.96 -33.20 89.37
N ALA A 428 -19.00 -33.68 88.13
CA ALA A 428 -18.90 -32.82 86.97
C ALA A 428 -20.07 -31.85 86.98
N TYR A 429 -21.25 -32.39 87.24
CA TYR A 429 -22.44 -31.58 87.40
C TYR A 429 -22.30 -30.73 88.65
N HIS A 430 -21.62 -31.30 89.65
CA HIS A 430 -21.34 -30.56 90.87
C HIS A 430 -20.21 -29.56 90.64
N ILE A 435 -17.80 -32.74 104.72
CA ILE A 435 -17.19 -31.84 103.74
C ILE A 435 -17.13 -32.50 102.38
N GLY A 436 -17.05 -31.68 101.33
CA GLY A 436 -16.85 -32.18 99.99
C GLY A 436 -15.55 -32.94 99.92
N PRO A 437 -14.60 -32.56 100.78
CA PRO A 437 -13.27 -33.16 100.97
C PRO A 437 -13.35 -34.56 101.57
N TYR A 438 -14.47 -34.89 102.19
CA TYR A 438 -14.68 -36.24 102.68
C TYR A 438 -14.98 -37.14 101.50
N LEU A 439 -15.85 -36.65 100.62
CA LEU A 439 -16.16 -37.34 99.39
C LEU A 439 -14.94 -37.33 98.48
N ASP A 440 -14.06 -36.34 98.68
CA ASP A 440 -12.86 -36.20 97.87
C ASP A 440 -11.77 -37.16 98.31
N ALA A 441 -11.65 -37.38 99.62
CA ALA A 441 -10.68 -38.31 100.16
C ALA A 441 -11.18 -39.72 99.92
N ILE A 442 -12.49 -39.89 99.99
CA ILE A 442 -13.12 -41.15 99.65
C ILE A 442 -12.84 -41.42 98.18
N VAL A 443 -12.91 -40.38 97.37
CA VAL A 443 -12.63 -40.48 95.95
C VAL A 443 -11.15 -40.73 95.73
N GLU A 444 -10.34 -40.36 96.73
CA GLU A 444 -8.89 -40.55 96.65
C GLU A 444 -8.56 -42.01 96.88
N ASN A 445 -9.18 -42.60 97.88
CA ASN A 445 -9.03 -44.03 98.14
C ASN A 445 -9.57 -44.81 96.97
N LEU A 446 -10.72 -44.37 96.47
CA LEU A 446 -11.36 -44.99 95.33
C LEU A 446 -10.45 -44.94 94.11
N ARG A 447 -9.75 -43.83 93.96
CA ARG A 447 -8.84 -43.64 92.84
C ARG A 447 -7.60 -44.50 93.04
N ASP A 448 -7.24 -44.71 94.29
CA ASP A 448 -6.10 -45.56 94.61
C ASP A 448 -6.43 -46.99 94.17
N GLY A 449 -7.57 -47.48 94.65
CA GLY A 449 -8.05 -48.80 94.30
C GLY A 449 -8.35 -48.97 92.82
N LEU A 450 -8.68 -47.87 92.15
CA LEU A 450 -8.98 -47.89 90.73
C LEU A 450 -7.70 -47.98 89.91
N GLU A 451 -6.70 -47.24 90.37
CA GLU A 451 -5.37 -47.30 89.77
C GLU A 451 -4.85 -48.72 89.93
N THR A 452 -5.05 -49.29 91.11
CA THR A 452 -4.64 -50.67 91.36
C THR A 452 -5.55 -51.64 90.63
N LYS A 453 -6.71 -51.16 90.18
CA LYS A 453 -7.65 -51.98 89.44
C LYS A 453 -7.23 -52.12 87.99
N PHE A 454 -6.78 -51.02 87.41
CA PHE A 454 -6.23 -51.06 86.07
C PHE A 454 -4.85 -51.69 86.13
N LYS A 455 -4.22 -51.60 87.29
CA LYS A 455 -2.89 -52.17 87.49
C LYS A 455 -2.99 -53.68 87.56
N THR A 456 -3.97 -54.15 88.31
CA THR A 456 -4.27 -55.57 88.35
C THR A 456 -4.70 -55.97 86.96
N ARG A 457 -5.49 -55.11 86.33
CA ARG A 457 -5.83 -55.26 84.92
C ARG A 457 -4.54 -55.31 84.11
N LYS A 458 -3.82 -54.20 84.09
CA LYS A 458 -2.53 -54.15 83.39
C LYS A 458 -1.48 -54.95 84.15
N GLU A 461 -8.71 -47.60 85.83
CA GLU A 461 -8.69 -47.17 84.44
C GLU A 461 -8.45 -45.67 84.33
N LYS A 462 -8.46 -44.98 85.48
CA LYS A 462 -8.04 -43.59 85.61
C LYS A 462 -9.01 -42.62 84.93
N ASP A 463 -9.95 -43.14 84.16
CA ASP A 463 -10.94 -42.32 83.49
C ASP A 463 -11.81 -41.64 84.53
N ILE A 464 -11.91 -42.28 85.68
CA ILE A 464 -12.63 -41.70 86.81
C ILE A 464 -11.85 -40.50 87.30
N PHE A 465 -10.53 -40.65 87.39
CA PHE A 465 -9.67 -39.55 87.78
C PHE A 465 -9.81 -38.44 86.76
N TYR A 466 -9.96 -38.84 85.50
CA TYR A 466 -10.14 -37.90 84.41
C TYR A 466 -11.38 -37.05 84.63
N CYS A 467 -12.52 -37.72 84.80
CA CYS A 467 -13.79 -37.03 84.97
C CYS A 467 -13.82 -36.22 86.26
N VAL A 468 -13.10 -36.69 87.26
CA VAL A 468 -13.03 -36.02 88.55
C VAL A 468 -12.27 -34.71 88.39
N SER A 469 -11.20 -34.77 87.61
CA SER A 469 -10.44 -33.57 87.28
C SER A 469 -11.33 -32.62 86.50
N LYS A 470 -12.13 -33.19 85.61
CA LYS A 470 -13.05 -32.42 84.79
C LYS A 470 -14.12 -31.75 85.63
N LEU A 471 -14.39 -32.33 86.80
CA LEU A 471 -15.43 -31.79 87.68
C LEU A 471 -15.05 -30.41 88.19
N ALA A 472 -13.88 -30.30 88.80
CA ALA A 472 -13.39 -29.02 89.30
C ALA A 472 -11.92 -29.12 89.69
N CYS A 473 -11.38 -28.00 90.15
CA CYS A 473 -10.09 -27.98 90.80
C CYS A 473 -10.34 -27.66 92.26
N ALA A 474 -9.77 -28.46 93.14
CA ALA A 474 -10.22 -28.49 94.53
C ALA A 474 -9.42 -29.46 95.38
N VAL A 475 -9.75 -29.47 96.67
CA VAL A 475 -9.23 -30.42 97.65
C VAL A 475 -7.82 -30.06 98.06
N ARG A 476 -7.21 -29.13 97.33
CA ARG A 476 -5.92 -28.55 97.72
C ARG A 476 -4.81 -29.57 97.61
N PRO A 477 -3.56 -29.09 97.62
CA PRO A 477 -2.31 -29.83 97.36
C PRO A 477 -2.15 -31.12 98.15
N LEU A 478 -2.72 -31.22 99.36
CA LEU A 478 -2.65 -32.47 100.10
C LEU A 478 -3.22 -33.62 99.27
N LEU A 479 -4.53 -33.58 99.07
CA LEU A 479 -5.22 -34.62 98.32
C LEU A 479 -4.84 -34.54 96.85
N ALA A 480 -4.70 -33.31 96.38
CA ALA A 480 -4.33 -33.04 95.00
C ALA A 480 -3.06 -33.77 94.64
N LYS A 481 -1.96 -33.39 95.27
CA LYS A 481 -0.65 -34.01 95.01
C LYS A 481 -0.62 -35.48 95.43
N TYR A 482 -1.42 -35.84 96.43
CA TYR A 482 -1.57 -37.25 96.78
C TYR A 482 -1.97 -38.04 95.54
N LEU A 483 -3.16 -37.73 95.04
CA LEU A 483 -3.69 -38.36 93.84
C LEU A 483 -2.79 -38.14 92.63
N ASN A 484 -2.09 -37.01 92.61
CA ASN A 484 -1.13 -36.71 91.56
C ASN A 484 -0.10 -37.81 91.48
N ARG A 485 0.67 -37.94 92.56
CA ARG A 485 1.64 -39.01 92.70
C ARG A 485 1.02 -40.36 92.39
N GLY A 486 -0.20 -40.57 92.86
CA GLY A 486 -0.88 -41.84 92.63
C GLY A 486 -1.11 -42.19 91.17
N LEU A 487 -1.74 -41.29 90.44
CA LEU A 487 -2.13 -41.53 89.05
C LEU A 487 -0.94 -41.40 88.11
N LEU A 488 0.04 -40.60 88.51
CA LEU A 488 1.25 -40.41 87.71
C LEU A 488 2.03 -41.70 87.67
N ASP A 489 1.89 -42.49 88.72
CA ASP A 489 2.57 -43.77 88.81
C ASP A 489 1.71 -44.87 88.22
N ALA A 490 0.54 -44.49 87.72
CA ALA A 490 -0.39 -45.44 87.12
C ALA A 490 -0.14 -45.58 85.63
N SER A 497 -0.32 -44.40 78.96
CA SER A 497 -1.01 -44.61 77.69
C SER A 497 -2.20 -43.69 77.59
N ASP A 498 -1.93 -42.41 77.36
CA ASP A 498 -2.94 -41.36 77.20
C ASP A 498 -3.66 -41.10 78.51
N HIS A 499 -3.44 -41.99 79.46
CA HIS A 499 -3.85 -41.76 80.83
C HIS A 499 -2.83 -40.78 81.34
N MET A 500 -1.62 -40.91 80.81
CA MET A 500 -0.58 -39.93 81.04
C MET A 500 -1.00 -38.63 80.37
N GLN A 501 -1.63 -38.75 79.22
CA GLN A 501 -2.07 -37.57 78.48
C GLN A 501 -3.26 -36.93 79.18
N GLU A 502 -4.23 -37.77 79.55
CA GLU A 502 -5.40 -37.30 80.26
C GLU A 502 -4.94 -36.58 81.52
N THR A 503 -4.02 -37.21 82.22
CA THR A 503 -3.45 -36.66 83.44
C THR A 503 -2.74 -35.36 83.14
N LEU A 504 -2.14 -35.29 81.96
CA LEU A 504 -1.43 -34.09 81.56
C LEU A 504 -2.41 -32.93 81.50
N LEU A 505 -3.48 -33.15 80.74
CA LEU A 505 -4.52 -32.14 80.61
C LEU A 505 -5.07 -31.76 81.97
N VAL A 506 -5.24 -32.77 82.82
CA VAL A 506 -5.81 -32.57 84.14
C VAL A 506 -4.94 -31.65 84.98
N ILE A 507 -3.67 -32.02 85.13
CA ILE A 507 -2.72 -31.28 85.94
C ILE A 507 -2.57 -29.88 85.40
N CYS A 508 -2.67 -29.77 84.08
CA CYS A 508 -2.66 -28.47 83.44
C CYS A 508 -3.82 -27.66 83.94
N GLU A 509 -4.99 -28.28 84.00
CA GLU A 509 -6.20 -27.60 84.41
C GLU A 509 -6.25 -27.37 85.92
N LYS A 510 -5.30 -27.97 86.63
CA LYS A 510 -5.37 -27.97 88.09
C LYS A 510 -4.96 -26.63 88.69
N ILE A 511 -3.67 -26.30 88.58
CA ILE A 511 -3.13 -25.10 89.20
C ILE A 511 -1.76 -24.79 88.63
N SER A 513 -0.72 -25.25 89.33
CA SER A 513 0.64 -24.95 88.92
C SER A 513 1.67 -25.83 89.61
N MET A 514 1.51 -26.00 90.92
CA MET A 514 2.47 -26.73 91.73
C MET A 514 2.73 -28.13 91.20
N GLU A 515 1.72 -28.98 91.27
CA GLU A 515 1.82 -30.36 90.80
C GLU A 515 2.12 -30.41 89.31
N VAL A 516 1.61 -29.42 88.59
CA VAL A 516 1.93 -29.27 87.18
C VAL A 516 3.44 -29.25 87.03
N THR A 517 4.07 -28.23 87.60
CA THR A 517 5.52 -28.10 87.59
C THR A 517 6.21 -29.36 88.09
N VAL A 518 5.64 -29.97 89.11
CA VAL A 518 6.17 -31.19 89.70
C VAL A 518 6.32 -32.29 88.65
N ASN A 519 5.19 -32.75 88.13
CA ASN A 519 5.18 -33.83 87.15
C ASN A 519 5.95 -33.43 85.91
N GLU A 520 5.95 -32.14 85.62
CA GLU A 520 6.74 -31.61 84.52
C GLU A 520 8.20 -31.93 84.79
N LYS A 521 8.57 -31.85 86.06
CA LYS A 521 9.94 -32.12 86.47
C LYS A 521 10.20 -33.62 86.53
N LEU A 522 9.16 -34.42 86.35
CA LEU A 522 9.33 -35.86 86.48
C LEU A 522 10.08 -36.41 85.28
N LEU A 523 9.43 -36.34 84.12
CA LEU A 523 10.10 -36.68 82.84
C LEU A 523 10.46 -38.16 82.76
N ASN A 524 10.24 -38.86 83.86
CA ASN A 524 10.48 -40.29 83.96
C ASN A 524 11.89 -40.70 83.58
N ILE A 525 12.00 -41.78 82.81
CA ILE A 525 13.27 -42.44 82.61
C ILE A 525 13.92 -42.05 81.30
N ILE A 526 15.09 -41.41 81.40
CA ILE A 526 15.61 -40.99 82.69
C ILE A 526 16.03 -39.55 82.57
N CYS A 527 15.37 -38.67 83.32
CA CYS A 527 15.64 -37.25 83.18
C CYS A 527 15.41 -36.49 84.48
N LEU A 528 16.25 -35.48 84.70
CA LEU A 528 16.12 -34.58 85.86
C LEU A 528 17.20 -33.50 85.84
N VAL A 529 16.97 -32.46 86.64
CA VAL A 529 17.97 -31.44 86.89
C VAL A 529 18.27 -31.50 88.38
N LEU A 530 19.54 -31.62 88.77
CA LEU A 530 20.68 -31.57 87.88
C LEU A 530 20.80 -32.90 87.08
N SER A 531 21.75 -33.08 86.15
CA SER A 531 23.14 -32.63 86.15
C SER A 531 23.79 -32.98 84.82
N GLY A 532 25.03 -32.54 84.65
CA GLY A 532 25.71 -32.62 83.38
C GLY A 532 26.24 -34.01 83.10
N GLU A 533 25.76 -34.97 83.89
CA GLU A 533 26.19 -36.35 83.77
C GLU A 533 24.97 -37.27 83.61
N LYS A 534 25.23 -38.49 83.16
CA LYS A 534 24.19 -39.47 82.83
C LYS A 534 23.26 -38.92 81.76
N PHE A 535 23.79 -38.77 80.55
CA PHE A 535 23.02 -38.20 79.46
C PHE A 535 22.85 -39.15 78.28
N ARG A 536 23.93 -39.39 77.55
CA ARG A 536 23.87 -40.04 76.24
C ARG A 536 23.24 -41.42 76.20
N PRO A 537 23.80 -42.38 76.95
CA PRO A 537 23.39 -43.77 76.70
C PRO A 537 22.21 -44.30 77.52
N PRO A 538 21.04 -43.65 77.45
CA PRO A 538 19.72 -44.08 77.97
C PRO A 538 18.78 -44.80 76.98
N GLY A 539 19.09 -45.97 76.42
CA GLY A 539 20.27 -46.75 76.74
C GLY A 539 20.00 -47.72 77.87
N SER A 540 18.94 -47.41 78.62
CA SER A 540 18.55 -48.23 79.75
C SER A 540 17.05 -48.39 79.78
N PRO A 541 16.54 -49.34 78.98
CA PRO A 541 15.10 -49.59 79.06
C PRO A 541 14.75 -50.24 80.39
N THR A 542 14.76 -49.45 81.46
CA THR A 542 14.65 -50.01 82.80
C THR A 542 13.22 -50.48 82.99
N PRO A 543 13.06 -51.80 83.14
CA PRO A 543 11.77 -52.46 82.94
C PRO A 543 10.58 -52.11 83.83
N MET A 544 10.74 -52.06 85.15
CA MET A 544 9.56 -52.19 86.01
C MET A 544 8.80 -53.46 85.57
N LYS A 545 7.57 -53.28 85.10
CA LYS A 545 6.76 -54.35 84.51
C LYS A 545 7.33 -54.74 83.13
N SER A 546 8.34 -53.99 82.73
CA SER A 546 9.01 -53.96 81.43
C SER A 546 8.20 -53.71 80.18
N LEU A 547 8.56 -54.41 79.11
CA LEU A 547 8.22 -53.91 77.78
C LEU A 547 8.80 -54.69 76.60
N SER A 548 8.38 -54.31 75.40
CA SER A 548 9.14 -54.56 74.17
C SER A 548 9.97 -53.31 73.90
N SER A 549 9.83 -52.33 74.80
CA SER A 549 10.59 -51.09 74.87
C SER A 549 10.15 -50.08 73.81
N GLU A 550 9.38 -50.54 72.83
CA GLU A 550 8.99 -49.69 71.71
C GLU A 550 7.68 -48.94 71.93
N THR A 551 6.96 -49.27 72.98
CA THR A 551 5.62 -48.73 73.15
C THR A 551 5.46 -47.19 73.23
N ALA A 552 5.89 -46.46 74.27
CA ALA A 552 7.10 -46.43 75.14
C ALA A 552 8.18 -45.76 74.33
N ARG A 553 7.95 -45.69 73.03
CA ARG A 553 8.81 -45.02 72.10
C ARG A 553 7.90 -44.01 71.46
N ALA A 554 6.88 -44.52 70.78
CA ALA A 554 5.74 -43.68 70.44
C ALA A 554 5.31 -42.96 71.71
N TYR A 555 5.25 -43.69 72.81
CA TYR A 555 4.89 -43.04 74.07
C TYR A 555 6.03 -42.25 74.71
N ARG A 556 7.29 -42.71 74.62
CA ARG A 556 8.36 -41.84 75.09
C ARG A 556 8.22 -40.46 74.48
N ASP A 557 7.99 -40.45 73.17
CA ASP A 557 7.93 -39.22 72.39
C ASP A 557 6.69 -38.41 72.73
N GLN A 558 5.55 -39.08 72.79
CA GLN A 558 4.30 -38.40 73.12
C GLN A 558 4.46 -37.69 74.45
N SER A 559 4.94 -38.45 75.43
CA SER A 559 5.16 -37.92 76.76
C SER A 559 6.12 -36.76 76.70
N LEU A 560 7.12 -36.86 75.83
CA LEU A 560 8.08 -35.79 75.67
C LEU A 560 7.38 -34.52 75.21
N LEU A 561 6.52 -34.68 74.21
CA LEU A 561 5.76 -33.57 73.67
C LEU A 561 4.97 -32.93 74.78
N ARG A 562 4.41 -33.77 75.64
CA ARG A 562 3.61 -33.28 76.75
C ARG A 562 4.42 -32.47 77.74
N LYS A 563 5.51 -33.06 78.22
CA LYS A 563 6.37 -32.40 79.22
C LYS A 563 6.83 -31.08 78.67
N THR A 564 7.21 -31.11 77.41
CA THR A 564 7.48 -29.89 76.67
C THR A 564 6.23 -29.03 76.72
N GLY A 565 5.12 -29.60 76.27
CA GLY A 565 3.88 -28.87 76.19
C GLY A 565 3.90 -27.85 75.05
N THR A 571 21.19 -27.18 77.53
CA THR A 571 22.15 -28.14 77.00
C THR A 571 21.76 -29.56 77.39
N LEU A 572 21.47 -29.75 78.67
CA LEU A 572 21.01 -31.04 79.16
C LEU A 572 19.71 -31.40 78.46
N ASP A 573 18.80 -30.45 78.43
CA ASP A 573 17.61 -30.53 77.60
C ASP A 573 18.07 -30.92 76.21
N ALA A 574 18.86 -30.02 75.62
CA ALA A 574 19.43 -30.22 74.30
C ALA A 574 20.07 -31.59 74.14
N MET A 575 21.14 -31.86 74.88
CA MET A 575 21.89 -33.11 74.71
C MET A 575 20.99 -34.34 74.80
N ILE A 576 20.19 -34.40 75.86
CA ILE A 576 19.27 -35.51 76.07
C ILE A 576 18.39 -35.69 74.86
N LEU A 577 17.57 -34.67 74.61
CA LEU A 577 16.64 -34.70 73.50
C LEU A 577 17.33 -35.10 72.20
N ARG A 578 18.53 -34.58 72.02
CA ARG A 578 19.35 -34.87 70.85
C ARG A 578 19.58 -36.35 70.69
N LYS A 579 20.33 -36.91 71.64
CA LYS A 579 20.69 -38.32 71.62
C LYS A 579 19.45 -39.15 71.40
N ALA A 580 18.41 -38.82 72.17
CA ALA A 580 17.11 -39.44 72.03
C ALA A 580 16.69 -39.47 70.57
N LEU A 581 16.48 -38.28 70.02
CA LEU A 581 15.97 -38.09 68.67
C LEU A 581 16.75 -38.92 67.67
N ARG A 582 18.08 -38.81 67.75
CA ARG A 582 18.95 -39.63 66.93
C ARG A 582 18.50 -41.07 67.02
N MET A 583 18.59 -41.61 68.22
CA MET A 583 18.29 -43.01 68.47
C MET A 583 16.92 -43.48 67.98
N LEU A 584 15.85 -42.82 68.39
CA LEU A 584 14.53 -43.35 68.09
C LEU A 584 13.89 -42.85 66.80
N SER A 585 14.47 -41.84 66.17
CA SER A 585 14.00 -41.43 64.86
C SER A 585 14.13 -42.64 63.97
N ASP A 586 15.39 -42.98 63.72
CA ASP A 586 15.73 -44.26 63.16
C ASP A 586 16.23 -45.07 64.32
N ILE A 587 15.47 -46.09 64.71
CA ILE A 587 14.45 -46.62 63.82
C ILE A 587 13.20 -47.05 64.56
N LYS A 588 12.23 -47.61 63.83
CA LYS A 588 11.90 -47.24 62.45
C LYS A 588 11.24 -45.87 62.32
N PRO A 589 10.16 -45.70 63.07
CA PRO A 589 8.94 -44.90 62.84
C PRO A 589 8.96 -43.43 63.19
N LYS A 590 9.52 -42.56 62.35
CA LYS A 590 9.22 -41.14 62.49
C LYS A 590 9.51 -40.70 63.90
N TYR A 591 8.46 -40.28 64.60
CA TYR A 591 8.57 -40.10 66.04
C TYR A 591 9.66 -39.12 66.38
N SER A 592 10.68 -39.64 67.05
CA SER A 592 11.63 -38.90 67.85
C SER A 592 12.06 -37.64 67.12
N LEU A 593 12.67 -37.82 65.95
CA LEU A 593 13.20 -36.68 65.20
C LEU A 593 12.19 -35.55 65.17
N THR A 594 11.04 -35.77 64.54
CA THR A 594 9.99 -34.75 64.49
C THR A 594 9.70 -34.15 65.85
N GLU A 595 9.52 -35.03 66.83
CA GLU A 595 9.17 -34.61 68.18
C GLU A 595 10.18 -33.62 68.71
N PHE A 596 11.39 -34.09 68.95
CA PHE A 596 12.46 -33.29 69.50
C PHE A 596 12.72 -32.06 68.64
N ILE A 597 12.42 -32.19 67.36
CA ILE A 597 12.54 -31.08 66.44
C ILE A 597 11.69 -29.95 66.98
N ARG A 598 10.38 -30.15 66.97
CA ARG A 598 9.48 -29.11 67.45
C ARG A 598 9.84 -28.69 68.87
N ARG A 599 10.25 -29.67 69.67
CA ARG A 599 10.61 -29.43 71.05
C ARG A 599 11.69 -28.38 71.19
N VAL A 600 12.89 -28.71 70.75
CA VAL A 600 14.05 -27.85 70.86
C VAL A 600 13.77 -26.55 70.15
N ILE A 601 12.99 -26.64 69.08
CA ILE A 601 12.52 -25.47 68.36
C ILE A 601 11.96 -24.47 69.35
N ILE A 602 10.89 -24.86 70.04
CA ILE A 602 10.22 -23.90 70.89
C ILE A 602 10.94 -23.77 72.22
N SER A 603 11.99 -24.56 72.38
CA SER A 603 12.75 -24.60 73.61
C SER A 603 13.69 -23.41 73.74
N TYR A 604 14.64 -23.34 72.82
CA TYR A 604 15.85 -22.55 73.00
C TYR A 604 15.98 -21.58 71.85
N MET A 605 17.11 -20.88 71.79
CA MET A 605 17.26 -19.72 70.92
C MET A 605 16.24 -18.68 71.34
N GLU A 606 16.46 -18.08 72.50
CA GLU A 606 17.80 -18.06 73.10
C GLU A 606 17.84 -18.64 74.52
N HIS A 607 18.95 -19.25 74.95
CA HIS A 607 20.15 -19.66 74.19
C HIS A 607 20.88 -18.56 73.42
N ASP A 608 21.55 -17.67 74.14
CA ASP A 608 22.14 -16.49 73.52
C ASP A 608 23.39 -16.88 72.74
N ASN A 609 24.45 -17.30 73.42
CA ASN A 609 25.55 -17.89 72.69
C ASN A 609 25.66 -19.38 73.00
N MET A 610 25.30 -20.19 72.01
CA MET A 610 25.54 -21.63 72.07
C MET A 610 26.05 -22.10 70.72
N GLN A 611 27.26 -22.64 70.72
CA GLN A 611 27.76 -23.24 69.51
C GLN A 611 27.09 -24.59 69.32
N VAL A 612 27.04 -25.34 70.42
CA VAL A 612 26.56 -26.71 70.41
C VAL A 612 25.11 -26.77 69.95
N ARG A 613 24.32 -25.81 70.41
CA ARG A 613 22.91 -25.78 70.04
C ARG A 613 22.80 -25.70 68.54
N LYS A 614 23.42 -24.69 67.96
CA LYS A 614 23.37 -24.48 66.52
C LYS A 614 23.88 -25.69 65.78
N LEU A 615 25.10 -26.09 66.12
CA LEU A 615 25.79 -27.18 65.47
C LEU A 615 24.94 -28.43 65.44
N ALA A 616 24.49 -28.85 66.61
CA ALA A 616 23.70 -30.07 66.72
C ALA A 616 22.39 -29.91 66.00
N ALA A 617 21.86 -28.70 66.01
CA ALA A 617 20.58 -28.45 65.36
C ALA A 617 20.71 -28.75 63.88
N LEU A 618 21.66 -28.09 63.24
CA LEU A 618 21.88 -28.27 61.82
C LEU A 618 22.29 -29.70 61.55
N THR A 619 22.94 -30.30 62.55
CA THR A 619 23.40 -31.66 62.42
C THR A 619 22.20 -32.55 62.20
N SER A 620 21.26 -32.46 63.13
CA SER A 620 20.05 -33.22 63.05
C SER A 620 19.29 -32.84 61.79
N CYS A 621 19.49 -31.61 61.34
CA CYS A 621 18.82 -31.14 60.14
C CYS A 621 19.27 -31.96 58.93
N ASP A 622 20.56 -31.97 58.68
CA ASP A 622 21.08 -32.69 57.54
C ASP A 622 20.82 -34.16 57.74
N LEU A 623 20.74 -34.55 59.00
CA LEU A 623 20.37 -35.91 59.33
C LEU A 623 19.01 -36.17 58.71
N PHE A 624 18.12 -35.21 58.89
CA PHE A 624 16.78 -35.31 58.37
C PHE A 624 16.83 -35.32 56.86
N VAL A 625 17.84 -34.68 56.30
CA VAL A 625 17.99 -34.65 54.85
C VAL A 625 18.05 -36.08 54.32
N LYS A 626 18.47 -37.01 55.16
CA LYS A 626 18.41 -38.42 54.81
C LYS A 626 16.97 -38.90 54.78
N SER A 634 11.94 -38.80 54.84
CA SER A 634 10.96 -38.46 53.82
C SER A 634 10.19 -37.20 54.21
N LEU A 635 8.87 -37.33 54.29
CA LEU A 635 8.00 -36.21 54.67
C LEU A 635 8.38 -35.70 56.05
N TYR A 636 8.98 -36.59 56.82
CA TYR A 636 9.60 -36.25 58.07
C TYR A 636 10.44 -35.02 57.83
N ALA A 637 11.46 -35.19 56.99
CA ALA A 637 12.34 -34.10 56.61
C ALA A 637 11.56 -32.86 56.18
N LEU A 638 10.47 -33.06 55.44
CA LEU A 638 9.66 -31.93 54.99
C LEU A 638 9.15 -31.07 56.13
N ASN A 639 8.27 -31.65 56.95
CA ASN A 639 7.68 -30.90 58.05
C ASN A 639 8.75 -30.43 59.00
N VAL A 640 9.83 -31.21 59.08
CA VAL A 640 10.97 -30.86 59.90
C VAL A 640 11.49 -29.54 59.37
N VAL A 641 11.53 -29.43 58.06
CA VAL A 641 12.05 -28.25 57.42
C VAL A 641 11.11 -27.13 57.73
N SER A 642 9.83 -27.44 57.86
CA SER A 642 8.87 -26.41 58.23
C SER A 642 9.25 -25.84 59.58
N GLU A 643 9.34 -26.72 60.57
CA GLU A 643 9.66 -26.31 61.93
C GLU A 643 10.97 -25.54 61.96
N VAL A 644 11.94 -26.04 61.22
CA VAL A 644 13.28 -25.48 61.18
C VAL A 644 13.22 -24.05 60.67
N LEU A 645 12.56 -23.90 59.52
CA LEU A 645 12.41 -22.60 58.89
C LEU A 645 11.78 -21.63 59.85
N SER A 646 10.80 -22.14 60.61
CA SER A 646 10.21 -21.34 61.66
C SER A 646 11.28 -20.85 62.62
N LYS A 647 12.09 -21.78 63.11
CA LYS A 647 13.16 -21.42 64.03
C LYS A 647 14.11 -20.44 63.38
N LEU A 648 14.67 -20.85 62.24
CA LEU A 648 15.64 -20.04 61.51
C LEU A 648 16.79 -19.72 62.52
N LEU A 649 17.39 -18.52 62.61
CA LEU A 649 17.63 -17.54 61.55
C LEU A 649 19.12 -17.31 61.40
N THR A 650 19.70 -16.61 62.37
CA THR A 650 21.13 -16.35 62.40
C THR A 650 21.85 -17.66 62.61
N VAL A 651 21.07 -18.66 62.99
CA VAL A 651 21.56 -20.00 63.20
C VAL A 651 21.80 -20.52 61.81
N ALA A 652 20.72 -20.63 61.05
CA ALA A 652 20.80 -21.02 59.65
C ALA A 652 21.74 -20.10 58.89
N ILE A 653 21.92 -18.88 59.38
CA ILE A 653 22.86 -17.97 58.74
C ILE A 653 24.28 -18.50 58.91
N THR A 654 24.65 -18.82 60.14
CA THR A 654 25.98 -19.35 60.40
C THR A 654 26.15 -20.69 59.72
N ASP A 655 25.02 -21.37 59.55
CA ASP A 655 24.94 -22.66 58.89
C ASP A 655 25.61 -22.62 57.53
N PRO A 656 25.54 -21.49 56.85
CA PRO A 656 25.42 -21.28 55.41
C PRO A 656 26.35 -22.13 54.59
N VAL A 657 27.48 -22.55 55.13
CA VAL A 657 28.18 -23.66 54.52
C VAL A 657 27.27 -24.88 54.56
N ALA A 658 26.87 -25.24 55.78
CA ALA A 658 26.04 -26.42 55.99
C ALA A 658 24.66 -26.16 55.45
N GLU A 659 24.24 -24.90 55.47
CA GLU A 659 22.96 -24.54 54.93
C GLU A 659 23.03 -24.63 53.43
N ILE A 660 24.24 -24.55 52.89
CA ILE A 660 24.41 -24.70 51.46
C ILE A 660 24.24 -26.17 51.19
N ARG A 661 24.77 -26.99 52.09
CA ARG A 661 24.53 -28.42 51.99
C ARG A 661 23.03 -28.65 51.97
N LEU A 662 22.35 -27.88 52.82
CA LEU A 662 20.91 -27.96 52.92
C LEU A 662 20.28 -27.51 51.62
N GLU A 663 20.95 -26.64 50.90
CA GLU A 663 20.42 -26.12 49.67
C GLU A 663 20.53 -27.20 48.61
N ILE A 664 21.62 -27.95 48.68
CA ILE A 664 21.83 -29.08 47.80
C ILE A 664 20.66 -29.99 48.04
N LEU A 665 20.48 -30.36 49.30
CA LEU A 665 19.42 -31.26 49.70
C LEU A 665 18.10 -30.75 49.16
N LYS A 666 17.97 -29.43 49.17
CA LYS A 666 16.77 -28.78 48.72
C LYS A 666 16.54 -29.11 47.27
N HIS A 667 17.59 -28.95 46.47
CA HIS A 667 17.51 -29.23 45.06
C HIS A 667 17.15 -30.68 44.82
N LEU A 668 17.78 -31.56 45.57
CA LEU A 668 17.72 -32.98 45.26
C LEU A 668 16.36 -33.63 45.40
N ASP A 669 15.76 -33.51 46.59
CA ASP A 669 14.68 -34.42 46.94
C ASP A 669 13.34 -33.91 46.45
N ARG A 670 12.71 -34.70 45.60
CA ARG A 670 11.38 -34.39 45.11
C ARG A 670 10.48 -35.58 45.35
N LEU A 676 6.72 -31.63 46.30
CA LEU A 676 7.87 -32.53 46.23
C LEU A 676 9.11 -31.79 46.66
N SER A 677 9.97 -31.52 45.69
CA SER A 677 11.13 -30.68 45.94
C SER A 677 10.62 -29.29 46.23
N GLN A 678 9.41 -29.05 45.77
CA GLN A 678 8.70 -27.82 46.06
C GLN A 678 8.78 -27.52 47.55
N PRO A 679 8.65 -28.57 48.37
CA PRO A 679 8.71 -28.37 49.82
C PRO A 679 9.94 -27.59 50.23
N ASP A 680 11.06 -27.96 49.64
CA ASP A 680 12.33 -27.35 49.96
C ASP A 680 12.34 -25.88 49.60
N ASN A 681 11.67 -25.56 48.50
CA ASN A 681 11.74 -24.24 47.90
C ASN A 681 11.55 -23.16 48.95
N THR A 682 10.38 -23.14 49.55
CA THR A 682 10.04 -22.17 50.58
C THR A 682 11.11 -22.07 51.63
N LYS A 683 11.58 -23.23 52.09
CA LYS A 683 12.60 -23.27 53.12
C LYS A 683 13.77 -22.44 52.63
N LEU A 684 14.23 -22.78 51.44
CA LEU A 684 15.35 -22.08 50.83
C LEU A 684 15.12 -20.59 50.79
N LEU A 685 13.87 -20.19 50.54
CA LEU A 685 13.56 -18.79 50.39
C LEU A 685 13.92 -18.02 51.66
N PHE A 686 13.74 -18.67 52.80
CA PHE A 686 13.98 -18.00 54.07
C PHE A 686 15.44 -17.69 54.27
N MET A 687 16.29 -18.28 53.45
CA MET A 687 17.72 -18.30 53.72
C MET A 687 18.42 -17.05 53.24
N ALA A 688 17.67 -16.14 52.65
CA ALA A 688 18.24 -14.99 51.95
C ALA A 688 18.96 -14.04 52.90
N LEU A 689 19.84 -13.20 52.36
CA LEU A 689 20.26 -12.03 53.11
C LEU A 689 20.93 -12.33 54.45
N ASN A 690 22.17 -12.80 54.49
CA ASN A 690 23.25 -12.36 53.58
C ASN A 690 23.72 -13.11 52.32
N ASP A 691 23.16 -14.27 52.00
CA ASP A 691 24.01 -15.30 51.39
C ASP A 691 24.48 -15.08 49.94
N GLU A 692 25.25 -16.06 49.47
CA GLU A 692 25.78 -16.10 48.12
C GLU A 692 24.84 -16.92 47.25
N VAL A 693 23.74 -17.32 47.88
CA VAL A 693 22.73 -18.23 47.35
C VAL A 693 22.39 -17.82 45.94
N PHE A 694 21.88 -16.60 45.82
CA PHE A 694 21.19 -16.11 44.65
C PHE A 694 21.94 -16.46 43.39
N ALA A 695 23.26 -16.43 43.44
CA ALA A 695 24.03 -17.04 42.38
C ALA A 695 23.47 -18.43 42.04
N ILE A 696 23.59 -19.35 42.99
CA ILE A 696 23.16 -20.73 42.78
C ILE A 696 21.69 -20.79 42.42
N GLN A 697 20.94 -19.91 43.04
CA GLN A 697 19.54 -19.74 42.71
C GLN A 697 19.43 -19.60 41.21
N MET A 698 20.01 -18.53 40.71
CA MET A 698 20.00 -18.21 39.29
C MET A 698 20.42 -19.39 38.45
N GLU A 699 21.40 -20.13 38.94
CA GLU A 699 21.79 -21.36 38.30
C GLU A 699 20.55 -22.20 38.09
N ALA A 700 19.94 -22.61 39.19
CA ALA A 700 18.74 -23.43 39.15
C ALA A 700 17.69 -22.84 38.22
N MET A 701 17.54 -21.53 38.30
CA MET A 701 16.58 -20.81 37.49
C MET A 701 16.80 -21.15 36.04
N LYS A 702 17.96 -20.74 35.55
CA LYS A 702 18.33 -20.96 34.17
C LYS A 702 18.11 -22.40 33.80
N ILE A 703 18.52 -23.28 34.70
CA ILE A 703 18.38 -24.71 34.48
C ILE A 703 16.96 -25.01 34.11
N CYS A 704 16.04 -24.49 34.91
CA CYS A 704 14.62 -24.70 34.66
C CYS A 704 14.25 -24.12 33.31
N GLY A 705 14.83 -22.97 33.01
CA GLY A 705 14.49 -22.28 31.80
C GLY A 705 14.78 -23.12 30.58
N ARG A 706 16.02 -23.57 30.48
CA ARG A 706 16.43 -24.36 29.34
C ARG A 706 15.68 -25.67 29.36
N LEU A 707 15.43 -26.15 30.58
CA LEU A 707 14.63 -27.35 30.78
C LEU A 707 13.34 -27.15 30.02
N ALA A 708 12.78 -25.97 30.19
CA ALA A 708 11.64 -25.52 29.39
C ALA A 708 10.47 -26.48 29.51
N VAL A 715 9.21 -33.63 30.96
CA VAL A 715 8.55 -32.54 30.25
C VAL A 715 7.40 -32.02 31.09
N ILE A 716 6.29 -32.74 31.06
CA ILE A 716 5.13 -32.35 31.84
C ILE A 716 5.49 -32.41 33.31
N PRO A 717 6.12 -33.51 33.72
CA PRO A 717 6.61 -33.50 35.10
C PRO A 717 7.68 -32.44 35.25
N SER A 718 8.50 -32.29 34.23
CA SER A 718 9.51 -31.25 34.23
C SER A 718 8.82 -29.90 34.28
N LEU A 719 7.63 -29.84 33.72
CA LEU A 719 6.83 -28.63 33.79
C LEU A 719 6.37 -28.41 35.23
N ARG A 720 6.11 -29.51 35.92
CA ARG A 720 5.65 -29.43 37.30
C ARG A 720 6.76 -28.86 38.15
N LYS A 721 7.92 -29.49 38.05
CA LYS A 721 9.10 -29.04 38.76
C LYS A 721 9.37 -27.59 38.41
N THR A 722 9.11 -27.27 37.15
CA THR A 722 9.30 -25.91 36.66
C THR A 722 8.44 -24.97 37.48
N LEU A 723 7.17 -25.32 37.59
CA LEU A 723 6.23 -24.52 38.36
C LEU A 723 6.75 -24.34 39.77
N ILE A 724 7.24 -25.44 40.33
CA ILE A 724 7.79 -25.43 41.67
C ILE A 724 8.87 -24.36 41.73
N GLN A 725 9.71 -24.34 40.70
CA GLN A 725 10.83 -23.42 40.65
C GLN A 725 10.32 -21.99 40.61
N LEU A 726 9.26 -21.79 39.84
CA LEU A 726 8.64 -20.49 39.76
C LEU A 726 8.28 -20.05 41.14
N LEU A 727 7.59 -20.94 41.85
CA LEU A 727 7.15 -20.67 43.20
C LEU A 727 8.35 -20.29 44.05
N THR A 728 9.44 -21.01 43.85
CA THR A 728 10.64 -20.77 44.61
C THR A 728 11.09 -19.34 44.36
N GLU A 729 11.00 -18.93 43.11
CA GLU A 729 11.40 -17.58 42.74
C GLU A 729 10.52 -16.59 43.48
N LEU A 730 9.24 -16.92 43.54
CA LEU A 730 8.29 -16.04 44.18
C LEU A 730 8.65 -15.85 45.63
N LYS A 731 8.72 -16.97 46.32
CA LYS A 731 8.97 -16.97 47.74
C LYS A 731 10.31 -16.34 48.02
N HIS A 732 11.19 -16.42 47.03
CA HIS A 732 12.55 -15.96 47.18
C HIS A 732 12.48 -14.52 47.60
N SER A 733 11.80 -13.73 46.79
CA SER A 733 11.47 -12.37 47.13
C SER A 733 12.70 -11.62 47.61
N LYS A 734 13.85 -11.94 47.03
CA LYS A 734 15.07 -11.29 47.46
C LYS A 734 15.33 -10.07 46.62
N MET A 735 15.72 -10.30 45.37
CA MET A 735 15.84 -9.25 44.37
C MET A 735 16.37 -9.80 43.06
N THR A 736 16.14 -9.02 42.01
CA THR A 736 16.79 -9.18 40.74
C THR A 736 16.64 -10.67 40.28
N ARG A 737 17.63 -11.35 39.68
CA ARG A 737 18.52 -10.75 38.71
C ARG A 737 17.56 -10.19 37.70
N LYS A 738 17.68 -8.89 37.47
CA LYS A 738 16.63 -8.14 36.81
C LYS A 738 16.29 -8.69 35.45
N LYS A 739 17.23 -8.56 34.53
CA LYS A 739 16.99 -8.95 33.15
C LYS A 739 16.93 -10.45 33.04
N GLU A 740 17.64 -11.13 33.94
CA GLU A 740 17.54 -12.56 34.01
C GLU A 740 16.08 -12.86 34.21
N GLU A 741 15.50 -12.20 35.20
CA GLU A 741 14.08 -12.34 35.47
C GLU A 741 13.28 -12.01 34.23
N CYS A 742 13.71 -11.00 33.49
CA CYS A 742 12.95 -10.57 32.32
C CYS A 742 12.87 -11.67 31.28
N ALA A 743 14.04 -12.14 30.86
CA ALA A 743 14.12 -13.14 29.81
C ALA A 743 13.47 -14.41 30.25
N SER A 744 13.67 -14.74 31.51
CA SER A 744 13.06 -15.92 32.08
C SER A 744 11.56 -15.80 31.93
N LEU A 745 11.06 -14.65 32.32
CA LEU A 745 9.65 -14.36 32.24
C LEU A 745 9.19 -14.52 30.81
N LEU A 746 10.04 -14.13 29.88
CA LEU A 746 9.71 -14.24 28.48
C LEU A 746 9.53 -15.70 28.12
N CYS A 747 10.46 -16.52 28.60
CA CYS A 747 10.38 -17.94 28.38
C CYS A 747 9.06 -18.45 28.91
N THR A 748 8.68 -17.96 30.08
CA THR A 748 7.43 -18.34 30.70
C THR A 748 6.26 -17.90 29.83
N LEU A 749 6.45 -16.79 29.13
CA LEU A 749 5.41 -16.22 28.31
C LEU A 749 5.18 -17.15 27.15
N ILE A 750 6.29 -17.66 26.62
CA ILE A 750 6.22 -18.67 25.60
C ILE A 750 5.45 -19.83 26.20
N SER A 751 5.77 -20.11 27.46
CA SER A 751 5.23 -21.29 28.13
C SER A 751 3.75 -21.11 28.44
N SER A 752 3.25 -19.90 28.22
CA SER A 752 1.85 -19.62 28.51
C SER A 752 0.96 -20.57 27.71
N SER A 753 1.38 -20.84 26.48
CA SER A 753 0.62 -21.71 25.59
C SER A 753 0.44 -23.11 26.18
N SER A 754 -0.78 -23.62 26.08
CA SER A 754 -1.14 -24.97 26.53
C SER A 754 -0.70 -25.24 27.96
N ASP A 755 -0.07 -26.39 28.15
CA ASP A 755 0.50 -26.76 29.43
C ASP A 755 -0.53 -26.74 30.54
N VAL A 756 -0.18 -26.08 31.64
CA VAL A 756 -1.03 -26.05 32.79
C VAL A 756 -0.90 -24.72 33.49
N THR A 757 -1.50 -24.63 34.67
CA THR A 757 -1.52 -23.41 35.45
C THR A 757 -0.13 -23.04 35.91
N LYS A 758 0.80 -23.96 35.71
CA LYS A 758 2.20 -23.65 35.90
C LYS A 758 2.48 -22.34 35.20
N PRO A 759 2.12 -22.26 33.91
CA PRO A 759 2.31 -21.05 33.12
C PRO A 759 1.70 -19.84 33.80
N TYR A 760 0.50 -20.04 34.34
CA TYR A 760 -0.21 -18.99 35.05
C TYR A 760 0.62 -18.44 36.21
N LEU A 761 0.83 -19.28 37.20
CA LEU A 761 1.55 -18.90 38.42
C LEU A 761 2.89 -18.30 38.07
N GLU A 762 3.49 -18.82 37.00
CA GLU A 762 4.75 -18.32 36.49
C GLU A 762 4.60 -16.85 36.23
N PRO A 763 3.63 -16.50 35.38
CA PRO A 763 3.37 -15.09 35.18
C PRO A 763 3.13 -14.41 36.51
N VAL A 764 2.36 -15.06 37.37
CA VAL A 764 1.98 -14.47 38.65
C VAL A 764 3.22 -14.03 39.40
N ILE A 765 4.02 -15.01 39.79
CA ILE A 765 5.22 -14.74 40.55
C ILE A 765 6.07 -13.69 39.86
N GLU A 766 6.18 -13.84 38.54
CA GLU A 766 6.99 -12.93 37.75
C GLU A 766 6.58 -11.52 38.05
N ILE A 767 5.29 -11.26 37.89
CA ILE A 767 4.70 -9.97 38.15
C ILE A 767 5.01 -9.54 39.56
N LEU A 768 4.85 -10.47 40.49
CA LEU A 768 5.03 -10.18 41.91
C LEU A 768 6.38 -9.55 42.13
N LEU A 769 7.30 -9.88 41.25
CA LEU A 769 8.63 -9.32 41.31
C LEU A 769 8.92 -8.57 40.03
N PRO A 770 8.53 -7.29 39.97
CA PRO A 770 7.86 -6.58 41.06
C PRO A 770 6.92 -5.52 40.51
N SER A 777 9.32 -2.36 33.48
CA SER A 777 8.47 -2.65 32.32
C SER A 777 8.66 -4.08 31.85
N ALA A 778 8.56 -3.58 28.27
CA ALA A 778 8.25 -4.86 27.64
C ALA A 778 7.02 -5.45 28.30
N VAL A 779 6.70 -4.88 29.46
CA VAL A 779 5.56 -5.26 30.26
C VAL A 779 4.34 -5.38 29.36
N ALA A 780 3.97 -4.24 28.78
CA ALA A 780 2.69 -4.05 28.12
C ALA A 780 2.30 -5.18 27.18
N SER A 781 3.05 -5.38 26.10
CA SER A 781 2.69 -6.31 25.03
C SER A 781 2.24 -7.63 25.62
N THR A 782 3.19 -8.27 26.29
CA THR A 782 2.98 -9.50 27.01
C THR A 782 1.71 -9.37 27.80
N ALA A 783 1.71 -8.43 28.74
CA ALA A 783 0.60 -8.24 29.67
C ALA A 783 -0.74 -8.28 28.95
N LEU A 784 -0.98 -7.31 28.07
CA LEU A 784 -2.20 -7.22 27.31
C LEU A 784 -2.56 -8.56 26.70
N LYS A 785 -1.70 -9.02 25.80
CA LYS A 785 -1.95 -10.26 25.08
C LYS A 785 -2.39 -11.37 26.01
N ALA A 786 -1.46 -11.75 26.87
CA ALA A 786 -1.64 -12.81 27.86
C ALA A 786 -2.95 -12.64 28.59
N LEU A 787 -3.04 -11.55 29.35
CA LEU A 787 -4.19 -11.27 30.19
C LEU A 787 -5.48 -11.44 29.44
N GLY A 788 -5.69 -10.60 28.44
CA GLY A 788 -6.92 -10.62 27.66
C GLY A 788 -7.25 -12.02 27.18
N GLU A 789 -6.21 -12.73 26.75
CA GLU A 789 -6.39 -14.09 26.32
C GLU A 789 -6.96 -14.92 27.45
N ILE A 790 -6.26 -14.92 28.57
CA ILE A 790 -6.61 -15.73 29.72
C ILE A 790 -8.02 -15.44 30.16
N SER A 791 -8.41 -14.18 30.00
CA SER A 791 -9.76 -13.77 30.27
C SER A 791 -10.69 -14.52 29.34
N VAL A 792 -10.41 -14.39 28.04
CA VAL A 792 -11.17 -15.14 27.06
C VAL A 792 -10.97 -16.61 27.31
N VAL A 793 -9.79 -16.95 27.83
CA VAL A 793 -9.41 -18.34 28.01
C VAL A 793 -9.76 -18.87 29.39
N GLY A 794 -10.43 -18.05 30.20
CA GLY A 794 -10.76 -18.45 31.55
C GLY A 794 -11.47 -19.79 31.55
N GLY A 795 -12.55 -19.88 30.77
CA GLY A 795 -13.11 -21.17 30.42
C GLY A 795 -12.26 -22.04 29.52
N GLU A 796 -11.96 -23.24 29.97
CA GLU A 796 -12.01 -23.50 31.39
C GLU A 796 -10.61 -23.77 31.89
N ASP A 797 -10.06 -22.80 32.62
CA ASP A 797 -8.89 -23.03 33.45
C ASP A 797 -9.21 -22.44 34.79
N MET A 798 -9.33 -21.12 34.78
CA MET A 798 -9.83 -20.31 35.88
C MET A 798 -8.78 -20.21 36.95
N LEU A 799 -7.80 -21.09 36.88
CA LEU A 799 -6.55 -20.86 37.54
C LEU A 799 -5.97 -19.69 36.76
N PRO A 800 -6.06 -19.80 35.44
CA PRO A 800 -5.53 -18.82 34.49
C PRO A 800 -6.09 -17.43 34.73
N PHE A 801 -7.39 -17.35 34.95
CA PHE A 801 -8.02 -16.06 35.11
C PHE A 801 -7.55 -15.40 36.40
N LEU A 802 -7.57 -16.17 37.48
CA LEU A 802 -7.16 -15.67 38.79
C LEU A 802 -5.75 -15.16 38.71
N ASP A 803 -4.91 -15.98 38.07
CA ASP A 803 -3.54 -15.60 37.83
C ASP A 803 -3.55 -14.25 37.16
N GLU A 804 -4.29 -14.14 36.07
CA GLU A 804 -4.34 -12.91 35.28
C GLU A 804 -4.62 -11.74 36.19
N LEU A 805 -5.54 -11.93 37.12
CA LEU A 805 -5.86 -10.88 38.07
C LEU A 805 -4.65 -10.53 38.90
N MET A 806 -4.08 -11.51 39.57
CA MET A 806 -2.96 -11.25 40.46
C MET A 806 -1.80 -10.68 39.65
N PRO A 807 -1.60 -11.22 38.45
CA PRO A 807 -0.59 -10.69 37.54
C PRO A 807 -0.90 -9.26 37.21
N LEU A 808 -2.18 -9.03 36.93
CA LEU A 808 -2.61 -7.69 36.66
C LEU A 808 -2.40 -6.87 37.91
N ILE A 809 -2.45 -7.53 39.06
CA ILE A 809 -2.34 -6.81 40.31
C ILE A 809 -0.96 -6.24 40.45
N ILE A 810 0.05 -7.09 40.31
CA ILE A 810 1.41 -6.62 40.48
C ILE A 810 1.73 -5.69 39.33
N ASP A 811 1.04 -5.90 38.22
CA ASP A 811 1.19 -5.03 37.07
C ASP A 811 0.79 -3.63 37.49
N THR A 812 -0.32 -3.57 38.20
CA THR A 812 -0.84 -2.32 38.71
C THR A 812 0.17 -1.74 39.67
N PHE A 813 0.79 -2.61 40.45
CA PHE A 813 1.84 -2.18 41.33
C PHE A 813 2.88 -1.45 40.50
N GLN A 814 3.10 -1.95 39.30
CA GLN A 814 4.02 -1.27 38.40
C GLN A 814 3.37 -0.29 37.42
N ASP A 815 2.03 -0.19 37.40
CA ASP A 815 1.39 0.68 36.40
C ASP A 815 -0.09 0.98 36.58
N GLN A 816 -0.63 1.78 35.66
CA GLN A 816 -2.07 1.97 35.53
C GLN A 816 -2.43 1.51 34.12
N SER A 817 -3.67 1.09 33.92
CA SER A 817 -3.96 0.38 32.70
C SER A 817 -4.67 1.20 31.64
N ASN A 818 -5.95 1.45 31.87
CA ASN A 818 -6.79 2.06 30.86
C ASN A 818 -6.61 1.35 29.52
N SER A 819 -6.25 2.15 28.51
CA SER A 819 -5.94 1.68 27.17
C SER A 819 -7.01 0.80 26.53
N PHE A 820 -6.58 -0.25 25.84
CA PHE A 820 -7.51 -1.12 25.13
C PHE A 820 -8.11 -2.04 26.15
N LYS A 821 -7.36 -2.24 27.21
CA LYS A 821 -7.71 -3.12 28.31
C LYS A 821 -9.08 -2.76 28.84
N ARG A 822 -9.41 -1.48 28.69
CA ARG A 822 -10.71 -0.99 29.08
C ARG A 822 -11.76 -1.93 28.52
N GLY A 823 -11.85 -2.01 27.20
CA GLY A 823 -12.79 -2.90 26.56
C GLY A 823 -12.69 -4.28 27.14
N ALA A 824 -11.45 -4.77 27.23
CA ALA A 824 -11.21 -6.08 27.77
C ALA A 824 -11.79 -6.18 29.17
N ALA A 825 -11.44 -5.20 30.00
CA ALA A 825 -11.91 -5.15 31.37
C ALA A 825 -13.42 -5.26 31.38
N LEU A 826 -14.05 -4.55 30.46
CA LEU A 826 -15.49 -4.55 30.38
C LEU A 826 -15.95 -5.97 30.11
N LYS A 827 -15.37 -6.57 29.09
CA LYS A 827 -15.63 -7.96 28.79
C LYS A 827 -15.34 -8.74 30.05
N ALA A 828 -14.19 -8.45 30.64
CA ALA A 828 -13.79 -9.13 31.85
C ALA A 828 -14.85 -8.90 32.90
N LEU A 829 -15.28 -7.66 33.03
CA LEU A 829 -16.34 -7.34 33.95
C LEU A 829 -17.53 -8.21 33.63
N GLY A 830 -17.92 -8.18 32.35
CA GLY A 830 -18.98 -9.03 31.89
C GLY A 830 -18.64 -10.46 32.22
N GLN A 831 -17.42 -10.85 31.87
CA GLN A 831 -16.94 -12.18 32.16
C GLN A 831 -17.03 -12.44 33.66
N LEU A 832 -16.60 -11.45 34.43
CA LEU A 832 -16.66 -11.56 35.88
C LEU A 832 -18.10 -11.80 36.27
N ALA A 833 -18.98 -10.99 35.69
CA ALA A 833 -20.41 -11.18 35.90
C ALA A 833 -20.80 -12.55 35.42
N ALA A 834 -20.31 -12.92 34.25
CA ALA A 834 -20.65 -14.19 33.65
C ALA A 834 -20.13 -15.36 34.47
N SER A 835 -18.84 -15.32 34.78
CA SER A 835 -18.17 -16.51 35.30
C SER A 835 -18.24 -16.61 36.82
N SER A 836 -18.94 -15.65 37.42
CA SER A 836 -19.08 -15.59 38.87
C SER A 836 -19.55 -16.89 39.49
N TYR A 846 -17.65 -19.83 43.65
CA TYR A 846 -16.22 -19.62 43.53
C TYR A 846 -15.90 -18.15 43.66
N PRO A 847 -15.30 -17.75 44.80
CA PRO A 847 -15.10 -16.32 44.60
C PRO A 847 -13.81 -16.03 43.84
N GLU A 848 -13.65 -16.74 42.74
CA GLU A 848 -12.62 -16.49 41.76
C GLU A 848 -12.77 -15.09 41.22
N LEU A 849 -13.86 -14.92 40.47
CA LEU A 849 -14.17 -13.67 39.82
C LEU A 849 -14.28 -12.59 40.87
N LEU A 850 -14.72 -13.01 42.04
CA LEU A 850 -14.81 -12.10 43.17
C LEU A 850 -13.45 -11.48 43.42
N GLY A 851 -12.50 -12.29 43.85
CA GLY A 851 -11.17 -11.78 44.13
C GLY A 851 -10.59 -11.02 42.95
N VAL A 852 -10.93 -11.51 41.77
CA VAL A 852 -10.48 -10.89 40.53
C VAL A 852 -10.89 -9.44 40.41
N LEU A 853 -12.18 -9.20 40.27
CA LEU A 853 -12.69 -7.86 40.08
C LEU A 853 -12.36 -7.05 41.31
N ILE A 854 -12.26 -7.74 42.42
CA ILE A 854 -11.81 -7.13 43.65
C ILE A 854 -10.48 -6.50 43.33
N ASN A 855 -9.69 -7.21 42.56
CA ASN A 855 -8.37 -6.73 42.21
C ASN A 855 -8.40 -5.87 40.95
N ILE A 856 -9.58 -5.68 40.37
CA ILE A 856 -9.69 -4.91 39.14
C ILE A 856 -9.01 -3.56 39.33
N LEU A 857 -9.26 -2.94 40.47
CA LEU A 857 -8.57 -1.71 40.85
C LEU A 857 -8.67 -0.64 39.79
N SER A 862 -14.20 7.51 35.38
CA SER A 862 -15.00 6.40 34.90
C SER A 862 -15.76 6.80 33.65
N GLN A 863 -16.17 8.07 33.63
CA GLN A 863 -16.99 8.62 32.54
C GLN A 863 -16.35 8.44 31.17
N ASN A 864 -15.20 9.08 30.98
CA ASN A 864 -14.45 9.01 29.74
C ASN A 864 -14.33 7.55 29.32
N ILE A 865 -13.65 6.78 30.16
CA ILE A 865 -13.43 5.37 29.92
C ILE A 865 -14.72 4.64 29.56
N ARG A 866 -15.78 4.93 30.29
CA ARG A 866 -17.10 4.42 29.97
C ARG A 866 -17.37 4.65 28.49
N ARG A 867 -17.40 5.93 28.11
CA ARG A 867 -17.68 6.32 26.73
C ARG A 867 -16.82 5.60 25.70
N GLU A 868 -15.51 5.63 25.89
CA GLU A 868 -14.60 4.98 24.96
C GLU A 868 -14.94 3.50 24.84
N THR A 869 -15.34 2.92 25.96
CA THR A 869 -15.73 1.52 26.00
C THR A 869 -16.99 1.30 25.18
N VAL A 870 -17.89 2.28 25.25
CA VAL A 870 -19.12 2.21 24.47
C VAL A 870 -18.77 2.27 22.99
N ARG A 871 -17.69 2.97 22.68
CA ARG A 871 -17.21 3.05 21.31
C ARG A 871 -16.70 1.69 20.84
N LEU A 872 -15.82 1.11 21.65
CA LEU A 872 -15.21 -0.17 21.32
C LEU A 872 -16.27 -1.27 21.19
N ILE A 873 -17.28 -1.22 22.06
CA ILE A 873 -18.37 -2.18 22.03
C ILE A 873 -19.27 -1.92 20.84
N GLY A 874 -19.37 -0.65 20.46
CA GLY A 874 -20.10 -0.27 19.27
C GLY A 874 -19.43 -0.88 18.06
N ILE A 875 -18.12 -1.06 18.16
CA ILE A 875 -17.38 -1.81 17.16
C ILE A 875 -17.63 -3.31 17.35
N LEU A 876 -17.87 -3.72 18.58
CA LEU A 876 -18.08 -5.13 18.90
C LEU A 876 -19.46 -5.62 18.47
N GLY A 877 -20.45 -4.75 18.57
CA GLY A 877 -21.80 -5.07 18.13
C GLY A 877 -22.57 -3.82 17.75
N ALA A 878 -23.59 -3.99 16.91
CA ALA A 878 -24.27 -2.87 16.27
C ALA A 878 -25.39 -3.32 15.34
N LEU A 879 -26.11 -2.33 14.79
CA LEU A 879 -27.06 -2.56 13.72
C LEU A 879 -28.14 -3.58 14.05
N ASP A 880 -28.16 -4.67 13.28
CA ASP A 880 -29.28 -5.61 13.22
C ASP A 880 -29.89 -6.01 14.57
N PRO A 881 -29.04 -6.36 15.56
CA PRO A 881 -29.63 -6.78 16.83
C PRO A 881 -30.50 -5.70 17.43
N TYR A 882 -30.00 -4.47 17.43
CA TYR A 882 -30.78 -3.29 17.81
C TYR A 882 -32.11 -3.27 17.06
N LYS A 883 -32.04 -3.17 15.75
CA LYS A 883 -33.22 -3.25 14.90
C LYS A 883 -34.03 -4.52 15.17
N HIS A 884 -33.35 -5.62 15.51
CA HIS A 884 -34.06 -6.85 15.83
C HIS A 884 -34.86 -6.63 17.10
N ARG A 885 -34.23 -5.95 18.05
CA ARG A 885 -34.92 -5.52 19.25
C ARG A 885 -35.97 -4.47 18.88
N GLU A 886 -35.74 -3.79 17.76
CA GLU A 886 -36.70 -2.80 17.29
C GLU A 886 -37.72 -3.44 16.36
N VAL A 887 -37.52 -4.73 16.06
CA VAL A 887 -38.41 -5.43 15.14
C VAL A 887 -39.75 -5.69 15.78
N ASP A 905 -41.32 -5.97 12.31
CA ASP A 905 -42.58 -6.62 12.64
C ASP A 905 -43.33 -5.73 13.60
N VAL A 906 -42.91 -5.73 14.86
CA VAL A 906 -43.33 -4.69 15.77
C VAL A 906 -42.84 -3.43 15.10
N ALA A 907 -41.64 -3.54 14.55
CA ALA A 907 -41.06 -2.50 13.70
C ALA A 907 -42.05 -2.12 12.63
N LEU A 908 -42.58 -3.13 11.95
CA LEU A 908 -43.51 -2.91 10.87
C LEU A 908 -44.64 -2.03 11.36
N LEU A 909 -45.41 -2.55 12.31
CA LEU A 909 -46.57 -1.86 12.85
C LEU A 909 -46.22 -0.44 13.25
N MET A 910 -45.03 -0.28 13.83
CA MET A 910 -44.53 1.04 14.17
C MET A 910 -44.56 1.90 12.92
N GLN A 911 -43.76 1.52 11.93
CA GLN A 911 -43.79 2.19 10.64
C GLN A 911 -45.20 2.11 10.08
N GLY A 912 -45.84 0.97 10.29
CA GLY A 912 -47.19 0.77 9.81
C GLY A 912 -48.18 1.68 10.50
N GLU A 918 -54.25 -2.56 8.97
CA GLU A 918 -55.28 -3.05 8.07
C GLU A 918 -54.72 -3.93 6.98
N GLU A 919 -54.94 -3.51 5.73
CA GLU A 919 -54.33 -4.11 4.54
C GLU A 919 -52.86 -4.25 4.83
N TYR A 920 -52.25 -3.09 5.04
CA TYR A 920 -50.87 -3.01 5.45
C TYR A 920 -50.59 -4.00 6.56
N TYR A 921 -51.20 -3.83 7.73
CA TYR A 921 -50.93 -4.69 8.88
C TYR A 921 -50.91 -6.17 8.51
N PRO A 922 -51.91 -6.62 7.74
CA PRO A 922 -51.93 -8.01 7.29
C PRO A 922 -50.72 -8.35 6.44
N THR A 923 -50.40 -7.46 5.52
CA THR A 923 -49.27 -7.68 4.63
C THR A 923 -48.01 -7.78 5.46
N VAL A 924 -47.98 -7.00 6.52
CA VAL A 924 -46.84 -6.90 7.40
C VAL A 924 -46.72 -8.21 8.12
N VAL A 925 -47.87 -8.78 8.44
CA VAL A 925 -47.89 -10.06 9.09
C VAL A 925 -47.22 -11.03 8.16
N ILE A 926 -47.65 -10.98 6.90
CA ILE A 926 -47.12 -11.86 5.88
C ILE A 926 -45.61 -11.75 5.89
N GLY A 927 -45.16 -10.52 5.85
CA GLY A 927 -43.74 -10.25 5.83
C GLY A 927 -43.04 -10.83 7.04
N VAL A 928 -43.71 -10.80 8.17
CA VAL A 928 -43.10 -11.23 9.42
C VAL A 928 -42.89 -12.73 9.35
N LEU A 929 -43.97 -13.40 8.97
CA LEU A 929 -43.95 -14.83 8.76
C LEU A 929 -42.79 -15.17 7.87
N MET A 930 -42.69 -14.45 6.77
CA MET A 930 -41.64 -14.65 5.81
C MET A 930 -40.28 -14.45 6.45
N LYS A 931 -40.22 -13.49 7.38
CA LYS A 931 -38.96 -13.11 7.98
C LYS A 931 -38.43 -14.29 8.74
N ILE A 932 -39.28 -14.81 9.61
CA ILE A 932 -38.94 -15.99 10.36
C ILE A 932 -38.64 -17.13 9.39
N LEU A 933 -39.36 -17.15 8.28
CA LEU A 933 -39.28 -18.26 7.34
C LEU A 933 -37.88 -18.37 6.77
N LYS A 934 -37.41 -17.27 6.20
CA LYS A 934 -36.05 -17.21 5.71
C LYS A 934 -35.13 -17.45 6.88
N ASP A 935 -35.51 -16.90 8.03
CA ASP A 935 -34.75 -17.11 9.25
C ASP A 935 -34.78 -18.57 9.66
N SER A 939 -32.83 -25.07 10.18
CA SER A 939 -34.18 -24.59 9.88
C SER A 939 -35.05 -25.72 9.35
N ILE A 940 -36.36 -25.52 9.39
CA ILE A 940 -37.27 -26.49 8.83
C ILE A 940 -37.70 -25.99 7.48
N HIS A 941 -37.24 -26.68 6.44
CA HIS A 941 -37.44 -26.21 5.09
C HIS A 941 -38.91 -26.31 4.69
N HIS A 942 -39.48 -27.50 4.84
CA HIS A 942 -40.83 -27.77 4.39
C HIS A 942 -41.82 -26.84 5.06
N SER A 943 -41.47 -26.45 6.27
CA SER A 943 -42.17 -25.39 6.97
C SER A 943 -42.31 -24.23 6.01
N THR A 944 -41.17 -23.67 5.63
CA THR A 944 -41.13 -22.56 4.70
C THR A 944 -41.84 -22.90 3.39
N VAL A 945 -41.78 -24.16 2.99
CA VAL A 945 -42.43 -24.59 1.76
C VAL A 945 -43.90 -24.26 1.84
N ILE A 946 -44.60 -24.95 2.74
CA ILE A 946 -46.02 -24.77 2.91
C ILE A 946 -46.31 -23.31 3.18
N GLN A 947 -45.40 -22.69 3.91
CA GLN A 947 -45.49 -21.29 4.24
C GLN A 947 -45.71 -20.49 2.99
N ALA A 948 -44.73 -20.52 2.09
CA ALA A 948 -44.79 -19.82 0.84
C ALA A 948 -46.03 -20.22 0.05
N ILE A 949 -46.39 -21.49 0.15
CA ILE A 949 -47.53 -21.99 -0.57
C ILE A 949 -48.76 -21.17 -0.22
N MET A 950 -49.19 -21.28 1.03
CA MET A 950 -50.36 -20.55 1.48
C MET A 950 -50.10 -19.05 1.41
N HIS A 951 -48.84 -18.68 1.30
CA HIS A 951 -48.48 -17.27 1.28
C HIS A 951 -48.96 -16.69 -0.02
N ILE A 952 -48.61 -17.36 -1.10
CA ILE A 952 -49.06 -16.92 -2.41
C ILE A 952 -50.55 -17.11 -2.49
N PHE A 953 -51.01 -18.24 -1.96
CA PHE A 953 -52.42 -18.57 -1.99
C PHE A 953 -53.24 -17.42 -1.43
N GLN A 954 -52.75 -16.87 -0.33
CA GLN A 954 -53.42 -15.76 0.33
C GLN A 954 -53.18 -14.50 -0.48
N THR A 955 -51.98 -14.40 -1.05
CA THR A 955 -51.65 -13.29 -1.91
C THR A 955 -52.56 -13.37 -3.11
N MET A 956 -52.90 -14.59 -3.48
CA MET A 956 -53.87 -14.84 -4.52
C MET A 956 -55.25 -14.41 -4.05
N PHE A 963 -46.22 -9.19 -4.77
CA PHE A 963 -45.99 -7.98 -3.99
C PHE A 963 -44.50 -7.76 -3.75
N LEU A 964 -44.20 -6.66 -3.07
CA LEU A 964 -42.85 -6.35 -2.61
C LEU A 964 -42.25 -7.55 -1.90
N LYS A 965 -42.89 -7.91 -0.79
CA LYS A 965 -42.46 -9.01 0.03
C LYS A 965 -42.19 -10.21 -0.84
N GLN A 966 -43.05 -10.41 -1.83
CA GLN A 966 -42.86 -11.50 -2.78
C GLN A 966 -41.49 -11.38 -3.45
N ILE A 967 -41.12 -10.16 -3.80
CA ILE A 967 -39.82 -9.95 -4.41
C ILE A 967 -38.74 -10.38 -3.45
N ILE A 968 -38.84 -9.92 -2.21
CA ILE A 968 -37.89 -10.34 -1.18
C ILE A 968 -37.89 -11.86 -1.12
N PRO A 969 -39.08 -12.43 -1.01
CA PRO A 969 -39.30 -13.87 -1.00
C PRO A 969 -38.79 -14.52 -2.26
N GLY A 970 -38.63 -13.74 -3.33
CA GLY A 970 -37.98 -14.27 -4.52
C GLY A 970 -36.61 -14.74 -4.11
N PHE A 971 -35.86 -13.82 -3.50
CA PHE A 971 -34.53 -14.12 -3.02
C PHE A 971 -34.58 -15.23 -1.99
N ILE A 972 -35.65 -15.22 -1.20
CA ILE A 972 -35.80 -16.24 -0.18
C ILE A 972 -35.81 -17.62 -0.82
N LEU A 973 -36.71 -17.82 -1.77
CA LEU A 973 -36.81 -19.08 -2.49
C LEU A 973 -35.47 -19.39 -3.12
N VAL A 974 -34.81 -18.34 -3.57
CA VAL A 974 -33.51 -18.49 -4.21
C VAL A 974 -32.50 -19.11 -3.24
N MET A 975 -32.66 -18.85 -1.94
CA MET A 975 -31.77 -19.44 -0.96
C MET A 975 -31.73 -20.96 -1.11
N HIS A 976 -32.89 -21.55 -1.38
CA HIS A 976 -33.00 -22.98 -1.65
C HIS A 976 -32.35 -23.82 -0.55
N PRO A 979 -32.56 -31.25 -0.38
CA PRO A 979 -33.05 -32.38 -1.17
C PRO A 979 -33.98 -31.94 -2.30
N PRO A 980 -34.32 -32.87 -3.19
CA PRO A 980 -35.16 -32.63 -4.37
C PRO A 980 -36.52 -32.08 -4.02
N SER A 981 -36.98 -32.36 -2.82
CA SER A 981 -38.26 -31.87 -2.34
C SER A 981 -38.31 -30.35 -2.45
N LEU A 982 -37.18 -29.74 -2.11
CA LEU A 982 -36.99 -28.31 -2.30
C LEU A 982 -37.41 -27.98 -3.72
N LEU A 983 -36.70 -28.55 -4.69
CA LEU A 983 -36.96 -28.32 -6.09
C LEU A 983 -38.43 -28.47 -6.46
N GLU A 984 -39.05 -29.56 -6.04
CA GLU A 984 -40.45 -29.79 -6.33
C GLU A 984 -41.30 -28.63 -5.83
N LEU A 985 -41.28 -28.46 -4.52
CA LEU A 985 -42.07 -27.44 -3.84
C LEU A 985 -41.86 -26.07 -4.47
N TYR A 986 -40.60 -25.70 -4.63
CA TYR A 986 -40.25 -24.38 -5.14
C TYR A 986 -40.68 -24.23 -6.58
N PHE A 987 -40.73 -25.34 -7.29
CA PHE A 987 -41.19 -25.33 -8.67
C PHE A 987 -42.65 -24.95 -8.68
N GLN A 988 -43.41 -25.68 -7.88
CA GLN A 988 -44.81 -25.38 -7.70
C GLN A 988 -44.98 -23.92 -7.30
N GLN A 989 -44.06 -23.46 -6.47
CA GLN A 989 -44.09 -22.10 -5.96
C GLN A 989 -43.90 -21.11 -7.09
N LEU A 990 -43.06 -21.49 -8.05
CA LEU A 990 -42.84 -20.65 -9.21
C LEU A 990 -44.14 -20.59 -9.97
N SER A 991 -44.79 -21.73 -10.07
CA SER A 991 -46.08 -21.80 -10.74
C SER A 991 -47.05 -20.87 -10.06
N VAL A 992 -46.89 -20.70 -8.75
CA VAL A 992 -47.72 -19.78 -8.02
C VAL A 992 -47.35 -18.39 -8.48
N LEU A 993 -46.06 -18.15 -8.58
CA LEU A 993 -45.53 -16.86 -8.95
C LEU A 993 -46.01 -16.48 -10.32
N ILE A 994 -46.47 -17.48 -11.07
CA ILE A 994 -46.97 -17.26 -12.43
C ILE A 994 -48.17 -16.33 -12.39
N SER A 995 -48.70 -16.12 -11.20
CA SER A 995 -49.74 -15.13 -11.01
C SER A 995 -49.25 -13.76 -11.48
N ILE A 996 -48.15 -13.32 -10.90
CA ILE A 996 -47.68 -11.95 -11.12
C ILE A 996 -46.76 -11.85 -12.31
N VAL A 997 -46.21 -10.67 -12.52
CA VAL A 997 -45.23 -10.47 -13.57
C VAL A 997 -44.00 -9.74 -13.06
N LYS A 998 -42.87 -10.43 -13.10
CA LYS A 998 -41.58 -9.76 -13.03
C LYS A 998 -41.49 -9.07 -14.37
N GLN A 999 -40.84 -7.91 -14.51
CA GLN A 999 -39.95 -7.21 -13.59
C GLN A 999 -38.74 -7.98 -13.07
N HIS A 1000 -38.45 -7.83 -11.79
CA HIS A 1000 -37.09 -8.09 -11.31
C HIS A 1000 -36.87 -9.50 -10.82
N ILE A 1001 -37.93 -10.28 -10.76
CA ILE A 1001 -37.77 -11.65 -10.32
C ILE A 1001 -37.04 -12.37 -11.43
N ARG A 1002 -37.16 -11.82 -12.63
CA ARG A 1002 -36.67 -12.46 -13.84
C ARG A 1002 -35.21 -12.91 -13.77
N PRO A 1003 -34.31 -11.97 -13.50
CA PRO A 1003 -32.90 -12.39 -13.57
C PRO A 1003 -32.57 -13.47 -12.58
N HIS A 1004 -33.06 -13.31 -11.36
CA HIS A 1004 -32.80 -14.29 -10.32
C HIS A 1004 -33.40 -15.61 -10.74
N VAL A 1005 -34.52 -15.52 -11.44
CA VAL A 1005 -35.24 -16.69 -11.88
C VAL A 1005 -34.32 -17.46 -12.79
N THR A 1006 -33.76 -16.76 -13.77
CA THR A 1006 -32.80 -17.38 -14.66
C THR A 1006 -31.68 -17.99 -13.85
N GLU A 1007 -31.24 -17.26 -12.84
CA GLU A 1007 -30.08 -17.65 -12.04
C GLU A 1007 -30.30 -19.02 -11.43
N ILE A 1008 -31.38 -19.16 -10.68
CA ILE A 1008 -31.69 -20.42 -10.05
C ILE A 1008 -31.92 -21.45 -11.13
N VAL A 1009 -32.54 -21.02 -12.22
CA VAL A 1009 -32.91 -21.90 -13.30
C VAL A 1009 -31.68 -22.63 -13.80
N ASP A 1010 -30.56 -21.94 -13.79
CA ASP A 1010 -29.31 -22.52 -14.21
C ASP A 1010 -28.98 -23.74 -13.37
N VAL A 1011 -28.90 -23.54 -12.06
CA VAL A 1011 -28.51 -24.63 -11.19
C VAL A 1011 -29.71 -25.14 -10.42
N ILE A 1012 -30.13 -26.35 -10.74
CA ILE A 1012 -29.52 -27.11 -11.82
C ILE A 1012 -30.50 -27.26 -12.97
N SER A 1013 -30.00 -27.35 -14.18
CA SER A 1013 -30.86 -27.60 -15.33
C SER A 1013 -31.06 -29.09 -15.53
N LEU A 1023 -37.66 -33.34 -15.31
CA LEU A 1023 -37.77 -33.01 -13.90
C LEU A 1023 -38.28 -31.59 -13.74
N THR A 1024 -37.38 -30.68 -13.34
CA THR A 1024 -37.72 -29.27 -13.22
C THR A 1024 -38.01 -28.69 -14.59
N ILE A 1025 -37.77 -29.50 -15.61
CA ILE A 1025 -38.03 -29.14 -16.99
C ILE A 1025 -39.42 -28.55 -17.12
N ILE A 1026 -40.40 -29.25 -16.56
CA ILE A 1026 -41.77 -28.76 -16.61
C ILE A 1026 -41.86 -27.43 -15.88
N SER A 1027 -41.11 -27.31 -14.79
CA SER A 1027 -41.18 -26.09 -13.98
C SER A 1027 -40.76 -24.89 -14.79
N VAL A 1028 -39.58 -24.98 -15.40
CA VAL A 1028 -39.08 -23.89 -16.19
C VAL A 1028 -39.96 -23.68 -17.40
N ILE A 1029 -40.55 -24.77 -17.87
CA ILE A 1029 -41.46 -24.70 -19.00
C ILE A 1029 -42.56 -23.75 -18.60
N GLU A 1030 -43.01 -23.90 -17.37
CA GLU A 1030 -44.05 -23.06 -16.84
C GLU A 1030 -43.53 -21.66 -16.62
N SER A 1031 -42.23 -21.54 -16.39
CA SER A 1031 -41.65 -20.23 -16.18
C SER A 1031 -41.80 -19.43 -17.47
N LEU A 1032 -41.41 -20.05 -18.56
CA LEU A 1032 -41.53 -19.45 -19.88
C LEU A 1032 -43.00 -19.23 -20.20
N SER A 1033 -43.84 -20.12 -19.68
CA SER A 1033 -45.26 -19.99 -19.89
C SER A 1033 -45.73 -18.71 -19.24
N ARG A 1034 -45.15 -18.43 -18.09
CA ARG A 1034 -45.51 -17.27 -17.30
C ARG A 1034 -44.75 -16.07 -17.82
N ALA A 1035 -43.89 -16.32 -18.79
CA ALA A 1035 -43.08 -15.27 -19.35
C ALA A 1035 -43.99 -14.44 -20.23
N LEU A 1036 -44.54 -15.08 -21.24
CA LEU A 1036 -44.94 -14.40 -22.46
C LEU A 1036 -43.63 -13.87 -22.97
N GLU A 1037 -43.52 -12.61 -23.36
CA GLU A 1037 -42.19 -12.20 -23.78
C GLU A 1037 -41.51 -11.34 -22.76
N GLY A 1038 -40.51 -11.94 -22.10
CA GLY A 1038 -39.38 -11.20 -21.60
C GLY A 1038 -38.31 -12.14 -21.08
N GLU A 1039 -37.07 -11.68 -21.11
CA GLU A 1039 -36.78 -10.68 -22.12
C GLU A 1039 -36.70 -11.52 -23.38
N PHE A 1040 -36.49 -10.88 -24.52
CA PHE A 1040 -36.26 -11.67 -25.70
C PHE A 1040 -34.96 -12.38 -25.44
N ASN A 1041 -33.98 -11.58 -25.01
CA ASN A 1041 -32.66 -12.07 -24.69
C ASN A 1041 -32.65 -13.01 -23.49
N PRO A 1042 -33.20 -12.54 -22.35
CA PRO A 1042 -33.14 -13.34 -21.13
C PRO A 1042 -33.64 -14.72 -21.41
N HIS A 1043 -34.66 -14.77 -22.25
CA HIS A 1043 -35.12 -16.02 -22.80
C HIS A 1043 -34.02 -16.67 -23.63
N LEU A 1044 -33.55 -15.93 -24.62
CA LEU A 1044 -32.72 -16.47 -25.68
C LEU A 1044 -31.51 -17.21 -25.16
N PRO A 1045 -30.75 -16.58 -24.27
CA PRO A 1045 -29.64 -17.30 -23.66
C PRO A 1045 -30.11 -18.45 -22.79
N THR A 1046 -31.16 -18.20 -22.04
CA THR A 1046 -31.72 -19.24 -21.22
C THR A 1046 -32.22 -20.30 -22.15
N ILE A 1047 -32.77 -19.86 -23.27
CA ILE A 1047 -33.24 -20.76 -24.30
C ILE A 1047 -32.07 -21.60 -24.76
N LEU A 1048 -30.88 -21.00 -24.72
CA LEU A 1048 -29.69 -21.69 -25.16
C LEU A 1048 -29.40 -22.80 -24.17
N SER A 1049 -29.51 -22.48 -22.88
CA SER A 1049 -29.34 -23.49 -21.87
C SER A 1049 -30.33 -24.61 -22.11
N LEU A 1050 -31.53 -24.23 -22.52
CA LEU A 1050 -32.61 -25.18 -22.73
C LEU A 1050 -32.30 -26.14 -23.85
N PHE A 1051 -31.98 -25.61 -25.02
CA PHE A 1051 -31.69 -26.43 -26.18
C PHE A 1051 -30.47 -27.26 -25.90
N LEU A 1052 -29.58 -26.71 -25.09
CA LEU A 1052 -28.39 -27.41 -24.66
C LEU A 1052 -28.83 -28.68 -23.97
N ASP A 1053 -29.76 -28.53 -23.04
CA ASP A 1053 -30.31 -29.68 -22.36
C ASP A 1053 -30.95 -30.61 -23.39
N VAL A 1054 -31.59 -30.01 -24.39
CA VAL A 1054 -32.38 -30.76 -25.35
C VAL A 1054 -31.51 -31.74 -26.12
N LEU A 1055 -30.35 -31.27 -26.55
CA LEU A 1055 -29.42 -32.11 -27.28
C LEU A 1055 -29.01 -33.28 -26.42
N GLU A 1056 -28.79 -33.01 -25.14
CA GLU A 1056 -28.36 -34.03 -24.20
C GLU A 1056 -29.40 -35.13 -24.07
N ASN A 1061 -32.92 -42.08 -24.49
CA ASN A 1061 -34.10 -41.47 -25.07
C ASN A 1061 -35.17 -41.27 -24.01
N LYS A 1062 -35.05 -40.19 -23.25
CA LYS A 1062 -36.08 -39.90 -22.28
C LYS A 1062 -37.16 -39.14 -23.02
N LYS A 1063 -38.35 -39.71 -23.04
CA LYS A 1063 -39.45 -39.13 -23.79
C LYS A 1063 -39.75 -37.74 -23.26
N VAL A 1064 -39.54 -37.57 -21.96
CA VAL A 1064 -39.78 -36.30 -21.28
C VAL A 1064 -39.02 -35.21 -21.97
N VAL A 1065 -37.79 -35.53 -22.37
CA VAL A 1065 -36.97 -34.61 -23.13
C VAL A 1065 -37.78 -34.12 -24.30
N SER A 1066 -38.13 -35.01 -25.23
CA SER A 1066 -38.84 -34.64 -26.45
C SER A 1066 -40.11 -33.87 -26.18
N VAL A 1067 -40.87 -34.38 -25.21
CA VAL A 1067 -42.14 -33.80 -24.84
C VAL A 1067 -41.96 -32.34 -24.48
N ARG A 1068 -41.27 -32.11 -23.36
CA ARG A 1068 -41.03 -30.78 -22.87
C ARG A 1068 -40.37 -29.92 -23.93
N ILE A 1069 -39.57 -30.56 -24.77
CA ILE A 1069 -38.91 -29.90 -25.87
C ILE A 1069 -39.93 -29.23 -26.77
N LEU A 1070 -40.73 -30.04 -27.46
CA LEU A 1070 -41.70 -29.52 -28.42
C LEU A 1070 -42.66 -28.59 -27.73
N LYS A 1071 -42.98 -28.93 -26.49
CA LYS A 1071 -43.85 -28.13 -25.67
C LYS A 1071 -43.32 -26.72 -25.57
N SER A 1072 -42.19 -26.58 -24.89
CA SER A 1072 -41.56 -25.28 -24.64
C SER A 1072 -41.27 -24.57 -25.94
N LEU A 1073 -41.05 -25.36 -26.98
CA LEU A 1073 -40.91 -24.84 -28.32
C LEU A 1073 -42.13 -24.00 -28.63
N VAL A 1074 -43.29 -24.66 -28.68
CA VAL A 1074 -44.53 -23.98 -28.94
C VAL A 1074 -44.72 -22.81 -27.99
N VAL A 1075 -44.26 -22.99 -26.75
CA VAL A 1075 -44.40 -21.98 -25.72
C VAL A 1075 -43.73 -20.70 -26.15
N PHE A 1076 -42.50 -20.82 -26.62
CA PHE A 1076 -41.75 -19.70 -27.16
C PHE A 1076 -42.61 -19.00 -28.21
N GLY A 1077 -42.90 -19.73 -29.28
CA GLY A 1077 -43.62 -19.14 -30.39
C GLY A 1077 -42.74 -18.08 -31.00
N PRO A 1078 -43.27 -16.86 -31.12
CA PRO A 1078 -42.34 -15.84 -31.63
C PRO A 1078 -41.24 -15.53 -30.63
N HIS A 1079 -40.13 -14.94 -31.09
CA HIS A 1079 -39.81 -14.85 -32.50
C HIS A 1079 -38.38 -15.26 -32.86
N LEU A 1080 -37.44 -14.44 -32.39
CA LEU A 1080 -36.13 -14.29 -33.01
C LEU A 1080 -35.15 -15.43 -32.83
N GLU A 1081 -35.50 -16.41 -32.01
CA GLU A 1081 -34.59 -17.53 -31.79
C GLU A 1081 -34.30 -18.15 -33.15
N GLU A 1082 -33.02 -18.29 -33.47
CA GLU A 1082 -32.62 -18.62 -34.82
C GLU A 1082 -31.69 -19.81 -34.83
N TYR A 1083 -30.51 -19.62 -34.25
CA TYR A 1083 -29.58 -20.72 -34.04
C TYR A 1083 -30.33 -21.80 -33.29
N VAL A 1084 -31.13 -21.34 -32.33
CA VAL A 1084 -32.03 -22.21 -31.62
C VAL A 1084 -32.87 -22.96 -32.63
N HIS A 1085 -33.44 -22.23 -33.58
CA HIS A 1085 -34.33 -22.82 -34.57
C HIS A 1085 -33.61 -23.82 -35.46
N LEU A 1086 -32.32 -23.57 -35.68
CA LEU A 1086 -31.55 -24.49 -36.50
C LEU A 1086 -31.34 -25.79 -35.75
N VAL A 1087 -30.92 -25.67 -34.50
CA VAL A 1087 -30.71 -26.81 -33.63
C VAL A 1087 -31.99 -27.61 -33.60
N LEU A 1088 -33.08 -26.87 -33.55
CA LEU A 1088 -34.41 -27.44 -33.62
C LEU A 1088 -34.51 -28.26 -34.89
N PRO A 1089 -34.30 -27.61 -36.04
CA PRO A 1089 -34.29 -28.38 -37.28
C PRO A 1089 -33.27 -29.49 -37.21
N THR A 1090 -32.14 -29.18 -36.58
CA THR A 1090 -31.06 -30.14 -36.46
C THR A 1090 -31.49 -31.32 -35.61
N ILE A 1091 -31.95 -31.04 -34.40
CA ILE A 1091 -32.35 -32.09 -33.47
C ILE A 1091 -33.44 -32.91 -34.14
N ILE A 1092 -34.22 -32.24 -34.97
CA ILE A 1092 -35.32 -32.85 -35.67
C ILE A 1092 -34.81 -33.82 -36.70
N LYS A 1093 -33.66 -33.48 -37.29
CA LYS A 1093 -33.13 -34.28 -38.38
C LYS A 1093 -32.62 -35.62 -37.88
N LEU A 1094 -32.58 -35.77 -36.56
CA LEU A 1094 -32.17 -37.02 -35.94
C LEU A 1094 -32.99 -38.19 -36.45
N SER A 1095 -34.23 -37.93 -36.83
CA SER A 1095 -35.08 -38.95 -37.41
C SER A 1095 -35.21 -38.72 -38.91
N SER A 1099 -40.04 -39.05 -27.90
CA SER A 1099 -38.62 -39.35 -28.07
C SER A 1099 -38.37 -40.07 -29.38
N GLY A 1100 -39.43 -40.58 -29.99
CA GLY A 1100 -39.27 -41.37 -31.19
C GLY A 1100 -39.51 -40.62 -32.48
N ASN A 1101 -40.01 -41.37 -33.47
CA ASN A 1101 -40.50 -40.80 -34.70
C ASN A 1101 -41.45 -39.67 -34.38
N LEU A 1102 -42.54 -40.01 -33.70
CA LEU A 1102 -43.58 -39.07 -33.33
C LEU A 1102 -43.01 -37.81 -32.70
N LYS A 1103 -41.97 -37.97 -31.89
CA LYS A 1103 -41.23 -36.82 -31.40
C LYS A 1103 -40.91 -35.92 -32.59
N LYS A 1104 -40.12 -36.43 -33.53
CA LYS A 1104 -39.74 -35.69 -34.73
C LYS A 1104 -40.94 -35.11 -35.47
N ALA A 1105 -42.02 -35.87 -35.57
CA ALA A 1105 -43.25 -35.39 -36.17
C ALA A 1105 -43.64 -34.08 -35.51
N ALA A 1106 -43.93 -34.19 -34.21
CA ALA A 1106 -44.33 -33.07 -33.38
C ALA A 1106 -43.38 -31.90 -33.54
N ILE A 1107 -42.10 -32.21 -33.66
CA ILE A 1107 -41.10 -31.22 -34.00
C ILE A 1107 -41.59 -30.49 -35.23
N ILE A 1108 -41.72 -31.21 -36.34
CA ILE A 1108 -42.11 -30.61 -37.61
C ILE A 1108 -43.33 -29.73 -37.44
N THR A 1109 -44.30 -30.24 -36.70
CA THR A 1109 -45.49 -29.48 -36.39
C THR A 1109 -45.15 -28.16 -35.73
N ILE A 1110 -44.64 -28.23 -34.51
CA ILE A 1110 -44.36 -27.06 -33.68
C ILE A 1110 -43.55 -26.04 -34.46
N GLY A 1111 -42.58 -26.54 -35.21
CA GLY A 1111 -41.77 -25.71 -36.05
C GLY A 1111 -42.66 -24.95 -37.01
N ARG A 1112 -43.49 -25.69 -37.73
CA ARG A 1112 -44.40 -25.08 -38.69
C ARG A 1112 -45.19 -23.98 -38.03
N LEU A 1113 -45.73 -24.29 -36.86
CA LEU A 1113 -46.54 -23.35 -36.11
C LEU A 1113 -45.80 -22.05 -35.83
N SER A 1114 -44.77 -22.16 -35.00
CA SER A 1114 -44.00 -20.99 -34.56
C SER A 1114 -43.50 -20.20 -35.74
N LYS A 1115 -43.23 -20.91 -36.83
CA LYS A 1115 -42.84 -20.27 -38.07
C LYS A 1115 -44.07 -19.75 -38.81
N ASN A 1116 -44.90 -20.69 -39.24
CA ASN A 1116 -46.10 -20.39 -40.02
C ASN A 1116 -45.74 -19.67 -41.32
N ASN A 1118 -36.70 -15.31 -42.95
CA ASN A 1118 -36.75 -16.75 -42.78
C ASN A 1118 -36.59 -17.46 -44.12
N ALA A 1119 -37.08 -20.16 -41.16
CA ALA A 1119 -35.95 -20.14 -42.08
C ALA A 1119 -36.20 -21.04 -43.28
N LEU A 1120 -36.30 -20.41 -44.44
CA LEU A 1120 -36.44 -21.14 -45.70
C LEU A 1120 -35.28 -22.11 -45.84
N GLU A 1121 -34.17 -21.73 -45.23
CA GLU A 1121 -33.00 -22.59 -45.16
C GLU A 1121 -33.35 -23.94 -44.55
N MET A 1122 -33.62 -23.92 -43.26
CA MET A 1122 -33.90 -25.13 -42.51
C MET A 1122 -35.14 -25.78 -43.09
N SER A 1123 -35.98 -24.94 -43.68
CA SER A 1123 -37.15 -25.40 -44.38
C SER A 1123 -36.73 -26.41 -45.41
N SER A 1124 -36.02 -25.95 -46.43
CA SER A 1124 -35.58 -26.82 -47.50
C SER A 1124 -34.76 -27.98 -46.95
N ARG A 1125 -34.00 -27.70 -45.89
CA ARG A 1125 -33.17 -28.72 -45.26
C ARG A 1125 -33.99 -29.92 -44.83
N ILE A 1126 -34.84 -29.70 -43.83
CA ILE A 1126 -35.64 -30.76 -43.25
C ILE A 1126 -36.61 -31.27 -44.31
N VAL A 1127 -36.91 -30.42 -45.28
CA VAL A 1127 -37.71 -30.82 -46.41
C VAL A 1127 -37.04 -32.02 -47.02
N GLN A 1128 -35.83 -31.80 -47.50
CA GLN A 1128 -35.02 -32.87 -48.05
C GLN A 1128 -34.96 -34.05 -47.09
N ALA A 1129 -34.74 -33.77 -45.81
CA ALA A 1129 -34.63 -34.81 -44.80
C ALA A 1129 -35.81 -35.78 -44.86
N LEU A 1130 -36.99 -35.27 -44.56
CA LEU A 1130 -38.19 -36.09 -44.48
C LEU A 1130 -38.62 -36.63 -45.84
N VAL A 1131 -38.59 -35.77 -46.86
CA VAL A 1131 -39.04 -36.15 -48.18
C VAL A 1131 -38.19 -37.30 -48.69
N ARG A 1132 -36.95 -37.34 -48.21
CA ARG A 1132 -36.08 -38.48 -48.49
C ARG A 1132 -36.50 -39.65 -47.64
N VAL A 1133 -36.73 -39.38 -46.36
CA VAL A 1133 -37.24 -40.39 -45.45
C VAL A 1133 -38.54 -40.90 -46.05
N LEU A 1134 -39.23 -39.99 -46.74
CA LEU A 1134 -40.40 -40.37 -47.53
C LEU A 1134 -39.92 -41.16 -48.73
N ASN A 1135 -40.48 -42.34 -48.91
CA ASN A 1135 -40.14 -43.17 -50.05
C ASN A 1135 -40.89 -42.73 -51.30
N GLU A 1138 -42.71 -46.36 -40.64
CA GLU A 1138 -43.22 -46.15 -39.29
C GLU A 1138 -43.98 -44.83 -39.22
N THR A 1139 -43.25 -43.75 -39.03
CA THR A 1139 -43.85 -42.43 -38.97
C THR A 1139 -44.45 -42.06 -40.32
N GLU A 1140 -44.17 -42.88 -41.33
CA GLU A 1140 -44.37 -42.51 -42.73
C GLU A 1140 -45.74 -41.94 -43.01
N TYR A 1141 -46.75 -42.43 -42.29
CA TYR A 1141 -48.06 -41.83 -42.37
C TYR A 1141 -48.03 -40.53 -41.57
N VAL A 1142 -47.80 -40.68 -40.27
CA VAL A 1142 -47.67 -39.56 -39.36
C VAL A 1142 -46.69 -38.53 -39.91
N LYS A 1143 -45.61 -39.02 -40.51
CA LYS A 1143 -44.64 -38.13 -41.13
C LYS A 1143 -45.27 -37.45 -42.33
N ALA A 1144 -46.00 -38.21 -43.16
CA ALA A 1144 -46.61 -37.64 -44.35
C ALA A 1144 -47.48 -36.45 -43.97
N THR A 1145 -48.33 -36.66 -42.97
CA THR A 1145 -49.18 -35.60 -42.47
C THR A 1145 -48.35 -34.46 -41.91
N MET A 1146 -47.51 -34.76 -40.92
CA MET A 1146 -46.78 -33.73 -40.17
C MET A 1146 -46.01 -32.83 -41.09
N ASN A 1147 -45.42 -33.44 -42.10
CA ASN A 1147 -44.60 -32.72 -43.06
C ASN A 1147 -45.45 -31.96 -44.05
N THR A 1148 -46.51 -32.60 -44.52
CA THR A 1148 -47.41 -31.96 -45.46
C THR A 1148 -47.88 -30.66 -44.85
N LEU A 1149 -48.41 -30.80 -43.65
CA LEU A 1149 -48.95 -29.71 -42.87
C LEU A 1149 -47.89 -28.67 -42.61
N SER A 1150 -46.73 -29.12 -42.19
CA SER A 1150 -45.64 -28.22 -41.89
C SER A 1150 -45.40 -27.35 -43.10
N LEU A 1151 -45.33 -27.99 -44.25
CA LEU A 1151 -45.05 -27.30 -45.49
C LEU A 1151 -46.11 -26.26 -45.75
N LEU A 1152 -47.35 -26.71 -45.83
CA LEU A 1152 -48.45 -25.82 -46.17
C LEU A 1152 -48.44 -24.62 -45.26
N LEU A 1153 -48.20 -24.89 -43.98
CA LEU A 1153 -48.12 -23.87 -42.96
C LEU A 1153 -47.08 -22.84 -43.34
N LEU A 1154 -45.82 -23.27 -43.31
CA LEU A 1154 -44.74 -22.35 -43.53
C LEU A 1154 -44.69 -21.83 -44.95
N GLN A 1155 -45.33 -22.55 -45.86
CA GLN A 1155 -45.05 -22.29 -47.25
C GLN A 1155 -46.30 -21.70 -47.93
N LEU A 1156 -46.22 -21.33 -49.20
CA LEU A 1156 -44.94 -21.23 -49.91
C LEU A 1156 -44.67 -19.85 -50.46
N ASN A 1157 -45.41 -19.51 -51.51
CA ASN A 1157 -45.07 -18.43 -52.45
C ASN A 1157 -43.82 -18.83 -53.25
N ILE A 1158 -43.21 -19.94 -52.86
CA ILE A 1158 -42.07 -20.48 -53.59
C ILE A 1158 -42.46 -21.81 -54.22
N ASP A 1159 -42.55 -21.80 -55.54
CA ASP A 1159 -42.98 -22.98 -56.28
C ASP A 1159 -41.88 -24.00 -56.29
N PHE A 1160 -40.66 -23.52 -56.14
CA PHE A 1160 -39.45 -24.34 -56.17
C PHE A 1160 -39.58 -25.56 -55.29
N THR A 1161 -39.72 -25.31 -53.99
CA THR A 1161 -39.74 -26.34 -52.97
C THR A 1161 -40.68 -27.45 -53.40
N VAL A 1162 -41.95 -27.11 -53.51
CA VAL A 1162 -42.98 -28.05 -53.92
C VAL A 1162 -42.60 -28.80 -55.20
N PHE A 1163 -42.17 -28.06 -56.21
CA PHE A 1163 -41.84 -28.65 -57.50
C PHE A 1163 -40.85 -29.78 -57.31
N ILE A 1164 -39.80 -29.49 -56.54
CA ILE A 1164 -38.85 -30.52 -56.17
C ILE A 1164 -39.59 -31.62 -55.44
N PRO A 1165 -40.24 -31.25 -54.32
CA PRO A 1165 -40.98 -32.17 -53.47
C PRO A 1165 -42.04 -32.93 -54.25
N VAL A 1166 -42.49 -32.37 -55.37
CA VAL A 1166 -43.44 -33.08 -56.22
C VAL A 1166 -42.78 -34.37 -56.67
N ILE A 1167 -41.63 -34.21 -57.28
CA ILE A 1167 -40.79 -35.33 -57.67
C ILE A 1167 -40.53 -36.20 -56.45
N ASN A 1168 -39.84 -35.60 -55.48
CA ASN A 1168 -39.30 -36.30 -54.32
C ASN A 1168 -40.35 -37.17 -53.65
N LYS A 1169 -41.58 -36.71 -53.69
CA LYS A 1169 -42.70 -37.46 -53.16
C LYS A 1169 -42.74 -38.85 -53.77
N THR A 1170 -43.08 -38.91 -55.05
CA THR A 1170 -43.25 -40.19 -55.74
C THR A 1170 -44.15 -41.06 -54.88
N LEU A 1171 -43.63 -42.22 -54.50
CA LEU A 1171 -44.28 -43.09 -53.52
C LEU A 1171 -45.72 -43.41 -53.90
N THR A 1179 -50.76 -36.37 -47.94
CA THR A 1179 -50.43 -36.77 -49.30
C THR A 1179 -51.48 -36.30 -50.28
N ILE A 1180 -52.52 -35.66 -49.74
CA ILE A 1180 -53.62 -35.18 -50.55
C ILE A 1180 -53.86 -33.72 -50.25
N TYR A 1181 -54.25 -33.46 -49.01
CA TYR A 1181 -54.49 -32.11 -48.55
C TYR A 1181 -53.31 -31.22 -48.91
N ASP A 1182 -52.12 -31.76 -48.71
CA ASP A 1182 -50.91 -31.08 -49.14
C ASP A 1182 -50.99 -30.80 -50.62
N ARG A 1183 -51.17 -31.86 -51.39
CA ARG A 1183 -51.24 -31.76 -52.84
C ARG A 1183 -52.35 -30.81 -53.23
N LEU A 1184 -53.49 -30.95 -52.58
CA LEU A 1184 -54.65 -30.16 -52.91
C LEU A 1184 -54.35 -28.68 -52.79
N VAL A 1185 -53.90 -28.28 -51.61
CA VAL A 1185 -53.60 -26.89 -51.34
C VAL A 1185 -52.49 -26.44 -52.25
N ALA A 1186 -51.62 -27.36 -52.61
CA ALA A 1186 -50.46 -27.04 -53.42
C ALA A 1186 -50.90 -26.59 -54.80
N LYS A 1187 -51.68 -27.43 -55.46
CA LYS A 1187 -52.13 -27.13 -56.81
C LYS A 1187 -53.03 -25.91 -56.76
N LEU A 1188 -53.87 -25.87 -55.73
CA LEU A 1188 -54.78 -24.77 -55.53
C LEU A 1188 -53.99 -23.49 -55.59
N LEU A 1189 -52.96 -23.44 -54.76
CA LEU A 1189 -52.05 -22.33 -54.70
C LEU A 1189 -51.46 -22.04 -56.07
N ASN A 1190 -51.01 -23.09 -56.74
CA ASN A 1190 -50.36 -22.97 -58.05
C ASN A 1190 -51.24 -22.16 -58.96
N ASN A 1191 -52.53 -22.44 -58.92
CA ASN A 1191 -53.48 -21.60 -59.63
C ASN A 1191 -53.51 -20.22 -58.98
N GLU A 1192 -53.73 -20.19 -57.68
CA GLU A 1192 -53.98 -18.95 -56.95
C GLU A 1192 -54.17 -19.23 -55.47
N PRO A 1193 -54.05 -18.18 -54.65
CA PRO A 1193 -53.92 -18.32 -53.19
C PRO A 1193 -55.11 -18.94 -52.48
N LEU A 1194 -54.96 -19.07 -51.15
CA LEU A 1194 -56.00 -19.57 -50.26
C LEU A 1194 -55.45 -19.56 -48.84
N PRO A 1195 -56.27 -19.13 -47.87
CA PRO A 1195 -55.80 -19.09 -46.48
C PRO A 1195 -56.10 -20.35 -45.69
N THR A 1196 -55.69 -20.34 -44.43
CA THR A 1196 -56.07 -21.34 -43.43
C THR A 1196 -55.93 -22.78 -43.89
N LYS A 1197 -56.97 -23.57 -43.63
CA LYS A 1197 -57.05 -24.99 -43.99
C LYS A 1197 -56.10 -25.85 -43.15
N ILE A 1198 -55.21 -25.19 -42.42
CA ILE A 1198 -54.21 -25.88 -41.63
C ILE A 1198 -54.83 -26.40 -40.34
N ILE A 1199 -55.89 -25.72 -39.91
CA ILE A 1199 -56.60 -26.07 -38.70
C ILE A 1199 -56.98 -27.54 -38.75
N ILE A 1200 -57.26 -28.01 -39.97
CA ILE A 1200 -57.53 -29.41 -40.22
C ILE A 1200 -56.43 -30.28 -39.62
N ASP A 1201 -55.18 -29.92 -39.90
CA ASP A 1201 -54.06 -30.75 -39.50
C ASP A 1201 -53.87 -30.80 -37.99
N LYS A 1202 -53.75 -29.64 -37.37
CA LYS A 1202 -53.42 -29.56 -35.96
C LYS A 1202 -54.26 -28.51 -35.27
N ASP A 1203 -54.26 -28.54 -33.94
CA ASP A 1203 -55.11 -27.64 -33.17
C ASP A 1203 -54.35 -26.73 -32.20
N PHE A 1204 -53.84 -27.31 -31.12
CA PHE A 1204 -53.34 -26.52 -29.99
C PHE A 1204 -51.81 -26.51 -29.91
N ASP A 1205 -51.18 -25.38 -29.55
CA ASP A 1205 -51.75 -24.04 -29.31
C ASP A 1205 -52.83 -23.91 -28.21
N LEU A 1206 -52.43 -24.11 -26.96
CA LEU A 1206 -53.35 -23.92 -25.82
C LEU A 1206 -52.93 -22.76 -24.91
N PRO A 1207 -53.72 -21.66 -24.92
CA PRO A 1207 -53.55 -20.43 -24.13
C PRO A 1207 -54.27 -20.43 -22.78
N ASN A 1208 -54.18 -19.31 -22.05
CA ASN A 1208 -54.92 -19.14 -20.79
C ASN A 1208 -55.52 -17.75 -20.68
N LYS A 1209 -56.24 -17.48 -19.59
CA LYS A 1209 -56.95 -16.20 -19.44
C LYS A 1209 -57.50 -15.91 -18.03
N GLU A 1210 -58.20 -14.78 -17.93
CA GLU A 1210 -58.97 -14.33 -16.77
C GLU A 1210 -58.22 -14.19 -15.44
N MET A 1211 -58.86 -14.63 -14.34
CA MET A 1211 -58.40 -14.28 -13.00
C MET A 1211 -58.83 -15.20 -11.85
N ASP A 1212 -58.53 -14.76 -10.63
CA ASP A 1212 -58.87 -15.46 -9.38
C ASP A 1212 -59.04 -14.42 -8.27
N ASP A 1213 -59.15 -14.85 -7.01
CA ASP A 1213 -59.22 -13.91 -5.88
C ASP A 1213 -60.41 -12.95 -6.02
N VAL A 1214 -61.67 -13.39 -5.82
CA VAL A 1214 -62.11 -14.37 -4.80
C VAL A 1214 -61.55 -13.91 -3.46
N LYS A 1215 -61.00 -14.82 -2.67
CA LYS A 1215 -60.18 -14.47 -1.51
C LYS A 1215 -60.77 -13.43 -0.53
N VAL A 1216 -61.79 -13.81 0.24
CA VAL A 1216 -62.49 -12.88 1.13
C VAL A 1216 -61.51 -12.04 1.98
N ALA A 1217 -60.68 -12.60 2.88
CA ALA A 1217 -60.80 -13.87 3.59
C ALA A 1217 -60.41 -13.60 5.05
N SER A 1218 -61.32 -13.83 6.00
CA SER A 1218 -61.03 -13.51 7.40
C SER A 1218 -62.02 -14.09 8.40
N LYS A 1219 -61.83 -13.72 9.65
CA LYS A 1219 -62.87 -13.80 10.68
C LYS A 1219 -63.49 -15.16 11.00
N LYS A 1220 -64.80 -15.23 10.76
CA LYS A 1220 -65.76 -16.04 11.52
C LYS A 1220 -65.67 -15.64 13.00
N LEU A 1221 -65.73 -16.60 13.91
CA LEU A 1221 -65.40 -16.28 15.29
C LEU A 1221 -64.71 -17.42 16.03
N PRO A 1222 -63.77 -17.08 16.92
CA PRO A 1222 -63.25 -17.91 18.00
C PRO A 1222 -63.96 -17.68 19.33
N VAL A 1223 -65.28 -17.86 19.40
CA VAL A 1223 -65.99 -17.50 20.62
C VAL A 1223 -65.63 -18.50 21.70
N ASN A 1224 -65.77 -19.77 21.37
CA ASN A 1224 -65.41 -20.83 22.29
C ASN A 1224 -63.92 -20.97 22.33
N GLN A 1225 -63.26 -20.45 21.30
CA GLN A 1225 -61.81 -20.41 21.31
C GLN A 1225 -61.37 -19.24 22.17
N MET A 1226 -62.23 -18.24 22.32
CA MET A 1226 -61.98 -17.18 23.27
C MET A 1226 -62.09 -17.80 24.63
N VAL A 1227 -63.11 -18.64 24.76
CA VAL A 1227 -63.29 -19.41 25.97
C VAL A 1227 -62.04 -20.24 26.21
N LEU A 1228 -61.42 -20.68 25.13
CA LEU A 1228 -60.22 -21.49 25.21
C LEU A 1228 -59.04 -20.64 25.64
N LYS A 1229 -59.08 -19.37 25.28
CA LYS A 1229 -58.04 -18.43 25.67
C LYS A 1229 -58.08 -18.23 27.16
N ASN A 1230 -59.26 -17.87 27.66
CA ASN A 1230 -59.44 -17.67 29.09
C ASN A 1230 -59.14 -18.96 29.83
N ALA A 1231 -59.44 -20.07 29.17
CA ALA A 1231 -59.17 -21.40 29.69
C ALA A 1231 -57.67 -21.57 29.90
N TRP A 1232 -56.92 -21.23 28.86
CA TRP A 1232 -55.47 -21.22 28.92
C TRP A 1232 -55.04 -20.39 30.12
N ASP A 1233 -55.68 -19.24 30.28
CA ASP A 1233 -55.37 -18.34 31.37
C ASP A 1233 -55.57 -18.96 32.76
N CYS A 1234 -56.62 -19.76 32.92
CA CYS A 1234 -56.98 -20.31 34.24
C CYS A 1234 -55.85 -21.09 34.90
N SER A 1235 -55.49 -22.24 34.32
CA SER A 1235 -54.36 -23.03 34.77
C SER A 1235 -53.09 -22.46 34.16
N GLN A 1236 -51.98 -23.18 34.27
CA GLN A 1236 -50.73 -22.71 33.66
C GLN A 1236 -50.33 -21.35 34.24
N GLN A 1237 -49.85 -21.27 35.49
CA GLN A 1237 -49.13 -22.35 36.20
C GLN A 1237 -48.10 -22.99 35.27
N ARG A 1238 -47.02 -22.25 34.97
CA ARG A 1238 -46.24 -22.42 33.74
C ARG A 1238 -47.15 -22.15 32.54
N THR A 1239 -47.51 -20.88 32.41
CA THR A 1239 -48.47 -20.41 31.42
C THR A 1239 -48.09 -20.62 29.97
N LYS A 1240 -46.82 -20.92 29.72
CA LYS A 1240 -46.30 -20.96 28.35
C LYS A 1240 -47.14 -21.80 27.41
N GLU A 1241 -47.46 -23.02 27.84
CA GLU A 1241 -48.25 -23.93 27.02
C GLU A 1241 -49.63 -23.35 26.77
N ASP A 1242 -50.22 -22.82 27.85
CA ASP A 1242 -51.56 -22.26 27.77
C ASP A 1242 -51.63 -21.16 26.74
N TRP A 1243 -50.78 -20.17 26.92
CA TRP A 1243 -50.74 -19.02 26.04
C TRP A 1243 -50.44 -19.44 24.62
N GLN A 1244 -49.53 -20.41 24.48
CA GLN A 1244 -49.13 -20.88 23.17
C GLN A 1244 -50.31 -21.44 22.43
N GLU A 1245 -50.95 -22.41 23.07
CA GLU A 1245 -52.11 -23.07 22.49
C GLU A 1245 -53.16 -22.04 22.15
N TRP A 1246 -53.48 -21.21 23.13
CA TRP A 1246 -54.51 -20.19 22.98
C TRP A 1246 -54.21 -19.29 21.80
N ILE A 1247 -52.93 -19.05 21.57
CA ILE A 1247 -52.51 -18.21 20.47
C ILE A 1247 -52.78 -18.93 19.17
N ARG A 1248 -52.29 -20.16 19.09
CA ARG A 1248 -52.45 -20.98 17.90
C ARG A 1248 -53.91 -21.04 17.51
N ARG A 1249 -54.76 -21.09 18.53
CA ARG A 1249 -56.19 -21.06 18.34
C ARG A 1249 -56.59 -19.72 17.76
N LEU A 1250 -56.12 -18.65 18.41
CA LEU A 1250 -56.48 -17.29 18.06
C LEU A 1250 -56.24 -17.06 16.59
N SER A 1251 -55.21 -17.71 16.07
CA SER A 1251 -54.89 -17.69 14.66
C SER A 1251 -56.14 -17.97 13.85
N ILE A 1252 -56.92 -18.95 14.29
CA ILE A 1252 -58.18 -19.25 13.63
C ILE A 1252 -59.23 -18.22 14.05
N GLU A 1257 -56.91 -15.08 8.50
CA GLU A 1257 -56.83 -15.81 7.25
C GLU A 1257 -55.53 -16.58 7.14
N SER A 1258 -54.53 -15.89 6.62
CA SER A 1258 -53.19 -16.43 6.48
C SER A 1258 -52.68 -16.94 7.82
N SER A 1259 -52.56 -16.01 8.76
CA SER A 1259 -51.94 -16.25 10.05
C SER A 1259 -52.51 -17.50 10.74
N SER A 1260 -53.78 -17.77 10.51
CA SER A 1260 -54.39 -19.01 10.94
C SER A 1260 -53.50 -20.17 10.53
N HIS A 1261 -53.34 -20.35 9.22
CA HIS A 1261 -52.45 -21.36 8.68
C HIS A 1261 -51.04 -21.21 9.21
N ALA A 1262 -50.63 -19.96 9.46
CA ALA A 1262 -49.26 -19.71 9.91
C ALA A 1262 -48.96 -20.39 11.24
N LEU A 1263 -49.87 -20.26 12.19
CA LEU A 1263 -49.63 -20.75 13.54
C LEU A 1263 -49.66 -22.27 13.56
N ARG A 1264 -50.02 -22.86 12.44
CA ARG A 1264 -50.19 -24.30 12.37
C ARG A 1264 -48.83 -24.94 12.19
N ALA A 1265 -47.81 -24.09 12.11
CA ALA A 1265 -46.42 -24.53 12.15
C ALA A 1265 -46.25 -25.48 13.32
N CYS A 1266 -46.36 -24.94 14.52
CA CYS A 1266 -46.39 -25.72 15.74
C CYS A 1266 -46.73 -24.81 16.92
N SER A 1267 -43.13 -25.02 13.76
CA SER A 1267 -42.31 -24.64 14.89
C SER A 1267 -43.00 -23.55 15.71
N GLY A 1268 -43.10 -23.79 17.02
CA GLY A 1268 -43.62 -22.77 17.90
C GLY A 1268 -42.68 -21.59 17.94
N LEU A 1269 -43.21 -20.41 17.65
CA LEU A 1269 -42.42 -19.19 17.76
C LEU A 1269 -43.22 -18.16 18.55
N ALA A 1270 -42.68 -17.79 19.71
CA ALA A 1270 -43.41 -16.96 20.65
C ALA A 1270 -43.74 -15.59 20.07
N GLY A 1271 -42.71 -14.89 19.61
CA GLY A 1271 -42.89 -13.55 19.08
C GLY A 1271 -43.86 -13.59 17.92
N ILE A 1272 -43.74 -14.65 17.13
CA ILE A 1272 -44.63 -14.87 16.01
C ILE A 1272 -46.05 -14.79 16.53
N TYR A 1273 -46.29 -15.53 17.60
CA TYR A 1273 -47.61 -15.59 18.18
C TYR A 1273 -48.06 -14.23 18.67
N TYR A 1274 -47.25 -13.63 19.55
CA TYR A 1274 -47.64 -12.44 20.28
C TYR A 1274 -48.18 -11.35 19.38
N PRO A 1275 -47.41 -10.98 18.36
CA PRO A 1275 -47.98 -10.03 17.39
C PRO A 1275 -49.21 -10.57 16.70
N LEU A 1276 -49.15 -11.83 16.27
CA LEU A 1276 -50.29 -12.43 15.61
C LEU A 1276 -51.42 -12.48 16.59
N ALA A 1277 -51.08 -12.77 17.84
CA ALA A 1277 -52.06 -12.79 18.91
C ALA A 1277 -52.68 -11.42 19.05
N ARG A 1278 -51.92 -10.41 18.67
CA ARG A 1278 -52.40 -9.05 18.77
C ARG A 1278 -53.35 -8.81 17.61
N GLU A 1279 -53.04 -9.38 16.46
CA GLU A 1279 -53.89 -9.23 15.29
C GLU A 1279 -55.23 -9.86 15.60
N LEU A 1280 -55.18 -11.03 16.22
CA LEU A 1280 -56.37 -11.71 16.66
C LEU A 1280 -57.07 -10.83 17.66
N PHE A 1281 -56.30 -10.23 18.56
CA PHE A 1281 -56.86 -9.37 19.60
C PHE A 1281 -57.59 -8.20 18.99
N ASN A 1282 -57.17 -7.85 17.78
CA ASN A 1282 -57.78 -6.78 17.04
C ASN A 1282 -59.07 -7.28 16.44
N ALA A 1283 -59.02 -8.51 15.94
CA ALA A 1283 -60.22 -9.12 15.39
C ALA A 1283 -61.29 -9.20 16.45
N SER A 1284 -60.88 -9.50 17.67
CA SER A 1284 -61.77 -9.52 18.82
C SER A 1284 -62.23 -8.11 19.06
N PHE A 1285 -61.28 -7.19 18.98
CA PHE A 1285 -61.59 -5.78 19.09
C PHE A 1285 -62.36 -5.35 17.85
N ALA A 1286 -62.33 -6.17 16.81
CA ALA A 1286 -63.14 -5.95 15.63
C ALA A 1286 -64.46 -6.70 15.77
N GLN A 1295 -69.20 -8.44 21.27
CA GLN A 1295 -69.12 -7.68 22.52
C GLN A 1295 -67.71 -7.70 23.07
N TYR A 1296 -67.09 -8.87 22.98
CA TYR A 1296 -65.74 -9.10 23.48
C TYR A 1296 -65.72 -8.77 24.96
N GLN A 1297 -66.89 -8.87 25.57
CA GLN A 1297 -67.00 -8.75 27.00
C GLN A 1297 -66.36 -10.02 27.50
N GLU A 1298 -66.59 -11.08 26.73
CA GLU A 1298 -65.86 -12.32 26.86
C GLU A 1298 -64.39 -11.97 26.89
N ASP A 1299 -63.90 -11.43 25.78
CA ASP A 1299 -62.51 -10.99 25.68
C ASP A 1299 -62.14 -10.09 26.83
N LEU A 1300 -63.04 -9.16 27.16
CA LEU A 1300 -62.78 -8.18 28.20
C LEU A 1300 -62.34 -8.86 29.50
N ILE A 1301 -63.27 -9.59 30.09
CA ILE A 1301 -63.00 -10.25 31.36
C ILE A 1301 -61.87 -11.25 31.21
N GLN A 1302 -61.87 -11.98 30.09
CA GLN A 1302 -60.88 -13.01 29.84
C GLN A 1302 -59.49 -12.44 30.02
N SER A 1303 -59.16 -11.50 29.15
CA SER A 1303 -57.88 -10.82 29.21
C SER A 1303 -57.65 -10.15 30.53
N LEU A 1304 -58.73 -9.68 31.16
CA LEU A 1304 -58.59 -9.01 32.45
C LEU A 1304 -57.96 -9.96 33.45
N CYS A 1305 -58.61 -11.09 33.63
CA CYS A 1305 -58.14 -12.11 34.55
C CYS A 1305 -56.80 -12.64 34.10
N ALA A 1306 -56.59 -12.61 32.78
CA ALA A 1306 -55.35 -13.07 32.22
C ALA A 1306 -54.23 -12.22 32.76
N ALA A 1307 -54.49 -10.91 32.79
CA ALA A 1307 -53.56 -9.98 33.37
C ALA A 1307 -53.42 -10.30 34.84
N LEU A 1308 -54.54 -10.65 35.45
CA LEU A 1308 -54.56 -10.94 36.87
C LEU A 1308 -53.78 -12.21 37.20
N SER A 1309 -53.41 -12.98 36.18
CA SER A 1309 -52.82 -14.30 36.40
C SER A 1309 -51.51 -14.22 37.17
N SER A 1310 -50.56 -13.44 36.65
CA SER A 1310 -49.25 -13.29 37.26
C SER A 1310 -48.57 -14.63 37.50
N THR A 1320 -42.66 -14.72 30.49
CA THR A 1320 -43.99 -15.19 30.85
C THR A 1320 -44.90 -14.02 31.17
N LEU A 1321 -44.81 -13.55 32.40
CA LEU A 1321 -45.57 -12.38 32.83
C LEU A 1321 -45.30 -11.21 31.90
N LEU A 1322 -44.06 -10.75 31.93
CA LEU A 1322 -43.64 -9.62 31.12
C LEU A 1322 -43.83 -9.87 29.63
N ASN A 1323 -43.83 -11.14 29.23
CA ASN A 1323 -44.08 -11.49 27.84
C ASN A 1323 -45.42 -10.93 27.37
N LEU A 1324 -46.48 -11.50 27.91
CA LEU A 1324 -47.83 -11.10 27.55
C LEU A 1324 -48.07 -9.66 27.96
N VAL A 1325 -47.39 -9.23 29.02
CA VAL A 1325 -47.50 -7.86 29.48
C VAL A 1325 -47.11 -6.95 28.34
N GLU A 1326 -45.93 -7.20 27.80
CA GLU A 1326 -45.41 -6.43 26.70
C GLU A 1326 -46.32 -6.56 25.50
N PHE A 1327 -46.89 -7.74 25.32
CA PHE A 1327 -47.82 -7.94 24.22
C PHE A 1327 -48.94 -6.94 24.34
N MET A 1328 -49.46 -6.81 25.55
CA MET A 1328 -50.52 -5.87 25.84
C MET A 1328 -50.05 -4.47 25.57
N GLU A 1329 -48.81 -4.19 25.94
CA GLU A 1329 -48.24 -2.88 25.72
C GLU A 1329 -48.32 -2.56 24.25
N HIS A 1330 -47.96 -3.55 23.43
CA HIS A 1330 -48.01 -3.41 21.99
C HIS A 1330 -49.43 -3.09 21.56
N ASP A 1331 -50.36 -3.84 22.14
CA ASP A 1331 -51.76 -3.66 21.81
C ASP A 1331 -52.15 -2.21 22.02
N ASP A 1332 -51.86 -1.72 23.22
CA ASP A 1332 -52.16 -0.35 23.59
C ASP A 1332 -51.55 0.60 22.59
N LYS A 1333 -50.29 0.36 22.28
CA LYS A 1333 -49.55 1.18 21.34
C LYS A 1333 -50.33 1.28 20.04
N PRO A 1334 -50.86 0.15 19.57
CA PRO A 1334 -51.69 0.31 18.38
C PRO A 1334 -52.94 1.12 18.67
N LEU A 1335 -53.54 0.87 19.83
CA LEU A 1335 -54.80 1.49 20.23
C LEU A 1335 -55.15 0.96 21.59
N PRO A 1336 -55.87 1.76 22.40
CA PRO A 1336 -56.05 1.42 23.81
C PRO A 1336 -56.86 0.15 24.07
N ILE A 1337 -56.33 -0.70 24.95
CA ILE A 1337 -57.04 -1.87 25.46
C ILE A 1337 -57.72 -1.56 26.80
N SER A 1338 -57.59 -0.31 27.21
CA SER A 1338 -58.00 0.17 28.54
C SER A 1338 -57.35 -0.56 29.71
N ILE A 1339 -58.16 -0.84 30.74
CA ILE A 1339 -57.66 -1.18 32.07
C ILE A 1339 -56.51 -0.24 32.46
N SER A 1340 -56.84 1.03 32.58
CA SER A 1340 -55.84 2.10 32.75
C SER A 1340 -54.93 1.97 33.95
N THR A 1341 -55.50 2.17 35.14
CA THR A 1341 -54.72 2.17 36.35
C THR A 1341 -54.50 0.73 36.73
N LEU A 1342 -55.22 -0.14 36.05
CA LEU A 1342 -54.96 -1.56 36.14
C LEU A 1342 -53.66 -1.79 35.44
N GLY A 1343 -53.53 -1.18 34.28
CA GLY A 1343 -52.28 -1.21 33.54
C GLY A 1343 -51.19 -0.67 34.43
N GLU A 1344 -51.50 0.42 35.14
CA GLU A 1344 -50.54 1.04 36.03
C GLU A 1344 -50.10 0.05 37.10
N TYR A 1345 -51.09 -0.60 37.69
CA TYR A 1345 -50.84 -1.52 38.79
C TYR A 1345 -49.95 -2.66 38.34
N ALA A 1346 -50.40 -3.37 37.32
CA ALA A 1346 -49.67 -4.52 36.82
C ALA A 1346 -48.30 -4.08 36.37
N GLN A 1347 -48.21 -2.83 35.94
CA GLN A 1347 -46.95 -2.26 35.53
C GLN A 1347 -46.03 -2.24 36.72
N ARG A 1348 -46.53 -1.68 37.82
CA ARG A 1348 -45.76 -1.65 39.05
C ARG A 1348 -45.34 -3.05 39.40
N CYS A 1349 -46.25 -3.99 39.18
CA CYS A 1349 -46.01 -5.40 39.46
C CYS A 1349 -44.84 -5.90 38.65
N HIS A 1350 -44.70 -5.39 37.44
CA HIS A 1350 -43.59 -5.80 36.59
C HIS A 1350 -42.29 -5.37 37.25
N ALA A 1351 -42.31 -4.20 37.88
CA ALA A 1351 -41.18 -3.70 38.66
C ALA A 1351 -40.00 -3.37 37.76
N TYR A 1352 -40.15 -3.69 36.48
CA TYR A 1352 -39.07 -3.58 35.50
C TYR A 1352 -38.66 -2.13 35.22
N ALA A 1353 -39.45 -1.18 35.74
CA ALA A 1353 -39.14 0.24 35.67
C ALA A 1353 -39.29 0.83 34.27
N LYS A 1354 -39.48 -0.02 33.25
CA LYS A 1354 -39.88 0.49 31.95
C LYS A 1354 -41.31 0.92 32.10
N ALA A 1355 -41.97 0.27 33.05
CA ALA A 1355 -43.32 0.61 33.46
C ALA A 1355 -43.40 2.08 33.83
N LEU A 1356 -42.28 2.63 34.30
CA LEU A 1356 -42.24 4.01 34.77
C LEU A 1356 -42.78 4.92 33.70
N HIS A 1357 -42.68 4.48 32.45
CA HIS A 1357 -43.29 5.19 31.34
C HIS A 1357 -44.81 5.11 31.40
N TYR A 1358 -45.33 3.91 31.62
CA TYR A 1358 -46.76 3.72 31.67
C TYR A 1358 -47.29 4.58 32.79
N LYS A 1359 -46.69 4.42 33.95
CA LYS A 1359 -47.04 5.17 35.13
C LYS A 1359 -46.85 6.64 34.88
N GLU A 1360 -45.94 6.97 33.99
CA GLU A 1360 -45.72 8.35 33.65
C GLU A 1360 -47.00 8.84 33.02
N LEU A 1361 -47.44 8.10 32.01
CA LEU A 1361 -48.68 8.37 31.33
C LEU A 1361 -49.80 8.51 32.34
N GLU A 1362 -49.72 7.72 33.40
CA GLU A 1362 -50.73 7.78 34.45
C GLU A 1362 -50.69 9.13 35.12
N PHE A 1363 -49.52 9.50 35.62
CA PHE A 1363 -49.36 10.78 36.29
C PHE A 1363 -49.53 11.86 35.26
N ILE A 1364 -49.30 11.50 34.01
CA ILE A 1364 -49.52 12.44 32.93
C ILE A 1364 -51.00 12.76 32.86
N GLU A 1365 -51.82 11.88 33.42
CA GLU A 1365 -53.24 12.11 33.28
C GLU A 1365 -53.65 13.14 34.31
N GLU A 1366 -53.65 12.76 35.58
CA GLU A 1366 -54.05 13.72 36.60
C GLU A 1366 -52.87 14.31 37.34
N PRO A 1367 -53.15 15.23 38.27
CA PRO A 1367 -52.27 15.84 39.26
C PRO A 1367 -52.33 15.15 40.62
N SER A 1368 -51.96 13.88 40.71
CA SER A 1368 -52.02 13.22 42.01
C SER A 1368 -50.68 13.33 42.69
N THR A 1369 -50.64 14.10 43.77
CA THR A 1369 -49.40 14.39 44.48
C THR A 1369 -48.82 13.10 45.02
N SER A 1370 -49.71 12.14 45.23
CA SER A 1370 -49.30 10.85 45.72
C SER A 1370 -48.64 10.17 44.56
N THR A 1371 -49.43 9.91 43.53
CA THR A 1371 -48.92 9.32 42.30
C THR A 1371 -47.72 10.10 41.79
N ILE A 1372 -47.74 11.40 42.01
CA ILE A 1372 -46.60 12.23 41.67
C ILE A 1372 -45.39 11.72 42.40
N GLU A 1373 -45.51 11.59 43.72
CA GLU A 1373 -44.39 11.15 44.55
C GLU A 1373 -43.92 9.79 44.09
N SER A 1374 -44.90 8.93 43.79
CA SER A 1374 -44.63 7.60 43.30
C SER A 1374 -43.75 7.69 42.08
N LEU A 1375 -44.08 8.63 41.22
CA LEU A 1375 -43.34 8.83 40.00
C LEU A 1375 -41.95 9.33 40.30
N ILE A 1376 -41.84 10.15 41.34
CA ILE A 1376 -40.56 10.72 41.71
C ILE A 1376 -39.63 9.59 42.07
N THR A 1377 -40.07 8.77 43.01
CA THR A 1377 -39.28 7.64 43.45
C THR A 1377 -39.08 6.67 42.30
N ILE A 1378 -40.00 6.72 41.34
CA ILE A 1378 -39.94 5.82 40.21
C ILE A 1378 -38.75 6.20 39.35
N ASN A 1379 -38.59 7.49 39.13
CA ASN A 1379 -37.49 7.98 38.32
C ASN A 1379 -36.21 7.84 39.10
N ASN A 1380 -36.35 7.90 40.42
CA ASN A 1380 -35.24 7.64 41.30
C ASN A 1380 -34.74 6.26 40.98
N GLN A 1381 -35.66 5.32 40.92
CA GLN A 1381 -35.33 3.95 40.53
C GLN A 1381 -34.73 3.98 39.14
N LEU A 1382 -35.26 4.85 38.30
CA LEU A 1382 -34.79 4.95 36.94
C LEU A 1382 -33.45 5.65 36.91
N HIS A 1383 -33.19 6.43 37.95
CA HIS A 1383 -31.97 7.22 38.04
C HIS A 1383 -31.90 8.17 36.86
N GLN A 1384 -33.07 8.48 36.31
CA GLN A 1384 -33.25 9.52 35.33
C GLN A 1384 -33.64 10.74 36.12
N THR A 1385 -33.62 10.52 37.43
CA THR A 1385 -34.34 11.31 38.39
C THR A 1385 -33.92 12.76 38.49
N ASP A 1386 -32.83 13.15 37.84
CA ASP A 1386 -32.41 14.54 37.90
C ASP A 1386 -33.53 15.47 37.41
N ALA A 1387 -33.96 15.23 36.18
CA ALA A 1387 -35.00 16.04 35.58
C ALA A 1387 -36.27 15.89 36.37
N ALA A 1388 -36.48 14.69 36.90
CA ALA A 1388 -37.67 14.39 37.68
C ALA A 1388 -37.69 15.23 38.95
N ILE A 1389 -36.51 15.54 39.44
CA ILE A 1389 -36.36 16.33 40.63
C ILE A 1389 -36.68 17.74 40.23
N GLY A 1390 -36.33 18.05 38.99
CA GLY A 1390 -36.79 19.29 38.41
C GLY A 1390 -38.29 19.37 38.55
N ILE A 1391 -38.95 18.29 38.12
CA ILE A 1391 -40.41 18.26 38.15
C ILE A 1391 -40.88 18.23 39.59
N LEU A 1392 -40.01 17.86 40.50
CA LEU A 1392 -40.40 17.80 41.90
C LEU A 1392 -40.46 19.19 42.47
N LYS A 1393 -39.40 19.95 42.21
CA LYS A 1393 -39.33 21.32 42.65
C LYS A 1393 -40.45 22.06 41.97
N HIS A 1394 -40.77 21.60 40.77
CA HIS A 1394 -41.87 22.14 40.00
C HIS A 1394 -43.17 21.86 40.72
N ALA A 1395 -43.30 20.65 41.24
CA ALA A 1395 -44.52 20.25 41.90
C ALA A 1395 -44.76 21.10 43.12
N GLN A 1396 -43.73 21.26 43.93
CA GLN A 1396 -43.80 22.14 45.09
C GLN A 1396 -44.12 23.54 44.61
N GLN A 1397 -43.61 23.86 43.43
CA GLN A 1397 -43.89 25.13 42.79
C GLN A 1397 -45.28 25.14 42.17
N HIS A 1398 -45.63 24.07 41.47
CA HIS A 1398 -46.85 24.08 40.68
C HIS A 1398 -48.05 23.80 41.57
N HIS A 1399 -48.18 22.56 42.02
CA HIS A 1399 -49.37 22.20 42.78
C HIS A 1399 -49.02 21.96 44.23
N ASP A 1400 -49.48 22.89 45.08
CA ASP A 1400 -49.27 22.79 46.51
C ASP A 1400 -47.83 22.43 46.81
N LEU A 1401 -47.65 21.38 47.58
CA LEU A 1401 -46.36 20.77 47.82
C LEU A 1401 -46.53 19.56 48.73
N GLN A 1402 -45.51 18.72 48.75
CA GLN A 1402 -45.48 17.57 49.63
C GLN A 1402 -44.67 17.93 50.84
N LEU A 1403 -44.43 16.94 51.71
CA LEU A 1403 -43.62 17.15 52.89
C LEU A 1403 -42.44 16.19 52.95
N LYS A 1404 -42.76 14.90 53.08
CA LYS A 1404 -41.75 13.91 53.44
C LYS A 1404 -40.83 13.59 52.27
N GLU A 1405 -41.40 12.99 51.23
CA GLU A 1405 -40.66 12.75 50.00
C GLU A 1405 -40.16 14.07 49.45
N THR A 1406 -40.88 15.15 49.77
CA THR A 1406 -40.49 16.48 49.35
C THR A 1406 -39.14 16.85 49.93
N TRP A 1407 -39.04 16.78 51.25
CA TRP A 1407 -37.79 17.11 51.92
C TRP A 1407 -36.71 16.12 51.51
N TYR A 1408 -37.10 14.85 51.40
CA TYR A 1408 -36.16 13.78 51.08
C TYR A 1408 -35.49 14.02 49.74
N GLU A 1409 -36.29 14.34 48.74
CA GLU A 1409 -35.78 14.52 47.39
C GLU A 1409 -35.10 15.87 47.22
N LYS A 1410 -35.66 16.90 47.84
CA LYS A 1410 -35.05 18.23 47.79
C LYS A 1410 -33.67 18.15 48.41
N LEU A 1411 -33.53 17.25 49.37
CA LEU A 1411 -32.23 16.96 50.00
C LEU A 1411 -31.39 16.05 49.12
N GLN A 1412 -32.04 15.25 48.29
CA GLN A 1412 -31.31 14.51 47.26
C GLN A 1412 -30.79 15.55 46.29
N ARG A 1413 -31.62 16.55 46.04
CA ARG A 1413 -31.17 17.76 45.38
C ARG A 1413 -30.26 18.47 46.38
N TRP A 1414 -29.41 19.36 45.90
CA TRP A 1414 -28.51 20.08 46.78
C TRP A 1414 -29.29 20.92 47.79
N ASP A 1415 -30.60 21.04 47.56
CA ASP A 1415 -31.47 21.84 48.40
C ASP A 1415 -31.90 21.12 49.67
N ASP A 1416 -32.84 21.72 50.39
CA ASP A 1416 -33.49 21.15 51.58
C ASP A 1416 -32.63 21.14 52.83
N ALA A 1417 -31.38 21.57 52.73
CA ALA A 1417 -30.41 21.29 53.77
C ALA A 1417 -30.69 22.15 54.98
N LEU A 1418 -30.52 23.46 54.85
CA LEU A 1418 -30.94 24.37 55.90
C LEU A 1418 -32.42 24.21 56.14
N ASN A 1419 -33.14 23.84 55.08
CA ASN A 1419 -34.57 23.62 55.16
C ASN A 1419 -34.90 22.48 56.10
N ALA A 1420 -34.31 21.31 55.85
CA ALA A 1420 -34.53 20.17 56.72
C ALA A 1420 -34.02 20.50 58.12
N TYR A 1421 -33.01 21.36 58.18
CA TYR A 1421 -32.43 21.77 59.45
C TYR A 1421 -33.47 22.50 60.31
N ASN A 1422 -34.12 23.49 59.73
CA ASN A 1422 -35.12 24.26 60.45
C ASN A 1422 -36.37 23.44 60.71
N LYS A 1423 -36.84 22.75 59.67
CA LYS A 1423 -38.06 21.96 59.75
C LYS A 1423 -37.97 20.88 60.80
N ARG A 1424 -36.80 20.27 60.93
CA ARG A 1424 -36.56 19.28 61.97
C ARG A 1424 -36.39 19.99 63.29
N GLU A 1425 -35.73 21.15 63.26
CA GLU A 1425 -35.68 22.02 64.42
C GLU A 1425 -37.11 22.43 64.75
N ALA A 1426 -37.91 22.56 63.69
CA ALA A 1426 -39.33 22.80 63.85
C ALA A 1426 -40.04 21.50 64.20
N GLU A 1433 -35.10 10.48 62.74
CA GLU A 1433 -36.16 10.47 61.75
C GLU A 1433 -35.78 11.36 60.57
N VAL A 1434 -36.59 12.38 60.33
CA VAL A 1434 -36.28 13.36 59.31
C VAL A 1434 -35.02 14.08 59.76
N THR A 1435 -34.86 14.15 61.08
CA THR A 1435 -33.65 14.71 61.67
C THR A 1435 -32.48 13.81 61.36
N ILE A 1436 -32.75 12.50 61.26
CA ILE A 1436 -31.70 11.57 60.91
C ILE A 1436 -31.31 11.81 59.47
N GLY A 1437 -32.28 12.23 58.67
CA GLY A 1437 -32.02 12.54 57.28
C GLY A 1437 -31.19 13.79 57.17
N LYS A 1438 -31.56 14.81 57.93
CA LYS A 1438 -30.81 16.06 57.95
C LYS A 1438 -29.40 15.76 58.42
N MET A 1439 -29.29 14.78 59.30
CA MET A 1439 -28.01 14.33 59.80
C MET A 1439 -27.24 13.71 58.65
N ARG A 1440 -27.95 12.99 57.80
CA ARG A 1440 -27.33 12.39 56.64
C ARG A 1440 -26.82 13.48 55.73
N SER A 1441 -27.51 14.62 55.74
CA SER A 1441 -27.06 15.76 54.97
C SER A 1441 -25.82 16.34 55.61
N LEU A 1442 -25.76 16.29 56.94
CA LEU A 1442 -24.61 16.78 57.67
C LEU A 1442 -23.42 15.92 57.33
N HIS A 1443 -23.69 14.65 57.05
CA HIS A 1443 -22.66 13.73 56.61
C HIS A 1443 -22.26 14.15 55.22
N ALA A 1444 -23.26 14.45 54.40
CA ALA A 1444 -23.04 14.99 53.08
C ALA A 1444 -22.37 16.33 53.24
N LEU A 1445 -22.71 17.01 54.33
CA LEU A 1445 -22.05 18.23 54.67
C LEU A 1445 -20.75 17.92 55.39
N GLY A 1446 -20.14 18.97 55.91
CA GLY A 1446 -18.98 18.85 56.77
C GLY A 1446 -19.48 18.84 58.20
N GLU A 1447 -18.68 19.39 59.10
CA GLU A 1447 -19.05 19.51 60.51
C GLU A 1447 -19.30 18.15 61.13
N TRP A 1448 -18.22 17.38 61.25
CA TRP A 1448 -18.23 16.16 62.01
C TRP A 1448 -18.63 16.47 63.45
N ASP A 1449 -18.51 17.74 63.83
CA ASP A 1449 -19.02 18.20 65.11
C ASP A 1449 -20.53 18.13 65.11
N GLN A 1450 -21.15 18.60 64.03
CA GLN A 1450 -22.60 18.49 63.90
C GLN A 1450 -22.94 17.03 63.98
N LEU A 1451 -22.07 16.22 63.40
CA LEU A 1451 -22.21 14.78 63.46
C LEU A 1451 -22.04 14.29 64.89
N SER A 1452 -21.34 15.05 65.71
CA SER A 1452 -21.14 14.67 67.09
C SER A 1452 -22.40 14.98 67.86
N GLU A 1453 -23.12 15.99 67.39
CA GLU A 1453 -24.42 16.30 67.94
C GLU A 1453 -25.36 15.17 67.61
N LEU A 1454 -25.32 14.77 66.35
CA LEU A 1454 -26.10 13.63 65.91
C LEU A 1454 -25.69 12.41 66.71
N ALA A 1455 -24.45 12.39 67.16
CA ALA A 1455 -23.93 11.28 67.93
C ALA A 1455 -24.50 11.34 69.34
N ALA A 1456 -24.74 12.56 69.79
CA ALA A 1456 -25.39 12.74 71.08
C ALA A 1456 -26.79 12.17 70.96
N ASP A 1457 -27.40 12.37 69.80
CA ASP A 1457 -28.70 11.78 69.54
C ASP A 1457 -28.58 10.26 69.51
N LYS A 1458 -27.44 9.79 69.01
CA LYS A 1458 -27.21 8.35 68.88
C LYS A 1458 -27.17 7.69 70.23
N TRP A 1459 -26.40 8.29 71.13
CA TRP A 1459 -26.39 7.86 72.51
C TRP A 1459 -27.79 7.96 73.06
N ALA A 1460 -28.47 9.05 72.72
CA ALA A 1460 -29.81 9.31 73.21
C ALA A 1460 -30.76 8.22 72.77
N SER A 1461 -30.85 8.02 71.46
CA SER A 1461 -31.67 6.94 70.95
C SER A 1461 -30.79 5.90 70.28
N SER A 1462 -30.71 4.73 70.89
CA SER A 1462 -29.90 3.65 70.36
C SER A 1462 -30.55 2.30 70.59
N GLU A 1465 -33.59 1.38 61.99
CA GLU A 1465 -33.89 1.54 63.40
C GLU A 1465 -32.79 2.33 64.08
N VAL A 1466 -32.89 2.41 65.40
CA VAL A 1466 -31.88 3.06 66.21
C VAL A 1466 -30.52 2.52 65.84
N LYS A 1467 -30.48 1.20 65.65
CA LYS A 1467 -29.30 0.54 65.12
C LYS A 1467 -28.90 1.14 63.80
N ARG A 1468 -29.75 0.94 62.79
CA ARG A 1468 -29.48 1.42 61.44
C ARG A 1468 -29.13 2.89 61.43
N ALA A 1469 -29.91 3.66 62.18
CA ALA A 1469 -29.69 5.09 62.29
C ALA A 1469 -28.25 5.35 62.71
N ILE A 1470 -27.92 4.92 63.93
CA ILE A 1470 -26.61 5.18 64.50
C ILE A 1470 -25.51 4.73 63.55
N ALA A 1471 -25.71 3.57 62.93
CA ALA A 1471 -24.66 2.93 62.15
C ALA A 1471 -24.13 3.84 61.05
N PRO A 1472 -25.00 4.25 60.13
CA PRO A 1472 -24.56 5.12 59.04
C PRO A 1472 -24.02 6.43 59.58
N LEU A 1473 -24.76 6.95 60.55
CA LEU A 1473 -24.39 8.19 61.20
C LEU A 1473 -23.00 8.10 61.77
N ALA A 1474 -22.85 7.27 62.80
CA ALA A 1474 -21.61 7.18 63.54
C ALA A 1474 -20.48 6.79 62.61
N ALA A 1475 -20.83 6.12 61.52
CA ALA A 1475 -19.87 5.88 60.46
C ALA A 1475 -19.37 7.24 59.98
N GLY A 1476 -20.30 8.08 59.56
CA GLY A 1476 -19.94 9.41 59.11
C GLY A 1476 -19.10 10.14 60.15
N ALA A 1477 -19.43 9.93 61.41
CA ALA A 1477 -18.71 10.59 62.50
C ALA A 1477 -17.25 10.16 62.49
N ALA A 1478 -17.03 8.86 62.56
CA ALA A 1478 -15.68 8.31 62.61
C ALA A 1478 -14.90 8.73 61.39
N TRP A 1479 -15.60 8.92 60.29
CA TRP A 1479 -14.97 9.47 59.11
C TRP A 1479 -14.46 10.85 59.46
N GLY A 1480 -15.36 11.70 59.92
CA GLY A 1480 -14.99 13.04 60.30
C GLY A 1480 -14.09 13.02 61.52
N LEU A 1481 -14.55 12.34 62.56
CA LEU A 1481 -13.80 12.28 63.79
C LEU A 1481 -12.86 11.11 63.75
N ALA A 1482 -11.57 11.40 63.80
CA ALA A 1482 -10.56 10.37 63.72
C ALA A 1482 -10.61 9.48 64.96
N GLN A 1483 -11.40 9.89 65.94
CA GLN A 1483 -11.48 9.17 67.21
C GLN A 1483 -11.85 7.73 66.96
N TRP A 1484 -11.02 6.83 67.47
CA TRP A 1484 -11.20 5.41 67.27
C TRP A 1484 -12.25 4.87 68.22
N ASP A 1485 -12.42 5.52 69.35
CA ASP A 1485 -13.32 5.03 70.40
C ASP A 1485 -14.78 5.13 70.01
N ARG A 1486 -15.18 6.33 69.61
CA ARG A 1486 -16.55 6.55 69.18
C ARG A 1486 -16.83 5.64 68.00
N VAL A 1487 -15.79 5.41 67.22
CA VAL A 1487 -15.84 4.49 66.11
C VAL A 1487 -16.13 3.10 66.61
N GLU A 1488 -15.47 2.73 67.69
CA GLU A 1488 -15.62 1.40 68.25
C GLU A 1488 -17.08 1.22 68.64
N GLN A 1489 -17.60 2.22 69.35
CA GLN A 1489 -19.01 2.23 69.72
C GLN A 1489 -19.87 2.03 68.48
N TYR A 1490 -19.56 2.82 67.46
CA TYR A 1490 -20.26 2.80 66.20
C TYR A 1490 -20.38 1.40 65.63
N ILE A 1491 -19.24 0.86 65.23
CA ILE A 1491 -19.17 -0.45 64.58
C ILE A 1491 -19.81 -1.49 65.46
N GLU A 1492 -19.55 -1.39 66.76
CA GLU A 1492 -20.14 -2.29 67.73
C GLU A 1492 -21.65 -2.26 67.59
N VAL A 1493 -22.16 -1.08 67.28
CA VAL A 1493 -23.59 -0.88 67.23
C VAL A 1493 -24.15 -1.16 65.84
N MET A 1494 -23.31 -1.62 64.91
CA MET A 1494 -23.68 -1.45 63.51
C MET A 1494 -24.67 -2.48 62.95
N LYS A 1495 -24.21 -3.71 62.71
CA LYS A 1495 -25.05 -4.70 62.01
C LYS A 1495 -24.36 -6.03 61.73
N PRO A 1496 -25.14 -7.12 61.72
CA PRO A 1496 -24.69 -8.45 61.33
C PRO A 1496 -24.18 -8.52 59.90
N GLN A 1497 -24.92 -7.93 58.98
CA GLN A 1497 -24.40 -7.73 57.65
C GLN A 1497 -24.21 -6.24 57.53
N SER A 1498 -22.95 -5.83 57.52
CA SER A 1498 -22.63 -4.41 57.57
C SER A 1498 -21.46 -4.13 56.67
N PRO A 1499 -21.73 -4.03 55.36
CA PRO A 1499 -20.65 -3.80 54.40
C PRO A 1499 -19.80 -2.59 54.77
N ASP A 1500 -20.46 -1.51 55.12
CA ASP A 1500 -19.78 -0.28 55.47
C ASP A 1500 -19.02 -0.49 56.77
N LYS A 1501 -19.61 -1.27 57.67
CA LYS A 1501 -18.97 -1.51 58.96
C LYS A 1501 -18.12 -2.75 58.88
N ALA A 1502 -18.14 -3.41 57.73
CA ALA A 1502 -17.12 -4.38 57.44
C ALA A 1502 -15.89 -3.57 57.14
N PHE A 1503 -16.10 -2.56 56.31
CA PHE A 1503 -15.05 -1.61 55.97
C PHE A 1503 -14.53 -1.01 57.25
N PHE A 1504 -15.43 -0.74 58.16
CA PHE A 1504 -15.06 -0.18 59.44
C PHE A 1504 -14.32 -1.22 60.27
N ASP A 1505 -14.74 -2.47 60.14
CA ASP A 1505 -14.17 -3.54 60.94
C ASP A 1505 -12.70 -3.64 60.63
N ALA A 1506 -12.43 -3.82 59.35
CA ALA A 1506 -11.06 -3.87 58.88
C ALA A 1506 -10.37 -2.57 59.24
N ILE A 1507 -11.10 -1.46 59.15
CA ILE A 1507 -10.52 -0.16 59.40
C ILE A 1507 -10.00 -0.08 60.82
N LEU A 1508 -10.66 -0.79 61.71
CA LEU A 1508 -10.26 -0.83 63.11
C LEU A 1508 -9.10 -1.76 63.31
N CYS A 1509 -9.15 -2.90 62.64
CA CYS A 1509 -8.06 -3.87 62.72
C CYS A 1509 -6.78 -3.18 62.31
N LEU A 1510 -6.92 -2.32 61.31
CA LEU A 1510 -5.84 -1.52 60.80
C LEU A 1510 -5.56 -0.37 61.74
N HIS A 1511 -6.62 0.08 62.41
CA HIS A 1511 -6.51 1.24 63.29
C HIS A 1511 -5.45 0.95 64.33
N ARG A 1512 -5.23 -0.33 64.60
CA ARG A 1512 -4.04 -0.68 65.34
C ARG A 1512 -3.12 -1.65 64.61
N ASN A 1513 -3.51 -2.92 64.58
CA ASN A 1513 -2.59 -3.95 64.12
C ASN A 1513 -3.14 -4.91 63.10
N ASN A 1514 -4.09 -5.71 63.55
CA ASN A 1514 -4.41 -7.00 62.96
C ASN A 1514 -4.72 -6.92 61.49
N PHE A 1515 -4.02 -7.74 60.72
CA PHE A 1515 -4.36 -7.94 59.33
C PHE A 1515 -5.53 -8.91 59.24
N GLU A 1516 -5.57 -9.84 60.18
CA GLU A 1516 -6.40 -11.02 60.07
C GLU A 1516 -7.89 -10.73 59.97
N LYS A 1517 -8.42 -10.03 60.97
CA LYS A 1517 -9.85 -9.73 60.97
C LYS A 1517 -10.13 -8.81 59.81
N ALA A 1518 -9.15 -7.95 59.53
CA ALA A 1518 -9.25 -7.05 58.41
C ALA A 1518 -9.30 -7.84 57.13
N ALA A 1519 -8.56 -8.95 57.08
CA ALA A 1519 -8.56 -9.79 55.90
C ALA A 1519 -9.93 -10.42 55.75
N GLU A 1520 -10.49 -10.84 56.87
CA GLU A 1520 -11.79 -11.45 56.90
C GLU A 1520 -12.79 -10.49 56.29
N HIS A 1521 -12.83 -9.30 56.86
CA HIS A 1521 -13.72 -8.26 56.40
C HIS A 1521 -13.49 -8.00 54.92
N ILE A 1522 -12.22 -8.05 54.53
CA ILE A 1522 -11.83 -7.73 53.17
C ILE A 1522 -12.49 -8.70 52.23
N PHE A 1523 -12.23 -9.98 52.44
CA PHE A 1523 -12.72 -11.01 51.55
C PHE A 1523 -14.23 -11.01 51.57
N SER A 1524 -14.79 -10.93 52.76
CA SER A 1524 -16.23 -11.03 52.94
C SER A 1524 -16.97 -9.92 52.22
N ALA A 1525 -16.63 -8.69 52.56
CA ALA A 1525 -17.29 -7.55 51.99
C ALA A 1525 -17.05 -7.53 50.50
N ARG A 1526 -15.86 -7.97 50.14
CA ARG A 1526 -15.52 -8.09 48.73
C ARG A 1526 -16.55 -8.95 48.06
N ASP A 1527 -16.90 -10.06 48.70
CA ASP A 1527 -17.85 -11.01 48.15
C ASP A 1527 -19.22 -10.39 48.09
N LEU A 1528 -19.57 -9.62 49.11
CA LEU A 1528 -20.87 -8.98 49.18
C LEU A 1528 -21.04 -8.06 47.99
N LEU A 1529 -20.10 -7.13 47.87
CA LEU A 1529 -20.13 -6.16 46.79
C LEU A 1529 -20.04 -6.89 45.47
N VAL A 1530 -19.42 -8.06 45.50
CA VAL A 1530 -19.27 -8.86 44.32
C VAL A 1530 -20.65 -9.27 43.86
N THR A 1531 -21.46 -9.73 44.80
CA THR A 1531 -22.84 -10.09 44.49
C THR A 1531 -23.57 -8.87 43.99
N GLU A 1532 -23.29 -7.75 44.64
CA GLU A 1532 -23.95 -6.51 44.33
C GLU A 1532 -23.76 -6.15 42.87
N MET A 1533 -22.50 -6.08 42.45
CA MET A 1533 -22.18 -5.74 41.08
C MET A 1533 -22.69 -6.83 40.17
N SER A 1534 -22.68 -8.04 40.70
CA SER A 1534 -23.13 -9.21 39.94
C SER A 1534 -24.57 -8.99 39.51
N ALA A 1535 -25.32 -8.27 40.33
CA ALA A 1535 -26.68 -7.91 39.95
C ALA A 1535 -26.70 -7.00 38.73
N LEU A 1536 -25.72 -6.11 38.62
CA LEU A 1536 -25.69 -5.15 37.52
C LEU A 1536 -25.46 -5.82 36.18
N TYR A 1541 -20.74 2.50 33.02
CA TYR A 1541 -22.09 2.63 33.55
C TYR A 1541 -22.41 4.12 33.79
N ASN A 1542 -23.62 4.61 33.50
CA ASN A 1542 -24.88 3.87 33.36
C ASN A 1542 -25.19 3.13 34.66
N ARG A 1543 -25.54 3.92 35.68
CA ARG A 1543 -25.48 3.50 37.08
C ARG A 1543 -24.08 3.09 37.53
N ALA A 1544 -23.92 1.83 37.89
CA ALA A 1544 -23.04 1.40 38.99
C ALA A 1544 -21.58 1.79 38.85
N TYR A 1545 -21.18 2.30 37.68
CA TYR A 1545 -19.78 2.60 37.39
C TYR A 1545 -19.16 3.31 38.56
N GLY A 1546 -19.63 4.52 38.85
CA GLY A 1546 -19.20 5.19 40.05
C GLY A 1546 -19.30 4.33 41.30
N VAL A 1547 -20.42 3.64 41.46
CA VAL A 1547 -20.67 2.88 42.68
C VAL A 1547 -19.70 1.74 42.84
N VAL A 1548 -19.62 0.91 41.80
CA VAL A 1548 -18.74 -0.23 41.86
C VAL A 1548 -17.32 0.29 41.97
N VAL A 1549 -17.09 1.47 41.40
CA VAL A 1549 -15.80 2.10 41.46
C VAL A 1549 -15.50 2.38 42.90
N ARG A 1550 -16.54 2.70 43.65
CA ARG A 1550 -16.37 3.00 45.06
C ARG A 1550 -16.03 1.71 45.76
N THR A 1551 -16.65 0.64 45.32
CA THR A 1551 -16.34 -0.66 45.90
C THR A 1551 -14.86 -0.95 45.71
N GLN A 1552 -14.43 -0.90 44.45
CA GLN A 1552 -13.05 -1.22 44.10
C GLN A 1552 -12.12 -0.23 44.76
N MET A 1553 -12.66 0.93 45.05
CA MET A 1553 -11.90 1.95 45.72
C MET A 1553 -11.61 1.42 47.10
N VAL A 1554 -12.66 0.92 47.74
CA VAL A 1554 -12.53 0.39 49.07
C VAL A 1554 -11.54 -0.75 49.07
N ALA A 1555 -11.67 -1.63 48.08
CA ALA A 1555 -10.83 -2.81 48.01
C ALA A 1555 -9.37 -2.41 47.87
N GLU A 1556 -9.11 -1.61 46.84
CA GLU A 1556 -7.77 -1.13 46.54
C GLU A 1556 -7.19 -0.45 47.76
N LEU A 1557 -8.07 0.22 48.50
CA LEU A 1557 -7.67 0.88 49.71
C LEU A 1557 -7.19 -0.16 50.70
N GLU A 1558 -7.93 -1.26 50.79
CA GLU A 1558 -7.62 -2.29 51.75
C GLU A 1558 -6.27 -2.89 51.44
N GLU A 1559 -6.09 -3.27 50.19
CA GLU A 1559 -4.84 -3.85 49.75
C GLU A 1559 -3.72 -2.86 50.02
N ILE A 1560 -4.02 -1.59 49.78
CA ILE A 1560 -3.04 -0.54 49.97
C ILE A 1560 -2.65 -0.53 51.42
N ILE A 1561 -3.63 -0.76 52.29
CA ILE A 1561 -3.40 -0.73 53.70
C ILE A 1561 -2.44 -1.85 54.02
N GLN A 1562 -2.74 -3.02 53.48
CA GLN A 1562 -1.89 -4.17 53.66
C GLN A 1562 -0.47 -3.81 53.27
N TYR A 1563 -0.37 -3.09 52.17
CA TYR A 1563 0.91 -2.71 51.62
C TYR A 1563 1.69 -1.82 52.56
N LYS A 1564 1.10 -0.69 52.95
CA LYS A 1564 1.81 0.29 53.76
C LYS A 1564 2.16 -0.30 55.09
N LYS A 1565 1.23 -1.10 55.60
CA LYS A 1565 1.46 -1.84 56.83
C LYS A 1565 2.72 -2.66 56.68
N LEU A 1566 2.76 -3.43 55.60
CA LEU A 1566 3.92 -4.25 55.32
C LEU A 1566 5.14 -3.37 55.09
N PRO A 1567 4.93 -2.25 54.40
CA PRO A 1567 6.02 -1.38 53.96
C PRO A 1567 6.86 -0.88 55.11
N GLN A 1568 8.17 -1.00 54.94
CA GLN A 1568 9.10 -0.33 55.83
C GLN A 1568 9.12 1.12 55.43
N GLY A 1569 10.00 1.91 56.02
CA GLY A 1569 10.01 3.31 55.68
C GLY A 1569 10.39 3.53 54.24
N SER A 1570 9.51 4.22 53.53
CA SER A 1570 9.80 4.82 52.23
C SER A 1570 10.52 3.95 51.21
N GLU A 1571 10.06 2.72 50.99
CA GLU A 1571 10.62 1.99 49.87
C GLU A 1571 9.51 1.50 48.96
N ARG A 1572 9.46 2.07 47.76
CA ARG A 1572 8.56 1.65 46.69
C ARG A 1572 7.11 1.93 47.06
N ARG A 1573 6.89 2.25 48.33
CA ARG A 1573 5.57 2.39 48.88
C ARG A 1573 5.01 3.73 48.52
N ALA A 1574 5.87 4.73 48.62
CA ALA A 1574 5.46 6.09 48.31
C ALA A 1574 5.03 6.14 46.87
N MET A 1575 5.92 5.72 45.98
CA MET A 1575 5.64 5.74 44.55
C MET A 1575 4.36 4.99 44.27
N ILE A 1576 4.25 3.82 44.85
CA ILE A 1576 3.14 2.95 44.57
C ILE A 1576 1.84 3.60 44.96
N ARG A 1577 1.74 4.00 46.22
CA ARG A 1577 0.49 4.54 46.75
C ARG A 1577 0.16 5.84 46.08
N LYS A 1578 1.21 6.56 45.70
CA LYS A 1578 1.07 7.86 45.07
C LYS A 1578 0.40 7.67 43.74
N THR A 1579 1.00 6.81 42.93
CA THR A 1579 0.48 6.51 41.62
C THR A 1579 -0.92 5.97 41.78
N TRP A 1580 -1.10 5.19 42.84
CA TRP A 1580 -2.38 4.59 43.14
C TRP A 1580 -3.39 5.69 43.26
N ASN A 1581 -2.99 6.74 43.96
CA ASN A 1581 -3.86 7.87 44.17
C ASN A 1581 -4.09 8.59 42.85
N LYS A 1582 -3.06 8.65 42.02
CA LYS A 1582 -3.14 9.36 40.76
C LYS A 1582 -4.18 8.72 39.86
N ARG A 1583 -3.97 7.43 39.62
CA ARG A 1583 -4.86 6.63 38.81
C ARG A 1583 -6.24 6.70 39.42
N LEU A 1584 -6.28 6.71 40.75
CA LEU A 1584 -7.54 6.82 41.46
C LEU A 1584 -8.24 8.08 41.01
N LEU A 1585 -7.49 9.17 40.97
CA LEU A 1585 -8.02 10.45 40.54
C LEU A 1585 -8.46 10.34 39.10
N GLY A 1586 -7.89 9.36 38.40
CA GLY A 1586 -8.27 9.11 37.02
C GLY A 1586 -9.75 8.85 36.79
N CYS A 1587 -10.43 8.20 37.72
CA CYS A 1587 -11.82 7.84 37.51
C CYS A 1587 -12.76 9.00 37.82
N GLN A 1588 -12.18 10.08 38.33
CA GLN A 1588 -12.91 11.32 38.65
C GLN A 1588 -13.98 11.12 39.70
N ASN A 1590 -14.72 14.01 41.61
CA ASN A 1590 -16.08 14.16 42.13
C ASN A 1590 -16.09 14.31 43.64
N VAL A 1591 -17.29 14.34 44.20
CA VAL A 1591 -17.46 14.57 45.63
C VAL A 1591 -17.13 13.30 46.39
N ASP A 1592 -17.91 12.25 46.15
CA ASP A 1592 -17.62 10.97 46.75
C ASP A 1592 -16.24 10.51 46.34
N VAL A 1593 -15.76 11.05 45.22
CA VAL A 1593 -14.38 10.83 44.83
C VAL A 1593 -13.53 11.35 45.96
N TRP A 1594 -13.86 12.53 46.45
CA TRP A 1594 -13.15 13.09 47.57
C TRP A 1594 -13.43 12.29 48.83
N GLN A 1595 -14.53 11.56 48.84
CA GLN A 1595 -14.86 10.74 50.00
C GLN A 1595 -13.89 9.58 50.09
N ARG A 1596 -13.71 8.88 48.98
CA ARG A 1596 -12.78 7.77 48.95
C ARG A 1596 -11.37 8.31 49.05
N VAL A 1597 -11.21 9.56 48.64
CA VAL A 1597 -9.94 10.23 48.82
C VAL A 1597 -9.72 10.31 50.30
N LEU A 1598 -10.81 10.54 51.02
CA LEU A 1598 -10.75 10.62 52.46
C LEU A 1598 -10.61 9.23 53.05
N LYS A 1599 -10.83 8.23 52.21
CA LYS A 1599 -10.54 6.87 52.64
C LYS A 1599 -9.04 6.66 52.54
N VAL A 1600 -8.44 7.25 51.52
CA VAL A 1600 -6.99 7.24 51.43
C VAL A 1600 -6.50 7.96 52.65
N ARG A 1601 -7.26 8.97 53.07
CA ARG A 1601 -6.96 9.69 54.28
C ARG A 1601 -7.23 8.83 55.49
N SER A 1602 -8.04 7.78 55.31
CA SER A 1602 -8.22 6.85 56.41
C SER A 1602 -6.92 6.08 56.52
N LEU A 1603 -6.32 5.77 55.38
CA LEU A 1603 -4.97 5.21 55.38
C LEU A 1603 -4.00 6.31 55.75
N VAL A 1604 -4.48 7.53 55.53
CA VAL A 1604 -3.74 8.75 55.80
C VAL A 1604 -2.41 8.65 54.99
N ILE A 1605 -1.22 9.09 55.44
CA ILE A 1605 -0.98 10.08 56.48
C ILE A 1605 -1.39 11.44 55.93
N LYS A 1606 -1.23 12.47 56.75
CA LYS A 1606 -1.87 13.76 56.50
C LYS A 1606 -1.37 14.49 55.26
N PRO A 1607 -1.87 15.70 55.03
CA PRO A 1607 -1.36 16.58 53.97
C PRO A 1607 0.15 16.71 54.10
N LYS A 1608 0.62 16.47 55.31
CA LYS A 1608 2.01 16.16 55.56
C LYS A 1608 2.49 15.12 54.57
N GLN A 1609 1.90 13.92 54.63
CA GLN A 1609 2.31 12.81 53.78
C GLN A 1609 2.35 13.21 52.32
N ASP A 1610 1.48 14.14 51.94
CA ASP A 1610 1.52 14.77 50.63
C ASP A 1610 0.44 15.81 50.48
N MET A 1611 0.62 16.67 49.50
CA MET A 1611 -0.11 17.92 49.43
C MET A 1611 -0.75 18.07 48.08
N LYS A 1612 0.07 18.18 47.04
CA LYS A 1612 -0.40 18.44 45.69
C LYS A 1612 -1.49 17.45 45.33
N VAL A 1613 -1.42 16.28 45.94
CA VAL A 1613 -2.56 15.41 46.02
C VAL A 1613 -3.72 16.12 46.69
N TRP A 1614 -3.58 16.36 47.98
CA TRP A 1614 -4.65 16.94 48.77
C TRP A 1614 -4.93 18.34 48.27
N ILE A 1615 -3.93 18.93 47.62
CA ILE A 1615 -4.08 20.25 47.05
C ILE A 1615 -4.94 20.15 45.83
N LYS A 1616 -4.79 19.05 45.12
CA LYS A 1616 -5.63 18.83 43.96
C LYS A 1616 -7.03 18.65 44.48
N PHE A 1617 -7.13 18.00 45.63
CA PHE A 1617 -8.41 17.83 46.29
C PHE A 1617 -8.97 19.20 46.65
N ALA A 1618 -8.06 20.13 46.86
CA ALA A 1618 -8.47 21.46 47.24
C ALA A 1618 -9.00 22.23 46.04
N ASN A 1619 -8.28 22.17 44.93
CA ASN A 1619 -8.73 22.85 43.73
C ASN A 1619 -10.05 22.25 43.33
N LEU A 1620 -10.17 20.96 43.60
CA LEU A 1620 -11.42 20.25 43.42
C LEU A 1620 -12.48 20.94 44.23
N CYS A 1621 -12.18 21.12 45.51
CA CYS A 1621 -13.09 21.79 46.42
C CYS A 1621 -13.49 23.15 45.86
N ARG A 1622 -12.56 23.80 45.19
CA ARG A 1622 -12.83 25.11 44.58
C ARG A 1622 -13.89 24.95 43.51
N LYS A 1623 -13.65 24.04 42.59
CA LYS A 1623 -14.65 23.74 41.57
C LYS A 1623 -15.88 23.18 42.26
N SER A 1624 -15.64 22.44 43.33
CA SER A 1624 -16.71 21.89 44.13
C SER A 1624 -17.45 23.01 44.82
N GLY A 1625 -18.65 22.70 45.27
CA GLY A 1625 -19.48 23.68 45.93
C GLY A 1625 -18.86 24.25 47.19
N ARG A 1626 -19.47 25.33 47.66
CA ARG A 1626 -18.97 26.15 48.76
C ARG A 1626 -18.50 25.35 49.97
N LEU A 1627 -19.43 24.62 50.59
CA LEU A 1627 -19.15 23.94 51.85
C LEU A 1627 -17.82 23.20 51.80
N GLY A 1628 -17.73 22.19 50.95
CA GLY A 1628 -16.49 21.49 50.76
C GLY A 1628 -15.35 22.42 50.41
N LEU A 1629 -15.64 23.44 49.62
CA LEU A 1629 -14.61 24.39 49.20
C LEU A 1629 -13.92 24.99 50.42
N ALA A 1630 -14.65 25.78 51.18
CA ALA A 1630 -14.08 26.45 52.34
C ALA A 1630 -13.60 25.47 53.37
N GLN A 1631 -14.33 24.37 53.52
CA GLN A 1631 -13.96 23.34 54.49
C GLN A 1631 -12.57 22.83 54.24
N LYS A 1632 -12.39 22.17 53.10
CA LYS A 1632 -11.11 21.61 52.71
C LYS A 1632 -10.08 22.72 52.64
N THR A 1633 -10.52 23.90 52.26
CA THR A 1633 -9.65 25.05 52.18
C THR A 1633 -8.96 25.21 53.50
N LEU A 1634 -9.75 25.50 54.53
CA LEU A 1634 -9.23 25.67 55.87
C LEU A 1634 -8.42 24.47 56.30
N ASN A 1635 -8.95 23.28 56.01
CA ASN A 1635 -8.33 22.05 56.47
C ASN A 1635 -6.89 21.96 55.99
N THR A 1636 -6.73 22.07 54.68
CA THR A 1636 -5.43 21.88 54.05
C THR A 1636 -4.54 23.09 54.23
N LEU A 1637 -5.17 24.24 54.40
CA LEU A 1637 -4.42 25.46 54.67
C LEU A 1637 -3.71 25.25 55.98
N LEU A 1638 -4.48 24.79 56.96
CA LEU A 1638 -3.92 24.36 58.22
C LEU A 1638 -2.89 23.28 57.94
N GLU A 1639 -3.19 22.45 56.94
CA GLU A 1639 -2.35 21.33 56.58
C GLU A 1639 -2.13 20.41 57.77
N ALA A 1652 6.99 25.72 51.49
CA ALA A 1652 6.71 26.16 50.14
C ALA A 1652 5.28 25.83 49.76
N PRO A 1653 4.33 26.23 50.60
CA PRO A 1653 2.97 25.99 50.13
C PRO A 1653 2.55 27.10 49.20
N PRO A 1654 3.39 27.39 48.20
CA PRO A 1654 3.19 28.36 47.14
C PRO A 1654 1.95 27.99 46.38
N PRO A 1655 1.82 26.70 46.08
CA PRO A 1655 0.53 26.40 45.45
C PRO A 1655 -0.59 26.55 46.45
N VAL A 1656 -0.31 26.33 47.72
CA VAL A 1656 -1.34 26.44 48.74
C VAL A 1656 -1.56 27.92 48.97
N VAL A 1657 -0.54 28.69 48.65
CA VAL A 1657 -0.69 30.13 48.67
C VAL A 1657 -1.73 30.45 47.61
N TYR A 1658 -1.53 29.92 46.41
CA TYR A 1658 -2.45 30.13 45.31
C TYR A 1658 -3.82 29.60 45.67
N ALA A 1659 -3.83 28.67 46.60
CA ALA A 1659 -5.05 27.99 46.99
C ALA A 1659 -5.87 28.92 47.84
N GLN A 1660 -5.32 29.25 49.00
CA GLN A 1660 -5.96 30.19 49.90
C GLN A 1660 -6.32 31.44 49.13
N LEU A 1661 -5.48 31.77 48.16
CA LEU A 1661 -5.74 32.86 47.25
C LEU A 1661 -7.04 32.62 46.52
N LYS A 1662 -7.22 31.40 46.04
CA LYS A 1662 -8.43 31.07 45.31
C LYS A 1662 -9.59 31.19 46.27
N TYR A 1663 -9.34 30.84 47.53
CA TYR A 1663 -10.36 30.93 48.55
C TYR A 1663 -10.69 32.38 48.79
N MET A 1664 -9.74 33.24 48.49
CA MET A 1664 -9.92 34.67 48.65
C MET A 1664 -10.73 35.20 47.49
N TRP A 1665 -10.50 34.63 46.32
CA TRP A 1665 -11.29 34.99 45.15
C TRP A 1665 -12.71 34.54 45.42
N ALA A 1666 -12.82 33.45 46.16
CA ALA A 1666 -14.11 32.94 46.63
C ALA A 1666 -14.68 33.95 47.59
N THR A 1667 -13.82 34.52 48.40
CA THR A 1667 -14.21 35.61 49.29
C THR A 1667 -14.40 36.86 48.44
N GLY A 1668 -13.47 37.09 47.52
CA GLY A 1668 -13.57 38.22 46.62
C GLY A 1668 -12.94 39.50 47.11
N SER A 1669 -12.00 39.42 48.05
CA SER A 1669 -11.37 40.64 48.52
C SER A 1669 -10.32 41.03 47.51
N GLN A 1670 -10.51 42.20 46.91
CA GLN A 1670 -9.67 42.68 45.84
C GLN A 1670 -8.20 42.77 46.23
N LYS A 1671 -7.92 43.70 47.12
CA LYS A 1671 -6.54 44.06 47.40
C LYS A 1671 -5.93 43.15 48.44
N GLU A 1672 -6.73 42.31 49.06
CA GLU A 1672 -6.18 41.28 49.92
C GLU A 1672 -5.47 40.33 48.98
N ALA A 1673 -6.22 39.94 47.97
CA ALA A 1673 -5.72 39.14 46.87
C ALA A 1673 -4.47 39.80 46.33
N LEU A 1674 -4.63 41.00 45.78
CA LEU A 1674 -3.53 41.71 45.16
C LEU A 1674 -2.33 41.73 46.07
N ASN A 1675 -2.59 42.01 47.34
CA ASN A 1675 -1.54 42.08 48.34
C ASN A 1675 -0.75 40.79 48.37
N HIS A 1676 -1.39 39.73 48.83
CA HIS A 1676 -0.69 38.47 49.03
C HIS A 1676 -0.08 38.00 47.71
N LEU A 1677 -0.72 38.39 46.62
CA LEU A 1677 -0.26 38.05 45.29
C LEU A 1677 1.10 38.62 45.05
N ILE A 1678 1.21 39.93 45.21
CA ILE A 1678 2.47 40.60 44.98
C ILE A 1678 3.46 40.19 46.06
N SER A 1679 2.92 39.74 47.18
CA SER A 1679 3.74 39.41 48.34
C SER A 1679 4.51 38.15 48.05
N PHE A 1680 3.81 37.13 47.59
CA PHE A 1680 4.45 35.89 47.20
C PHE A 1680 5.26 36.15 45.95
N THR A 1681 4.81 37.12 45.15
CA THR A 1681 5.50 37.46 43.93
C THR A 1681 6.93 37.86 44.28
N SER A 1682 7.03 38.85 45.15
CA SER A 1682 8.34 39.34 45.58
C SER A 1682 9.06 38.30 46.39
N ARG A 1683 8.30 37.46 47.09
CA ARG A 1683 8.86 36.37 47.86
C ARG A 1683 9.71 35.51 46.93
N MET A 1684 9.04 34.89 45.98
CA MET A 1684 9.68 34.06 44.99
C MET A 1684 10.71 34.84 44.19
N ALA A 1685 10.52 36.15 44.08
CA ALA A 1685 11.47 37.00 43.39
C ALA A 1685 12.79 36.88 44.13
N HIS A 1686 12.76 37.18 45.42
CA HIS A 1686 13.93 37.08 46.27
C HIS A 1686 14.50 35.69 46.27
N ASP A 1687 13.61 34.69 46.30
CA ASP A 1687 14.02 33.31 46.34
C ASP A 1687 14.84 32.95 45.12
N LEU A 1688 14.33 33.30 43.95
CA LEU A 1688 14.97 32.99 42.69
C LEU A 1688 15.85 34.12 42.19
N GLY A 1689 15.90 35.22 42.94
CA GLY A 1689 16.66 36.38 42.50
C GLY A 1689 16.06 36.95 41.24
N LEU A 1690 16.89 37.14 40.22
CA LEU A 1690 16.42 37.66 38.95
C LEU A 1690 17.31 37.19 37.81
N GLN A 1708 15.06 20.11 42.81
CA GLN A 1708 14.09 19.93 43.87
C GLN A 1708 13.44 21.26 44.20
N HIS A 1709 14.01 21.96 45.17
CA HIS A 1709 13.58 23.30 45.49
C HIS A 1709 13.71 24.17 44.25
N HIS A 1710 14.68 23.82 43.41
CA HIS A 1710 14.87 24.49 42.14
C HIS A 1710 13.68 24.26 41.24
N ILE A 1711 13.34 22.99 41.02
CA ILE A 1711 12.19 22.64 40.19
C ILE A 1711 10.94 23.17 40.85
N GLU A 1712 10.91 23.07 42.17
CA GLU A 1712 9.81 23.61 42.97
C GLU A 1712 9.61 25.05 42.59
N ASP A 1713 10.72 25.74 42.34
CA ASP A 1713 10.70 27.14 41.95
C ASP A 1713 10.34 27.31 40.50
N TYR A 1714 10.61 26.31 39.67
CA TYR A 1714 10.23 26.40 38.26
C TYR A 1714 8.72 26.40 38.17
N THR A 1715 8.13 25.38 38.77
CA THR A 1715 6.70 25.27 38.85
C THR A 1715 6.15 26.52 39.51
N LYS A 1716 6.73 26.88 40.64
CA LYS A 1716 6.29 28.05 41.38
C LYS A 1716 6.39 29.30 40.54
N LEU A 1717 7.24 29.27 39.53
CA LEU A 1717 7.40 30.41 38.65
C LEU A 1717 6.22 30.44 37.70
N LEU A 1718 5.91 29.28 37.17
CA LEU A 1718 4.74 29.14 36.30
C LEU A 1718 3.52 29.67 37.05
N ALA A 1719 3.38 29.23 38.29
CA ALA A 1719 2.27 29.63 39.12
C ALA A 1719 2.34 31.11 39.47
N ARG A 1720 3.55 31.63 39.53
CA ARG A 1720 3.75 33.02 39.88
C ARG A 1720 3.21 33.92 38.80
N CYS A 1721 3.69 33.68 37.59
CA CYS A 1721 3.24 34.42 36.43
C CYS A 1721 1.74 34.23 36.32
N PHE A 1722 1.31 32.99 36.52
CA PHE A 1722 -0.09 32.62 36.49
C PHE A 1722 -0.87 33.53 37.41
N LEU A 1723 -0.31 33.77 38.58
CA LEU A 1723 -0.94 34.58 39.57
C LEU A 1723 -1.05 35.99 39.05
N LYS A 1724 0.06 36.45 38.49
CA LYS A 1724 0.13 37.80 37.95
C LYS A 1724 -1.05 38.01 37.02
N GLN A 1725 -1.25 37.07 36.12
CA GLN A 1725 -2.36 37.16 35.19
C GLN A 1725 -3.71 37.05 35.89
N GLY A 1726 -3.77 36.21 36.92
CA GLY A 1726 -5.03 35.94 37.58
C GLY A 1726 -5.59 37.16 38.25
N GLU A 1727 -4.75 37.76 39.09
CA GLU A 1727 -5.11 39.00 39.72
C GLU A 1727 -5.32 40.04 38.65
N TRP A 1728 -4.50 39.98 37.61
CA TRP A 1728 -4.56 40.96 36.53
C TRP A 1728 -5.99 41.04 35.99
N ARG A 1729 -6.54 39.88 35.67
CA ARG A 1729 -7.88 39.81 35.17
C ARG A 1729 -8.85 40.22 36.26
N VAL A 1730 -8.56 39.77 37.47
CA VAL A 1730 -9.43 40.01 38.61
C VAL A 1730 -9.73 41.50 38.71
N SER A 1731 -8.68 42.31 38.58
CA SER A 1731 -8.85 43.75 38.61
C SER A 1731 -9.37 44.25 37.29
N LEU A 1732 -9.02 43.54 36.22
CA LEU A 1732 -9.39 43.93 34.88
C LEU A 1732 -10.90 43.99 34.78
N GLN A 1733 -11.54 43.28 35.69
CA GLN A 1733 -12.98 43.35 35.84
C GLN A 1733 -13.40 44.80 35.97
N PRO A 1734 -12.86 45.49 36.97
CA PRO A 1734 -13.12 46.90 37.25
C PRO A 1734 -12.60 47.81 36.16
N ASN A 1735 -11.73 47.29 35.32
CA ASN A 1735 -10.69 48.08 34.72
C ASN A 1735 -10.37 47.67 33.31
N TRP A 1736 -9.25 48.21 32.82
CA TRP A 1736 -8.61 47.80 31.58
C TRP A 1736 -9.21 48.51 30.38
N ARG A 1737 -10.25 49.30 30.59
CA ARG A 1737 -10.62 50.17 29.51
C ARG A 1737 -9.51 51.19 29.46
N LEU A 1738 -8.87 51.28 28.29
CA LEU A 1738 -7.73 52.15 28.08
C LEU A 1738 -6.72 51.96 29.21
N GLU A 1739 -6.16 53.09 29.66
CA GLU A 1739 -5.62 53.24 31.01
C GLU A 1739 -4.74 52.12 31.55
N ASN A 1740 -5.11 51.68 32.74
CA ASN A 1740 -4.40 50.73 33.57
C ASN A 1740 -3.98 49.52 32.77
N PRO A 1741 -4.84 49.09 31.83
CA PRO A 1741 -4.58 47.87 31.06
C PRO A 1741 -3.16 47.85 30.52
N ASP A 1742 -2.63 49.01 30.14
CA ASP A 1742 -1.25 49.09 29.69
C ASP A 1742 -0.38 48.33 30.66
N ALA A 1743 -0.28 48.89 31.86
CA ALA A 1743 0.44 48.26 32.96
C ALA A 1743 -0.01 46.82 33.13
N ILE A 1744 -1.31 46.63 33.16
CA ILE A 1744 -1.91 45.30 33.26
C ILE A 1744 -1.25 44.44 32.21
N LEU A 1745 -1.43 44.82 30.95
CA LEU A 1745 -0.87 44.08 29.84
C LEU A 1745 0.60 43.77 30.08
N GLY A 1746 1.30 44.76 30.61
CA GLY A 1746 2.72 44.58 30.88
C GLY A 1746 2.89 43.37 31.77
N SER A 1747 2.20 43.39 32.90
CA SER A 1747 2.22 42.29 33.85
C SER A 1747 1.96 40.99 33.11
N TYR A 1748 0.94 41.01 32.26
CA TYR A 1748 0.62 39.84 31.45
C TYR A 1748 1.88 39.44 30.71
N LEU A 1749 2.33 40.31 29.81
CA LEU A 1749 3.55 40.07 29.06
C LEU A 1749 4.66 39.72 30.02
N LEU A 1750 4.72 40.43 31.14
CA LEU A 1750 5.70 40.15 32.18
C LEU A 1750 5.57 38.70 32.57
N ALA A 1751 4.41 38.38 33.11
CA ALA A 1751 4.11 37.00 33.43
C ALA A 1751 4.42 36.14 32.22
N THR A 1752 4.02 36.59 31.05
CA THR A 1752 4.22 35.84 29.81
C THR A 1752 5.70 35.67 29.53
N HIS A 1753 6.48 36.71 29.83
CA HIS A 1753 7.91 36.65 29.63
C HIS A 1753 8.53 35.63 30.56
N PHE A 1754 7.86 35.43 31.68
CA PHE A 1754 8.40 34.60 32.73
C PHE A 1754 7.99 33.17 32.52
N ASP A 1755 7.31 32.90 31.41
CA ASP A 1755 6.44 31.75 31.38
C ASP A 1755 7.08 30.39 31.10
N LYS A 1756 7.47 30.11 29.85
CA LYS A 1756 7.96 28.76 29.49
C LYS A 1756 7.07 27.69 30.13
N THR A 1757 5.83 27.58 29.67
CA THR A 1757 4.74 27.46 30.65
C THR A 1757 3.48 26.64 30.40
N TRP A 1758 2.57 26.96 31.31
CA TRP A 1758 1.15 26.67 31.34
C TRP A 1758 0.54 27.35 30.13
N TYR A 1759 1.42 28.06 29.42
CA TYR A 1759 1.18 29.21 28.59
C TYR A 1759 0.17 28.96 27.51
N LYS A 1760 -0.24 27.73 27.29
CA LYS A 1760 -1.56 27.57 26.72
C LYS A 1760 -2.52 28.43 27.55
N ALA A 1761 -2.32 28.44 28.86
CA ALA A 1761 -2.99 29.41 29.72
C ALA A 1761 -2.60 30.81 29.30
N TRP A 1762 -1.32 31.00 29.03
CA TRP A 1762 -0.78 32.30 28.69
C TRP A 1762 -0.87 32.50 27.20
N HIS A 1763 -1.50 31.54 26.55
CA HIS A 1763 -1.89 31.65 25.17
C HIS A 1763 -3.03 32.60 25.30
N ASN A 1764 -4.04 32.17 26.05
CA ASN A 1764 -5.07 33.09 26.44
C ASN A 1764 -4.46 34.38 27.01
N TRP A 1765 -3.34 34.28 27.71
CA TRP A 1765 -2.68 35.52 28.10
C TRP A 1765 -1.82 36.09 26.98
N ALA A 1766 -1.49 35.28 25.99
CA ALA A 1766 -0.90 35.85 24.78
C ALA A 1766 -2.06 36.42 24.01
N LEU A 1767 -3.23 35.87 24.32
CA LEU A 1767 -4.48 36.39 23.80
C LEU A 1767 -4.95 37.48 24.72
N ALA A 1768 -4.31 37.57 25.88
CA ALA A 1768 -4.52 38.72 26.72
C ALA A 1768 -3.78 39.78 25.98
N ASN A 1769 -2.47 39.62 25.83
CA ASN A 1769 -1.65 40.58 25.10
C ASN A 1769 -2.26 40.91 23.74
N PHE A 1770 -2.90 39.95 23.12
CA PHE A 1770 -3.56 40.17 21.85
C PHE A 1770 -4.79 41.01 22.04
N GLU A 1771 -5.43 40.83 23.18
CA GLU A 1771 -6.59 41.63 23.50
C GLU A 1771 -6.15 43.00 23.93
N VAL A 1772 -4.86 43.12 24.22
CA VAL A 1772 -4.28 44.39 24.57
C VAL A 1772 -4.10 45.08 23.25
N THR A 1773 -3.75 44.28 22.25
CA THR A 1773 -3.66 44.77 20.90
C THR A 1773 -5.05 45.10 20.40
N SER A 1774 -6.05 44.50 21.04
CA SER A 1774 -7.44 44.74 20.69
C SER A 1774 -7.88 46.06 21.25
N SER A 1775 -7.87 46.16 22.58
CA SER A 1775 -8.23 47.38 23.27
C SER A 1775 -7.43 48.53 22.67
N LEU A 1776 -6.21 48.24 22.27
CA LEU A 1776 -5.40 49.20 21.54
C LEU A 1776 -6.04 49.50 20.20
N THR A 1777 -6.39 48.46 19.48
CA THR A 1777 -7.06 48.61 18.21
C THR A 1777 -8.39 49.26 18.46
N GLN A 1778 -8.97 48.94 19.61
CA GLN A 1778 -10.20 49.57 20.04
C GLN A 1778 -9.89 51.00 20.42
N ARG A 1779 -8.72 51.19 21.03
CA ARG A 1779 -8.24 52.54 21.29
C ARG A 1779 -7.90 53.17 19.97
N ILE A 1780 -7.48 52.34 19.02
CA ILE A 1780 -7.27 52.78 17.66
C ILE A 1780 -8.61 52.89 16.97
N LYS A 1781 -9.56 52.09 17.44
CA LYS A 1781 -10.93 52.20 16.95
C LYS A 1781 -11.55 53.43 17.58
N ASP A 1782 -11.06 53.76 18.77
CA ASP A 1782 -11.50 54.95 19.47
C ASP A 1782 -10.94 56.18 18.78
N ASP A 1783 -9.71 56.05 18.27
CA ASP A 1783 -9.02 57.15 17.62
C ASP A 1783 -9.56 57.33 16.21
N LYS A 1784 -9.90 56.22 15.58
CA LYS A 1784 -10.46 56.26 14.23
C LYS A 1784 -11.87 56.80 14.28
N VAL A 1785 -12.62 56.37 15.29
CA VAL A 1785 -13.94 56.92 15.51
C VAL A 1785 -13.78 58.40 15.81
N PRO A 1786 -13.00 58.73 16.83
CA PRO A 1786 -12.77 60.17 17.01
C PRO A 1786 -11.61 60.69 16.18
N PRO A 1787 -11.63 60.40 14.87
CA PRO A 1787 -10.64 61.06 13.99
C PRO A 1787 -11.22 62.33 13.39
N THR A 1788 -11.57 63.28 14.24
CA THR A 1788 -12.18 64.52 13.81
C THR A 1788 -12.20 65.53 14.94
N LEU A 1804 -5.07 52.63 4.02
CA LEU A 1804 -5.46 53.24 5.27
C LEU A 1804 -4.23 53.75 6.03
N ASN A 1805 -3.48 54.62 5.39
CA ASN A 1805 -2.25 55.16 5.96
C ASN A 1805 -2.51 55.97 7.23
N ALA A 1806 -3.68 56.60 7.30
CA ALA A 1806 -4.06 57.38 8.47
C ALA A 1806 -4.01 56.53 9.73
N ASN A 1807 -4.92 55.56 9.80
CA ASN A 1807 -4.98 54.65 10.93
C ASN A 1807 -3.67 53.88 11.08
N ASP A 1808 -3.02 53.63 9.96
CA ASP A 1808 -1.72 52.95 9.96
C ASP A 1808 -0.75 53.69 10.86
N ASN A 1809 -0.40 54.92 10.46
CA ASN A 1809 0.49 55.77 11.21
C ASN A 1809 -0.01 55.96 12.63
N PHE A 1810 -1.33 56.07 12.78
CA PHE A 1810 -1.93 56.22 14.11
C PHE A 1810 -1.48 55.08 15.01
N PRO A 1811 -1.77 53.84 14.59
CA PRO A 1811 -1.36 52.61 15.28
C PRO A 1811 0.15 52.54 15.40
N PRO A 1812 0.86 53.02 14.37
CA PRO A 1812 2.32 53.06 14.36
C PRO A 1812 2.80 54.11 15.33
N GLU A 1813 4.10 54.38 15.31
CA GLU A 1813 4.71 55.45 16.09
C GLU A 1813 4.85 55.07 17.55
N LEU A 1814 4.35 53.91 17.92
CA LEU A 1814 4.65 53.35 19.24
C LEU A 1814 5.34 51.97 19.10
N VAL A 1815 4.68 50.95 18.54
CA VAL A 1815 3.39 51.07 17.90
C VAL A 1815 2.45 50.28 18.78
N GLN A 1816 1.17 50.30 18.44
CA GLN A 1816 0.26 49.36 19.06
C GLN A 1816 0.37 48.14 18.18
N ARG A 1817 0.98 48.36 17.02
CA ARG A 1817 1.30 47.31 16.08
C ARG A 1817 2.56 46.61 16.54
N HIS A 1818 3.47 47.40 17.12
CA HIS A 1818 4.67 46.84 17.69
C HIS A 1818 4.26 45.91 18.82
N VAL A 1819 3.43 46.44 19.71
CA VAL A 1819 2.83 45.63 20.75
C VAL A 1819 2.12 44.45 20.11
N VAL A 1820 1.46 44.70 18.99
CA VAL A 1820 0.61 43.70 18.36
C VAL A 1820 1.42 42.53 17.85
N PRO A 1821 2.44 42.82 17.04
CA PRO A 1821 3.27 41.79 16.40
C PRO A 1821 3.76 40.79 17.40
N ALA A 1822 4.08 41.28 18.59
CA ALA A 1822 4.50 40.43 19.69
C ALA A 1822 3.44 39.40 19.97
N ILE A 1823 2.22 39.88 20.24
CA ILE A 1823 1.13 39.00 20.60
C ILE A 1823 0.70 38.18 19.39
N LYS A 1824 1.16 38.58 18.20
CA LYS A 1824 0.85 37.86 16.98
C LYS A 1824 1.72 36.63 16.87
N GLY A 1825 3.00 36.82 17.14
CA GLY A 1825 3.93 35.71 17.13
C GLY A 1825 3.58 34.78 18.26
N PHE A 1826 3.14 35.37 19.36
CA PHE A 1826 2.73 34.59 20.51
C PHE A 1826 1.37 33.96 20.24
N PHE A 1827 0.68 34.48 19.24
CA PHE A 1827 -0.61 33.94 18.85
C PHE A 1827 -0.36 32.70 18.05
N HIS A 1828 0.64 32.78 17.20
CA HIS A 1828 1.10 31.61 16.49
C HIS A 1828 1.57 30.63 17.54
N SER A 1829 2.22 31.15 18.56
CA SER A 1829 2.73 30.34 19.65
C SER A 1829 1.56 29.69 20.36
N ILE A 1830 0.42 30.35 20.30
CA ILE A 1830 -0.76 29.87 20.97
C ILE A 1830 -1.30 28.72 20.16
N ALA A 1831 -1.27 28.90 18.85
CA ALA A 1831 -1.63 27.84 17.94
C ALA A 1831 -0.80 26.64 18.30
N LEU A 1832 0.47 26.91 18.58
CA LEU A 1832 1.37 25.86 19.03
C LEU A 1832 0.91 25.29 20.36
N SER A 1833 0.25 26.11 21.16
CA SER A 1833 -0.13 25.65 22.48
C SER A 1833 -1.29 24.69 22.36
N GLN A 1834 -2.44 25.20 21.95
CA GLN A 1834 -3.59 24.35 21.74
C GLN A 1834 -3.38 23.46 20.52
N SER A 1836 -9.45 29.31 22.72
CA SER A 1836 -8.46 29.55 21.68
C SER A 1836 -8.57 28.54 20.56
N SER A 1837 -7.54 27.71 20.41
CA SER A 1837 -7.48 26.73 19.34
C SER A 1837 -7.77 27.43 18.03
N LEU A 1838 -8.62 26.81 17.21
CA LEU A 1838 -8.99 27.41 15.93
C LEU A 1838 -9.66 28.74 16.13
N GLN A 1839 -10.40 28.89 17.22
CA GLN A 1839 -11.10 30.13 17.49
C GLN A 1839 -10.13 31.30 17.51
N ASP A 1840 -9.27 31.32 18.52
CA ASP A 1840 -8.32 32.41 18.65
C ASP A 1840 -7.40 32.42 17.46
N THR A 1841 -7.24 31.26 16.83
CA THR A 1841 -6.43 31.18 15.63
C THR A 1841 -6.97 32.15 14.61
N LEU A 1842 -8.16 31.86 14.11
CA LEU A 1842 -8.78 32.68 13.08
C LEU A 1842 -8.91 34.09 13.58
N ARG A 1843 -9.15 34.21 14.89
CA ARG A 1843 -9.32 35.50 15.52
C ARG A 1843 -8.12 36.37 15.22
N LEU A 1844 -6.99 35.98 15.80
CA LEU A 1844 -5.75 36.70 15.62
C LEU A 1844 -5.40 36.79 14.15
N LEU A 1845 -5.83 35.80 13.39
CA LEU A 1845 -5.50 35.73 11.98
C LEU A 1845 -6.07 36.90 11.20
N THR A 1846 -7.39 37.04 11.29
CA THR A 1846 -8.08 38.09 10.58
C THR A 1846 -7.67 39.40 11.21
N LEU A 1847 -7.46 39.35 12.51
CA LEU A 1847 -6.96 40.50 13.24
C LEU A 1847 -5.71 41.00 12.56
N TRP A 1848 -4.86 40.06 12.16
CA TRP A 1848 -3.59 40.38 11.52
C TRP A 1848 -3.75 40.91 10.11
N PHE A 1849 -4.49 40.16 9.29
CA PHE A 1849 -4.67 40.53 7.90
C PHE A 1849 -5.23 41.93 7.84
N LYS A 1850 -6.17 42.20 8.73
CA LYS A 1850 -6.82 43.49 8.80
C LYS A 1850 -5.94 44.52 9.45
N PHE A 1851 -5.02 44.06 10.30
CA PHE A 1851 -4.15 44.96 11.03
C PHE A 1851 -3.37 45.79 10.04
N GLY A 1852 -2.70 45.10 9.13
CA GLY A 1852 -1.95 45.76 8.10
C GLY A 1852 -0.88 44.86 7.53
N GLY A 1853 -0.22 45.32 6.48
CA GLY A 1853 0.85 44.58 5.85
C GLY A 1853 2.24 45.12 6.11
N ILE A 1854 2.40 46.01 7.08
CA ILE A 1854 3.63 46.79 7.17
C ILE A 1854 4.82 45.90 7.49
N PRO A 1855 6.02 46.51 7.50
CA PRO A 1855 7.26 45.73 7.51
C PRO A 1855 7.42 44.85 8.73
N GLU A 1856 7.14 45.40 9.90
CA GLU A 1856 7.16 44.65 11.14
C GLU A 1856 6.23 43.48 10.98
N ALA A 1857 4.95 43.81 10.82
CA ALA A 1857 3.91 42.84 10.59
C ALA A 1857 4.29 41.86 9.51
N ALA A 1858 4.75 42.38 8.38
CA ALA A 1858 5.06 41.54 7.24
C ALA A 1858 6.05 40.46 7.62
N GLN A 1859 7.20 40.87 8.14
CA GLN A 1859 8.25 39.94 8.49
C GLN A 1859 7.79 38.97 9.55
N ALA A 1860 7.24 39.53 10.62
CA ALA A 1860 6.84 38.74 11.77
C ALA A 1860 5.87 37.65 11.37
N MET A 1861 4.78 38.07 10.75
CA MET A 1861 3.73 37.14 10.34
C MET A 1861 4.27 36.17 9.31
N HIS A 1862 5.22 36.63 8.50
CA HIS A 1862 5.84 35.75 7.52
C HIS A 1862 6.47 34.59 8.24
N GLU A 1863 7.24 34.92 9.27
CA GLU A 1863 7.91 33.90 10.06
C GLU A 1863 6.90 33.00 10.72
N GLY A 1864 6.02 33.60 11.51
CA GLY A 1864 5.09 32.84 12.34
C GLY A 1864 4.16 31.94 11.56
N PHE A 1865 3.44 32.53 10.61
CA PHE A 1865 2.60 31.77 9.73
C PHE A 1865 3.45 30.71 9.07
N GLY A 1866 4.63 31.12 8.62
CA GLY A 1866 5.57 30.17 8.07
C GLY A 1866 5.98 29.14 9.10
N LEU A 1867 5.97 29.54 10.37
CA LEU A 1867 6.50 28.69 11.41
C LEU A 1867 5.46 27.82 12.10
N ILE A 1868 4.21 27.88 11.67
CA ILE A 1868 3.18 27.26 12.48
C ILE A 1868 2.67 25.93 11.93
N LYS A 1869 1.86 25.99 10.88
CA LYS A 1869 1.18 24.80 10.36
C LYS A 1869 0.26 25.15 9.20
N ILE A 1870 -0.24 24.11 8.53
CA ILE A 1870 -1.13 24.26 7.41
C ILE A 1870 -2.56 24.03 7.86
N ASP A 1871 -2.81 22.80 8.31
CA ASP A 1871 -4.14 22.38 8.71
C ASP A 1871 -4.75 23.33 9.74
N ASN A 1872 -3.87 23.99 10.49
CA ASN A 1872 -4.29 25.13 11.28
C ASN A 1872 -5.09 26.05 10.38
N TRP A 1873 -4.42 26.60 9.38
CA TRP A 1873 -5.06 27.50 8.45
C TRP A 1873 -6.17 26.83 7.64
N LEU A 1874 -6.22 25.50 7.67
CA LEU A 1874 -7.20 24.78 6.86
C LEU A 1874 -8.62 25.18 7.23
N GLU A 1875 -8.89 25.22 8.52
CA GLU A 1875 -10.18 25.70 8.99
C GLU A 1875 -10.28 27.16 8.68
N VAL A 1876 -11.51 27.69 8.64
CA VAL A 1876 -11.72 29.13 8.43
C VAL A 1876 -11.41 29.47 6.99
N ILE A 1877 -10.98 28.46 6.25
CA ILE A 1877 -10.76 28.59 4.82
C ILE A 1877 -11.93 29.33 4.21
N PRO A 1878 -13.15 29.00 4.67
CA PRO A 1878 -14.18 29.90 4.17
C PRO A 1878 -13.92 31.34 4.57
N GLN A 1879 -13.56 31.56 5.83
CA GLN A 1879 -13.31 32.91 6.30
C GLN A 1879 -12.07 33.43 5.59
N LEU A 1880 -11.25 32.50 5.12
CA LEU A 1880 -10.10 32.89 4.33
C LEU A 1880 -10.60 33.54 3.07
N ILE A 1881 -11.49 32.83 2.38
CA ILE A 1881 -12.06 33.33 1.14
C ILE A 1881 -12.79 34.63 1.41
N SER A 1882 -13.28 34.79 2.63
CA SER A 1882 -14.00 35.99 3.03
C SER A 1882 -13.12 37.19 2.83
N ARG A 1883 -11.81 36.96 2.86
CA ARG A 1883 -10.89 37.90 2.28
C ARG A 1883 -10.69 37.47 0.84
N ILE A 1884 -11.10 38.33 -0.09
CA ILE A 1884 -10.95 38.01 -1.49
C ILE A 1884 -10.01 39.02 -2.12
N HIS A 1885 -10.49 40.24 -2.32
CA HIS A 1885 -9.64 41.27 -2.88
C HIS A 1885 -9.01 42.06 -1.77
N GLN A 1886 -7.71 41.94 -1.63
CA GLN A 1886 -7.00 42.71 -0.62
C GLN A 1886 -6.78 44.10 -1.20
N PRO A 1887 -7.44 45.11 -0.60
CA PRO A 1887 -7.31 46.50 -1.05
C PRO A 1887 -5.86 46.91 -1.15
N ASN A 1888 -5.06 46.52 -0.17
CA ASN A 1888 -3.63 46.63 -0.30
C ASN A 1888 -3.11 45.24 -0.62
N GLN A 1889 -2.65 45.08 -1.85
CA GLN A 1889 -2.01 43.85 -2.23
C GLN A 1889 -0.89 43.63 -1.25
N THR A 1890 0.11 44.50 -1.31
CA THR A 1890 1.09 44.60 -0.25
C THR A 1890 1.67 43.24 0.09
N VAL A 1891 1.81 43.00 1.38
CA VAL A 1891 2.23 41.70 1.86
C VAL A 1891 0.99 40.84 1.95
N SER A 1892 -0.16 41.49 1.78
CA SER A 1892 -1.43 40.78 1.81
C SER A 1892 -1.56 39.99 0.52
N ARG A 1893 -1.01 40.54 -0.53
CA ARG A 1893 -0.91 39.83 -1.80
C ARG A 1893 -0.14 38.57 -1.52
N SER A 1894 0.99 38.74 -0.86
CA SER A 1894 1.86 37.62 -0.52
C SER A 1894 1.18 36.67 0.45
N LEU A 1895 0.20 37.19 1.17
CA LEU A 1895 -0.52 36.40 2.15
C LEU A 1895 -1.53 35.56 1.42
N LEU A 1896 -2.00 36.08 0.30
CA LEU A 1896 -2.89 35.35 -0.57
C LEU A 1896 -2.05 34.29 -1.24
N SER A 1897 -0.79 34.62 -1.43
CA SER A 1897 0.16 33.67 -1.98
C SER A 1897 0.30 32.56 -0.97
N LEU A 1898 0.38 32.94 0.29
CA LEU A 1898 0.51 31.99 1.38
C LEU A 1898 -0.75 31.17 1.45
N LEU A 1899 -1.83 31.78 1.01
CA LEU A 1899 -3.14 31.17 1.09
C LEU A 1899 -3.18 30.05 0.09
N ALA A 1900 -2.80 30.37 -1.14
CA ALA A 1900 -2.75 29.37 -2.17
C ALA A 1900 -1.69 28.34 -1.81
N ASP A 1901 -0.73 28.75 -0.99
CA ASP A 1901 0.35 27.87 -0.63
C ASP A 1901 -0.15 26.78 0.27
N LEU A 1902 -0.79 27.19 1.35
CA LEU A 1902 -1.34 26.27 2.32
C LEU A 1902 -2.39 25.46 1.60
N GLY A 1903 -3.07 26.14 0.68
CA GLY A 1903 -4.06 25.53 -0.15
C GLY A 1903 -3.49 24.34 -0.85
N LYS A 1904 -2.32 24.53 -1.46
CA LYS A 1904 -1.66 23.49 -2.22
C LYS A 1904 -1.55 22.23 -1.39
N ALA A 1905 -1.32 22.41 -0.09
CA ALA A 1905 -1.29 21.28 0.80
C ALA A 1905 -2.71 20.76 0.94
N HIS A 1906 -2.89 19.49 0.62
CA HIS A 1906 -4.18 18.83 0.65
C HIS A 1906 -5.26 19.73 0.06
N PRO A 1907 -4.99 20.29 -1.13
CA PRO A 1907 -6.03 21.17 -1.66
C PRO A 1907 -7.35 20.46 -1.90
N GLN A 1908 -7.27 19.29 -2.51
CA GLN A 1908 -8.46 18.55 -2.90
C GLN A 1908 -9.14 18.03 -1.67
N ALA A 1909 -8.42 18.04 -0.55
CA ALA A 1909 -9.04 17.75 0.71
C ALA A 1909 -10.16 18.75 0.88
N LEU A 1910 -9.97 19.98 0.41
CA LEU A 1910 -11.14 20.82 0.22
C LEU A 1910 -11.32 21.34 -1.20
N VAL A 1911 -10.53 22.35 -1.56
CA VAL A 1911 -10.50 22.89 -2.92
C VAL A 1911 -11.84 23.50 -3.29
N TYR A 1912 -12.84 23.29 -2.45
CA TYR A 1912 -14.21 23.63 -2.78
C TYR A 1912 -14.35 25.12 -2.85
N PRO A 1913 -13.88 25.81 -1.80
CA PRO A 1913 -13.94 27.27 -1.73
C PRO A 1913 -13.35 27.87 -2.98
N LEU A 1914 -12.29 27.23 -3.47
CA LEU A 1914 -11.69 27.64 -4.70
C LEU A 1914 -12.77 27.61 -5.76
N THR A 1915 -13.41 26.46 -5.89
CA THR A 1915 -14.43 26.28 -6.90
C THR A 1915 -15.51 27.33 -6.79
N VAL A 1916 -15.92 27.61 -5.56
CA VAL A 1916 -17.06 28.48 -5.32
C VAL A 1916 -16.71 29.90 -5.69
N ALA A 1917 -15.59 30.37 -5.15
CA ALA A 1917 -15.11 31.71 -5.42
C ALA A 1917 -14.95 31.88 -6.91
N ILE A 1918 -14.52 30.81 -7.56
CA ILE A 1918 -14.40 30.79 -9.00
C ILE A 1918 -15.77 31.05 -9.61
N LYS A 1919 -16.76 30.31 -9.10
CA LYS A 1919 -18.10 30.39 -9.64
C LYS A 1919 -18.64 31.80 -9.52
N SER A 1920 -18.63 32.31 -8.30
CA SER A 1920 -19.06 33.68 -8.07
C SER A 1920 -18.14 34.62 -8.81
N ASP A 1921 -18.66 35.76 -9.25
CA ASP A 1921 -17.79 36.73 -9.86
C ASP A 1921 -17.35 37.74 -8.80
N SER A 1922 -16.07 37.66 -8.46
CA SER A 1922 -15.44 38.56 -7.51
C SER A 1922 -14.72 39.69 -8.27
N VAL A 1923 -14.88 39.69 -9.59
CA VAL A 1923 -14.20 40.64 -10.47
C VAL A 1923 -12.70 40.56 -10.29
N SER A 1924 -12.11 41.68 -9.85
CA SER A 1924 -10.69 41.71 -9.55
C SER A 1924 -10.33 40.56 -8.66
N ARG A 1925 -11.13 40.38 -7.61
CA ARG A 1925 -10.90 39.27 -6.72
C ARG A 1925 -11.22 37.95 -7.41
N GLN A 1926 -12.02 38.00 -8.47
CA GLN A 1926 -12.30 36.78 -9.24
C GLN A 1926 -11.11 36.51 -10.12
N ARG A 1927 -10.41 37.57 -10.48
CA ARG A 1927 -9.18 37.41 -11.23
C ARG A 1927 -8.19 36.73 -10.31
N ALA A 1928 -8.14 37.20 -9.07
CA ALA A 1928 -7.29 36.61 -8.07
C ALA A 1928 -7.68 35.15 -7.89
N ALA A 1929 -8.98 34.91 -8.00
CA ALA A 1929 -9.51 33.58 -7.89
C ALA A 1929 -8.95 32.75 -9.01
N LEU A 1930 -8.78 33.38 -10.16
CA LEU A 1930 -8.25 32.68 -11.31
C LEU A 1930 -6.77 32.39 -11.07
N SER A 1931 -6.14 33.25 -10.28
CA SER A 1931 -4.74 33.06 -9.96
C SER A 1931 -4.60 31.81 -9.10
N ILE A 1932 -5.40 31.79 -8.04
CA ILE A 1932 -5.39 30.65 -7.14
C ILE A 1932 -5.81 29.41 -7.92
N ILE A 1933 -6.61 29.63 -8.96
CA ILE A 1933 -7.09 28.55 -9.79
C ILE A 1933 -5.91 27.97 -10.51
N ASP A 1934 -5.07 28.86 -10.99
CA ASP A 1934 -3.85 28.47 -11.65
C ASP A 1934 -3.02 27.64 -10.69
N LYS A 1935 -2.91 28.12 -9.46
CA LYS A 1935 -2.21 27.38 -8.42
C LYS A 1935 -2.77 25.97 -8.33
N MET A 1936 -4.10 25.90 -8.36
CA MET A 1936 -4.79 24.63 -8.36
C MET A 1936 -4.59 23.95 -9.69
N ARG A 1937 -4.73 24.74 -10.76
CA ARG A 1937 -4.50 24.23 -12.09
C ARG A 1937 -3.03 23.88 -12.23
N MET A 1938 -2.24 24.25 -11.23
CA MET A 1938 -0.86 23.81 -11.18
C MET A 1938 -0.74 22.56 -10.33
N HIS A 1939 -0.91 22.71 -9.03
CA HIS A 1939 -0.64 21.60 -8.14
C HIS A 1939 -1.70 20.54 -8.35
N SER A 1940 -1.25 19.33 -8.65
CA SER A 1940 -2.13 18.20 -8.95
C SER A 1940 -3.28 18.63 -9.84
N PRO A 1941 -2.94 19.33 -10.93
CA PRO A 1941 -3.86 19.96 -11.88
C PRO A 1941 -4.97 19.02 -12.34
N LYS A 1942 -4.68 17.73 -12.39
CA LYS A 1942 -5.65 16.75 -12.85
C LYS A 1942 -6.91 16.76 -12.00
N LEU A 1943 -6.72 16.56 -10.71
CA LEU A 1943 -7.83 16.59 -9.78
C LEU A 1943 -8.52 17.94 -9.88
N VAL A 1944 -7.75 18.98 -10.16
CA VAL A 1944 -8.29 20.32 -10.29
C VAL A 1944 -9.26 20.34 -11.45
N ASN A 1945 -8.90 19.64 -12.50
CA ASN A 1945 -9.73 19.58 -13.69
C ASN A 1945 -10.99 18.80 -13.39
N GLN A 1946 -10.81 17.60 -12.85
CA GLN A 1946 -11.93 16.72 -12.54
C GLN A 1946 -12.95 17.45 -11.68
N ALA A 1947 -12.44 18.09 -10.65
CA ALA A 1947 -13.26 18.85 -9.73
C ALA A 1947 -13.95 19.97 -10.47
N GLU A 1948 -13.20 20.69 -11.30
CA GLU A 1948 -13.75 21.79 -12.08
C GLU A 1948 -14.98 21.29 -12.81
N LEU A 1949 -14.82 20.12 -13.42
CA LEU A 1949 -15.90 19.46 -14.13
C LEU A 1949 -17.06 19.23 -13.20
N VAL A 1950 -16.76 18.75 -12.00
CA VAL A 1950 -17.80 18.41 -11.05
C VAL A 1950 -18.64 19.63 -10.73
N SER A 1951 -17.97 20.67 -10.27
CA SER A 1951 -18.61 21.89 -9.84
C SER A 1951 -19.41 22.48 -10.97
N ASP A 1952 -18.75 22.62 -12.11
CA ASP A 1952 -19.39 23.19 -13.28
C ASP A 1952 -20.62 22.39 -13.64
N GLU A 1953 -20.59 21.09 -13.39
CA GLU A 1953 -21.69 20.22 -13.73
C GLU A 1953 -22.83 20.43 -12.76
N LEU A 1954 -22.47 20.69 -11.51
CA LEU A 1954 -23.46 21.02 -10.52
C LEU A 1954 -24.19 22.25 -11.00
N ILE A 1955 -23.40 23.29 -11.27
CA ILE A 1955 -23.92 24.56 -11.75
C ILE A 1955 -24.72 24.33 -13.00
N ARG A 1956 -24.38 23.28 -13.72
CA ARG A 1956 -25.07 22.95 -14.94
C ARG A 1956 -26.47 22.49 -14.58
N VAL A 1957 -26.55 21.60 -13.61
CA VAL A 1957 -27.84 21.08 -13.18
C VAL A 1957 -28.70 22.27 -12.79
N ALA A 1958 -28.33 22.89 -11.68
CA ALA A 1958 -28.93 24.15 -11.27
C ALA A 1958 -30.44 24.10 -11.28
N VAL A 1959 -31.02 25.19 -11.75
CA VAL A 1959 -32.44 25.29 -12.02
C VAL A 1959 -32.76 24.63 -13.34
N LEU A 1960 -33.99 24.18 -13.50
CA LEU A 1960 -34.50 23.96 -14.83
C LEU A 1960 -34.35 25.29 -15.55
N TRP A 1961 -33.72 25.29 -16.70
CA TRP A 1961 -33.18 26.52 -17.26
C TRP A 1961 -34.30 27.38 -17.81
N HIS A 1962 -34.95 26.90 -18.86
CA HIS A 1962 -36.05 27.62 -19.47
C HIS A 1962 -37.16 27.85 -18.46
N GLU A 1963 -37.27 26.94 -17.49
CA GLU A 1963 -38.28 27.08 -16.45
C GLU A 1963 -37.91 28.23 -15.54
N LEU A 1964 -36.64 28.27 -15.13
CA LEU A 1964 -36.13 29.35 -14.32
C LEU A 1964 -36.40 30.66 -15.02
N TRP A 1965 -36.06 30.68 -16.30
CA TRP A 1965 -36.28 31.84 -17.14
C TRP A 1965 -37.75 32.19 -17.16
N TYR A 1966 -38.59 31.17 -17.12
CA TYR A 1966 -40.03 31.37 -17.25
C TYR A 1966 -40.59 32.05 -16.01
N GLU A 1967 -40.30 31.48 -14.85
CA GLU A 1967 -40.80 32.02 -13.60
C GLU A 1967 -40.21 33.39 -13.36
N GLY A 1968 -38.91 33.50 -13.58
CA GLY A 1968 -38.21 34.75 -13.40
C GLY A 1968 -38.80 35.83 -14.29
N LEU A 1969 -39.15 35.44 -15.50
CA LEU A 1969 -39.75 36.38 -16.44
C LEU A 1969 -41.17 36.69 -16.04
N GLU A 1970 -41.79 35.77 -15.31
CA GLU A 1970 -43.13 35.99 -14.82
C GLU A 1970 -43.08 37.10 -13.80
N ASP A 1971 -42.13 37.00 -12.90
CA ASP A 1971 -41.92 38.03 -11.89
C ASP A 1971 -41.44 39.31 -12.54
N ALA A 1972 -40.76 39.17 -13.66
CA ALA A 1972 -40.21 40.32 -14.38
C ALA A 1972 -41.33 41.11 -15.01
N SER A 1973 -42.26 40.42 -15.64
CA SER A 1973 -43.40 41.06 -16.27
C SER A 1973 -44.35 41.57 -15.21
N ARG A 1974 -44.33 40.90 -14.06
CA ARG A 1974 -45.05 41.40 -12.90
C ARG A 1974 -44.48 42.76 -12.56
N GLN A 1975 -43.15 42.82 -12.52
CA GLN A 1975 -42.43 44.05 -12.23
C GLN A 1975 -42.78 45.12 -13.25
N PHE A 1976 -42.73 44.78 -14.52
CA PHE A 1976 -43.08 45.71 -15.59
C PHE A 1976 -44.49 46.25 -15.44
N PHE A 1977 -45.46 45.37 -15.62
CA PHE A 1977 -46.87 45.76 -15.60
C PHE A 1977 -47.20 46.55 -14.34
N GLY A 1978 -46.83 46.00 -13.18
CA GLY A 1978 -47.02 46.76 -11.95
C GLY A 1978 -46.08 47.94 -11.93
N GLU A 1979 -46.61 49.12 -11.66
CA GLU A 1979 -45.77 50.30 -11.44
C GLU A 1979 -45.04 50.76 -12.70
N HIS A 1980 -45.17 50.02 -13.80
CA HIS A 1980 -44.46 50.33 -15.03
C HIS A 1980 -42.95 50.30 -14.81
N ASN A 1981 -42.43 49.11 -14.56
CA ASN A 1981 -40.99 48.87 -14.57
C ASN A 1981 -40.60 48.85 -16.02
N THR A 1982 -41.18 47.90 -16.76
CA THR A 1982 -40.93 47.78 -18.18
C THR A 1982 -39.46 47.58 -18.46
N GLU A 1983 -38.84 48.53 -19.17
CA GLU A 1983 -37.46 48.39 -19.62
C GLU A 1983 -36.51 47.93 -18.51
N LYS A 1984 -36.70 48.47 -17.31
CA LYS A 1984 -35.90 48.03 -16.17
C LYS A 1984 -36.08 46.54 -15.98
N MET A 1985 -37.32 46.12 -15.79
CA MET A 1985 -37.67 44.72 -15.77
C MET A 1985 -37.28 44.06 -17.10
N PHE A 1986 -37.41 44.80 -18.20
CA PHE A 1986 -37.07 44.24 -19.50
C PHE A 1986 -35.58 44.08 -19.62
N ALA A 1987 -34.83 44.81 -18.81
CA ALA A 1987 -33.40 44.60 -18.78
C ALA A 1987 -33.15 43.22 -18.19
N THR A 1988 -33.95 42.85 -17.20
CA THR A 1988 -33.88 41.52 -16.64
C THR A 1988 -34.29 40.54 -17.72
N LEU A 1989 -35.29 40.95 -18.51
CA LEU A 1989 -35.72 40.14 -19.63
C LEU A 1989 -34.61 40.07 -20.66
N GLU A 1990 -33.80 41.13 -20.73
CA GLU A 1990 -32.65 41.12 -21.60
C GLU A 1990 -31.70 40.03 -21.13
N PRO A 1991 -31.58 39.90 -19.80
CA PRO A 1991 -30.78 38.76 -19.35
C PRO A 1991 -31.48 37.44 -19.65
N LEU A 1992 -32.81 37.46 -19.69
CA LEU A 1992 -33.54 36.26 -20.08
C LEU A 1992 -33.24 36.01 -21.54
N HIS A 1993 -33.16 37.10 -22.31
CA HIS A 1993 -32.72 37.00 -23.69
C HIS A 1993 -31.29 36.50 -23.71
N GLU A 1994 -30.50 36.92 -22.72
CA GLU A 1994 -29.14 36.42 -22.60
C GLU A 1994 -29.23 34.94 -22.33
N MET A 1995 -30.20 34.55 -21.51
CA MET A 1995 -30.46 33.13 -21.28
C MET A 1995 -30.88 32.52 -22.61
N LEU A 1996 -31.71 33.24 -23.34
CA LEU A 1996 -32.12 32.80 -24.66
C LEU A 1996 -30.88 32.79 -25.56
N LYS A 1997 -29.96 33.69 -25.28
CA LYS A 1997 -28.74 33.77 -26.06
C LYS A 1997 -27.88 32.54 -25.81
N ARG A 1998 -28.13 31.86 -24.71
CA ARG A 1998 -27.39 30.63 -24.43
C ARG A 1998 -27.82 29.54 -25.40
N GLY A 1999 -29.04 29.68 -25.91
CA GLY A 1999 -29.58 28.71 -26.84
C GLY A 1999 -29.98 27.42 -26.16
N PRO A 2000 -30.50 26.47 -26.95
CA PRO A 2000 -30.95 25.16 -26.44
C PRO A 2000 -29.78 24.26 -26.07
N GLU A 2001 -28.94 24.72 -25.15
CA GLU A 2001 -27.68 24.07 -24.82
C GLU A 2001 -27.84 22.60 -24.44
N THR A 2002 -28.52 22.35 -23.32
CA THR A 2002 -28.49 21.03 -22.70
C THR A 2002 -29.29 20.01 -23.50
N LEU A 2003 -29.31 18.78 -23.01
CA LEU A 2003 -29.85 17.68 -23.77
C LEU A 2003 -31.31 17.43 -23.42
N ARG A 2004 -32.19 17.70 -24.37
CA ARG A 2004 -33.63 17.54 -24.18
C ARG A 2004 -34.09 18.36 -23.00
N GLU A 2005 -33.38 19.45 -22.72
CA GLU A 2005 -33.82 20.35 -21.67
C GLU A 2005 -34.05 21.71 -22.28
N ILE A 2006 -32.96 22.39 -22.59
CA ILE A 2006 -33.05 23.64 -23.33
C ILE A 2006 -33.29 23.22 -24.75
N SER A 2007 -32.73 22.07 -25.11
CA SER A 2007 -32.99 21.43 -26.38
C SER A 2007 -34.48 21.25 -26.56
N PHE A 2008 -35.08 20.45 -25.69
CA PHE A 2008 -36.53 20.29 -25.70
C PHE A 2008 -37.21 21.65 -25.65
N GLN A 2009 -36.67 22.54 -24.83
CA GLN A 2009 -37.26 23.86 -24.65
C GLN A 2009 -37.19 24.71 -25.89
N ASN A 2010 -36.44 24.24 -26.89
CA ASN A 2010 -36.20 25.01 -28.10
C ASN A 2010 -37.48 25.57 -28.64
N SER A 2011 -38.38 24.69 -29.07
CA SER A 2011 -39.59 25.08 -29.79
C SER A 2011 -40.29 26.26 -29.11
N PHE A 2012 -40.82 26.00 -27.92
CA PHE A 2012 -41.41 27.04 -27.10
C PHE A 2012 -40.44 28.20 -27.04
N GLY A 2013 -39.28 27.94 -26.47
CA GLY A 2013 -38.24 28.94 -26.36
C GLY A 2013 -37.96 29.63 -27.67
N ARG A 2014 -37.92 28.88 -28.77
CA ARG A 2014 -37.65 29.49 -30.06
C ARG A 2014 -38.78 30.43 -30.40
N ASP A 2015 -39.99 29.91 -30.31
CA ASP A 2015 -41.19 30.69 -30.61
C ASP A 2015 -41.22 31.93 -29.75
N LEU A 2016 -41.14 31.71 -28.44
CA LEU A 2016 -41.08 32.79 -27.49
C LEU A 2016 -39.96 33.75 -27.87
N ASN A 2017 -38.82 33.20 -28.27
CA ASN A 2017 -37.66 34.03 -28.64
C ASN A 2017 -38.01 34.91 -29.82
N ASP A 2018 -38.72 34.34 -30.78
CA ASP A 2018 -39.18 35.11 -31.92
C ASP A 2018 -40.09 36.20 -31.42
N ALA A 2019 -41.06 35.79 -30.63
CA ALA A 2019 -41.97 36.72 -29.99
C ALA A 2019 -41.18 37.71 -29.15
N TYR A 2020 -40.19 37.20 -28.42
CA TYR A 2020 -39.29 38.05 -27.65
C TYR A 2020 -38.55 38.99 -28.59
N GLU A 2021 -38.07 38.44 -29.69
CA GLU A 2021 -37.44 39.27 -30.71
C GLU A 2021 -38.48 40.24 -31.23
N TRP A 2022 -39.70 39.75 -31.40
CA TRP A 2022 -40.79 40.60 -31.82
C TRP A 2022 -41.09 41.57 -30.71
N VAL A 2023 -40.91 41.11 -29.48
CA VAL A 2023 -41.06 41.95 -28.32
C VAL A 2023 -39.85 42.88 -28.25
N LEU A 2024 -38.72 42.42 -28.78
CA LEU A 2024 -37.52 43.23 -28.75
C LEU A 2024 -37.68 44.42 -29.67
N ASN A 2025 -38.13 44.16 -30.88
CA ASN A 2025 -38.17 45.18 -31.93
C ASN A 2025 -38.96 46.43 -31.56
N TYR A 2026 -40.27 46.29 -31.43
CA TYR A 2026 -41.13 47.46 -31.33
C TYR A 2026 -41.13 48.08 -29.94
N LYS A 2027 -40.65 47.34 -28.96
CA LYS A 2027 -40.47 47.91 -27.63
C LYS A 2027 -39.18 48.70 -27.67
N ARG A 2028 -38.28 48.29 -28.56
CA ARG A 2028 -37.09 49.06 -28.82
C ARG A 2028 -37.40 50.14 -29.85
N THR A 2029 -38.63 50.13 -30.36
CA THR A 2029 -38.98 51.18 -31.30
C THR A 2029 -39.36 52.41 -30.48
N LYS A 2030 -40.54 52.39 -29.84
CA LYS A 2030 -40.67 53.16 -28.62
C LYS A 2030 -41.15 52.32 -27.45
N ASP A 2031 -42.45 52.02 -27.47
CA ASP A 2031 -43.07 51.16 -26.47
C ASP A 2031 -43.99 50.06 -27.02
N ILE A 2032 -45.11 50.52 -27.58
CA ILE A 2032 -46.41 49.87 -27.48
C ILE A 2032 -46.60 48.52 -28.16
N ASN A 2033 -46.28 48.44 -29.45
CA ASN A 2033 -46.54 47.22 -30.22
C ASN A 2033 -45.94 46.00 -29.54
N ASN A 2034 -44.62 45.98 -29.45
CA ASN A 2034 -43.94 44.89 -28.80
C ASN A 2034 -44.17 44.91 -27.29
N LEU A 2035 -44.74 46.00 -26.78
CA LEU A 2035 -45.15 46.03 -25.37
C LEU A 2035 -46.35 45.13 -25.21
N ASN A 2036 -47.12 45.02 -26.27
CA ASN A 2036 -48.25 44.11 -26.33
C ASN A 2036 -47.70 42.71 -26.53
N GLN A 2037 -47.02 42.53 -27.66
CA GLN A 2037 -46.47 41.22 -28.04
C GLN A 2037 -45.70 40.57 -26.89
N ALA A 2038 -44.95 41.37 -26.14
CA ALA A 2038 -44.21 40.84 -25.00
C ALA A 2038 -45.14 40.24 -23.97
N TRP A 2039 -46.08 41.04 -23.48
CA TRP A 2039 -46.97 40.61 -22.41
C TRP A 2039 -47.80 39.41 -22.84
N ASP A 2040 -48.23 39.43 -24.09
CA ASP A 2040 -49.07 38.35 -24.61
C ASP A 2040 -48.29 37.06 -24.75
N ILE A 2041 -47.15 37.13 -25.44
CA ILE A 2041 -46.32 35.97 -25.69
C ILE A 2041 -45.87 35.38 -24.39
N TYR A 2042 -45.56 36.26 -23.45
CA TYR A 2042 -45.12 35.85 -22.13
C TYR A 2042 -46.28 35.25 -21.37
N TYR A 2043 -47.49 35.67 -21.67
CA TYR A 2043 -48.67 35.13 -21.00
C TYR A 2043 -48.88 33.70 -21.46
N ASN A 2044 -48.90 33.52 -22.78
CA ASN A 2044 -49.09 32.20 -23.37
C ASN A 2044 -47.99 31.26 -22.92
N VAL A 2045 -46.76 31.73 -23.03
CA VAL A 2045 -45.60 30.96 -22.63
C VAL A 2045 -45.66 30.68 -21.14
N PHE A 2046 -46.29 31.59 -20.38
CA PHE A 2046 -46.41 31.40 -18.94
C PHE A 2046 -47.35 30.26 -18.68
N ARG A 2047 -48.40 30.18 -19.47
CA ARG A 2047 -49.36 29.10 -19.36
C ARG A 2047 -48.70 27.77 -19.71
N ARG A 2048 -48.07 27.74 -20.88
CA ARG A 2048 -47.42 26.54 -21.37
C ARG A 2048 -46.40 26.04 -20.37
N ILE A 2049 -45.56 26.95 -19.92
CA ILE A 2049 -44.49 26.63 -18.98
C ILE A 2049 -45.07 26.33 -17.61
N SER A 2050 -46.30 26.75 -17.38
CA SER A 2050 -46.98 26.41 -16.14
C SER A 2050 -47.36 24.96 -16.21
N ARG A 2051 -47.87 24.56 -17.36
CA ARG A 2051 -48.23 23.17 -17.60
C ARG A 2051 -47.00 22.29 -17.46
N LYS A 2052 -45.92 22.73 -18.09
CA LYS A 2052 -44.67 21.99 -18.03
C LYS A 2052 -44.16 21.92 -16.61
N LEU A 2053 -44.33 23.02 -15.87
CA LEU A 2053 -43.87 23.11 -14.49
C LEU A 2053 -44.49 22.03 -13.64
N PRO A 2054 -45.79 21.81 -13.80
CA PRO A 2054 -46.39 20.69 -13.10
C PRO A 2054 -45.74 19.39 -13.53
N GLN A 2055 -45.53 19.26 -14.84
CA GLN A 2055 -44.88 18.08 -15.39
C GLN A 2055 -43.42 18.05 -14.98
N LEU A 2056 -42.90 19.22 -14.62
CA LEU A 2056 -41.48 19.35 -14.31
C LEU A 2056 -41.14 18.71 -12.98
N GLN A 2057 -42.16 18.26 -12.25
CA GLN A 2057 -41.98 17.62 -10.96
C GLN A 2057 -41.01 16.44 -11.04
N THR A 2058 -41.00 15.76 -12.18
CA THR A 2058 -40.06 14.66 -12.40
C THR A 2058 -38.70 15.21 -12.77
N LEU A 2059 -37.64 14.49 -12.38
CA LEU A 2059 -36.28 14.92 -12.69
C LEU A 2059 -35.41 13.77 -13.16
N ASP A 2060 -34.65 14.00 -14.24
CA ASP A 2060 -33.62 13.08 -14.70
C ASP A 2060 -32.49 13.84 -15.40
N LEU A 2061 -31.27 13.36 -15.23
CA LEU A 2061 -30.12 14.06 -15.82
C LEU A 2061 -30.00 13.87 -17.33
N GLN A 2062 -30.08 12.62 -17.78
CA GLN A 2062 -29.83 12.29 -19.18
C GLN A 2062 -30.76 13.05 -20.11
N HIS A 2063 -32.01 13.18 -19.70
CA HIS A 2063 -33.01 13.84 -20.52
C HIS A 2063 -32.99 15.33 -20.30
N VAL A 2064 -32.08 15.80 -19.46
CA VAL A 2064 -31.94 17.22 -19.22
C VAL A 2064 -30.53 17.69 -19.56
N SER A 2065 -29.59 17.32 -18.69
CA SER A 2065 -28.18 17.61 -18.92
C SER A 2065 -27.43 16.32 -18.75
N PRO A 2066 -27.46 15.48 -19.77
CA PRO A 2066 -26.85 14.15 -19.64
C PRO A 2066 -25.37 14.25 -19.32
N LYS A 2067 -24.76 15.41 -19.56
CA LYS A 2067 -23.36 15.64 -19.23
C LYS A 2067 -23.06 15.28 -17.79
N LEU A 2068 -24.05 15.51 -16.93
CA LEU A 2068 -23.98 15.04 -15.57
C LEU A 2068 -23.79 13.53 -15.58
N SER A 2069 -24.72 12.85 -16.24
CA SER A 2069 -24.72 11.40 -16.32
C SER A 2069 -23.42 10.90 -16.93
N ALA A 2070 -22.78 11.77 -17.69
CA ALA A 2070 -21.61 11.40 -18.46
C ALA A 2070 -20.49 11.01 -17.53
N ALA A 2071 -20.50 11.57 -16.34
CA ALA A 2071 -19.47 11.22 -15.40
C ALA A 2071 -19.97 10.06 -14.55
N LYS A 2072 -19.35 8.90 -14.73
CA LYS A 2072 -19.65 7.76 -13.90
C LYS A 2072 -18.93 7.86 -12.56
N ASP A 2073 -17.67 8.25 -12.61
CA ASP A 2073 -16.84 8.34 -11.42
C ASP A 2073 -15.76 9.40 -11.55
N LEU A 2074 -15.38 9.99 -10.41
CA LEU A 2074 -14.30 10.96 -10.36
C LEU A 2074 -13.52 10.72 -9.06
N GLU A 2075 -12.24 11.06 -9.09
CA GLU A 2075 -11.32 10.71 -8.01
C GLU A 2075 -11.78 11.20 -6.65
N LEU A 2076 -12.00 12.50 -6.53
CA LEU A 2076 -12.41 13.07 -5.27
C LEU A 2076 -13.88 13.40 -5.32
N ALA A 2077 -14.69 12.67 -4.54
CA ALA A 2077 -16.08 13.04 -4.44
C ALA A 2077 -16.32 13.60 -3.06
N VAL A 2078 -16.33 12.72 -2.06
CA VAL A 2078 -16.43 13.11 -0.65
C VAL A 2078 -17.35 14.30 -0.50
N PRO A 2079 -18.64 14.11 -0.79
CA PRO A 2079 -19.47 15.26 -1.16
C PRO A 2079 -19.64 16.23 -0.02
N GLY A 2080 -18.54 16.88 0.33
CA GLY A 2080 -18.51 17.76 1.48
C GLY A 2080 -18.12 16.97 2.71
N THR A 2081 -17.75 15.71 2.50
CA THR A 2081 -17.33 14.86 3.59
C THR A 2081 -16.23 15.57 4.36
N TYR A 2082 -15.19 15.96 3.63
CA TYR A 2082 -14.26 16.97 4.08
C TYR A 2082 -13.65 16.68 5.45
N HIS A 2083 -13.52 15.40 5.78
CA HIS A 2083 -12.78 15.05 6.98
C HIS A 2083 -11.34 15.31 6.66
N ALA A 2084 -10.65 16.04 7.53
CA ALA A 2084 -9.28 16.46 7.25
C ALA A 2084 -8.42 15.27 6.93
N GLY A 2085 -8.11 14.46 7.94
CA GLY A 2085 -7.67 13.11 7.67
C GLY A 2085 -8.90 12.35 7.24
N LYS A 2086 -8.79 11.56 6.17
CA LYS A 2086 -9.87 10.64 5.82
C LYS A 2086 -9.47 9.60 4.79
N PRO A 2087 -10.41 8.71 4.49
CA PRO A 2087 -10.48 7.86 3.30
C PRO A 2087 -11.35 8.56 2.26
N ILE A 2088 -10.84 9.64 1.68
CA ILE A 2088 -11.64 10.47 0.81
C ILE A 2088 -12.25 9.61 -0.27
N VAL A 2089 -13.56 9.74 -0.45
CA VAL A 2089 -14.27 8.83 -1.32
C VAL A 2089 -14.47 9.43 -2.69
N ARG A 2090 -14.32 8.57 -3.70
CA ARG A 2090 -14.74 8.89 -5.04
C ARG A 2090 -16.25 8.70 -5.11
N ILE A 2091 -16.81 8.84 -6.31
CA ILE A 2091 -18.26 8.75 -6.45
C ILE A 2091 -18.69 7.57 -7.31
N THR A 2092 -19.77 6.94 -6.89
CA THR A 2092 -20.51 6.04 -7.77
C THR A 2092 -21.58 6.90 -8.41
N HIS A 2093 -21.53 8.19 -8.07
CA HIS A 2093 -22.49 9.17 -8.54
C HIS A 2093 -23.88 8.74 -8.12
N PHE A 2094 -24.82 8.76 -9.05
CA PHE A 2094 -26.19 8.37 -8.75
C PHE A 2094 -26.98 8.13 -10.02
N GLU A 2095 -28.26 7.87 -9.87
CA GLU A 2095 -29.16 7.77 -11.01
C GLU A 2095 -29.31 9.14 -11.64
N PRO A 2096 -29.41 9.18 -12.97
CA PRO A 2096 -29.69 10.45 -13.66
C PRO A 2096 -30.99 11.04 -13.14
N VAL A 2097 -31.92 10.17 -12.84
CA VAL A 2097 -33.16 10.57 -12.20
C VAL A 2097 -32.81 11.21 -10.87
N PHE A 2098 -33.45 12.34 -10.60
CA PHE A 2098 -33.24 13.06 -9.36
C PHE A 2098 -34.59 13.42 -8.77
N THR A 2099 -34.59 13.85 -7.53
CA THR A 2099 -35.84 14.21 -6.89
C THR A 2099 -35.98 15.72 -6.88
N VAL A 2100 -36.93 16.21 -7.65
CA VAL A 2100 -37.21 17.63 -7.68
C VAL A 2100 -37.98 17.96 -6.42
N ILE A 2101 -37.46 18.89 -5.63
CA ILE A 2101 -38.19 19.31 -4.45
C ILE A 2101 -39.40 20.07 -4.92
N SER A 2102 -40.42 20.12 -4.07
CA SER A 2102 -41.58 20.94 -4.35
C SER A 2102 -41.57 22.13 -3.41
N SER A 2103 -41.33 23.30 -3.97
CA SER A 2103 -41.27 24.52 -3.18
C SER A 2103 -41.31 25.71 -4.10
N LYS A 2104 -41.27 26.90 -3.51
CA LYS A 2104 -41.12 28.12 -4.29
C LYS A 2104 -39.82 27.98 -5.05
N GLN A 2105 -38.81 27.46 -4.36
CA GLN A 2105 -37.55 27.13 -4.99
C GLN A 2105 -37.69 25.82 -5.76
N ARG A 2106 -38.45 24.89 -5.19
CA ARG A 2106 -38.57 23.55 -5.74
C ARG A 2106 -37.18 22.98 -5.98
N PRO A 2107 -36.37 22.93 -4.91
CA PRO A 2107 -34.93 22.68 -4.80
C PRO A 2107 -34.56 21.22 -5.00
N ARG A 2108 -34.45 20.80 -6.25
CA ARG A 2108 -34.32 19.39 -6.59
C ARG A 2108 -33.15 18.74 -5.88
N ARG A 2109 -33.31 17.47 -5.53
CA ARG A 2109 -32.33 16.79 -4.72
C ARG A 2109 -32.08 15.37 -5.18
N VAL A 2110 -31.00 14.78 -4.66
CA VAL A 2110 -30.68 13.39 -4.88
C VAL A 2110 -29.86 12.89 -3.71
N ILE A 2111 -29.36 11.67 -3.79
CA ILE A 2111 -28.29 11.21 -2.91
C ILE A 2111 -27.29 10.47 -3.78
N ILE A 2112 -26.06 10.95 -3.83
CA ILE A 2112 -25.11 10.42 -4.79
C ILE A 2112 -24.26 9.33 -4.18
N LYS A 2113 -24.43 8.11 -4.70
CA LYS A 2113 -23.60 6.99 -4.30
C LYS A 2113 -22.12 7.34 -4.55
N GLY A 2114 -21.29 7.07 -3.55
CA GLY A 2114 -19.88 7.37 -3.64
C GLY A 2114 -19.03 6.13 -3.82
N SER A 2115 -17.74 6.29 -3.60
CA SER A 2115 -16.84 5.15 -3.63
C SER A 2115 -17.05 4.31 -2.39
N ASP A 2116 -17.55 4.93 -1.32
CA ASP A 2116 -17.80 4.23 -0.09
C ASP A 2116 -19.14 3.53 -0.13
N GLY A 2117 -19.86 3.73 -1.23
CA GLY A 2117 -21.17 3.14 -1.38
C GLY A 2117 -22.21 3.86 -0.54
N LYS A 2118 -21.79 4.91 0.13
CA LYS A 2118 -22.73 5.69 0.93
C LYS A 2118 -23.23 6.86 0.09
N ASP A 2119 -24.51 6.83 -0.23
CA ASP A 2119 -25.10 7.89 -1.04
C ASP A 2119 -25.17 9.15 -0.21
N TYR A 2120 -24.61 10.22 -0.75
CA TYR A 2120 -24.59 11.47 -0.03
C TYR A 2120 -25.69 12.35 -0.57
N GLN A 2121 -26.69 12.57 0.26
CA GLN A 2121 -27.81 13.39 -0.15
C GLN A 2121 -27.33 14.78 -0.48
N TYR A 2122 -27.69 15.22 -1.67
CA TYR A 2122 -27.44 16.57 -2.12
C TYR A 2122 -28.77 17.19 -2.45
N LEU A 2123 -28.84 18.51 -2.45
CA LEU A 2123 -30.08 19.19 -2.77
C LEU A 2123 -29.79 20.51 -3.44
N LEU A 2124 -30.65 20.90 -4.36
CA LEU A 2124 -30.52 22.20 -5.00
C LEU A 2124 -30.74 23.28 -3.97
N LYS A 2125 -30.02 24.38 -4.10
CA LYS A 2125 -30.35 25.56 -3.32
C LYS A 2125 -30.39 26.76 -4.24
N SER A 2126 -31.58 27.35 -4.36
CA SER A 2126 -31.79 28.47 -5.25
C SER A 2126 -31.72 29.76 -4.46
N HIS A 2127 -30.70 30.55 -4.74
CA HIS A 2127 -30.48 31.81 -4.04
C HIS A 2127 -30.38 31.62 -2.54
N GLU A 2128 -29.31 30.98 -2.08
CA GLU A 2128 -29.09 30.77 -0.66
C GLU A 2128 -27.60 30.80 -0.32
N ASP A 2129 -27.26 31.22 0.89
CA ASP A 2129 -25.86 31.26 1.24
C ASP A 2129 -25.51 30.08 2.13
N ILE A 2130 -24.76 29.16 1.55
CA ILE A 2130 -24.29 28.02 2.30
C ILE A 2130 -23.08 28.50 3.04
N ARG A 2131 -22.52 29.59 2.55
CA ARG A 2131 -21.41 30.24 3.22
C ARG A 2131 -21.91 30.68 4.56
N GLN A 2132 -23.03 31.39 4.53
CA GLN A 2132 -23.73 31.76 5.74
C GLN A 2132 -23.89 30.51 6.56
N ASP A 2133 -24.40 29.48 5.90
CA ASP A 2133 -24.60 28.20 6.54
C ASP A 2133 -23.28 27.57 6.94
N ASN A 2134 -22.25 27.77 6.11
CA ASN A 2134 -20.95 27.22 6.42
C ASN A 2134 -20.55 27.78 7.75
N LEU A 2135 -20.66 29.10 7.84
CA LEU A 2135 -20.41 29.81 9.07
C LEU A 2135 -21.26 29.23 10.18
N VAL A 2136 -22.47 28.79 9.83
CA VAL A 2136 -23.42 28.36 10.84
C VAL A 2136 -22.93 27.09 11.48
N MET A 2137 -22.64 26.10 10.65
CA MET A 2137 -22.17 24.82 11.15
C MET A 2137 -20.81 25.03 11.78
N GLN A 2138 -20.14 26.09 11.37
CA GLN A 2138 -18.83 26.40 11.88
C GLN A 2138 -18.94 26.81 13.33
N LEU A 2139 -19.79 27.78 13.57
CA LEU A 2139 -20.01 28.28 14.92
C LEU A 2139 -20.59 27.16 15.72
N PHE A 2140 -21.34 26.30 15.05
CA PHE A 2140 -21.92 25.14 15.67
C PHE A 2140 -20.81 24.19 16.06
N GLY A 2141 -19.68 24.30 15.40
CA GLY A 2141 -18.57 23.42 15.67
C GLY A 2141 -17.75 24.02 16.77
N LEU A 2142 -17.89 25.34 16.92
CA LEU A 2142 -17.29 26.01 18.04
C LEU A 2142 -18.04 25.55 19.25
N VAL A 2143 -19.35 25.48 19.06
CA VAL A 2143 -20.24 25.00 20.07
C VAL A 2143 -19.77 23.63 20.45
N ASN A 2144 -19.85 22.71 19.50
CA ASN A 2144 -19.54 21.32 19.74
C ASN A 2144 -18.14 21.16 20.27
N THR A 2145 -17.32 22.18 20.05
CA THR A 2145 -16.00 22.19 20.63
C THR A 2145 -16.16 22.38 22.12
N LEU A 2146 -16.92 23.40 22.49
CA LEU A 2146 -17.19 23.67 23.88
C LEU A 2146 -17.80 22.44 24.51
N LEU A 2147 -18.63 21.76 23.72
CA LEU A 2147 -19.25 20.52 24.13
C LEU A 2147 -18.16 19.52 24.43
N GLN A 2148 -17.22 19.43 23.52
CA GLN A 2148 -16.08 18.55 23.73
C GLN A 2148 -15.29 19.12 24.88
N ASN A 2149 -15.28 20.44 24.97
CA ASN A 2149 -14.57 21.11 26.04
C ASN A 2149 -15.35 21.01 27.35
N ASP A 2150 -16.59 20.54 27.27
CA ASP A 2150 -17.47 20.59 28.44
C ASP A 2150 -17.08 19.64 29.56
N PRO A 2151 -17.66 19.89 30.74
CA PRO A 2151 -17.84 19.40 32.10
C PRO A 2151 -18.76 18.19 32.05
N GLU A 2152 -19.23 17.71 33.20
CA GLU A 2152 -20.11 16.55 33.24
C GLU A 2152 -21.34 16.79 32.36
N SER A 2153 -21.57 18.04 32.03
CA SER A 2153 -22.42 18.35 30.89
C SER A 2153 -21.96 17.54 29.69
N PHE A 2154 -20.66 17.38 29.52
CA PHE A 2154 -20.16 16.51 28.46
C PHE A 2154 -20.37 15.06 28.82
N GLN A 2155 -20.66 14.78 30.08
CA GLN A 2155 -21.15 13.45 30.41
C GLN A 2155 -22.63 13.41 30.09
N ARG A 2156 -23.22 14.60 30.06
CA ARG A 2156 -24.61 14.76 29.70
C ARG A 2156 -24.67 14.99 28.21
N HIS A 2157 -23.51 14.88 27.58
CA HIS A 2157 -23.23 15.55 26.33
C HIS A 2157 -24.25 15.35 25.24
N LEU A 2158 -24.63 16.48 24.67
CA LEU A 2158 -25.39 16.50 23.44
C LEU A 2158 -24.81 17.60 22.57
N ASN A 2159 -24.46 17.28 21.34
CA ASN A 2159 -23.90 18.27 20.45
C ASN A 2159 -24.71 18.38 19.18
N ILE A 2160 -24.57 19.50 18.49
CA ILE A 2160 -25.35 19.73 17.30
C ILE A 2160 -24.74 18.99 16.14
N GLN A 2161 -25.51 18.10 15.53
CA GLN A 2161 -25.08 17.45 14.32
C GLN A 2161 -25.11 18.49 13.21
N GLN A 2162 -24.00 18.66 12.51
CA GLN A 2162 -23.93 19.70 11.50
C GLN A 2162 -24.10 19.12 10.12
N TYR A 2163 -25.24 19.43 9.50
CA TYR A 2163 -25.51 18.96 8.16
C TYR A 2163 -24.55 19.65 7.21
N PRO A 2164 -23.71 18.88 6.54
CA PRO A 2164 -22.87 19.59 5.59
C PRO A 2164 -23.68 20.10 4.41
N ALA A 2165 -23.38 21.31 3.96
CA ALA A 2165 -23.98 21.84 2.74
C ALA A 2165 -22.93 22.59 1.93
N ILE A 2166 -22.83 22.24 0.65
CA ILE A 2166 -21.82 22.84 -0.20
C ILE A 2166 -22.37 24.09 -0.84
N PRO A 2167 -21.61 25.19 -0.76
CA PRO A 2167 -22.13 26.31 -1.54
C PRO A 2167 -22.01 26.01 -3.02
N LEU A 2168 -22.84 26.65 -3.84
CA LEU A 2168 -22.77 26.40 -5.26
C LEU A 2168 -22.35 27.64 -6.03
N SER A 2169 -23.26 28.59 -6.15
CA SER A 2169 -22.97 29.81 -6.90
C SER A 2169 -23.20 31.01 -6.02
N PRO A 2170 -22.97 32.20 -6.57
CA PRO A 2170 -23.02 33.43 -5.77
C PRO A 2170 -24.33 33.52 -5.02
N LYS A 2171 -25.43 33.28 -5.73
CA LYS A 2171 -26.59 32.78 -5.03
C LYS A 2171 -26.85 31.39 -5.57
N THR A 2172 -26.57 30.40 -4.74
CA THR A 2172 -26.92 29.01 -4.98
C THR A 2172 -26.30 28.18 -3.86
N GLY A 2173 -26.61 26.90 -3.82
CA GLY A 2173 -25.96 26.02 -2.87
C GLY A 2173 -26.24 24.55 -3.07
N LEU A 2174 -25.48 23.71 -2.40
CA LEU A 2174 -25.78 22.29 -2.37
C LEU A 2174 -26.06 21.85 -0.94
N LEU A 2175 -27.32 21.49 -0.71
CA LEU A 2175 -27.76 20.98 0.58
C LEU A 2175 -27.64 19.48 0.57
N GLY A 2176 -28.20 18.85 1.59
CA GLY A 2176 -28.49 17.44 1.50
C GLY A 2176 -29.62 17.04 2.42
N TRP A 2177 -30.28 15.93 2.09
CA TRP A 2177 -31.29 15.37 2.96
C TRP A 2177 -30.56 14.79 4.15
N VAL A 2178 -30.97 15.20 5.35
CA VAL A 2178 -30.27 14.82 6.55
C VAL A 2178 -30.39 13.33 6.80
N PRO A 2179 -29.82 12.88 7.93
CA PRO A 2179 -30.08 11.51 8.37
C PRO A 2179 -31.57 11.38 8.62
N ASN A 2180 -32.10 10.16 8.68
CA ASN A 2180 -33.54 9.98 8.60
C ASN A 2180 -34.20 10.83 9.65
N SER A 2181 -35.14 11.64 9.18
CA SER A 2181 -35.59 12.77 9.96
C SER A 2181 -37.07 12.98 9.76
N ASP A 2182 -37.65 13.77 10.65
CA ASP A 2182 -39.03 14.18 10.50
C ASP A 2182 -39.13 15.69 10.62
N THR A 2183 -39.51 16.36 9.54
CA THR A 2183 -39.75 17.78 9.59
C THR A 2183 -40.91 18.01 10.53
N PHE A 2184 -40.72 18.91 11.49
CA PHE A 2184 -41.73 19.18 12.49
C PHE A 2184 -43.07 19.36 11.84
N HIS A 2185 -43.22 20.41 11.05
CA HIS A 2185 -44.48 20.67 10.37
C HIS A 2185 -44.98 19.45 9.62
N VAL A 2186 -44.11 18.87 8.81
CA VAL A 2186 -44.47 17.72 8.03
C VAL A 2186 -44.97 16.60 8.93
N LEU A 2187 -44.05 16.06 9.72
CA LEU A 2187 -44.32 14.90 10.54
C LEU A 2187 -45.58 15.09 11.35
N ILE A 2188 -45.67 16.27 11.97
CA ILE A 2188 -46.81 16.64 12.76
C ILE A 2188 -48.05 16.48 11.93
N ARG A 2189 -48.14 17.29 10.88
CA ARG A 2189 -49.32 17.32 10.02
C ARG A 2189 -49.73 15.92 9.64
N GLU A 2190 -48.74 15.11 9.31
CA GLU A 2190 -48.96 13.72 9.00
C GLU A 2190 -49.70 13.03 10.13
N HIS A 2191 -49.03 12.91 11.26
CA HIS A 2191 -49.55 12.15 12.39
C HIS A 2191 -50.91 12.65 12.85
N ARG A 2192 -51.03 13.96 12.96
CA ARG A 2192 -52.25 14.61 13.42
C ARG A 2192 -53.38 14.32 12.45
N GLU A 2193 -53.06 14.31 11.16
CA GLU A 2193 -54.06 13.94 10.16
C GLU A 2193 -54.24 12.44 10.22
N ALA A 2194 -53.17 11.74 10.56
CA ALA A 2194 -53.22 10.29 10.67
C ALA A 2194 -53.79 9.98 12.04
N SER A 2195 -54.02 11.05 12.79
CA SER A 2195 -54.76 10.96 14.03
C SER A 2195 -56.21 11.16 13.67
N LYS A 2196 -56.47 11.29 12.37
CA LYS A 2196 -57.83 11.39 11.88
C LYS A 2196 -58.52 12.58 12.50
N ILE A 2197 -58.09 13.76 12.09
CA ILE A 2197 -58.49 15.00 12.74
C ILE A 2197 -57.86 16.14 11.97
N PRO A 2198 -58.53 17.30 11.95
CA PRO A 2198 -58.16 18.43 11.10
C PRO A 2198 -56.71 18.81 11.25
N LEU A 2199 -56.04 19.02 10.12
CA LEU A 2199 -54.65 19.40 10.13
C LEU A 2199 -54.49 20.66 10.95
N ASN A 2200 -55.23 21.69 10.57
CA ASN A 2200 -55.22 22.90 11.36
C ASN A 2200 -56.48 22.92 12.19
N ILE A 2201 -56.30 22.72 13.48
CA ILE A 2201 -57.36 23.03 14.42
C ILE A 2201 -57.05 24.44 14.82
N GLU A 2202 -55.91 24.91 14.34
CA GLU A 2202 -55.40 26.21 14.70
C GLU A 2202 -56.19 27.25 13.93
N HIS A 2203 -56.02 27.25 12.62
CA HIS A 2203 -56.79 28.13 11.75
C HIS A 2203 -58.26 27.85 11.93
N ARG A 2204 -58.54 26.64 12.42
CA ARG A 2204 -59.91 26.21 12.61
C ARG A 2204 -60.45 26.95 13.81
N ILE A 2205 -59.90 26.69 14.98
CA ILE A 2205 -60.33 27.36 16.20
C ILE A 2205 -60.20 28.86 16.06
N MET A 2206 -59.38 29.28 15.10
CA MET A 2206 -59.12 30.68 14.88
C MET A 2206 -60.31 31.31 14.18
N LEU A 2207 -60.53 30.91 12.95
CA LEU A 2207 -61.65 31.42 12.16
C LEU A 2207 -62.93 31.23 12.96
N GLN A 2208 -63.00 30.11 13.65
CA GLN A 2208 -64.10 29.81 14.55
C GLN A 2208 -64.22 30.93 15.57
N MET A 2209 -63.11 31.26 16.20
CA MET A 2209 -63.12 32.28 17.24
C MET A 2209 -63.62 33.60 16.67
N ALA A 2210 -63.04 34.02 15.56
CA ALA A 2210 -63.47 35.26 14.92
C ALA A 2210 -63.01 35.31 13.48
N PRO A 2211 -63.37 36.39 12.78
CA PRO A 2211 -63.05 36.49 11.35
C PRO A 2211 -61.56 36.48 11.03
N ASP A 2212 -60.76 37.24 11.75
CA ASP A 2212 -59.33 37.31 11.44
C ASP A 2212 -58.46 37.62 12.65
N TYR A 2213 -57.25 37.07 12.64
CA TYR A 2213 -56.26 37.41 13.65
C TYR A 2213 -55.46 38.58 13.15
N ASP A 2214 -55.69 38.93 11.89
CA ASP A 2214 -54.96 40.00 11.25
C ASP A 2214 -55.21 41.30 11.99
N ASN A 2215 -56.47 41.60 12.21
CA ASN A 2215 -56.82 42.84 12.89
C ASN A 2215 -56.91 42.63 14.39
N LEU A 2216 -56.63 41.39 14.83
CA LEU A 2216 -56.76 41.03 16.23
C LEU A 2216 -55.92 41.94 17.11
N THR A 2217 -56.54 42.53 18.12
CA THR A 2217 -55.78 43.38 19.02
C THR A 2217 -55.02 42.50 19.97
N LEU A 2218 -54.24 43.13 20.84
CA LEU A 2218 -53.48 42.40 21.83
C LEU A 2218 -54.46 41.61 22.67
N LEU A 2219 -55.60 42.24 22.90
CA LEU A 2219 -56.63 41.67 23.72
C LEU A 2219 -57.29 40.58 22.90
N GLN A 2220 -57.90 40.97 21.80
CA GLN A 2220 -58.62 40.05 20.94
C GLN A 2220 -57.77 38.83 20.66
N LYS A 2221 -56.53 39.06 20.24
CA LYS A 2221 -55.65 37.94 19.94
C LYS A 2221 -55.40 37.14 21.21
N VAL A 2222 -55.29 37.82 22.33
CA VAL A 2222 -55.00 37.12 23.59
C VAL A 2222 -56.09 36.14 23.92
N GLU A 2223 -57.31 36.64 24.01
CA GLU A 2223 -58.45 35.82 24.40
C GLU A 2223 -58.63 34.74 23.37
N VAL A 2224 -58.35 35.06 22.11
CA VAL A 2224 -58.50 34.09 21.04
C VAL A 2224 -57.58 32.92 21.29
N PHE A 2225 -56.29 33.25 21.38
CA PHE A 2225 -55.26 32.25 21.55
C PHE A 2225 -55.55 31.44 22.79
N THR A 2226 -56.07 32.12 23.80
CA THR A 2226 -56.40 31.50 25.04
C THR A 2226 -57.45 30.44 24.81
N TYR A 2227 -58.57 30.85 24.22
CA TYR A 2227 -59.73 30.00 24.05
C TYR A 2227 -59.36 28.79 23.22
N ALA A 2228 -58.67 29.05 22.12
CA ALA A 2228 -58.22 27.98 21.25
C ALA A 2228 -57.35 27.02 22.01
N LEU A 2229 -56.37 27.58 22.72
CA LEU A 2229 -55.44 26.79 23.51
C LEU A 2229 -56.21 25.87 24.42
N ASP A 2230 -57.20 26.44 25.07
CA ASP A 2230 -58.08 25.69 25.95
C ASP A 2230 -58.69 24.53 25.18
N ASN A 2231 -59.20 24.84 23.99
CA ASN A 2231 -59.79 23.82 23.14
C ASN A 2231 -58.74 22.78 22.77
N THR A 2232 -57.51 23.23 22.57
CA THR A 2232 -56.47 22.36 22.04
C THR A 2232 -55.62 21.72 23.12
N LYS A 2233 -54.58 21.03 22.67
CA LYS A 2233 -53.52 20.50 23.50
C LYS A 2233 -52.51 19.82 22.58
N GLY A 2234 -51.31 19.61 23.10
CA GLY A 2234 -50.21 19.14 22.27
C GLY A 2234 -49.80 17.72 22.52
N GLN A 2235 -50.62 16.99 23.25
CA GLN A 2235 -50.28 15.65 23.69
C GLN A 2235 -49.96 14.77 22.50
N ASP A 2236 -50.46 15.14 21.34
CA ASP A 2236 -50.21 14.42 20.10
C ASP A 2236 -48.72 14.29 19.86
N LEU A 2237 -47.98 15.33 20.21
CA LEU A 2237 -46.53 15.32 20.06
C LEU A 2237 -45.97 14.20 20.92
N TYR A 2238 -46.30 14.27 22.20
CA TYR A 2238 -45.85 13.28 23.15
C TYR A 2238 -46.27 11.90 22.68
N LYS A 2239 -47.34 11.86 21.91
CA LYS A 2239 -47.89 10.63 21.42
C LYS A 2239 -47.14 10.17 20.19
N VAL A 2240 -46.39 11.09 19.60
CA VAL A 2240 -45.54 10.75 18.50
C VAL A 2240 -44.32 10.12 19.12
N LEU A 2241 -43.89 10.72 20.22
CA LEU A 2241 -42.84 10.13 21.02
C LEU A 2241 -43.27 8.71 21.29
N TRP A 2242 -44.48 8.57 21.81
CA TRP A 2242 -45.03 7.27 22.11
C TRP A 2242 -45.10 6.41 20.87
N LEU A 2243 -45.20 7.05 19.72
CA LEU A 2243 -45.23 6.32 18.47
C LEU A 2243 -43.81 5.90 18.14
N LYS A 2244 -42.89 6.81 18.39
CA LYS A 2244 -41.48 6.52 18.21
C LYS A 2244 -40.96 5.68 19.37
N SER A 2245 -41.81 5.49 20.37
CA SER A 2245 -41.36 5.00 21.68
C SER A 2245 -40.79 3.59 21.64
N ARG A 2246 -40.89 2.91 20.50
CA ARG A 2246 -40.75 1.47 20.45
C ARG A 2246 -39.49 1.00 21.17
N SER A 2247 -39.67 -0.08 21.93
CA SER A 2247 -38.81 -0.55 23.03
C SER A 2247 -39.05 0.25 24.31
N SER A 2248 -39.77 1.37 24.19
CA SER A 2248 -40.35 2.08 25.34
C SER A 2248 -39.30 2.71 26.23
N GLU A 2249 -38.06 2.32 26.04
CA GLU A 2249 -36.96 2.98 26.70
C GLU A 2249 -36.55 4.05 25.72
N SER A 2250 -37.12 3.94 24.53
CA SER A 2250 -36.93 4.92 23.50
C SER A 2250 -37.69 6.13 23.93
N TRP A 2251 -38.85 5.90 24.56
CA TRP A 2251 -39.65 6.99 25.05
C TRP A 2251 -38.78 7.82 25.96
N LEU A 2252 -38.22 7.17 26.97
CA LEU A 2252 -37.32 7.82 27.91
C LEU A 2252 -36.13 8.49 27.25
N ASP A 2253 -35.28 7.67 26.69
CA ASP A 2253 -34.00 8.12 26.17
C ASP A 2253 -34.20 9.24 25.18
N ARG A 2254 -35.03 9.00 24.19
CA ARG A 2254 -35.26 10.00 23.15
C ARG A 2254 -35.94 11.20 23.75
N ARG A 2255 -36.65 11.02 24.86
CA ARG A 2255 -37.22 12.17 25.53
C ARG A 2255 -36.07 13.05 25.96
N THR A 2256 -35.08 12.44 26.57
CA THR A 2256 -33.90 13.18 26.99
C THR A 2256 -33.23 13.77 25.78
N THR A 2257 -33.31 13.05 24.67
CA THR A 2257 -32.63 13.43 23.45
C THR A 2257 -33.20 14.72 22.95
N TYR A 2258 -34.51 14.73 22.75
CA TYR A 2258 -35.21 15.88 22.25
C TYR A 2258 -35.11 16.98 23.25
N THR A 2259 -34.97 16.59 24.51
CA THR A 2259 -34.85 17.55 25.57
C THR A 2259 -33.61 18.37 25.34
N ARG A 2260 -32.50 17.65 25.26
CA ARG A 2260 -31.22 18.28 25.09
C ARG A 2260 -31.20 18.99 23.76
N SER A 2261 -31.95 18.45 22.81
CA SER A 2261 -32.03 19.02 21.49
C SER A 2261 -32.56 20.42 21.66
N LEU A 2262 -33.69 20.50 22.33
CA LEU A 2262 -34.32 21.75 22.64
C LEU A 2262 -33.32 22.65 23.31
N ALA A 2263 -32.54 22.09 24.20
CA ALA A 2263 -31.61 22.88 24.98
C ALA A 2263 -30.60 23.57 24.09
N VAL A 2264 -29.89 22.76 23.31
CA VAL A 2264 -28.79 23.22 22.50
C VAL A 2264 -29.34 24.20 21.52
N MET A 2265 -30.53 23.89 21.01
CA MET A 2265 -31.20 24.78 20.11
C MET A 2265 -31.31 26.13 20.80
N SER A 2266 -31.87 26.11 21.99
CA SER A 2266 -32.18 27.32 22.73
C SER A 2266 -30.95 28.16 22.87
N MET A 2267 -29.89 27.54 23.37
CA MET A 2267 -28.63 28.21 23.52
C MET A 2267 -28.24 28.83 22.20
N VAL A 2268 -28.31 28.01 21.17
CA VAL A 2268 -27.83 28.36 19.86
C VAL A 2268 -28.49 29.62 19.36
N GLY A 2269 -29.81 29.62 19.33
CA GLY A 2269 -30.54 30.75 18.81
C GLY A 2269 -30.41 31.97 19.67
N TYR A 2270 -30.69 31.82 20.96
CA TYR A 2270 -30.67 32.92 21.90
C TYR A 2270 -29.38 33.66 21.74
N ILE A 2271 -28.32 32.89 21.55
CA ILE A 2271 -27.08 33.46 21.06
C ILE A 2271 -27.31 34.15 19.73
N LEU A 2272 -27.60 33.36 18.73
CA LEU A 2272 -27.44 33.76 17.35
C LEU A 2272 -28.68 34.31 16.70
N GLY A 2273 -29.77 34.40 17.45
CA GLY A 2273 -31.02 34.73 16.82
C GLY A 2273 -31.34 33.69 15.78
N LEU A 2274 -31.90 34.13 14.65
CA LEU A 2274 -32.33 33.23 13.59
C LEU A 2274 -33.27 32.15 14.09
N GLY A 2275 -34.45 32.54 14.54
CA GLY A 2275 -35.40 31.59 15.09
C GLY A 2275 -36.02 30.64 14.10
N ASP A 2276 -36.56 31.20 13.03
CA ASP A 2276 -37.29 30.42 12.04
C ASP A 2276 -38.34 29.57 12.73
N ARG A 2277 -39.36 30.25 13.28
CA ARG A 2277 -40.36 29.60 14.11
C ARG A 2277 -41.16 28.59 13.32
N HIS A 2278 -40.99 28.60 12.01
CA HIS A 2278 -41.70 27.69 11.15
C HIS A 2278 -41.46 26.28 11.62
N PRO A 2279 -42.55 25.55 11.89
CA PRO A 2279 -42.41 24.12 12.15
C PRO A 2279 -41.88 23.44 10.91
N SER A 2280 -42.04 24.12 9.78
CA SER A 2280 -41.37 23.72 8.57
C SER A 2280 -39.90 23.89 8.84
N ASN A 2281 -39.53 25.09 9.28
CA ASN A 2281 -38.15 25.37 9.63
C ASN A 2281 -37.74 24.49 10.79
N LEU A 2282 -38.72 23.99 11.53
CA LEU A 2282 -38.43 23.07 12.61
C LEU A 2282 -38.38 21.63 12.13
N MET A 2283 -37.46 20.86 12.69
CA MET A 2283 -37.31 19.46 12.31
C MET A 2283 -36.67 18.64 13.41
N LEU A 2284 -36.81 17.33 13.30
CA LEU A 2284 -36.32 16.39 14.28
C LEU A 2284 -35.87 15.16 13.52
N ASP A 2285 -35.55 14.08 14.21
CA ASP A 2285 -34.97 12.92 13.53
C ASP A 2285 -35.81 11.65 13.61
N ARG A 2286 -35.97 11.01 12.45
CA ARG A 2286 -36.68 9.76 12.33
C ARG A 2286 -35.90 8.64 12.99
N ILE A 2287 -34.67 8.95 13.36
CA ILE A 2287 -33.85 8.06 14.16
C ILE A 2287 -34.33 8.19 15.58
N THR A 2288 -33.59 7.60 16.52
CA THR A 2288 -33.93 7.71 17.94
C THR A 2288 -34.05 9.18 18.26
N GLY A 2289 -33.37 9.99 17.46
CA GLY A 2289 -33.82 11.34 17.23
C GLY A 2289 -33.15 12.46 17.98
N LYS A 2290 -33.12 13.59 17.30
CA LYS A 2290 -32.69 14.85 17.87
C LYS A 2290 -33.34 15.90 16.99
N VAL A 2291 -33.45 17.11 17.52
CA VAL A 2291 -34.15 18.15 16.78
C VAL A 2291 -33.24 18.72 15.70
N VAL A 2292 -33.82 18.96 14.54
CA VAL A 2292 -33.10 19.64 13.49
C VAL A 2292 -33.61 21.04 13.35
N HIS A 2293 -32.78 22.00 13.73
CA HIS A 2293 -33.05 23.38 13.43
C HIS A 2293 -32.12 23.75 12.30
N ILE A 2294 -32.68 23.98 11.12
CA ILE A 2294 -31.85 24.20 9.96
C ILE A 2294 -32.29 25.42 9.18
N ASP A 2295 -31.60 25.69 8.09
CA ASP A 2295 -31.91 26.82 7.21
C ASP A 2295 -31.95 28.11 7.99
N PHE A 2296 -30.80 28.53 8.50
CA PHE A 2296 -30.76 29.67 9.38
C PHE A 2296 -30.70 30.93 8.55
N GLY A 2297 -31.69 31.81 8.72
CA GLY A 2297 -31.71 33.04 7.97
C GLY A 2297 -30.57 33.98 8.34
N ASP A 2298 -30.48 34.34 9.62
CA ASP A 2298 -29.47 35.29 10.08
C ASP A 2298 -29.56 35.64 11.57
N CYS A 2299 -28.48 36.22 12.07
CA CYS A 2299 -28.36 36.65 13.46
C CYS A 2299 -29.55 37.43 13.94
N PHE A 2300 -29.75 38.60 13.33
CA PHE A 2300 -30.68 39.60 13.79
C PHE A 2300 -32.11 39.11 13.92
N GLU A 2301 -32.82 39.68 14.89
CA GLU A 2301 -34.20 39.33 15.14
C GLU A 2301 -35.07 39.50 13.91
N ALA A 2302 -35.81 38.46 13.57
CA ALA A 2302 -36.79 38.51 12.50
C ALA A 2302 -37.85 39.50 12.91
N ALA A 2303 -38.13 39.54 14.21
CA ALA A 2303 -38.91 40.61 14.78
C ALA A 2303 -38.30 41.91 14.30
N ILE A 2304 -37.06 42.17 14.71
CA ILE A 2304 -36.33 43.36 14.30
C ILE A 2304 -36.38 43.48 12.78
N LEU A 2305 -36.16 42.36 12.11
CA LEU A 2305 -36.37 42.30 10.67
C LEU A 2305 -37.78 42.74 10.33
N ARG A 2306 -38.77 41.99 10.79
CA ARG A 2306 -40.17 42.19 10.42
C ARG A 2306 -40.60 43.63 10.62
N GLU A 2307 -41.37 44.24 9.71
CA GLU A 2307 -42.20 43.65 8.65
C GLU A 2307 -43.27 42.73 9.25
N LYS A 2308 -43.35 41.47 8.85
CA LYS A 2308 -44.52 40.70 9.22
C LYS A 2308 -44.34 40.11 10.60
N TYR A 2309 -45.24 40.51 11.49
CA TYR A 2309 -45.35 40.04 12.87
C TYR A 2309 -44.18 40.50 13.75
N PRO A 2310 -44.43 40.62 15.06
CA PRO A 2310 -43.47 40.86 16.14
C PRO A 2310 -42.98 39.61 16.87
N GLU A 2311 -42.31 38.68 16.20
CA GLU A 2311 -41.93 37.47 16.93
C GLU A 2311 -40.52 37.54 17.48
N LYS A 2312 -40.41 37.60 18.81
CA LYS A 2312 -39.14 37.37 19.45
C LYS A 2312 -39.28 36.48 20.67
N VAL A 2313 -38.63 35.33 20.62
CA VAL A 2313 -38.43 34.52 21.81
C VAL A 2313 -37.09 33.86 21.65
N PRO A 2314 -36.37 33.64 22.75
CA PRO A 2314 -35.10 32.96 22.53
C PRO A 2314 -35.30 31.59 21.93
N PHE A 2315 -36.24 30.84 22.46
CA PHE A 2315 -36.60 29.56 21.91
C PHE A 2315 -37.92 29.65 21.18
N ARG A 2316 -38.36 28.52 20.63
CA ARG A 2316 -39.71 28.37 20.15
C ARG A 2316 -40.22 27.03 20.63
N LEU A 2317 -41.31 27.01 21.40
CA LEU A 2317 -41.79 25.76 21.94
C LEU A 2317 -43.28 25.57 21.71
N THR A 2318 -43.65 24.55 20.95
CA THR A 2318 -45.05 24.20 20.87
C THR A 2318 -45.36 23.81 22.28
N ARG A 2319 -46.38 24.44 22.83
CA ARG A 2319 -46.57 24.51 24.27
C ARG A 2319 -46.55 23.15 24.90
N MET A 2320 -47.58 22.36 24.63
CA MET A 2320 -47.71 21.07 25.27
C MET A 2320 -46.81 20.06 24.58
N LEU A 2321 -46.35 20.38 23.38
CA LEU A 2321 -45.32 19.56 22.78
C LEU A 2321 -44.14 19.57 23.73
N THR A 2322 -43.57 20.77 23.87
CA THR A 2322 -42.45 20.97 24.77
C THR A 2322 -42.75 20.44 26.17
N TYR A 2323 -43.90 20.82 26.70
CA TYR A 2323 -44.30 20.46 28.04
C TYR A 2323 -44.32 18.97 28.23
N ALA A 2324 -45.26 18.33 27.54
CA ALA A 2324 -45.49 16.91 27.65
C ALA A 2324 -44.29 16.10 27.19
N MET A 2325 -43.32 16.77 26.57
CA MET A 2325 -42.11 16.09 26.16
C MET A 2325 -41.50 15.42 27.38
N GLU A 2326 -41.21 16.20 28.41
CA GLU A 2326 -40.82 15.60 29.68
C GLU A 2326 -41.49 16.29 30.86
N VAL A 2327 -42.27 15.51 31.60
CA VAL A 2327 -42.75 15.90 32.92
C VAL A 2327 -43.28 17.32 32.94
N SER A 2328 -42.82 18.08 33.92
CA SER A 2328 -43.04 19.52 33.91
C SER A 2328 -42.08 20.05 32.87
N GLY A 2329 -42.62 20.75 31.88
CA GLY A 2329 -41.85 21.03 30.68
C GLY A 2329 -40.56 21.77 30.93
N ILE A 2330 -39.48 21.14 30.48
CA ILE A 2330 -38.14 21.72 30.47
C ILE A 2330 -37.82 22.33 31.81
N GLU A 2331 -38.33 21.75 32.88
CA GLU A 2331 -38.06 22.34 34.17
C GLU A 2331 -36.59 22.19 34.46
N GLY A 2332 -36.13 20.94 34.44
CA GLY A 2332 -34.72 20.63 34.55
C GLY A 2332 -34.05 20.61 33.20
N SER A 2333 -34.85 20.31 32.18
CA SER A 2333 -34.32 20.15 30.85
C SER A 2333 -33.81 21.49 30.40
N PHE A 2334 -34.64 22.50 30.51
CA PHE A 2334 -34.16 23.83 30.21
C PHE A 2334 -33.26 24.29 31.32
N ARG A 2335 -33.31 23.63 32.48
CA ARG A 2335 -32.40 23.99 33.54
C ARG A 2335 -31.05 23.41 33.17
N ILE A 2336 -31.08 22.22 32.59
CA ILE A 2336 -29.87 21.64 32.07
C ILE A 2336 -29.33 22.61 31.05
N THR A 2337 -30.24 23.08 30.21
CA THR A 2337 -29.92 24.04 29.16
C THR A 2337 -29.29 25.25 29.77
N CYS A 2338 -29.74 25.56 30.97
CA CYS A 2338 -29.26 26.72 31.66
C CYS A 2338 -27.83 26.47 32.01
N GLU A 2339 -27.56 25.30 32.57
CA GLU A 2339 -26.21 24.94 32.92
C GLU A 2339 -25.31 25.11 31.72
N ASN A 2340 -25.74 24.52 30.62
CA ASN A 2340 -24.96 24.52 29.41
C ASN A 2340 -24.69 25.93 28.95
N VAL A 2341 -25.77 26.66 28.73
CA VAL A 2341 -25.72 27.99 28.20
C VAL A 2341 -24.93 28.87 29.13
N MET A 2342 -24.81 28.44 30.37
CA MET A 2342 -24.09 29.18 31.36
C MET A 2342 -22.62 28.95 31.14
N MET A 2343 -22.28 27.71 30.86
CA MET A 2343 -20.90 27.37 30.58
C MET A 2343 -20.49 28.21 29.39
N VAL A 2344 -21.36 28.19 28.39
CA VAL A 2344 -21.22 29.00 27.21
C VAL A 2344 -20.99 30.43 27.66
N LEU A 2345 -21.82 30.87 28.57
CA LEU A 2345 -21.85 32.24 29.02
C LEU A 2345 -20.61 32.58 29.82
N ARG A 2346 -19.84 31.55 30.13
CA ARG A 2346 -18.61 31.73 30.86
C ARG A 2346 -17.46 31.43 29.93
N ASP A 2347 -17.30 30.15 29.65
CA ASP A 2347 -16.22 29.71 28.81
C ASP A 2347 -16.37 30.27 27.42
N ASN A 2348 -15.31 30.90 26.93
CA ASN A 2348 -15.22 31.31 25.53
C ASN A 2348 -16.21 32.41 25.21
N LYS A 2349 -17.07 32.66 26.18
CA LYS A 2349 -18.08 33.70 26.11
C LYS A 2349 -17.40 35.00 25.79
N GLU A 2350 -16.19 35.13 26.29
CA GLU A 2350 -15.43 36.29 25.91
C GLU A 2350 -14.79 36.00 24.57
N SER A 2351 -13.78 35.14 24.59
CA SER A 2351 -12.88 35.06 23.46
C SER A 2351 -13.52 34.44 22.23
N LEU A 2352 -14.08 33.25 22.40
CA LEU A 2352 -14.52 32.52 21.23
C LEU A 2352 -15.82 33.09 20.77
N MET A 2353 -16.64 33.49 21.72
CA MET A 2353 -17.89 34.11 21.37
C MET A 2353 -17.59 35.31 20.50
N ALA A 2354 -16.77 36.21 21.01
CA ALA A 2354 -16.41 37.41 20.26
C ALA A 2354 -15.77 37.06 18.94
N ILE A 2355 -15.09 35.91 18.91
CA ILE A 2355 -14.41 35.48 17.71
C ILE A 2355 -15.45 35.16 16.65
N LEU A 2356 -16.39 34.30 16.99
CA LEU A 2356 -17.44 33.90 16.08
C LEU A 2356 -18.24 35.11 15.68
N GLU A 2357 -18.28 36.08 16.60
CA GLU A 2357 -18.94 37.34 16.33
C GLU A 2357 -18.22 37.99 15.17
N ALA A 2358 -16.91 38.07 15.31
CA ALA A 2358 -16.09 38.65 14.27
C ALA A 2358 -16.35 37.90 12.99
N PHE A 2359 -16.58 36.61 13.11
CA PHE A 2359 -16.89 35.79 11.96
C PHE A 2359 -18.14 36.35 11.30
N ALA A 2360 -19.14 36.62 12.12
CA ALA A 2360 -20.36 37.21 11.59
C ALA A 2360 -20.05 38.61 11.09
N TYR A 2361 -19.14 39.27 11.80
CA TYR A 2361 -18.63 40.58 11.40
C TYR A 2361 -17.86 40.34 10.13
N ASP A 2362 -17.59 41.40 9.38
CA ASP A 2362 -16.94 41.30 8.07
C ASP A 2362 -17.89 40.88 6.95
N PRO A 2363 -17.37 40.98 5.71
CA PRO A 2363 -17.43 41.27 4.27
C PRO A 2363 -18.39 40.50 3.39
N LEU A 2364 -18.30 40.81 2.10
CA LEU A 2364 -19.40 40.79 1.14
C LEU A 2364 -20.29 39.56 1.14
N ILE A 2365 -19.73 38.38 1.31
CA ILE A 2365 -20.59 37.22 1.47
C ILE A 2365 -21.27 37.33 2.81
N ASN A 2366 -20.45 37.52 3.84
CA ASN A 2366 -20.95 37.64 5.21
C ASN A 2366 -21.71 38.93 5.33
N TRP A 2367 -21.15 40.00 4.78
CA TRP A 2367 -21.85 41.27 4.70
C TRP A 2367 -23.15 41.10 3.92
N GLY A 2368 -23.21 40.05 3.11
CA GLY A 2368 -24.43 39.70 2.41
C GLY A 2368 -25.48 39.08 3.31
N PHE A 2369 -25.07 38.11 4.12
CA PHE A 2369 -25.99 37.47 5.05
C PHE A 2369 -26.52 38.49 6.03
N ASP A 2370 -25.62 39.35 6.49
CA ASP A 2370 -25.95 40.34 7.49
C ASP A 2370 -26.73 41.50 6.88
N LEU A 2371 -26.46 41.81 5.63
CA LEU A 2371 -27.27 42.80 4.93
C LEU A 2371 -28.67 42.27 4.96
N PRO A 2372 -28.85 41.07 4.39
CA PRO A 2372 -30.11 40.33 4.35
C PRO A 2372 -30.68 40.21 5.74
N THR A 2373 -29.82 40.21 6.74
CA THR A 2373 -30.28 40.19 8.12
C THR A 2373 -31.05 41.44 8.44
N HIS A 2374 -30.80 42.53 7.73
CA HIS A 2374 -31.49 43.77 8.06
C HIS A 2374 -32.96 43.72 7.57
N ALA A 2375 -33.29 43.62 6.28
CA ALA A 2375 -32.37 43.47 5.15
C ALA A 2375 -32.01 44.83 4.57
N VAL A 2376 -31.28 44.84 3.46
CA VAL A 2376 -30.94 46.07 2.78
C VAL A 2376 -32.22 46.81 2.42
N MET A 2377 -33.27 46.04 2.19
CA MET A 2377 -34.60 46.59 1.92
C MET A 2377 -35.20 47.13 3.22
N GLU A 2378 -34.78 46.57 4.35
CA GLU A 2378 -35.18 47.11 5.64
C GLU A 2378 -34.16 48.16 6.04
N GLN A 2379 -33.09 48.22 5.27
CA GLN A 2379 -32.07 49.26 5.41
C GLN A 2379 -32.48 50.42 4.51
N THR A 2380 -33.64 50.30 3.89
CA THR A 2380 -34.11 51.28 2.90
C THR A 2380 -34.60 52.54 3.57
N GLY A 2381 -35.21 53.43 2.79
CA GLY A 2381 -35.10 54.86 2.98
C GLY A 2381 -35.55 55.52 4.26
N ILE A 2382 -35.08 56.77 4.36
CA ILE A 2382 -34.96 57.55 5.57
C ILE A 2382 -34.96 58.99 5.09
N ASP A 2383 -34.58 59.92 5.96
CA ASP A 2383 -34.61 61.34 5.64
C ASP A 2383 -34.03 61.81 4.27
N LEU A 2384 -32.91 61.28 3.75
CA LEU A 2384 -31.99 60.33 4.36
C LEU A 2384 -30.53 60.71 4.21
N PRO A 2385 -30.13 61.89 4.71
CA PRO A 2385 -28.66 61.86 4.70
C PRO A 2385 -28.16 61.32 6.03
N LEU A 2386 -26.85 61.14 6.22
CA LEU A 2386 -26.35 61.14 7.58
C LEU A 2386 -26.41 62.58 8.06
N ALA A 2387 -25.76 63.45 7.29
CA ALA A 2387 -26.00 64.89 7.33
C ALA A 2387 -26.16 65.48 5.92
N ASN A 2388 -25.04 65.45 5.20
CA ASN A 2388 -24.89 66.03 3.86
C ASN A 2388 -25.66 65.34 2.72
N PRO A 2389 -25.63 64.00 2.68
CA PRO A 2389 -25.81 63.11 1.52
C PRO A 2389 -27.08 63.38 0.71
N SER A 2390 -28.08 64.00 1.33
CA SER A 2390 -29.28 64.39 0.59
C SER A 2390 -28.94 65.60 -0.26
N GLU A 2391 -28.63 66.72 0.40
CA GLU A 2391 -28.22 67.92 -0.29
C GLU A 2391 -26.85 67.78 -0.94
N LEU A 2392 -26.15 66.68 -0.63
CA LEU A 2392 -24.83 66.44 -1.21
C LEU A 2392 -24.92 65.66 -2.51
N LEU A 2393 -26.13 65.20 -2.83
CA LEU A 2393 -26.40 64.55 -4.11
C LEU A 2393 -26.82 65.62 -5.12
N ARG A 2394 -26.78 66.86 -4.66
CA ARG A 2394 -27.14 68.03 -5.43
C ARG A 2394 -25.97 68.43 -6.31
N LYS A 2395 -26.05 69.64 -6.88
CA LYS A 2395 -25.25 70.06 -8.03
C LYS A 2395 -23.76 70.07 -7.71
N GLY A 2396 -23.43 69.83 -6.44
CA GLY A 2396 -22.11 69.36 -6.08
C GLY A 2396 -21.76 68.05 -6.77
N VAL A 2397 -22.77 67.38 -7.32
CA VAL A 2397 -22.56 66.28 -8.26
C VAL A 2397 -22.12 66.97 -9.57
N ILE A 2398 -21.78 66.28 -10.66
CA ILE A 2398 -21.92 64.86 -10.96
C ILE A 2398 -20.77 64.04 -10.43
N SER A 2399 -19.85 64.68 -9.72
CA SER A 2399 -18.64 64.03 -9.24
C SER A 2399 -18.99 62.74 -8.50
N VAL A 2400 -20.18 62.69 -7.91
CA VAL A 2400 -20.74 61.46 -7.37
C VAL A 2400 -20.69 60.34 -8.42
N GLU A 2401 -20.97 60.69 -9.68
CA GLU A 2401 -20.87 59.72 -10.76
C GLU A 2401 -19.42 59.49 -11.16
N ASP A 2402 -18.60 60.52 -10.99
CA ASP A 2402 -17.17 60.42 -11.29
C ASP A 2402 -16.44 59.66 -10.19
N ALA A 2403 -16.75 60.01 -8.95
CA ALA A 2403 -16.15 59.37 -7.77
C ALA A 2403 -16.74 57.99 -7.52
N ALA A 2404 -18.04 57.97 -7.22
CA ALA A 2404 -18.73 56.76 -6.81
C ALA A 2404 -18.07 56.17 -5.58
N LYS A 2405 -17.57 54.95 -5.71
CA LYS A 2405 -17.10 54.19 -4.55
C LYS A 2405 -18.26 54.11 -3.58
N MET A 2406 -18.09 54.68 -2.39
CA MET A 2406 -19.18 54.77 -1.44
C MET A 2406 -20.13 55.93 -1.76
N GLU A 2407 -21.46 55.73 -1.69
CA GLU A 2407 -22.18 54.44 -1.66
C GLU A 2407 -21.77 53.38 -0.62
N LEU A 2408 -21.34 52.24 -1.14
CA LEU A 2408 -21.28 50.99 -0.41
C LEU A 2408 -20.53 51.03 0.91
N GLN A 2409 -19.58 51.93 1.08
CA GLN A 2409 -18.87 51.99 2.36
C GLN A 2409 -19.76 52.63 3.42
N GLN A 2410 -20.82 53.29 2.96
CA GLN A 2410 -21.79 53.88 3.87
C GLN A 2410 -22.61 52.73 4.42
N LYS A 2411 -23.32 52.07 3.52
CA LYS A 2411 -24.09 50.89 3.87
C LYS A 2411 -23.28 49.88 4.68
N ALA A 2412 -22.01 49.70 4.31
CA ALA A 2412 -21.16 48.74 4.99
C ALA A 2412 -20.73 49.27 6.33
N GLU A 2413 -20.68 50.59 6.45
CA GLU A 2413 -20.42 51.19 7.75
C GLU A 2413 -21.61 50.87 8.62
N VAL A 2414 -22.79 50.89 8.01
CA VAL A 2414 -24.01 50.59 8.72
C VAL A 2414 -24.03 49.12 9.04
N ARG A 2415 -23.33 48.35 8.23
CA ARG A 2415 -23.23 46.93 8.44
C ARG A 2415 -22.43 46.74 9.70
N ASN A 2416 -21.32 47.45 9.76
CA ASN A 2416 -20.45 47.42 10.92
C ASN A 2416 -21.19 47.92 12.13
N ALA A 2417 -22.17 48.80 11.90
CA ALA A 2417 -22.94 49.38 12.97
C ALA A 2417 -23.89 48.36 13.55
N ARG A 2418 -24.62 47.71 12.65
CA ARG A 2418 -25.57 46.69 13.04
C ARG A 2418 -24.82 45.57 13.70
N ALA A 2419 -23.59 45.37 13.25
CA ALA A 2419 -22.73 44.34 13.78
C ALA A 2419 -22.32 44.71 15.18
N THR A 2420 -22.01 45.98 15.34
CA THR A 2420 -21.58 46.49 16.62
C THR A 2420 -22.71 46.26 17.59
N LEU A 2421 -23.91 46.60 17.15
CA LEU A 2421 -25.09 46.44 17.95
C LEU A 2421 -25.32 44.97 18.22
N VAL A 2422 -24.91 44.15 17.28
CA VAL A 2422 -25.16 42.72 17.37
C VAL A 2422 -24.34 42.18 18.50
N LEU A 2423 -23.05 42.47 18.44
CA LEU A 2423 -22.12 42.03 19.44
C LEU A 2423 -22.50 42.63 20.77
N LYS A 2424 -23.04 43.84 20.72
CA LYS A 2424 -23.50 44.51 21.90
C LYS A 2424 -24.54 43.62 22.53
N ARG A 2425 -25.45 43.17 21.68
CA ARG A 2425 -26.53 42.32 22.11
C ARG A 2425 -26.01 40.95 22.51
N ILE A 2426 -24.78 40.66 22.11
CA ILE A 2426 -24.14 39.42 22.51
C ILE A 2426 -23.66 39.55 23.94
N ALA A 2427 -23.02 40.67 24.22
CA ALA A 2427 -22.49 40.94 25.55
C ALA A 2427 -23.64 41.02 26.52
N ASP A 2428 -24.71 41.64 26.06
CA ASP A 2428 -25.95 41.59 26.79
C ASP A 2428 -26.30 40.13 26.93
N LYS A 2429 -26.37 39.43 25.82
CA LYS A 2429 -26.70 38.02 25.85
C LYS A 2429 -25.69 37.30 26.71
N LEU A 2430 -24.41 37.57 26.49
CA LEU A 2430 -23.43 36.76 27.16
C LEU A 2430 -22.99 37.41 28.46
N THR A 2431 -23.37 36.76 29.55
CA THR A 2431 -22.72 36.91 30.84
C THR A 2431 -22.97 38.11 31.79
N GLY A 2432 -23.74 39.16 31.46
CA GLY A 2432 -24.70 39.26 30.38
C GLY A 2432 -25.72 40.32 30.76
N ASN A 2433 -26.76 40.45 29.95
CA ASN A 2433 -27.81 41.44 30.19
C ASN A 2433 -28.91 41.38 29.14
N ASP A 2434 -30.05 41.97 29.50
CA ASP A 2434 -31.20 42.11 28.63
C ASP A 2434 -32.23 42.72 29.54
N PHE A 2435 -33.32 43.25 29.01
CA PHE A 2435 -34.45 43.61 29.85
C PHE A 2435 -34.13 44.86 30.66
N PRO A 2436 -35.16 45.44 31.29
CA PRO A 2436 -35.07 46.70 32.03
C PRO A 2436 -33.92 46.74 33.03
N ARG A 2437 -33.69 45.69 33.78
CA ARG A 2437 -32.48 45.63 34.59
C ARG A 2437 -31.51 44.71 33.89
N CYS A 2438 -30.30 44.57 34.42
CA CYS A 2438 -29.35 43.66 33.82
C CYS A 2438 -28.67 42.71 34.81
N GLN A 2439 -27.86 43.33 35.65
CA GLN A 2439 -26.76 42.68 36.35
C GLN A 2439 -25.95 41.94 35.32
N GLU A 2440 -25.47 40.75 35.66
CA GLU A 2440 -25.27 39.70 34.69
C GLU A 2440 -26.60 39.02 34.47
N LEU A 2441 -27.23 38.82 35.62
CA LEU A 2441 -28.40 37.99 35.87
C LEU A 2441 -27.97 36.52 35.87
N SER A 2442 -26.79 36.31 35.31
CA SER A 2442 -26.07 35.05 35.30
C SER A 2442 -26.92 33.88 34.86
N VAL A 2443 -26.70 32.75 35.50
CA VAL A 2443 -27.40 31.54 35.14
C VAL A 2443 -28.85 31.63 35.52
N PRO A 2444 -29.09 31.88 36.81
CA PRO A 2444 -30.44 31.69 37.31
C PRO A 2444 -31.41 32.60 36.63
N ASP A 2445 -31.00 33.84 36.53
CA ASP A 2445 -31.88 34.87 36.04
C ASP A 2445 -31.89 34.76 34.55
N GLN A 2446 -30.76 34.95 33.87
CA GLN A 2446 -30.82 34.97 32.41
C GLN A 2446 -31.59 33.74 31.91
N VAL A 2447 -31.43 32.63 32.61
CA VAL A 2447 -32.25 31.46 32.33
C VAL A 2447 -33.71 31.75 32.60
N ASP A 2448 -33.98 32.42 33.71
CA ASP A 2448 -35.35 32.66 34.11
C ASP A 2448 -36.06 33.55 33.10
N LYS A 2449 -35.49 34.72 32.84
CA LYS A 2449 -36.04 35.67 31.90
C LYS A 2449 -36.15 35.01 30.54
N LEU A 2450 -35.21 34.12 30.25
CA LEU A 2450 -35.32 33.33 29.06
C LEU A 2450 -36.62 32.55 29.11
N ILE A 2451 -36.85 31.92 30.24
CA ILE A 2451 -37.97 31.02 30.41
C ILE A 2451 -39.25 31.79 30.31
N GLN A 2452 -39.21 33.05 30.71
CA GLN A 2452 -40.36 33.91 30.63
C GLN A 2452 -40.61 34.19 29.18
N GLN A 2453 -39.53 34.57 28.51
CA GLN A 2453 -39.56 34.86 27.09
C GLN A 2453 -40.13 33.68 26.34
N ALA A 2454 -39.94 32.50 26.91
CA ALA A 2454 -40.51 31.30 26.34
C ALA A 2454 -41.97 31.22 26.69
N THR A 2455 -42.27 31.58 27.94
CA THR A 2455 -43.60 31.48 28.48
C THR A 2455 -44.49 32.52 27.84
N SER A 2456 -44.01 33.75 27.84
CA SER A 2456 -44.76 34.86 27.29
C SER A 2456 -44.36 35.04 25.85
N VAL A 2457 -45.32 35.37 24.98
CA VAL A 2457 -46.69 35.65 25.35
C VAL A 2457 -47.52 35.29 24.16
N GLU A 2458 -48.79 35.66 24.19
CA GLU A 2458 -49.51 35.76 22.94
C GLU A 2458 -48.73 36.72 22.04
N ASN A 2459 -48.06 37.68 22.66
CA ASN A 2459 -47.18 38.60 21.97
C ASN A 2459 -46.15 37.84 21.17
N LEU A 2460 -45.58 36.83 21.81
CA LEU A 2460 -44.83 35.82 21.11
C LEU A 2460 -45.73 35.24 20.04
N CYS A 2461 -46.83 34.63 20.49
CA CYS A 2461 -47.75 33.89 19.63
C CYS A 2461 -48.31 34.81 18.56
N GLN A 2462 -48.12 36.11 18.73
CA GLN A 2462 -48.46 37.09 17.71
C GLN A 2462 -47.68 36.85 16.42
N HIS A 2463 -46.67 35.99 16.48
CA HIS A 2463 -45.95 35.56 15.27
C HIS A 2463 -46.94 35.05 14.23
N TYR A 2464 -46.85 35.54 13.01
CA TYR A 2464 -47.94 35.32 12.06
C TYR A 2464 -47.69 34.10 11.21
N ILE A 2465 -48.49 33.08 11.45
CA ILE A 2465 -48.57 31.89 10.63
C ILE A 2465 -47.28 31.09 10.69
N GLY A 2466 -46.24 31.67 11.28
CA GLY A 2466 -44.95 31.01 11.34
C GLY A 2466 -44.74 30.40 12.69
N TRP A 2467 -45.58 30.79 13.63
CA TRP A 2467 -45.52 30.25 14.97
C TRP A 2467 -46.12 28.86 14.95
N CYS A 2468 -47.21 28.70 14.19
CA CYS A 2468 -47.94 27.45 14.11
C CYS A 2468 -48.32 26.95 15.50
N SER A 2469 -48.89 27.83 16.30
CA SER A 2469 -49.26 27.52 17.66
C SER A 2469 -50.20 26.34 17.73
N ASN B 85 -17.40 -42.98 -35.28
CA ASN B 85 -17.23 -41.74 -36.04
C ASN B 85 -16.08 -41.88 -37.03
N VAL B 86 -14.86 -41.70 -36.53
CA VAL B 86 -13.68 -41.87 -37.36
C VAL B 86 -13.61 -43.32 -37.82
N LYS B 87 -13.99 -44.23 -36.92
CA LYS B 87 -14.00 -45.64 -37.22
C LYS B 87 -14.99 -45.95 -38.34
N ALA B 88 -16.09 -45.22 -38.35
CA ALA B 88 -17.11 -45.37 -39.38
C ALA B 88 -16.52 -45.18 -40.77
N PHE B 89 -16.06 -43.96 -41.04
CA PHE B 89 -15.46 -43.63 -42.33
C PHE B 89 -14.24 -44.49 -42.61
N ASP B 90 -13.56 -44.90 -41.54
CA ASP B 90 -12.44 -45.83 -41.66
C ASP B 90 -12.88 -47.10 -42.36
N LEU B 91 -13.76 -47.85 -41.71
CA LEU B 91 -14.27 -49.10 -42.25
C LEU B 91 -14.92 -48.89 -43.61
N ILE B 92 -15.56 -47.74 -43.79
CA ILE B 92 -16.19 -47.41 -45.05
C ILE B 92 -15.13 -47.40 -46.15
N PHE B 93 -14.04 -46.69 -45.88
CA PHE B 93 -12.89 -46.64 -46.76
C PHE B 93 -12.36 -48.03 -47.04
N THR B 94 -11.86 -48.68 -46.01
CA THR B 94 -11.21 -50.00 -46.12
C THR B 94 -12.05 -50.99 -46.91
N LYS B 95 -13.35 -51.03 -46.62
CA LYS B 95 -14.27 -51.90 -47.33
C LYS B 95 -14.38 -51.47 -48.78
N LEU B 96 -14.55 -50.18 -48.99
CA LEU B 96 -14.57 -49.58 -50.32
C LEU B 96 -15.67 -50.17 -51.20
N ASN B 100 -14.97 -47.90 -58.29
CA ASN B 100 -15.94 -47.68 -57.23
C ASN B 100 -15.27 -47.83 -55.87
N GLN B 101 -14.80 -49.03 -55.59
CA GLN B 101 -14.07 -49.31 -54.37
C GLN B 101 -12.89 -48.35 -54.24
N LEU B 102 -12.13 -48.25 -55.32
CA LEU B 102 -10.94 -47.42 -55.39
C LEU B 102 -11.19 -45.99 -54.92
N GLU B 103 -12.01 -45.25 -55.67
CA GLU B 103 -12.30 -43.86 -55.35
C GLU B 103 -12.84 -43.70 -53.94
N ARG B 104 -13.68 -44.65 -53.54
CA ARG B 104 -14.26 -44.65 -52.20
C ARG B 104 -13.16 -44.61 -51.16
N VAL B 105 -12.37 -45.67 -51.10
CA VAL B 105 -11.26 -45.77 -50.16
C VAL B 105 -10.37 -44.54 -50.26
N ALA B 106 -10.14 -44.08 -51.49
CA ALA B 106 -9.29 -42.92 -51.74
C ALA B 106 -9.75 -41.68 -50.99
N ALA B 107 -10.90 -41.16 -51.39
CA ALA B 107 -11.43 -39.94 -50.80
C ALA B 107 -11.64 -40.10 -49.31
N SER B 108 -12.21 -41.24 -48.92
CA SER B 108 -12.53 -41.48 -47.52
C SER B 108 -11.28 -41.44 -46.65
N TYR B 109 -10.23 -42.10 -47.11
CA TYR B 109 -8.97 -42.15 -46.35
C TYR B 109 -8.30 -40.79 -46.34
N GLU B 110 -8.32 -40.12 -47.48
CA GLU B 110 -7.82 -38.76 -47.62
C GLU B 110 -8.40 -37.91 -46.51
N LEU B 111 -9.72 -37.77 -46.55
CA LEU B 111 -10.47 -37.05 -45.54
C LEU B 111 -10.13 -37.52 -44.13
N LYS B 112 -10.00 -38.83 -43.96
CA LYS B 112 -9.69 -39.41 -42.66
C LYS B 112 -8.41 -38.82 -42.07
N SER B 113 -7.29 -39.12 -42.73
CA SER B 113 -5.99 -38.67 -42.25
C SER B 113 -5.93 -37.16 -42.15
N CYS B 114 -6.55 -36.49 -43.09
CA CYS B 114 -6.56 -35.03 -43.09
C CYS B 114 -7.23 -34.49 -41.83
N LEU B 115 -8.48 -34.89 -41.63
CA LEU B 115 -9.29 -34.40 -40.52
C LEU B 115 -8.72 -34.85 -39.20
N ILE B 116 -7.94 -35.93 -39.26
CA ILE B 116 -7.29 -36.46 -38.07
C ILE B 116 -6.51 -35.35 -37.40
N SER B 117 -5.89 -34.51 -38.24
CA SER B 117 -5.10 -33.39 -37.75
C SER B 117 -4.06 -33.87 -36.75
N LEU B 118 -3.11 -34.65 -37.24
CA LEU B 118 -2.02 -35.20 -36.44
C LEU B 118 -2.52 -36.09 -35.30
N VAL B 122 -1.46 -38.30 -26.75
CA VAL B 122 -1.84 -39.51 -26.03
C VAL B 122 -3.03 -40.15 -26.69
N SER B 123 -3.75 -39.35 -27.47
CA SER B 123 -4.91 -39.83 -28.20
C SER B 123 -4.50 -40.02 -29.64
N THR B 124 -4.14 -38.89 -30.28
CA THR B 124 -3.77 -38.84 -31.68
C THR B 124 -2.79 -39.93 -32.06
N GLU B 125 -1.59 -39.88 -31.49
CA GLU B 125 -0.57 -40.90 -31.70
C GLU B 125 -1.18 -42.29 -31.53
N TYR B 126 -1.64 -42.57 -30.31
CA TYR B 126 -2.25 -43.85 -29.97
C TYR B 126 -3.29 -44.30 -30.99
N PHE B 127 -4.38 -43.54 -31.07
CA PHE B 127 -5.49 -43.85 -31.98
C PHE B 127 -4.99 -44.17 -33.38
N GLN B 128 -4.38 -43.16 -34.01
CA GLN B 128 -3.86 -43.28 -35.36
C GLN B 128 -3.02 -44.53 -35.54
N ARG B 129 -1.89 -44.61 -34.84
CA ARG B 129 -1.00 -45.76 -34.93
C ARG B 129 -1.74 -47.07 -34.79
N PHE B 130 -2.33 -47.31 -33.62
CA PHE B 130 -3.04 -48.54 -33.32
C PHE B 130 -4.04 -48.93 -34.40
N SER B 131 -5.07 -48.11 -34.57
CA SER B 131 -6.10 -48.34 -35.57
C SER B 131 -5.49 -48.62 -36.94
N ASN B 132 -4.81 -47.62 -37.50
CA ASN B 132 -4.24 -47.71 -38.84
C ASN B 132 -3.39 -48.95 -39.07
N ASP B 133 -2.54 -49.29 -38.10
CA ASP B 133 -1.68 -50.45 -38.23
C ASP B 133 -2.51 -51.72 -38.17
N ILE B 134 -3.56 -51.68 -37.36
CA ILE B 134 -4.47 -52.80 -37.23
C ILE B 134 -5.14 -53.05 -38.57
N ASN B 135 -5.47 -51.96 -39.27
CA ASN B 135 -6.08 -52.06 -40.58
C ASN B 135 -5.02 -52.36 -41.64
N ASN B 136 -3.75 -52.18 -41.27
CA ASN B 136 -2.64 -52.50 -42.16
C ASN B 136 -2.46 -53.99 -42.20
N LYS B 137 -2.50 -54.61 -41.02
CA LYS B 137 -2.48 -56.05 -40.91
C LYS B 137 -3.77 -56.62 -41.51
N VAL B 138 -4.89 -55.99 -41.18
CA VAL B 138 -6.19 -56.43 -41.65
C VAL B 138 -6.23 -56.43 -43.16
N PHE B 139 -5.67 -55.39 -43.76
CA PHE B 139 -5.63 -55.28 -45.21
C PHE B 139 -4.66 -56.31 -45.80
N GLU B 140 -3.45 -56.33 -45.27
CA GLU B 140 -2.41 -57.23 -45.74
C GLU B 140 -2.88 -58.68 -45.76
N LEU B 141 -3.72 -59.01 -44.80
CA LEU B 141 -4.34 -60.33 -44.76
C LEU B 141 -5.51 -60.44 -45.74
N ILE B 142 -6.34 -59.40 -45.79
CA ILE B 142 -7.57 -59.45 -46.57
C ILE B 142 -7.29 -59.25 -48.06
N HIS B 143 -6.24 -58.52 -48.37
CA HIS B 143 -5.83 -58.25 -49.75
C HIS B 143 -6.95 -57.59 -50.56
N ASP B 146 -11.92 -57.62 -54.13
CA ASP B 146 -10.59 -57.58 -53.54
C ASP B 146 -9.94 -56.22 -53.75
N SER B 147 -8.69 -56.09 -53.28
CA SER B 147 -7.88 -54.89 -53.44
C SER B 147 -8.43 -53.71 -52.66
N ASN B 148 -9.64 -53.87 -52.12
CA ASN B 148 -10.21 -52.96 -51.13
C ASN B 148 -9.16 -52.74 -50.07
N GLU B 149 -8.83 -53.84 -49.42
CA GLU B 149 -7.71 -53.91 -48.49
C GLU B 149 -6.49 -53.24 -49.11
N LYS B 150 -6.00 -53.80 -50.21
CA LYS B 150 -4.85 -53.24 -50.93
C LYS B 150 -4.96 -51.73 -51.14
N LEU B 151 -5.96 -51.30 -51.92
CA LEU B 151 -6.17 -49.89 -52.23
C LEU B 151 -6.12 -49.02 -50.98
N GLY B 152 -7.07 -49.22 -50.08
CA GLY B 152 -7.12 -48.47 -48.84
C GLY B 152 -5.81 -48.43 -48.09
N GLY B 153 -5.09 -49.56 -48.12
CA GLY B 153 -3.80 -49.65 -47.48
C GLY B 153 -2.78 -48.71 -48.08
N VAL B 154 -2.62 -48.77 -49.40
CA VAL B 154 -1.67 -47.90 -50.09
C VAL B 154 -2.07 -46.44 -49.85
N LEU B 155 -3.37 -46.19 -49.81
CA LEU B 155 -3.89 -44.87 -49.53
C LEU B 155 -3.39 -44.42 -48.17
N ALA B 156 -3.47 -45.33 -47.20
CA ALA B 156 -3.01 -45.05 -45.85
C ALA B 156 -1.52 -44.78 -45.85
N VAL B 157 -0.81 -45.43 -46.77
CA VAL B 157 0.62 -45.21 -46.89
C VAL B 157 0.88 -43.79 -47.32
N ASP B 158 0.20 -43.37 -48.39
CA ASP B 158 0.39 -42.02 -48.91
C ASP B 158 0.01 -40.98 -47.87
N THR B 159 -1.06 -41.25 -47.15
CA THR B 159 -1.56 -40.34 -46.15
C THR B 159 -0.56 -40.20 -45.01
N LEU B 160 -0.10 -41.34 -44.50
CA LEU B 160 0.87 -41.37 -43.43
C LEU B 160 2.16 -40.72 -43.89
N ILE B 161 2.37 -40.71 -45.20
CA ILE B 161 3.52 -40.06 -45.79
C ILE B 161 3.25 -38.57 -45.71
N ASP B 162 2.24 -38.13 -46.45
CA ASP B 162 1.82 -36.74 -46.40
C ASP B 162 1.12 -36.43 -45.08
N GLU B 169 10.61 -41.50 -41.56
CA GLU B 169 11.10 -42.46 -42.54
C GLU B 169 11.20 -43.85 -41.94
N LEU B 170 11.65 -43.91 -40.68
CA LEU B 170 11.77 -45.18 -39.98
C LEU B 170 10.44 -45.90 -39.93
N PRO B 171 9.43 -45.25 -39.32
CA PRO B 171 8.09 -45.84 -39.27
C PRO B 171 7.53 -46.04 -40.66
N ASN B 172 7.90 -45.13 -41.56
CA ASN B 172 7.48 -45.21 -42.95
C ASN B 172 7.89 -46.54 -43.55
N GLN B 173 9.18 -46.75 -43.73
CA GLN B 173 9.69 -47.98 -44.31
C GLN B 173 9.24 -49.18 -43.49
N THR B 174 9.11 -48.96 -42.19
CA THR B 174 8.66 -50.00 -41.28
C THR B 174 7.31 -50.56 -41.71
N SER B 175 6.27 -49.75 -41.58
CA SER B 175 4.92 -50.20 -41.90
C SER B 175 4.82 -50.54 -43.37
N ARG B 176 5.65 -49.87 -44.17
CA ARG B 176 5.73 -50.12 -45.60
C ARG B 176 6.04 -51.58 -45.88
N LEU B 177 7.26 -51.97 -45.54
CA LEU B 177 7.70 -53.34 -45.78
C LEU B 177 6.81 -54.32 -45.03
N ALA B 178 6.38 -53.90 -43.84
CA ALA B 178 5.52 -54.74 -43.01
C ALA B 178 4.26 -55.16 -43.75
N ASN B 179 3.40 -54.18 -44.00
CA ASN B 179 2.11 -54.45 -44.61
C ASN B 179 2.26 -54.94 -46.04
N TYR B 180 3.26 -54.43 -46.76
CA TYR B 180 3.46 -54.83 -48.15
C TYR B 180 3.84 -56.28 -48.28
N LEU B 181 4.91 -56.67 -47.58
CA LEU B 181 5.38 -58.05 -47.62
C LEU B 181 4.33 -58.97 -47.01
N ARG B 182 3.57 -58.44 -46.05
CA ARG B 182 2.49 -59.23 -45.48
C ARG B 182 1.41 -59.45 -46.53
N VAL B 183 1.26 -58.48 -47.42
CA VAL B 183 0.31 -58.57 -48.52
C VAL B 183 0.96 -59.08 -49.81
N LEU B 184 2.26 -59.31 -49.79
CA LEU B 184 2.95 -59.71 -51.02
C LEU B 184 4.01 -60.77 -50.79
N ILE B 185 3.97 -61.81 -51.63
CA ILE B 185 4.94 -62.89 -51.57
C ILE B 185 6.26 -62.44 -52.19
N ASP B 189 -4.12 -60.93 -57.56
CA ASP B 189 -3.90 -60.44 -58.91
C ASP B 189 -3.65 -58.94 -58.90
N ILE B 190 -2.52 -58.52 -59.46
CA ILE B 190 -2.15 -57.12 -59.60
C ILE B 190 -1.88 -56.48 -58.25
N GLU B 191 -2.17 -57.21 -57.17
CA GLU B 191 -1.83 -56.78 -55.83
C GLU B 191 -0.31 -56.71 -55.74
N VAL B 192 0.34 -57.55 -56.54
CA VAL B 192 1.78 -57.51 -56.73
C VAL B 192 2.17 -56.11 -57.18
N MET B 193 1.73 -55.73 -58.37
CA MET B 193 2.02 -54.41 -58.91
C MET B 193 1.49 -53.30 -58.01
N ARG B 194 0.39 -53.59 -57.33
CA ARG B 194 -0.21 -52.65 -56.39
C ARG B 194 0.79 -52.25 -55.31
N ALA B 195 1.15 -53.21 -54.47
CA ALA B 195 2.10 -52.97 -53.39
C ALA B 195 3.46 -52.58 -53.96
N ALA B 196 3.72 -53.01 -55.19
CA ALA B 196 4.93 -52.64 -55.90
C ALA B 196 5.05 -51.14 -55.99
N ALA B 197 4.13 -50.53 -56.73
CA ALA B 197 4.10 -49.09 -56.90
C ALA B 197 3.94 -48.39 -55.56
N THR B 198 3.10 -48.98 -54.70
CA THR B 198 2.82 -48.42 -53.38
C THR B 198 4.12 -48.18 -52.62
N THR B 199 4.81 -49.27 -52.30
CA THR B 199 6.08 -49.20 -51.59
C THR B 199 7.12 -48.43 -52.39
N LEU B 200 7.00 -48.45 -53.71
CA LEU B 200 7.94 -47.76 -54.57
C LEU B 200 7.92 -46.27 -54.29
N GLY B 201 6.75 -45.67 -54.42
CA GLY B 201 6.60 -44.25 -54.14
C GLY B 201 6.79 -43.96 -52.68
N LYS B 202 6.36 -44.89 -51.84
CA LYS B 202 6.46 -44.73 -50.39
C LYS B 202 7.92 -44.55 -49.99
N LEU B 203 8.79 -45.27 -50.68
CA LEU B 203 10.21 -45.18 -50.40
C LEU B 203 10.82 -43.98 -51.13
N ALA B 204 10.91 -44.09 -52.44
CA ALA B 204 11.44 -43.01 -53.25
C ALA B 204 10.44 -42.64 -54.32
N VAL B 205 9.92 -41.42 -54.23
CA VAL B 205 8.98 -40.93 -55.21
C VAL B 205 9.56 -39.68 -55.86
N LEU B 210 18.34 -47.75 -50.69
CA LEU B 210 18.64 -48.72 -51.74
C LEU B 210 19.42 -49.90 -51.20
N THR B 211 19.20 -50.21 -49.91
CA THR B 211 19.90 -51.30 -49.28
C THR B 211 18.94 -52.43 -48.92
N SER B 212 18.12 -52.20 -47.88
CA SER B 212 17.05 -53.13 -47.55
C SER B 212 16.16 -53.24 -48.76
N GLU B 213 16.07 -52.12 -49.48
CA GLU B 213 15.47 -52.09 -50.80
C GLU B 213 16.11 -53.13 -51.70
N PHE B 214 17.39 -52.95 -52.03
CA PHE B 214 18.11 -53.86 -52.91
C PHE B 214 18.11 -55.29 -52.34
N VAL B 215 18.20 -55.37 -51.02
CA VAL B 215 18.17 -56.66 -50.33
C VAL B 215 16.93 -57.43 -50.69
N GLU B 216 15.77 -56.93 -50.24
CA GLU B 216 14.51 -57.60 -50.47
C GLU B 216 14.24 -57.73 -51.96
N PHE B 217 14.78 -56.78 -52.73
CA PHE B 217 14.67 -56.79 -54.18
C PHE B 217 15.23 -58.08 -54.75
N GLU B 218 16.54 -58.24 -54.67
CA GLU B 218 17.20 -59.41 -55.22
C GLU B 218 16.62 -60.66 -54.59
N VAL B 219 16.32 -60.56 -53.29
CA VAL B 219 15.77 -61.66 -52.53
C VAL B 219 14.49 -62.22 -53.14
N LYS B 220 13.42 -61.44 -53.09
CA LYS B 220 12.10 -61.89 -53.53
C LYS B 220 12.06 -62.07 -55.04
N THR B 221 12.74 -61.18 -55.76
CA THR B 221 12.83 -61.27 -57.20
C THR B 221 13.38 -62.64 -57.57
N CYS B 222 14.63 -62.90 -57.21
CA CYS B 222 15.25 -64.18 -57.52
C CYS B 222 14.45 -65.34 -56.92
N ILE B 223 13.74 -65.05 -55.84
CA ILE B 223 12.92 -66.06 -55.17
C ILE B 223 11.85 -66.58 -56.11
N GLU B 224 11.04 -65.68 -56.65
CA GLU B 224 9.97 -66.11 -57.54
C GLU B 224 10.52 -66.33 -58.96
N TRP B 225 11.79 -65.97 -59.15
CA TRP B 225 12.43 -66.08 -60.46
C TRP B 225 13.04 -67.44 -60.68
N LEU B 226 13.08 -68.24 -59.61
CA LEU B 226 13.57 -69.60 -59.73
C LEU B 226 12.40 -70.50 -60.08
N THR B 227 12.48 -71.13 -61.24
CA THR B 227 11.39 -71.96 -61.74
C THR B 227 11.85 -73.40 -61.95
N GLN B 239 9.37 -61.90 -58.55
CA GLN B 239 10.22 -62.09 -59.71
C GLN B 239 10.09 -60.96 -60.71
N GLU B 240 8.92 -60.88 -61.34
CA GLU B 240 8.68 -59.92 -62.39
C GLU B 240 8.14 -58.61 -61.79
N TYR B 241 6.95 -58.69 -61.21
CA TYR B 241 6.34 -57.52 -60.59
C TYR B 241 7.16 -57.04 -59.40
N ARG B 242 7.98 -57.93 -58.85
CA ARG B 242 8.90 -57.56 -57.78
C ARG B 242 10.09 -56.81 -58.36
N LYS B 243 10.54 -57.25 -59.53
CA LYS B 243 11.62 -56.59 -60.24
C LYS B 243 11.20 -55.17 -60.59
N HIS B 244 10.02 -55.03 -61.18
CA HIS B 244 9.49 -53.72 -61.52
C HIS B 244 9.22 -52.92 -60.25
N ALA B 245 8.84 -53.61 -59.19
CA ALA B 245 8.62 -52.98 -57.89
C ALA B 245 9.86 -52.24 -57.47
N SER B 246 10.93 -52.99 -57.25
CA SER B 246 12.19 -52.42 -56.83
C SER B 246 12.74 -51.48 -57.89
N LEU B 247 12.27 -51.64 -59.12
CA LEU B 247 12.70 -50.76 -60.20
C LEU B 247 12.16 -49.36 -59.99
N LEU B 248 10.86 -49.26 -59.80
CA LEU B 248 10.21 -47.97 -59.59
C LEU B 248 10.61 -47.41 -58.24
N ILE B 249 10.82 -48.30 -57.28
CA ILE B 249 11.23 -47.91 -55.95
C ILE B 249 12.60 -47.24 -56.02
N ILE B 250 13.54 -47.93 -56.64
CA ILE B 250 14.89 -47.42 -56.78
C ILE B 250 14.91 -46.36 -57.88
N SER B 251 13.82 -46.23 -58.62
CA SER B 251 13.72 -45.17 -59.61
C SER B 251 13.52 -43.86 -58.88
N SER B 252 13.41 -42.78 -59.65
CA SER B 252 13.24 -41.46 -59.06
C SER B 252 11.80 -41.27 -58.57
N TYR B 262 26.44 -49.91 -60.71
CA TYR B 262 26.01 -50.95 -61.64
C TYR B 262 25.27 -52.06 -60.91
N PRO B 263 24.93 -51.81 -59.64
CA PRO B 263 24.10 -52.76 -58.90
C PRO B 263 22.83 -53.07 -59.68
N PHE B 264 22.26 -52.01 -60.24
CA PHE B 264 21.13 -52.13 -61.14
C PHE B 264 21.52 -52.92 -62.38
N VAL B 265 22.67 -52.57 -62.97
CA VAL B 265 23.17 -53.24 -64.16
C VAL B 265 23.19 -54.75 -63.96
N ASN B 266 24.03 -55.21 -63.03
CA ASN B 266 24.19 -56.63 -62.75
C ASN B 266 22.90 -57.31 -62.30
N SER B 267 22.19 -56.69 -61.36
CA SER B 267 20.90 -57.20 -60.91
C SER B 267 20.06 -57.51 -62.12
N ILE B 268 19.75 -56.48 -62.89
CA ILE B 268 18.97 -56.59 -64.11
C ILE B 268 19.50 -57.67 -65.05
N LEU B 269 20.81 -57.78 -65.14
CA LEU B 269 21.43 -58.83 -65.95
C LEU B 269 20.92 -60.19 -65.50
N ASP B 270 21.25 -60.55 -64.26
CA ASP B 270 20.85 -61.83 -63.69
C ASP B 270 19.35 -62.08 -63.76
N ASN B 271 18.58 -61.04 -63.44
CA ASN B 271 17.13 -61.09 -63.51
C ASN B 271 16.68 -61.48 -64.91
N ILE B 272 16.97 -60.62 -65.88
CA ILE B 272 16.58 -60.82 -67.27
C ILE B 272 17.01 -62.20 -67.76
N TRP B 273 18.17 -62.64 -67.30
CA TRP B 273 18.61 -63.99 -67.55
C TRP B 273 17.55 -64.98 -67.06
N ARG B 274 17.32 -64.99 -65.75
CA ARG B 274 16.42 -65.96 -65.13
C ARG B 274 15.01 -65.93 -65.72
N ALA B 275 14.46 -64.74 -65.86
CA ALA B 275 13.08 -64.57 -66.30
C ALA B 275 12.92 -64.75 -67.80
N LEU B 276 13.87 -64.23 -68.56
CA LEU B 276 13.76 -64.24 -70.01
C LEU B 276 14.88 -65.06 -70.67
N ARG B 277 14.57 -66.07 -71.50
CA ARG B 277 13.23 -66.55 -71.89
C ARG B 277 12.30 -65.48 -72.47
N LYS B 280 5.23 -60.73 -65.60
CA LYS B 280 6.06 -61.73 -66.26
C LYS B 280 7.20 -61.08 -67.02
N LEU B 281 7.48 -61.62 -68.20
CA LEU B 281 8.48 -61.03 -69.09
C LEU B 281 8.09 -59.60 -69.40
N VAL B 282 6.80 -59.33 -69.30
CA VAL B 282 6.30 -57.97 -69.38
C VAL B 282 6.87 -57.15 -68.23
N ILE B 283 6.66 -57.63 -66.99
CA ILE B 283 7.06 -56.87 -65.81
C ILE B 283 8.57 -56.88 -65.70
N ARG B 284 9.18 -57.95 -66.21
CA ARG B 284 10.61 -58.02 -66.32
C ARG B 284 11.09 -56.90 -67.24
N THR B 285 10.41 -56.72 -68.36
CA THR B 285 10.73 -55.67 -69.31
C THR B 285 10.50 -54.31 -68.69
N ASP B 286 9.57 -54.26 -67.75
CA ASP B 286 9.25 -53.03 -67.04
C ASP B 286 10.43 -52.62 -66.19
N ALA B 287 10.87 -53.55 -65.35
CA ALA B 287 12.06 -53.30 -64.54
C ALA B 287 13.24 -52.96 -65.43
N ALA B 288 13.30 -53.61 -66.58
CA ALA B 288 14.41 -53.44 -67.52
C ALA B 288 14.50 -52.01 -68.04
N VAL B 289 13.40 -51.56 -68.64
CA VAL B 289 13.35 -50.22 -69.20
C VAL B 289 13.49 -49.21 -68.07
N THR B 290 13.02 -49.58 -66.88
CA THR B 290 13.11 -48.71 -65.73
C THR B 290 14.55 -48.46 -65.35
N LEU B 291 15.35 -49.54 -65.35
CA LEU B 291 16.76 -49.43 -65.04
C LEU B 291 17.48 -48.66 -66.14
N GLY B 292 17.22 -49.03 -67.38
CA GLY B 292 17.81 -48.37 -68.53
C GLY B 292 17.57 -46.88 -68.49
N LYS B 293 16.41 -46.51 -67.98
CA LYS B 293 16.07 -45.12 -67.77
C LYS B 293 16.89 -44.52 -66.63
N CYS B 294 16.87 -45.23 -65.50
CA CYS B 294 17.52 -44.75 -64.27
C CYS B 294 18.99 -44.41 -64.51
N LEU B 295 19.66 -45.26 -65.28
CA LEU B 295 21.06 -45.02 -65.60
C LEU B 295 21.18 -43.78 -66.47
N THR B 296 20.25 -43.62 -67.40
CA THR B 296 20.23 -42.47 -68.29
C THR B 296 19.87 -41.20 -67.54
N SER B 303 29.45 -44.49 -69.72
CA SER B 303 29.94 -45.35 -68.65
C SER B 303 29.02 -46.55 -68.47
N SER B 304 27.91 -46.33 -67.78
CA SER B 304 26.89 -47.37 -67.65
C SER B 304 26.31 -47.65 -69.03
N LEU B 305 26.49 -46.70 -69.94
CA LEU B 305 26.11 -46.86 -71.33
C LEU B 305 26.91 -48.01 -71.95
N THR B 306 28.12 -48.18 -71.47
CA THR B 306 28.98 -49.25 -71.97
C THR B 306 28.48 -50.61 -71.50
N LYS B 307 28.14 -50.70 -70.22
CA LYS B 307 27.64 -51.95 -69.65
C LYS B 307 26.30 -52.31 -70.29
N LYS B 308 25.50 -51.27 -70.52
CA LYS B 308 24.19 -51.43 -71.13
C LYS B 308 24.33 -51.91 -72.56
N TRP B 309 25.23 -51.31 -73.32
CA TRP B 309 25.45 -51.71 -74.70
C TRP B 309 26.08 -53.10 -74.73
N VAL B 310 26.75 -53.45 -73.63
CA VAL B 310 27.38 -54.76 -73.50
C VAL B 310 26.30 -55.82 -73.38
N GLN B 311 25.38 -55.61 -72.44
CA GLN B 311 24.25 -56.50 -72.29
C GLN B 311 23.41 -56.49 -73.56
N ARG B 312 23.46 -55.37 -74.27
CA ARG B 312 22.71 -55.18 -75.50
C ARG B 312 23.21 -56.10 -76.60
N LEU B 313 24.50 -56.05 -76.85
CA LEU B 313 25.10 -56.94 -77.84
C LEU B 313 24.97 -58.37 -77.35
N PHE B 314 25.03 -58.55 -76.04
CA PHE B 314 24.95 -59.86 -75.42
C PHE B 314 23.64 -60.56 -75.74
N ASN B 315 22.52 -59.92 -75.41
CA ASN B 315 21.21 -60.47 -75.72
C ASN B 315 21.04 -60.51 -77.23
N GLY B 316 21.61 -59.52 -77.90
CA GLY B 316 21.61 -59.47 -79.35
C GLY B 316 22.39 -60.63 -79.92
N CYS B 317 23.39 -61.08 -79.17
CA CYS B 317 24.14 -62.27 -79.56
C CYS B 317 23.31 -63.52 -79.27
N ILE B 329 15.71 -64.12 -77.98
CA ILE B 329 14.37 -64.58 -77.63
C ILE B 329 13.34 -63.56 -78.05
N HIS B 330 12.09 -64.00 -78.17
CA HIS B 330 11.00 -63.13 -78.57
C HIS B 330 10.85 -61.94 -77.64
N GLY B 331 10.44 -62.19 -76.41
CA GLY B 331 10.24 -61.14 -75.43
C GLY B 331 11.50 -60.38 -75.11
N THR B 332 12.60 -61.12 -75.00
CA THR B 332 13.91 -60.54 -74.75
C THR B 332 14.23 -59.47 -75.79
N LEU B 333 14.37 -59.91 -77.04
CA LEU B 333 14.69 -59.00 -78.14
C LEU B 333 13.65 -57.90 -78.28
N LEU B 334 12.39 -58.22 -77.96
CA LEU B 334 11.32 -57.23 -77.96
C LEU B 334 11.66 -56.07 -77.04
N VAL B 335 11.75 -56.36 -75.74
CA VAL B 335 12.05 -55.36 -74.72
C VAL B 335 13.35 -54.64 -75.03
N TYR B 336 14.35 -55.42 -75.44
CA TYR B 336 15.66 -54.89 -75.80
C TYR B 336 15.51 -53.81 -76.85
N ARG B 337 15.04 -54.21 -78.04
CA ARG B 337 14.82 -53.30 -79.15
C ARG B 337 14.01 -52.07 -78.73
N GLN B 338 12.97 -52.30 -77.94
CA GLN B 338 12.12 -51.22 -77.45
C GLN B 338 12.96 -50.17 -76.71
N LEU B 339 13.49 -50.57 -75.56
CA LEU B 339 14.24 -49.65 -74.71
C LEU B 339 15.40 -49.01 -75.45
N VAL B 340 16.15 -49.82 -76.18
CA VAL B 340 17.27 -49.37 -76.98
C VAL B 340 16.86 -48.28 -77.95
N SER B 341 16.04 -48.65 -78.93
CA SER B 341 15.62 -47.73 -79.99
C SER B 341 14.98 -46.50 -79.39
N LEU B 342 14.42 -46.65 -78.19
CA LEU B 342 13.93 -45.52 -77.44
C LEU B 342 15.14 -44.79 -76.86
N GLU B 343 15.83 -45.44 -75.93
CA GLU B 343 17.00 -44.84 -75.30
C GLU B 343 17.93 -45.91 -74.73
N LEU B 347 21.95 -46.52 -81.99
CA LEU B 347 23.36 -46.15 -81.95
C LEU B 347 24.12 -46.77 -83.11
N LYS B 348 23.98 -46.16 -84.29
CA LYS B 348 24.66 -46.65 -85.48
C LYS B 348 24.32 -48.10 -85.76
N ASP B 349 25.34 -48.95 -85.73
CA ASP B 349 25.19 -50.38 -85.99
C ASP B 349 24.13 -51.02 -85.12
N LYS B 350 23.91 -50.43 -83.95
CA LYS B 350 22.76 -50.78 -83.13
C LYS B 350 21.53 -50.68 -84.01
N TYR B 351 21.24 -49.47 -84.47
CA TYR B 351 20.10 -49.21 -85.35
C TYR B 351 20.17 -50.01 -86.65
N GLU B 352 21.37 -50.19 -87.18
CA GLU B 352 21.55 -50.99 -88.38
C GLU B 352 21.00 -52.40 -88.19
N GLU B 353 21.66 -53.18 -87.33
CA GLU B 353 21.28 -54.56 -87.05
C GLU B 353 19.85 -54.64 -86.56
N ILE B 354 19.41 -53.57 -85.89
CA ILE B 354 18.02 -53.43 -85.50
C ILE B 354 17.17 -53.56 -86.74
N TYR B 355 17.32 -52.60 -87.66
CA TYR B 355 16.55 -52.58 -88.90
C TYR B 355 16.64 -53.90 -89.62
N GLU B 356 17.82 -54.52 -89.58
CA GLU B 356 18.05 -55.83 -90.15
C GLU B 356 17.09 -56.88 -89.58
N THR B 357 17.28 -57.21 -88.30
CA THR B 357 16.52 -58.29 -87.68
C THR B 357 15.03 -57.98 -87.68
N THR B 358 14.71 -56.71 -87.44
CA THR B 358 13.34 -56.25 -87.40
C THR B 358 12.63 -56.40 -88.73
N MET B 359 13.19 -55.82 -89.78
CA MET B 359 12.56 -55.90 -91.10
C MET B 359 12.53 -57.35 -91.54
N LYS B 360 13.51 -58.12 -91.05
CA LYS B 360 13.56 -59.54 -91.31
C LYS B 360 12.33 -60.24 -90.78
N HIS B 361 12.07 -60.08 -89.47
CA HIS B 361 10.91 -60.71 -88.87
C HIS B 361 9.61 -60.06 -89.37
N ARG B 362 9.75 -58.89 -89.97
CA ARG B 362 8.61 -58.12 -90.46
C ARG B 362 7.95 -58.81 -91.64
N ASP B 363 8.76 -59.21 -92.61
CA ASP B 363 8.25 -59.91 -93.78
C ASP B 363 7.93 -61.36 -93.43
N ASN B 366 4.54 -64.69 -81.80
CA ASN B 366 5.45 -64.72 -82.93
C ASN B 366 4.99 -63.74 -84.01
N ILE B 367 3.68 -63.58 -84.14
CA ILE B 367 3.13 -62.63 -85.10
C ILE B 367 2.93 -61.30 -84.42
N ILE B 368 1.95 -61.25 -83.51
CA ILE B 368 1.65 -60.04 -82.77
C ILE B 368 2.83 -59.66 -81.90
N ILE B 369 3.52 -60.67 -81.37
CA ILE B 369 4.72 -60.46 -80.57
C ILE B 369 5.71 -59.65 -81.39
N ARG B 370 6.18 -60.24 -82.48
CA ARG B 370 7.10 -59.56 -83.38
C ARG B 370 6.51 -58.30 -83.95
N LYS B 371 5.20 -58.32 -84.19
CA LYS B 371 4.50 -57.13 -84.70
C LYS B 371 4.80 -55.94 -83.80
N GLU B 372 4.36 -56.02 -82.56
CA GLU B 372 4.56 -54.96 -81.59
C GLU B 372 6.03 -54.68 -81.32
N ILE B 373 6.82 -55.74 -81.21
CA ILE B 373 8.25 -55.59 -80.95
C ILE B 373 8.87 -54.68 -82.00
N TYR B 374 8.85 -55.15 -83.24
CA TYR B 374 9.41 -54.40 -84.36
C TYR B 374 8.78 -53.02 -84.52
N ALA B 375 7.47 -52.96 -84.43
CA ALA B 375 6.75 -51.69 -84.53
C ALA B 375 7.34 -50.67 -83.57
N ILE B 376 7.22 -50.97 -82.28
CA ILE B 376 7.77 -50.13 -81.22
C ILE B 376 9.22 -49.79 -81.49
N ILE B 377 9.96 -50.78 -81.97
CA ILE B 377 11.37 -50.58 -82.28
C ILE B 377 11.52 -49.54 -83.37
N PRO B 378 10.78 -49.71 -84.48
CA PRO B 378 10.87 -48.88 -85.68
C PRO B 378 10.58 -47.41 -85.42
N VAL B 379 9.53 -47.15 -84.64
CA VAL B 379 9.15 -45.79 -84.34
C VAL B 379 10.22 -45.17 -83.46
N LEU B 380 10.65 -45.90 -82.45
CA LEU B 380 11.60 -45.38 -81.47
C LEU B 380 12.94 -45.06 -82.11
N ALA B 381 13.41 -45.98 -82.95
CA ALA B 381 14.68 -45.80 -83.64
C ALA B 381 14.60 -44.66 -84.64
N ALA B 382 13.38 -44.35 -85.08
CA ALA B 382 13.18 -43.28 -86.03
C ALA B 382 13.34 -41.91 -85.38
N ASP B 384 17.83 -40.43 -92.14
CA ASP B 384 17.38 -40.56 -93.52
C ASP B 384 17.44 -42.01 -93.96
N PRO B 385 18.64 -42.61 -93.90
CA PRO B 385 18.81 -44.04 -94.22
C PRO B 385 17.96 -44.90 -93.32
N LYS B 386 17.96 -44.56 -92.03
CA LYS B 386 17.03 -45.15 -91.10
C LYS B 386 15.62 -44.82 -91.56
N LEU B 387 15.41 -43.56 -91.93
CA LEU B 387 14.09 -43.07 -92.33
C LEU B 387 13.61 -43.69 -93.64
N PHE B 388 14.53 -43.94 -94.56
CA PHE B 388 14.17 -44.52 -95.84
C PHE B 388 13.94 -46.02 -95.74
N THR B 389 14.81 -46.71 -94.99
CA THR B 389 14.66 -48.14 -94.78
C THR B 389 13.35 -48.39 -94.06
N GLN B 390 13.10 -47.55 -93.07
CA GLN B 390 11.84 -47.58 -92.34
C GLN B 390 10.68 -47.28 -93.26
N LYS B 391 10.89 -46.37 -94.21
CA LYS B 391 9.83 -46.01 -95.15
C LYS B 391 9.41 -47.20 -96.00
N TYR B 392 10.41 -47.86 -96.59
CA TYR B 392 10.19 -49.02 -97.42
C TYR B 392 9.53 -50.15 -96.64
N LEU B 393 10.15 -50.53 -95.53
CA LEU B 393 9.64 -51.62 -94.70
C LEU B 393 8.22 -51.34 -94.23
N ASP B 394 7.99 -50.09 -93.81
CA ASP B 394 6.67 -49.64 -93.40
C ASP B 394 5.63 -49.86 -94.48
N ALA B 395 5.81 -49.17 -95.61
CA ALA B 395 4.87 -49.29 -96.72
C ALA B 395 4.61 -50.76 -97.05
N THR B 396 5.70 -51.51 -97.14
CA THR B 396 5.66 -52.94 -97.42
C THR B 396 4.72 -53.68 -96.47
N MET B 397 5.07 -53.70 -95.20
CA MET B 397 4.31 -54.44 -94.19
C MET B 397 2.88 -53.93 -94.05
N ILE B 398 2.70 -52.63 -94.22
CA ILE B 398 1.39 -51.99 -94.19
C ILE B 398 0.50 -52.65 -95.23
N HIS B 399 0.87 -52.49 -96.50
CA HIS B 399 0.10 -53.08 -97.59
C HIS B 399 -0.03 -54.59 -97.42
N TYR B 400 0.99 -55.21 -96.84
CA TYR B 400 0.96 -56.64 -96.56
C TYR B 400 -0.22 -56.98 -95.67
N LEU B 401 -0.17 -56.51 -94.42
CA LEU B 401 -1.21 -56.78 -93.44
C LEU B 401 -2.56 -56.29 -93.93
N THR B 402 -2.59 -55.08 -94.46
CA THR B 402 -3.83 -54.55 -95.00
C THR B 402 -3.73 -54.44 -96.51
N LEU B 403 -4.48 -55.30 -97.21
CA LEU B 403 -5.35 -56.27 -96.56
C LEU B 403 -4.78 -57.69 -96.65
N LEU B 404 -5.03 -58.49 -95.63
CA LEU B 404 -4.60 -59.88 -95.61
C LEU B 404 -5.77 -60.82 -95.37
N LEU B 414 -5.66 -58.27 -87.11
CA LEU B 414 -4.65 -58.26 -86.05
C LEU B 414 -3.45 -57.45 -86.47
N SER B 415 -2.71 -57.96 -87.46
CA SER B 415 -1.54 -57.26 -87.98
C SER B 415 -1.97 -55.97 -88.68
N ASP B 416 -3.26 -55.87 -88.99
CA ASP B 416 -3.84 -54.71 -89.65
C ASP B 416 -3.48 -53.41 -88.92
N LYS B 417 -3.99 -53.27 -87.70
CA LYS B 417 -3.75 -52.06 -86.92
C LYS B 417 -2.29 -51.92 -86.53
N GLY B 418 -1.65 -53.03 -86.19
CA GLY B 418 -0.28 -53.02 -85.71
C GLY B 418 0.70 -52.39 -86.67
N PRO B 419 0.71 -52.88 -87.93
CA PRO B 419 1.55 -52.24 -88.94
C PRO B 419 1.07 -50.83 -89.26
N ILE B 420 -0.24 -50.64 -89.17
CA ILE B 420 -0.82 -49.33 -89.35
C ILE B 420 -0.35 -48.43 -88.22
N LEU B 421 -0.16 -49.02 -87.05
CA LEU B 421 0.32 -48.27 -85.89
C LEU B 421 1.78 -47.89 -86.06
N VAL B 422 2.57 -48.82 -86.57
CA VAL B 422 3.99 -48.58 -86.80
C VAL B 422 4.15 -47.48 -87.83
N SER B 423 3.33 -47.56 -88.88
CA SER B 423 3.33 -46.56 -89.93
C SER B 423 2.89 -45.21 -89.37
N ILE B 424 1.94 -45.26 -88.44
CA ILE B 424 1.44 -44.05 -87.80
C ILE B 424 2.56 -43.38 -87.02
N GLY B 425 3.31 -44.19 -86.27
CA GLY B 425 4.44 -43.68 -85.50
C GLY B 425 5.53 -43.14 -86.41
N ASP B 426 5.66 -43.73 -87.58
CA ASP B 426 6.61 -43.25 -88.58
C ASP B 426 6.20 -41.87 -89.06
N ILE B 427 4.92 -41.72 -89.38
CA ILE B 427 4.38 -40.44 -89.83
C ILE B 427 4.56 -39.41 -88.73
N ALA B 428 4.42 -39.85 -87.49
CA ALA B 428 4.66 -38.98 -86.34
C ALA B 428 6.11 -38.53 -86.37
N TYR B 429 7.00 -39.49 -86.61
CA TYR B 429 8.42 -39.20 -86.77
C TYR B 429 8.59 -38.39 -88.04
N HIS B 430 7.74 -38.66 -89.03
CA HIS B 430 7.77 -37.90 -90.27
C HIS B 430 7.11 -36.54 -90.06
N ILE B 435 3.61 -38.79 -104.08
CA ILE B 435 3.40 -37.71 -103.13
C ILE B 435 3.09 -38.27 -101.75
N GLY B 436 3.34 -37.47 -100.72
CA GLY B 436 2.98 -37.84 -99.37
C GLY B 436 1.48 -38.03 -99.29
N PRO B 437 0.73 -37.33 -100.16
CA PRO B 437 -0.72 -37.39 -100.35
C PRO B 437 -1.19 -38.72 -100.92
N TYR B 438 -0.27 -39.47 -101.53
CA TYR B 438 -0.59 -40.81 -102.01
C TYR B 438 -0.66 -41.72 -100.81
N LEU B 439 0.34 -41.60 -99.93
CA LEU B 439 0.36 -42.32 -98.69
C LEU B 439 -0.77 -41.84 -97.78
N ASP B 440 -1.19 -40.60 -98.01
CA ASP B 440 -2.25 -39.99 -97.21
C ASP B 440 -3.63 -40.47 -97.63
N ALA B 441 -3.81 -40.64 -98.93
CA ALA B 441 -5.07 -41.14 -99.46
C ALA B 441 -5.16 -42.64 -99.20
N ILE B 442 -4.00 -43.29 -99.26
CA ILE B 442 -3.90 -44.69 -98.89
C ILE B 442 -4.26 -44.81 -97.42
N VAL B 443 -3.78 -43.86 -96.62
CA VAL B 443 -4.09 -43.82 -95.20
C VAL B 443 -5.55 -43.48 -95.00
N GLU B 444 -6.16 -42.85 -96.00
CA GLU B 444 -7.57 -42.47 -95.92
C GLU B 444 -8.44 -43.69 -96.12
N ASN B 445 -8.09 -44.50 -97.12
CA ASN B 445 -8.78 -45.76 -97.35
C ASN B 445 -8.56 -46.68 -96.16
N LEU B 446 -7.34 -46.69 -95.67
CA LEU B 446 -6.99 -47.51 -94.51
C LEU B 446 -7.79 -47.08 -93.31
N ARG B 447 -8.01 -45.78 -93.18
CA ARG B 447 -8.78 -45.25 -92.06
C ARG B 447 -10.26 -45.56 -92.25
N ASP B 448 -10.69 -45.65 -93.49
CA ASP B 448 -12.06 -46.01 -93.80
C ASP B 448 -12.30 -47.44 -93.34
N GLY B 449 -11.43 -48.33 -93.81
CA GLY B 449 -11.50 -49.73 -93.43
C GLY B 449 -11.27 -49.98 -91.96
N LEU B 450 -10.54 -49.08 -91.30
CA LEU B 450 -10.28 -49.20 -89.86
C LEU B 450 -11.49 -48.77 -89.07
N GLU B 451 -12.14 -47.72 -89.53
CA GLU B 451 -13.38 -47.26 -88.94
C GLU B 451 -14.41 -48.36 -89.07
N THR B 452 -14.45 -49.00 -90.25
CA THR B 452 -15.35 -50.10 -90.47
C THR B 452 -14.88 -51.35 -89.73
N LYS B 453 -13.62 -51.34 -89.28
CA LYS B 453 -13.05 -52.45 -88.53
C LYS B 453 -13.49 -52.38 -87.07
N PHE B 454 -13.49 -51.18 -86.51
CA PHE B 454 -14.00 -50.99 -85.17
C PHE B 454 -15.51 -51.05 -85.22
N LYS B 455 -16.08 -50.74 -86.39
CA LYS B 455 -17.52 -50.77 -86.59
C LYS B 455 -18.00 -52.20 -86.63
N THR B 456 -17.28 -53.03 -87.37
CA THR B 456 -17.54 -54.44 -87.39
C THR B 456 -17.30 -54.96 -85.98
N ARG B 457 -16.23 -54.46 -85.36
CA ARG B 457 -15.98 -54.70 -83.95
C ARG B 457 -17.17 -54.24 -83.14
N LYS B 458 -17.43 -52.93 -83.15
CA LYS B 458 -18.60 -52.40 -82.45
C LYS B 458 -19.88 -52.75 -83.20
N GLU B 461 -10.39 -48.74 -84.98
CA GLU B 461 -10.25 -48.30 -83.60
C GLU B 461 -9.89 -46.82 -83.52
N LYS B 462 -9.63 -46.22 -84.68
CA LYS B 462 -9.48 -44.78 -84.82
C LYS B 462 -8.21 -44.23 -84.17
N ASP B 463 -7.54 -45.07 -83.38
CA ASP B 463 -6.30 -44.66 -82.72
C ASP B 463 -5.24 -44.38 -83.77
N ILE B 464 -5.40 -45.04 -84.92
CA ILE B 464 -4.52 -44.79 -86.05
C ILE B 464 -4.79 -43.40 -86.56
N PHE B 465 -6.06 -43.04 -86.66
CA PHE B 465 -6.44 -41.70 -87.07
C PHE B 465 -5.89 -40.71 -86.06
N TYR B 466 -5.89 -41.12 -84.80
CA TYR B 466 -5.37 -40.30 -83.72
C TYR B 466 -3.89 -39.99 -83.95
N CYS B 467 -3.09 -41.04 -84.10
CA CYS B 467 -1.67 -40.90 -84.28
C CYS B 467 -1.34 -40.17 -85.58
N VAL B 468 -2.18 -40.36 -86.59
CA VAL B 468 -1.99 -39.72 -87.89
C VAL B 468 -2.20 -38.23 -87.75
N SER B 469 -3.20 -37.86 -86.97
CA SER B 469 -3.44 -36.46 -86.66
C SER B 469 -2.26 -35.91 -85.90
N LYS B 470 -1.73 -36.73 -84.98
CA LYS B 470 -0.59 -36.35 -84.18
C LYS B 470 0.66 -36.16 -85.04
N LEU B 471 0.69 -36.80 -86.20
CA LEU B 471 1.84 -36.72 -87.08
C LEU B 471 2.03 -35.31 -87.61
N ALA B 472 0.98 -34.77 -88.23
CA ALA B 472 1.00 -33.41 -88.75
C ALA B 472 -0.39 -32.95 -89.14
N CYS B 473 -0.46 -31.71 -89.62
CA CYS B 473 -1.65 -31.21 -90.27
C CYS B 473 -1.29 -31.04 -91.74
N ALA B 474 -2.13 -31.58 -92.62
CA ALA B 474 -1.74 -31.80 -94.00
C ALA B 474 -2.84 -32.42 -94.83
N VAL B 475 -2.55 -32.57 -96.11
CA VAL B 475 -3.40 -33.26 -97.09
C VAL B 475 -4.56 -32.40 -97.52
N ARG B 476 -4.77 -31.30 -96.81
CA ARG B 476 -5.74 -30.27 -97.20
C ARG B 476 -7.16 -30.78 -97.08
N PRO B 477 -8.14 -29.87 -97.09
CA PRO B 477 -9.56 -30.06 -96.83
C PRO B 477 -10.20 -31.22 -97.60
N LEU B 478 -9.72 -31.54 -98.79
CA LEU B 478 -10.26 -32.68 -99.53
C LEU B 478 -10.18 -33.94 -98.68
N LEU B 479 -8.95 -34.42 -98.48
CA LEU B 479 -8.71 -35.62 -97.71
C LEU B 479 -9.02 -35.37 -96.24
N ALA B 480 -8.68 -34.17 -95.78
CA ALA B 480 -8.91 -33.77 -94.40
C ALA B 480 -10.37 -33.94 -94.04
N LYS B 481 -11.25 -33.18 -94.69
CA LYS B 481 -12.68 -33.26 -94.42
C LYS B 481 -13.28 -34.61 -94.82
N TYR B 482 -12.68 -35.28 -95.80
CA TYR B 482 -13.09 -36.64 -96.12
C TYR B 482 -13.02 -37.50 -94.87
N LEU B 483 -11.79 -37.66 -94.38
CA LEU B 483 -11.54 -38.42 -93.16
C LEU B 483 -12.27 -37.85 -91.96
N ASN B 484 -12.49 -36.54 -91.96
CA ASN B 484 -13.26 -35.87 -90.92
C ASN B 484 -14.63 -36.51 -90.83
N ARG B 485 -15.40 -36.35 -91.91
CA ARG B 485 -16.71 -36.96 -92.03
C ARG B 485 -16.65 -38.45 -91.70
N GLY B 486 -15.59 -39.11 -92.15
CA GLY B 486 -15.45 -40.54 -91.91
C GLY B 486 -15.36 -40.93 -90.44
N LEU B 487 -14.43 -40.32 -89.71
CA LEU B 487 -14.18 -40.67 -88.33
C LEU B 487 -15.22 -40.08 -87.39
N LEU B 488 -15.82 -38.97 -87.81
CA LEU B 488 -16.85 -38.32 -87.02
C LEU B 488 -18.08 -39.22 -86.96
N ASP B 489 -18.25 -40.02 -88.00
CA ASP B 489 -19.37 -40.94 -88.06
C ASP B 489 -18.99 -42.28 -87.45
N ALA B 490 -17.76 -42.37 -86.96
CA ALA B 490 -17.26 -43.59 -86.34
C ALA B 490 -17.55 -43.59 -84.84
N SER B 497 -16.91 -42.47 -78.19
CA SER B 497 -16.35 -42.91 -76.92
C SER B 497 -14.89 -42.50 -76.83
N ASP B 498 -14.65 -41.21 -76.63
CA ASP B 498 -13.32 -40.63 -76.48
C ASP B 498 -12.56 -40.68 -77.79
N HIS B 499 -13.10 -41.45 -78.73
CA HIS B 499 -12.65 -41.40 -80.09
C HIS B 499 -13.22 -40.11 -80.62
N MET B 500 -14.39 -39.76 -80.09
CA MET B 500 -14.97 -38.47 -80.35
C MET B 500 -14.09 -37.41 -79.70
N GLN B 501 -13.53 -37.75 -78.54
CA GLN B 501 -12.68 -36.81 -77.83
C GLN B 501 -11.34 -36.70 -78.53
N GLU B 502 -10.76 -37.84 -78.88
CA GLU B 502 -9.51 -37.86 -79.60
C GLU B 502 -9.66 -37.05 -80.87
N THR B 503 -10.76 -37.29 -81.56
CA THR B 503 -11.07 -36.57 -82.80
C THR B 503 -11.23 -35.10 -82.52
N LEU B 504 -11.76 -34.78 -81.35
CA LEU B 504 -11.96 -33.39 -80.96
C LEU B 504 -10.61 -32.71 -80.92
N LEU B 505 -9.70 -33.29 -80.15
CA LEU B 505 -8.35 -32.77 -80.04
C LEU B 505 -7.70 -32.64 -81.40
N VAL B 506 -7.93 -33.65 -82.23
CA VAL B 506 -7.34 -33.71 -83.56
C VAL B 506 -7.79 -32.54 -84.42
N ILE B 507 -9.11 -32.40 -84.56
CA ILE B 507 -9.70 -31.37 -85.40
C ILE B 507 -9.30 -30.01 -84.87
N CYS B 508 -9.16 -29.93 -83.56
CA CYS B 508 -8.69 -28.72 -82.93
C CYS B 508 -7.29 -28.41 -83.45
N GLU B 509 -6.45 -29.43 -83.49
CA GLU B 509 -5.07 -29.27 -83.91
C GLU B 509 -4.94 -29.10 -85.42
N LYS B 510 -6.05 -29.31 -86.13
CA LYS B 510 -6.00 -29.35 -87.58
C LYS B 510 -5.87 -27.97 -88.20
N ILE B 511 -6.93 -27.18 -88.11
CA ILE B 511 -6.97 -25.88 -88.76
C ILE B 511 -8.12 -25.05 -88.19
N SER B 513 -9.25 -25.09 -88.88
CA SER B 513 -10.41 -24.29 -88.49
C SER B 513 -11.70 -24.72 -89.17
N MET B 514 -11.61 -24.97 -90.47
CA MET B 514 -12.78 -25.29 -91.28
C MET B 514 -13.56 -26.46 -90.71
N GLU B 515 -12.94 -27.65 -90.77
CA GLU B 515 -13.56 -28.87 -90.28
C GLU B 515 -13.85 -28.77 -88.80
N VAL B 516 -13.01 -28.05 -88.08
CA VAL B 516 -13.23 -27.76 -86.67
C VAL B 516 -14.62 -27.16 -86.53
N THR B 517 -14.82 -25.99 -87.12
CA THR B 517 -16.11 -25.31 -87.12
C THR B 517 -17.24 -26.23 -87.60
N VAL B 518 -16.93 -27.03 -88.61
CA VAL B 518 -17.90 -27.96 -89.18
C VAL B 518 -18.45 -28.91 -88.12
N ASN B 519 -17.58 -29.76 -87.59
CA ASN B 519 -17.99 -30.74 -86.58
C ASN B 519 -18.54 -30.05 -85.35
N GLU B 520 -18.05 -28.85 -85.08
CA GLU B 520 -18.57 -28.05 -84.00
C GLU B 520 -20.04 -27.79 -84.26
N LYS B 521 -20.36 -27.59 -85.53
CA LYS B 521 -21.72 -27.33 -85.95
C LYS B 521 -22.55 -28.61 -85.98
N LEU B 522 -21.90 -29.75 -85.79
CA LEU B 522 -22.59 -31.02 -85.89
C LEU B 522 -23.48 -31.21 -84.68
N LEU B 523 -22.87 -31.38 -83.52
CA LEU B 523 -23.60 -31.41 -82.25
C LEU B 523 -24.49 -32.64 -82.14
N ASN B 524 -24.57 -33.40 -83.23
CA ASN B 524 -25.33 -34.63 -83.29
C ASN B 524 -26.80 -34.45 -82.92
N ILE B 525 -27.30 -35.40 -82.14
CA ILE B 525 -28.74 -35.53 -81.92
C ILE B 525 -29.18 -34.89 -80.62
N ILE B 526 -30.02 -33.87 -80.74
CA ILE B 526 -30.34 -33.29 -82.04
C ILE B 526 -30.18 -31.80 -81.95
N CYS B 527 -29.24 -31.25 -82.70
CA CYS B 527 -28.94 -29.83 -82.60
C CYS B 527 -28.44 -29.24 -83.90
N LEU B 528 -28.83 -27.99 -84.15
CA LEU B 528 -28.38 -27.24 -85.31
C LEU B 528 -28.96 -25.83 -85.32
N VAL B 529 -28.35 -24.97 -86.12
CA VAL B 529 -28.89 -23.64 -86.41
C VAL B 529 -29.20 -23.61 -87.90
N LEU B 530 -30.41 -23.23 -88.29
CA LEU B 530 -31.46 -22.73 -87.40
C LEU B 530 -32.07 -23.91 -86.58
N SER B 531 -33.01 -23.70 -85.64
CA SER B 531 -34.13 -22.76 -85.66
C SER B 531 -34.86 -22.81 -84.33
N GLY B 532 -35.83 -21.93 -84.17
CA GLY B 532 -36.49 -21.72 -82.89
C GLY B 532 -37.51 -22.80 -82.59
N GLU B 533 -37.44 -23.88 -83.37
CA GLU B 533 -38.35 -25.00 -83.22
C GLU B 533 -37.58 -26.30 -83.05
N LYS B 534 -38.28 -27.33 -82.58
CA LYS B 534 -37.69 -28.62 -82.24
C LYS B 534 -36.61 -28.45 -81.17
N PHE B 535 -37.04 -28.09 -79.97
CA PHE B 535 -36.11 -27.83 -78.88
C PHE B 535 -36.32 -28.77 -77.68
N ARG B 536 -37.41 -28.55 -76.95
CA ARG B 536 -37.59 -29.15 -75.63
C ARG B 536 -37.53 -30.68 -75.57
N PRO B 537 -38.42 -31.36 -76.30
CA PRO B 537 -38.56 -32.79 -76.02
C PRO B 537 -37.69 -33.75 -76.84
N PRO B 538 -36.36 -33.59 -76.77
CA PRO B 538 -35.32 -34.51 -77.28
C PRO B 538 -34.71 -35.51 -76.27
N GLY B 539 -35.45 -36.47 -75.69
CA GLY B 539 -36.83 -36.74 -76.01
C GLY B 539 -36.94 -37.75 -77.12
N SER B 540 -35.86 -37.89 -77.87
CA SER B 540 -35.81 -38.81 -78.99
C SER B 540 -34.48 -39.54 -79.01
N PRO B 541 -34.37 -40.60 -78.19
CA PRO B 541 -33.13 -41.38 -78.26
C PRO B 541 -33.07 -42.13 -79.58
N THR B 542 -32.78 -41.42 -80.66
CA THR B 542 -32.89 -42.00 -81.99
C THR B 542 -31.75 -42.99 -82.17
N PRO B 543 -32.11 -44.26 -82.29
CA PRO B 543 -31.18 -45.36 -82.08
C PRO B 543 -29.93 -45.51 -82.97
N MET B 544 -30.07 -45.43 -84.29
CA MET B 544 -29.04 -46.02 -85.15
C MET B 544 -28.82 -47.46 -84.69
N LYS B 545 -27.60 -47.76 -84.22
CA LYS B 545 -27.27 -49.06 -83.59
C LYS B 545 -27.93 -49.18 -82.22
N SER B 546 -28.58 -48.09 -81.84
CA SER B 546 -29.19 -47.78 -80.53
C SER B 546 -28.33 -47.83 -79.29
N LEU B 547 -28.93 -48.32 -78.21
CA LEU B 547 -28.43 -47.96 -76.88
C LEU B 547 -29.26 -48.46 -75.69
N SER B 548 -28.72 -48.24 -74.50
CA SER B 548 -29.51 -48.16 -73.27
C SER B 548 -29.81 -46.69 -73.02
N SER B 549 -29.30 -45.86 -73.94
CA SER B 549 -29.52 -44.41 -74.03
C SER B 549 -28.74 -43.63 -72.98
N GLU B 550 -28.19 -44.33 -72.00
CA GLU B 550 -27.50 -43.67 -70.89
C GLU B 550 -26.01 -43.49 -71.11
N THR B 551 -25.47 -44.09 -72.15
CA THR B 551 -24.03 -44.11 -72.33
C THR B 551 -23.30 -42.74 -72.44
N ALA B 552 -23.42 -41.91 -73.49
CA ALA B 552 -24.53 -41.44 -74.37
C ALA B 552 -25.27 -40.40 -73.58
N ARG B 553 -25.01 -40.40 -72.28
CA ARG B 553 -25.55 -39.43 -71.35
C ARG B 553 -24.33 -38.83 -70.73
N ALA B 554 -23.57 -39.68 -70.04
CA ALA B 554 -22.21 -39.35 -69.70
C ALA B 554 -21.54 -38.86 -70.98
N TYR B 555 -21.76 -39.58 -72.08
CA TYR B 555 -21.18 -39.13 -73.35
C TYR B 555 -21.94 -37.99 -74.01
N ARG B 556 -23.27 -37.93 -73.92
CA ARG B 556 -23.94 -36.71 -74.41
C ARG B 556 -23.27 -35.48 -73.81
N ASP B 557 -23.06 -35.54 -72.50
CA ASP B 557 -22.54 -34.43 -71.74
C ASP B 557 -21.09 -34.16 -72.09
N GLN B 558 -20.28 -35.21 -72.14
CA GLN B 558 -18.87 -35.06 -72.46
C GLN B 558 -18.75 -34.36 -73.82
N SER B 559 -19.47 -34.90 -74.78
CA SER B 559 -19.50 -34.35 -76.13
C SER B 559 -19.93 -32.90 -76.09
N LEU B 560 -20.89 -32.60 -75.22
CA LEU B 560 -21.37 -31.24 -75.08
C LEU B 560 -20.24 -30.34 -74.65
N LEU B 561 -19.51 -30.78 -73.63
CA LEU B 561 -18.37 -30.04 -73.12
C LEU B 561 -17.40 -29.77 -74.23
N ARG B 562 -17.21 -30.77 -75.07
CA ARG B 562 -16.28 -30.66 -76.19
C ARG B 562 -16.73 -29.60 -77.19
N LYS B 563 -17.97 -29.74 -77.67
CA LYS B 563 -18.51 -28.83 -78.68
C LYS B 563 -18.43 -27.42 -78.16
N THR B 564 -18.79 -27.28 -76.88
CA THR B 564 -18.57 -26.04 -76.18
C THR B 564 -17.09 -25.73 -76.24
N GLY B 565 -16.28 -26.67 -75.78
CA GLY B 565 -14.85 -26.45 -75.70
C GLY B 565 -14.48 -25.50 -74.58
N THR B 571 -30.21 -18.32 -77.13
CA THR B 571 -31.46 -18.82 -76.59
C THR B 571 -31.64 -20.30 -76.95
N LEU B 572 -31.45 -20.61 -78.23
CA LEU B 572 -31.53 -21.99 -78.69
C LEU B 572 -30.46 -22.79 -77.98
N ASP B 573 -29.24 -22.26 -77.97
CA ASP B 573 -28.18 -22.77 -77.13
C ASP B 573 -28.75 -22.93 -75.73
N ALA B 574 -29.13 -21.80 -75.17
CA ALA B 574 -29.73 -21.74 -73.84
C ALA B 574 -30.84 -22.76 -73.66
N MET B 575 -31.95 -22.61 -74.39
CA MET B 575 -33.11 -23.49 -74.21
C MET B 575 -32.75 -24.96 -74.28
N ILE B 576 -32.03 -25.34 -75.34
CA ILE B 576 -31.61 -26.72 -75.53
C ILE B 576 -30.86 -27.20 -74.31
N LEU B 577 -29.72 -26.58 -74.07
CA LEU B 577 -28.86 -26.93 -72.96
C LEU B 577 -29.65 -27.01 -71.66
N ARG B 578 -30.57 -26.08 -71.48
CA ARG B 578 -31.42 -26.00 -70.31
C ARG B 578 -32.20 -27.29 -70.13
N LYS B 579 -33.10 -27.53 -71.08
CA LYS B 579 -33.97 -28.70 -71.03
C LYS B 579 -33.14 -29.95 -70.80
N ALA B 580 -32.06 -30.04 -71.56
CA ALA B 580 -31.10 -31.11 -71.41
C ALA B 580 -30.71 -31.28 -69.95
N LEU B 581 -30.07 -30.25 -69.42
CA LEU B 581 -29.53 -30.24 -68.06
C LEU B 581 -30.56 -30.68 -67.06
N ARG B 582 -31.74 -30.09 -67.14
CA ARG B 582 -32.86 -30.50 -66.31
C ARG B 582 -32.99 -32.01 -66.38
N MET B 583 -33.29 -32.49 -67.57
CA MET B 583 -33.54 -33.90 -67.79
C MET B 583 -32.46 -34.85 -67.29
N LEU B 584 -31.22 -34.66 -67.71
CA LEU B 584 -30.19 -35.64 -67.40
C LEU B 584 -29.40 -35.41 -66.12
N SER B 585 -29.56 -34.24 -65.50
CA SER B 585 -28.97 -34.01 -64.19
C SER B 585 -29.54 -35.06 -63.28
N ASP B 586 -30.83 -34.91 -63.03
CA ASP B 586 -31.64 -35.94 -62.45
C ASP B 586 -32.42 -36.52 -63.60
N ILE B 587 -32.10 -37.76 -63.97
CA ILE B 587 -31.36 -38.62 -63.06
C ILE B 587 -30.36 -39.51 -63.80
N LYS B 588 -29.68 -40.39 -63.06
CA LYS B 588 -29.24 -40.15 -61.68
C LYS B 588 -28.10 -39.14 -61.57
N PRO B 589 -27.03 -39.41 -62.32
CA PRO B 589 -25.61 -39.12 -62.10
C PRO B 589 -25.07 -37.77 -62.48
N LYS B 590 -25.23 -36.74 -61.65
CA LYS B 590 -24.42 -35.54 -61.81
C LYS B 590 -24.54 -35.05 -63.24
N TYR B 591 -23.41 -35.07 -63.94
CA TYR B 591 -23.44 -34.88 -65.38
C TYR B 591 -24.07 -33.56 -65.74
N SER B 592 -25.22 -33.66 -66.40
CA SER B 592 -25.82 -32.62 -67.22
C SER B 592 -25.73 -31.30 -66.51
N LEU B 593 -26.36 -31.19 -65.35
CA LEU B 593 -26.41 -29.95 -64.62
C LEU B 593 -25.04 -29.28 -64.60
N THR B 594 -24.06 -29.92 -63.97
CA THR B 594 -22.71 -29.36 -63.92
C THR B 594 -22.21 -28.94 -65.30
N GLU B 595 -22.38 -29.84 -66.26
CA GLU B 595 -21.91 -29.62 -67.61
C GLU B 595 -22.46 -28.31 -68.17
N PHE B 596 -23.77 -28.30 -68.40
CA PHE B 596 -24.44 -27.15 -68.97
C PHE B 596 -24.22 -25.91 -68.13
N ILE B 597 -23.98 -26.12 -66.84
CA ILE B 597 -23.66 -25.03 -65.95
C ILE B 597 -22.45 -24.32 -66.50
N ARG B 598 -21.31 -25.01 -66.49
CA ARG B 598 -20.09 -24.41 -66.99
C ARG B 598 -20.27 -23.90 -68.41
N ARG B 599 -21.02 -24.66 -69.19
CA ARG B 599 -21.27 -24.33 -70.58
C ARG B 599 -21.87 -22.94 -70.74
N VAL B 600 -23.10 -22.79 -70.28
CA VAL B 600 -23.84 -21.54 -70.42
C VAL B 600 -23.09 -20.43 -69.73
N ILE B 601 -22.40 -20.80 -68.66
CA ILE B 601 -21.51 -19.89 -67.95
C ILE B 601 -20.62 -19.20 -68.96
N ILE B 602 -19.78 -19.98 -69.64
CA ILE B 602 -18.79 -19.36 -70.51
C ILE B 602 -19.42 -18.99 -71.84
N SER B 603 -20.69 -19.33 -71.99
CA SER B 603 -21.42 -19.09 -73.23
C SER B 603 -21.82 -17.64 -73.37
N TYR B 604 -22.68 -17.19 -72.47
CA TYR B 604 -23.49 -16.00 -72.65
C TYR B 604 -23.24 -15.04 -71.52
N MET B 605 -24.02 -13.96 -71.47
CA MET B 605 -23.72 -12.80 -70.63
C MET B 605 -22.37 -12.25 -71.07
N GLU B 606 -22.36 -11.63 -72.24
CA GLU B 606 -23.58 -11.10 -72.84
C GLU B 606 -23.85 -11.64 -74.25
N HIS B 607 -25.11 -11.81 -74.68
CA HIS B 607 -26.38 -11.71 -73.91
C HIS B 607 -26.63 -10.40 -73.16
N ASP B 608 -26.90 -9.34 -73.91
CA ASP B 608 -27.00 -8.01 -73.30
C ASP B 608 -28.30 -7.88 -72.52
N ASN B 609 -29.44 -7.88 -73.20
CA ASN B 609 -30.69 -7.99 -72.45
C ASN B 609 -31.35 -9.33 -72.75
N MET B 610 -31.32 -10.20 -71.75
CA MET B 610 -32.09 -11.44 -71.78
C MET B 610 -32.74 -11.65 -70.43
N GLN B 611 -34.06 -11.70 -70.42
CA GLN B 611 -34.76 -12.04 -69.19
C GLN B 611 -34.64 -13.53 -68.99
N VAL B 612 -34.89 -14.26 -70.07
CA VAL B 612 -34.96 -15.71 -70.03
C VAL B 612 -33.66 -16.31 -69.56
N ARG B 613 -32.56 -15.73 -70.04
CA ARG B 613 -31.25 -16.23 -69.66
C ARG B 613 -31.09 -16.19 -68.16
N LYS B 614 -31.29 -15.00 -67.61
CA LYS B 614 -31.16 -14.80 -66.18
C LYS B 614 -32.09 -15.73 -65.42
N LEU B 615 -33.37 -15.63 -65.75
CA LEU B 615 -34.43 -16.36 -65.08
C LEU B 615 -34.12 -17.84 -65.03
N ALA B 616 -33.85 -18.42 -66.19
CA ALA B 616 -33.60 -19.84 -66.28
C ALA B 616 -32.32 -20.20 -65.56
N ALA B 617 -31.37 -19.27 -65.57
CA ALA B 617 -30.10 -19.51 -64.93
C ALA B 617 -30.32 -19.72 -63.46
N LEU B 618 -30.95 -18.73 -62.83
CA LEU B 618 -31.21 -18.80 -61.41
C LEU B 618 -32.14 -19.96 -61.11
N THR B 619 -32.97 -20.28 -62.09
CA THR B 619 -33.92 -21.37 -61.95
C THR B 619 -33.15 -22.64 -61.71
N SER B 620 -32.25 -22.93 -62.64
CA SER B 620 -31.41 -24.09 -62.54
C SER B 620 -30.57 -24.00 -61.29
N CYS B 621 -30.27 -22.78 -60.86
CA CYS B 621 -29.48 -22.59 -59.66
C CYS B 621 -30.18 -23.15 -58.44
N ASP B 622 -31.39 -22.67 -58.21
CA ASP B 622 -32.15 -23.11 -57.05
C ASP B 622 -32.47 -24.58 -57.22
N LEU B 623 -32.55 -24.99 -58.48
CA LEU B 623 -32.73 -26.40 -58.78
C LEU B 623 -31.56 -27.14 -58.16
N PHE B 624 -30.37 -26.60 -58.35
CA PHE B 624 -29.17 -27.20 -57.83
C PHE B 624 -29.21 -27.16 -56.32
N VAL B 625 -29.91 -26.18 -55.77
CA VAL B 625 -30.02 -26.07 -54.32
C VAL B 625 -30.63 -27.35 -53.76
N LYS B 626 -31.38 -28.06 -54.59
CA LYS B 626 -31.86 -29.38 -54.21
C LYS B 626 -30.71 -30.37 -54.16
N SER B 634 -26.01 -32.20 -54.22
CA SER B 634 -24.98 -32.25 -53.20
C SER B 634 -23.80 -31.39 -53.60
N LEU B 635 -22.62 -32.01 -53.68
CA LEU B 635 -21.40 -31.32 -54.07
C LEU B 635 -21.54 -30.72 -55.45
N TYR B 636 -22.45 -31.33 -56.22
CA TYR B 636 -22.89 -30.79 -57.49
C TYR B 636 -23.21 -29.33 -57.26
N ALA B 637 -24.21 -29.09 -56.42
CA ALA B 637 -24.60 -27.73 -56.07
C ALA B 637 -23.40 -26.88 -55.66
N LEU B 638 -22.47 -27.46 -54.91
CA LEU B 638 -21.28 -26.73 -54.47
C LEU B 638 -20.49 -26.15 -55.63
N ASN B 639 -19.91 -27.03 -56.43
CA ASN B 639 -19.07 -26.59 -57.54
C ASN B 639 -19.90 -25.75 -58.50
N VAL B 640 -21.18 -26.07 -58.58
CA VAL B 640 -22.11 -25.32 -59.39
C VAL B 640 -22.09 -23.90 -58.90
N VAL B 641 -22.07 -23.76 -57.59
CA VAL B 641 -22.11 -22.46 -56.97
C VAL B 641 -20.81 -21.78 -57.30
N SER B 642 -19.75 -22.56 -57.42
CA SER B 642 -18.47 -21.98 -57.79
C SER B 642 -18.60 -21.33 -59.17
N GLU B 643 -19.02 -22.13 -60.14
CA GLU B 643 -19.18 -21.66 -61.50
C GLU B 643 -20.09 -20.45 -61.56
N VAL B 644 -21.17 -20.52 -60.79
CA VAL B 644 -22.20 -19.48 -60.78
C VAL B 644 -21.60 -18.19 -60.30
N LEU B 645 -20.92 -18.27 -59.15
CA LEU B 645 -20.29 -17.13 -58.53
C LEU B 645 -19.33 -16.49 -59.51
N SER B 646 -18.63 -17.33 -60.26
CA SER B 646 -17.77 -16.84 -61.32
C SER B 646 -18.59 -16.00 -62.30
N LYS B 647 -19.69 -16.56 -62.77
CA LYS B 647 -20.55 -15.83 -63.70
C LYS B 647 -21.05 -14.55 -63.06
N LEU B 648 -21.72 -14.69 -61.92
CA LEU B 648 -22.31 -13.57 -61.21
C LEU B 648 -23.24 -12.84 -62.24
N LEU B 649 -23.35 -11.51 -62.35
CA LEU B 649 -23.19 -10.49 -61.30
C LEU B 649 -24.48 -9.70 -61.16
N THR B 650 -24.74 -8.85 -62.15
CA THR B 650 -25.97 -8.07 -62.18
C THR B 650 -27.14 -9.02 -62.37
N VAL B 651 -26.80 -10.25 -62.74
CA VAL B 651 -27.77 -11.30 -62.92
C VAL B 651 -28.18 -11.66 -61.52
N ALA B 652 -27.22 -12.17 -60.76
CA ALA B 652 -27.44 -12.47 -59.36
C ALA B 652 -27.96 -11.24 -58.61
N ILE B 653 -27.67 -10.06 -59.13
CA ILE B 653 -28.18 -8.84 -58.50
C ILE B 653 -29.68 -8.81 -58.67
N THR B 654 -30.15 -8.98 -59.90
CA THR B 654 -31.59 -8.97 -60.15
C THR B 654 -32.26 -10.13 -59.45
N ASP B 655 -31.48 -11.18 -59.26
CA ASP B 655 -31.89 -12.39 -58.58
C ASP B 655 -32.49 -12.09 -57.23
N PRO B 656 -32.00 -11.04 -56.56
CA PRO B 656 -31.79 -10.87 -55.12
C PRO B 656 -32.98 -11.30 -54.29
N VAL B 657 -34.19 -11.25 -54.83
CA VAL B 657 -35.24 -12.00 -54.20
C VAL B 657 -34.87 -13.49 -54.23
N ALA B 658 -34.65 -14.00 -55.43
CA ALA B 658 -34.34 -15.41 -55.62
C ALA B 658 -32.95 -15.68 -55.09
N GLU B 659 -32.09 -14.66 -55.12
CA GLU B 659 -30.76 -14.82 -54.58
C GLU B 659 -30.86 -14.85 -53.08
N ILE B 660 -31.94 -14.31 -52.55
CA ILE B 660 -32.16 -14.36 -51.12
C ILE B 660 -32.56 -15.78 -50.81
N ARG B 661 -33.37 -16.34 -51.70
CA ARG B 661 -33.68 -17.75 -51.58
C ARG B 661 -32.39 -18.53 -51.55
N LEU B 662 -31.47 -18.11 -52.40
CA LEU B 662 -30.17 -18.73 -52.50
C LEU B 662 -29.40 -18.54 -51.22
N GLU B 663 -29.70 -17.45 -50.51
CA GLU B 663 -29.00 -17.16 -49.29
C GLU B 663 -29.51 -18.09 -48.21
N ILE B 664 -30.81 -18.37 -48.27
CA ILE B 664 -31.42 -19.33 -47.38
C ILE B 664 -30.69 -20.63 -47.59
N LEU B 665 -30.67 -21.05 -48.85
CA LEU B 665 -30.03 -22.29 -49.22
C LEU B 665 -28.62 -22.31 -48.70
N LYS B 666 -28.00 -21.14 -48.72
CA LYS B 666 -26.64 -20.99 -48.27
C LYS B 666 -26.55 -21.36 -46.82
N HIS B 667 -27.46 -20.80 -46.03
CA HIS B 667 -27.48 -21.07 -44.61
C HIS B 667 -27.70 -22.55 -44.35
N LEU B 668 -28.62 -23.14 -45.09
CA LEU B 668 -29.11 -24.46 -44.76
C LEU B 668 -28.09 -25.58 -44.89
N ASP B 669 -27.51 -25.72 -46.06
CA ASP B 669 -26.85 -26.98 -46.40
C ASP B 669 -25.42 -27.01 -45.92
N ARG B 670 -25.14 -27.97 -45.05
CA ARG B 670 -23.79 -28.17 -44.56
C ARG B 670 -23.41 -29.62 -44.77
N LEU B 676 -18.44 -27.42 -45.78
CA LEU B 676 -19.83 -27.82 -45.70
C LEU B 676 -20.71 -26.67 -46.14
N SER B 677 -21.40 -26.07 -45.18
CA SER B 677 -22.14 -24.86 -45.45
C SER B 677 -21.15 -23.77 -45.75
N GLN B 678 -19.92 -24.01 -45.30
CA GLN B 678 -18.81 -23.14 -45.61
C GLN B 678 -18.76 -22.87 -47.10
N PRO B 679 -19.06 -23.89 -47.91
CA PRO B 679 -19.04 -23.72 -49.36
C PRO B 679 -19.88 -22.53 -49.78
N ASP B 680 -21.06 -22.44 -49.19
CA ASP B 680 -21.99 -21.39 -49.54
C ASP B 680 -21.45 -20.02 -49.19
N ASN B 681 -20.70 -19.96 -48.09
CA ASN B 681 -20.24 -18.70 -47.52
C ASN B 681 -19.68 -17.80 -48.59
N THR B 682 -18.58 -18.24 -49.18
CA THR B 682 -17.90 -17.48 -50.22
C THR B 682 -18.86 -17.01 -51.29
N LYS B 683 -19.73 -17.91 -51.72
CA LYS B 683 -20.69 -17.58 -52.75
C LYS B 683 -21.45 -16.35 -52.29
N LEU B 684 -22.02 -16.47 -51.09
CA LEU B 684 -22.78 -15.39 -50.50
C LEU B 684 -21.99 -14.10 -50.48
N LEU B 685 -20.70 -14.20 -50.23
CA LEU B 685 -19.87 -13.01 -50.11
C LEU B 685 -19.91 -12.20 -51.39
N PHE B 686 -20.00 -12.87 -52.52
CA PHE B 686 -19.96 -12.20 -53.80
C PHE B 686 -21.20 -11.35 -54.01
N MET B 687 -22.20 -11.55 -53.18
CA MET B 687 -23.53 -11.03 -53.45
C MET B 687 -23.71 -9.60 -53.00
N ALA B 688 -22.66 -9.03 -52.43
CA ALA B 688 -22.75 -7.75 -51.75
C ALA B 688 -23.05 -6.61 -52.72
N LEU B 689 -23.55 -5.49 -52.19
CA LEU B 689 -23.49 -4.25 -52.97
C LEU B 689 -24.22 -4.31 -54.30
N ASN B 690 -25.56 -4.27 -54.33
CA ASN B 690 -26.38 -3.44 -53.44
C ASN B 690 -27.09 -3.93 -52.18
N ASP B 691 -27.02 -5.20 -51.82
CA ASP B 691 -28.20 -5.82 -51.20
C ASP B 691 -28.54 -5.41 -49.76
N GLU B 692 -29.62 -6.02 -49.28
CA GLU B 692 -30.13 -5.84 -47.93
C GLU B 692 -29.57 -6.94 -47.05
N VAL B 693 -28.71 -7.74 -47.66
CA VAL B 693 -28.13 -8.95 -47.11
C VAL B 693 -27.64 -8.67 -45.70
N PHE B 694 -26.71 -7.75 -45.60
CA PHE B 694 -25.87 -7.53 -44.44
C PHE B 694 -26.70 -7.56 -43.18
N ALA B 695 -27.91 -7.02 -43.23
CA ALA B 695 -28.85 -7.27 -42.16
C ALA B 695 -28.85 -8.76 -41.81
N ILE B 696 -29.32 -9.59 -42.73
CA ILE B 696 -29.46 -11.02 -42.50
C ILE B 696 -28.12 -11.63 -42.13
N GLN B 697 -27.08 -11.12 -42.77
CA GLN B 697 -25.73 -11.48 -42.44
C GLN B 697 -25.58 -11.38 -40.94
N MET B 698 -25.70 -10.16 -40.44
CA MET B 698 -25.56 -9.83 -39.04
C MET B 698 -26.39 -10.75 -38.19
N GLU B 699 -27.59 -11.06 -38.67
CA GLU B 699 -28.41 -12.05 -38.00
C GLU B 699 -27.58 -13.30 -37.77
N ALA B 700 -27.18 -13.93 -38.87
CA ALA B 700 -26.39 -15.14 -38.81
C ALA B 700 -25.19 -14.98 -37.88
N MET B 701 -24.55 -13.83 -37.99
CA MET B 701 -23.39 -13.51 -37.19
C MET B 701 -23.71 -13.72 -35.74
N LYS B 702 -24.63 -12.89 -35.26
CA LYS B 702 -25.05 -12.92 -33.87
C LYS B 702 -25.40 -14.33 -33.47
N ILE B 703 -26.11 -15.01 -34.37
CA ILE B 703 -26.54 -16.38 -34.12
C ILE B 703 -25.32 -17.20 -33.74
N CYS B 704 -24.28 -17.08 -34.55
CA CYS B 704 -23.06 -17.80 -34.28
C CYS B 704 -22.49 -17.39 -32.94
N GLY B 705 -22.58 -16.10 -32.67
CA GLY B 705 -22.00 -15.57 -31.46
C GLY B 705 -22.58 -16.22 -30.23
N ARG B 706 -23.90 -16.16 -30.13
CA ARG B 706 -24.58 -16.72 -28.98
C ARG B 706 -24.38 -18.21 -28.97
N LEU B 707 -24.34 -18.78 -30.18
CA LEU B 707 -24.06 -20.18 -30.36
C LEU B 707 -22.79 -20.48 -29.60
N ALA B 708 -21.82 -19.60 -29.79
CA ALA B 708 -20.60 -19.62 -28.99
C ALA B 708 -19.87 -20.96 -29.10
N VAL B 715 -21.44 -28.07 -30.41
CA VAL B 715 -20.42 -27.30 -29.72
C VAL B 715 -19.16 -27.27 -30.57
N ILE B 716 -18.40 -28.36 -30.52
CA ILE B 716 -17.18 -28.45 -31.31
C ILE B 716 -17.54 -28.40 -32.78
N PRO B 717 -18.55 -29.18 -33.17
CA PRO B 717 -19.01 -29.00 -34.54
C PRO B 717 -19.59 -27.62 -34.72
N SER B 718 -20.29 -27.15 -33.70
CA SER B 718 -20.83 -25.81 -33.72
C SER B 718 -19.68 -24.82 -33.80
N LEU B 719 -18.54 -25.22 -33.23
CA LEU B 719 -17.34 -24.39 -33.33
C LEU B 719 -16.84 -24.40 -34.76
N ARG B 720 -17.01 -25.53 -35.44
CA ARG B 720 -16.57 -25.65 -36.82
C ARG B 720 -17.39 -24.71 -37.68
N LYS B 721 -18.70 -24.85 -37.57
CA LYS B 721 -19.62 -23.99 -38.29
C LYS B 721 -19.32 -22.55 -37.97
N THR B 722 -18.95 -22.33 -36.71
CA THR B 722 -18.60 -21.00 -36.25
C THR B 722 -17.45 -20.47 -37.08
N LEU B 723 -16.40 -21.27 -37.18
CA LEU B 723 -15.23 -20.91 -37.96
C LEU B 723 -15.65 -20.57 -39.37
N ILE B 724 -16.53 -21.41 -39.91
CA ILE B 724 -17.04 -21.20 -41.26
C ILE B 724 -17.63 -19.81 -41.34
N GLN B 725 -18.40 -19.45 -40.31
CA GLN B 725 -19.07 -18.17 -40.28
C GLN B 725 -18.06 -17.05 -40.26
N LEU B 726 -17.00 -17.26 -39.50
CA LEU B 726 -15.92 -16.30 -39.43
C LEU B 726 -15.43 -16.05 -40.83
N LEU B 727 -15.14 -17.14 -41.51
CA LEU B 727 -14.64 -17.07 -42.87
C LEU B 727 -15.60 -16.29 -43.73
N THR B 728 -16.89 -16.53 -43.52
CA THR B 728 -17.91 -15.85 -44.28
C THR B 728 -17.77 -14.37 -44.07
N GLU B 729 -17.54 -13.99 -42.82
CA GLU B 729 -17.38 -12.60 -42.48
C GLU B 729 -16.20 -12.03 -43.22
N LEU B 730 -15.14 -12.83 -43.28
CA LEU B 730 -13.92 -12.39 -43.93
C LEU B 730 -14.18 -12.10 -45.37
N LYS B 731 -14.69 -13.11 -46.06
CA LYS B 731 -14.92 -13.04 -47.48
C LYS B 731 -15.92 -11.96 -47.77
N HIS B 732 -16.77 -11.68 -46.78
CA HIS B 732 -17.84 -10.73 -46.94
C HIS B 732 -17.23 -9.43 -47.39
N SER B 733 -16.30 -8.96 -46.57
CA SER B 733 -15.47 -7.83 -46.96
C SER B 733 -16.32 -6.66 -47.44
N LYS B 734 -17.51 -6.53 -46.87
CA LYS B 734 -18.39 -5.47 -47.31
C LYS B 734 -18.16 -4.22 -46.49
N MET B 735 -18.62 -4.26 -45.23
CA MET B 735 -18.31 -3.23 -44.25
C MET B 735 -19.00 -3.51 -42.95
N THR B 736 -18.49 -2.86 -41.91
CA THR B 736 -19.16 -2.74 -40.63
C THR B 736 -19.58 -4.16 -40.15
N ARG B 737 -20.75 -4.41 -39.52
CA ARG B 737 -21.35 -3.50 -38.58
C ARG B 737 -20.24 -3.33 -37.58
N LYS B 738 -19.86 -2.08 -37.37
CA LYS B 738 -18.60 -1.77 -36.72
C LYS B 738 -18.49 -2.40 -35.35
N LYS B 739 -19.31 -1.89 -34.44
CA LYS B 739 -19.23 -2.32 -33.04
C LYS B 739 -19.74 -3.74 -32.91
N GLU B 740 -20.65 -4.11 -33.81
CA GLU B 740 -21.12 -5.47 -33.85
C GLU B 740 -19.88 -6.31 -34.03
N GLU B 741 -19.10 -5.93 -35.04
CA GLU B 741 -17.84 -6.60 -35.30
C GLU B 741 -16.97 -6.59 -34.06
N CYS B 742 -16.98 -5.47 -33.34
CA CYS B 742 -16.11 -5.35 -32.18
C CYS B 742 -16.46 -6.37 -31.12
N ALA B 743 -17.70 -6.37 -30.69
CA ALA B 743 -18.16 -7.22 -29.62
C ALA B 743 -18.04 -8.67 -30.05
N SER B 744 -18.37 -8.92 -31.30
CA SER B 744 -18.25 -10.25 -31.85
C SER B 744 -16.82 -10.71 -31.69
N LEU B 745 -15.92 -9.84 -32.09
CA LEU B 745 -14.50 -10.11 -32.02
C LEU B 745 -14.12 -10.41 -30.59
N LEU B 746 -14.77 -9.71 -29.67
CA LEU B 746 -14.51 -9.91 -28.26
C LEU B 746 -14.89 -11.32 -27.88
N CYS B 747 -16.06 -11.74 -28.34
CA CYS B 747 -16.53 -13.08 -28.10
C CYS B 747 -15.51 -14.06 -28.62
N THR B 748 -14.97 -13.76 -29.80
CA THR B 748 -13.96 -14.60 -30.41
C THR B 748 -12.72 -14.63 -29.54
N LEU B 749 -12.46 -13.53 -28.87
CA LEU B 749 -11.27 -13.39 -28.05
C LEU B 749 -11.42 -14.31 -26.87
N ILE B 750 -12.63 -14.35 -26.34
CA ILE B 750 -12.94 -15.30 -25.30
C ILE B 750 -12.68 -16.67 -25.88
N SER B 751 -13.09 -16.83 -27.13
CA SER B 751 -13.04 -18.13 -27.77
C SER B 751 -11.61 -18.53 -28.09
N SER B 752 -10.68 -17.61 -27.89
CA SER B 752 -9.29 -17.89 -28.17
C SER B 752 -8.83 -19.08 -27.35
N SER B 753 -9.32 -19.16 -26.12
CA SER B 753 -8.94 -20.24 -25.22
C SER B 753 -9.31 -21.61 -25.78
N SER B 754 -8.37 -22.55 -25.67
CA SER B 754 -8.56 -23.93 -26.10
C SER B 754 -9.07 -24.05 -27.53
N ASP B 755 -10.09 -24.88 -27.70
CA ASP B 755 -10.76 -25.01 -28.98
C ASP B 755 -9.81 -25.40 -30.08
N VAL B 756 -9.89 -24.68 -31.18
CA VAL B 756 -9.09 -25.00 -32.34
C VAL B 756 -8.72 -23.73 -33.06
N THR B 757 -8.12 -23.90 -34.24
CA THR B 757 -7.63 -22.79 -35.04
C THR B 757 -8.78 -21.93 -35.52
N LYS B 758 -9.99 -22.42 -35.31
CA LYS B 758 -11.17 -21.61 -35.50
C LYS B 758 -10.93 -20.28 -34.83
N PRO B 759 -10.57 -20.31 -33.54
CA PRO B 759 -10.27 -19.11 -32.76
C PRO B 759 -9.25 -18.24 -33.46
N TYR B 760 -8.23 -18.89 -33.99
CA TYR B 760 -7.17 -18.20 -34.71
C TYR B 760 -7.73 -17.40 -35.89
N LEU B 761 -8.24 -18.11 -36.88
CA LEU B 761 -8.76 -17.50 -38.09
C LEU B 761 -9.78 -16.43 -37.76
N GLU B 762 -10.52 -16.67 -36.69
CA GLU B 762 -11.49 -15.72 -36.20
C GLU B 762 -10.80 -14.41 -35.96
N PRO B 763 -9.77 -14.44 -35.10
CA PRO B 763 -8.98 -13.23 -34.93
C PRO B 763 -8.52 -12.71 -36.27
N VAL B 764 -8.05 -13.63 -37.12
CA VAL B 764 -7.48 -13.24 -38.40
C VAL B 764 -8.45 -12.38 -39.17
N ILE B 765 -9.56 -12.98 -39.55
CA ILE B 765 -10.59 -12.30 -40.31
C ILE B 765 -10.96 -10.99 -39.64
N GLU B 766 -11.12 -11.05 -38.32
CA GLU B 766 -11.51 -9.90 -37.55
C GLU B 766 -10.59 -8.75 -37.87
N ILE B 767 -9.31 -9.01 -37.71
CA ILE B 767 -8.28 -8.03 -37.98
C ILE B 767 -8.40 -7.54 -39.40
N LEU B 768 -8.61 -8.48 -40.32
CA LEU B 768 -8.67 -8.17 -41.75
C LEU B 768 -9.68 -7.08 -41.99
N LEU B 769 -10.66 -7.02 -41.09
CA LEU B 769 -11.67 -5.99 -41.17
C LEU B 769 -11.64 -5.17 -39.90
N PRO B 770 -10.80 -4.13 -39.86
CA PRO B 770 -9.91 -3.75 -40.96
C PRO B 770 -8.64 -3.11 -40.43
N SER B 777 -9.62 0.83 -33.45
CA SER B 777 -8.95 0.26 -32.29
C SER B 777 -9.67 -0.99 -31.80
N ALA B 778 -9.38 -0.50 -28.23
CA ALA B 778 -9.57 -1.79 -27.58
C ALA B 778 -8.67 -2.81 -28.23
N VAL B 779 -8.15 -2.42 -29.39
CA VAL B 779 -7.24 -3.24 -30.18
C VAL B 779 -6.16 -3.78 -29.28
N ALA B 780 -5.38 -2.87 -28.72
CA ALA B 780 -4.13 -3.17 -28.05
C ALA B 780 -4.18 -4.35 -27.09
N SER B 781 -4.94 -4.22 -26.01
CA SER B 781 -4.96 -5.20 -24.93
C SER B 781 -5.07 -6.61 -25.49
N THR B 782 -6.19 -6.85 -26.15
CA THR B 782 -6.46 -8.07 -26.84
C THR B 782 -5.24 -8.45 -27.64
N ALA B 783 -4.88 -7.61 -28.60
CA ALA B 783 -3.79 -7.86 -29.52
C ALA B 783 -2.57 -8.40 -28.80
N LEU B 784 -1.97 -7.59 -27.94
CA LEU B 784 -0.81 -7.95 -27.17
C LEU B 784 -0.99 -9.32 -26.54
N LYS B 785 -1.95 -9.40 -25.63
CA LYS B 785 -2.19 -10.63 -24.88
C LYS B 785 -2.22 -11.84 -25.81
N ALA B 786 -3.23 -11.85 -26.66
CA ALA B 786 -3.45 -12.91 -27.62
C ALA B 786 -2.18 -13.26 -28.36
N LEU B 787 -1.69 -12.31 -29.14
CA LEU B 787 -0.53 -12.50 -29.98
C LEU B 787 0.60 -13.14 -29.22
N GLY B 788 1.13 -12.42 -28.23
CA GLY B 788 2.25 -12.90 -27.45
C GLY B 788 2.02 -14.30 -26.94
N GLU B 789 0.80 -14.56 -26.51
CA GLU B 789 0.44 -15.89 -26.05
C GLU B 789 0.66 -16.88 -27.17
N ILE B 790 0.01 -16.64 -28.30
CA ILE B 790 0.02 -17.55 -29.43
C ILE B 790 1.44 -17.81 -29.87
N SER B 791 2.27 -16.80 -29.72
CA SER B 791 3.67 -16.94 -29.99
C SER B 791 4.24 -17.97 -29.05
N VAL B 792 4.05 -17.73 -27.76
CA VAL B 792 4.46 -18.68 -26.75
C VAL B 792 3.70 -19.98 -26.98
N VAL B 793 2.50 -19.86 -27.50
CA VAL B 793 1.60 -21.00 -27.67
C VAL B 793 1.72 -21.64 -29.04
N GLY B 794 2.65 -21.15 -29.86
CA GLY B 794 2.81 -21.67 -31.20
C GLY B 794 2.96 -23.17 -31.17
N GLY B 795 3.91 -23.66 -30.38
CA GLY B 795 3.94 -25.06 -30.01
C GLY B 795 2.83 -25.51 -29.09
N GLU B 796 2.08 -26.53 -29.53
CA GLU B 796 2.03 -26.81 -30.94
C GLU B 796 0.63 -26.52 -31.44
N ASP B 797 0.49 -25.44 -32.19
CA ASP B 797 -0.68 -25.22 -33.02
C ASP B 797 -0.16 -24.82 -34.37
N MET B 798 0.45 -23.65 -34.38
CA MET B 798 1.22 -23.10 -35.49
C MET B 798 0.29 -22.64 -36.58
N LEU B 799 -0.96 -23.07 -36.49
CA LEU B 799 -2.03 -22.39 -37.15
C LEU B 799 -2.11 -21.08 -36.40
N PRO B 800 -2.06 -21.19 -35.06
CA PRO B 800 -2.18 -20.07 -34.15
C PRO B 800 -1.14 -19.00 -34.41
N PHE B 801 0.09 -19.42 -34.62
CA PHE B 801 1.18 -18.48 -34.80
C PHE B 801 0.99 -17.71 -36.11
N LEU B 802 0.70 -18.44 -37.18
CA LEU B 802 0.52 -17.85 -38.48
C LEU B 802 -0.60 -16.84 -38.43
N ASP B 803 -1.68 -17.25 -37.78
CA ASP B 803 -2.79 -16.38 -37.55
C ASP B 803 -2.27 -15.12 -36.91
N GLU B 804 -1.54 -15.28 -35.81
CA GLU B 804 -1.03 -14.17 -35.04
C GLU B 804 -0.33 -13.20 -35.97
N LEU B 805 0.44 -13.75 -36.89
CA LEU B 805 1.15 -12.92 -37.85
C LEU B 805 0.16 -12.13 -38.68
N MET B 806 -0.74 -12.84 -39.36
CA MET B 806 -1.69 -12.18 -40.24
C MET B 806 -2.54 -11.20 -39.45
N PRO B 807 -2.93 -11.61 -38.24
CA PRO B 807 -3.66 -10.72 -37.35
C PRO B 807 -2.81 -9.51 -37.05
N LEU B 808 -1.56 -9.77 -36.76
CA LEU B 808 -0.63 -8.70 -36.51
C LEU B 808 -0.53 -7.89 -37.77
N ILE B 809 -0.73 -8.54 -38.91
CA ILE B 809 -0.57 -7.85 -40.18
C ILE B 809 -1.63 -6.79 -40.33
N ILE B 810 -2.87 -7.19 -40.19
CA ILE B 810 -3.95 -6.23 -40.37
C ILE B 810 -3.90 -5.23 -39.23
N ASP B 811 -3.34 -5.67 -38.11
CA ASP B 811 -3.14 -4.79 -36.97
C ASP B 811 -2.24 -3.67 -37.42
N THR B 812 -1.19 -4.05 -38.13
CA THR B 812 -0.24 -3.10 -38.66
C THR B 812 -0.95 -2.19 -39.63
N PHE B 813 -1.86 -2.77 -40.39
CA PHE B 813 -2.66 -1.99 -41.30
C PHE B 813 -3.34 -0.91 -40.48
N GLN B 814 -3.73 -1.25 -39.25
CA GLN B 814 -4.32 -0.26 -38.39
C GLN B 814 -3.34 0.40 -37.41
N ASP B 815 -2.08 -0.01 -37.40
CA ASP B 815 -1.15 0.57 -36.41
C ASP B 815 0.34 0.28 -36.58
N GLN B 816 1.15 0.83 -35.68
CA GLN B 816 2.56 0.46 -35.54
C GLN B 816 2.72 -0.08 -34.14
N SER B 817 3.71 -0.94 -33.92
CA SER B 817 3.70 -1.70 -32.67
C SER B 817 4.67 -1.19 -31.63
N ASN B 818 5.94 -1.45 -31.86
CA ASN B 818 6.96 -1.19 -30.86
C ASN B 818 6.53 -1.74 -29.51
N SER B 819 6.51 -0.86 -28.52
CA SER B 819 6.04 -1.14 -27.17
C SER B 819 6.70 -2.36 -26.51
N PHE B 820 5.91 -3.14 -25.80
CA PHE B 820 6.43 -4.30 -25.08
C PHE B 820 6.64 -5.40 -26.08
N LYS B 821 5.86 -5.31 -27.14
CA LYS B 821 5.85 -6.28 -28.23
C LYS B 821 7.24 -6.47 -28.76
N ARG B 822 8.04 -5.43 -28.63
CA ARG B 822 9.44 -5.47 -29.01
C ARG B 822 10.05 -6.73 -28.45
N GLY B 823 10.09 -6.81 -27.12
CA GLY B 823 10.64 -7.98 -26.47
C GLY B 823 10.00 -9.24 -27.02
N ALA B 824 8.68 -9.21 -27.11
CA ALA B 824 7.95 -10.35 -27.63
C ALA B 824 8.45 -10.67 -29.02
N ALA B 825 8.50 -9.66 -29.87
CA ALA B 825 8.95 -9.82 -31.24
C ALA B 825 10.30 -10.49 -31.24
N LEU B 826 11.15 -10.05 -30.33
CA LEU B 826 12.49 -10.61 -30.24
C LEU B 826 12.37 -12.08 -29.96
N LYS B 827 11.62 -12.40 -28.91
CA LYS B 827 11.32 -13.78 -28.60
C LYS B 827 10.76 -14.41 -29.84
N ALA B 828 9.80 -13.72 -30.43
CA ALA B 828 9.16 -14.21 -31.64
C ALA B 828 10.22 -14.43 -32.69
N LEU B 829 11.09 -13.44 -32.84
CA LEU B 829 12.20 -13.57 -33.77
C LEU B 829 12.96 -14.82 -33.41
N GLY B 830 13.35 -14.92 -32.15
CA GLY B 830 14.00 -16.11 -31.67
C GLY B 830 13.14 -17.31 -31.96
N GLN B 831 11.85 -17.19 -31.62
CA GLN B 831 10.90 -18.25 -31.89
C GLN B 831 10.88 -18.53 -33.38
N LEU B 832 10.86 -17.48 -34.18
CA LEU B 832 10.88 -17.62 -35.62
C LEU B 832 12.11 -18.40 -36.00
N ALA B 833 13.23 -17.99 -35.43
CA ALA B 833 14.48 -18.69 -35.64
C ALA B 833 14.31 -20.12 -35.13
N ALA B 834 13.74 -20.24 -33.95
CA ALA B 834 13.57 -21.53 -33.34
C ALA B 834 12.63 -22.42 -34.13
N SER B 835 11.45 -21.92 -34.45
CA SER B 835 10.38 -22.76 -34.96
C SER B 835 10.41 -22.90 -36.47
N SER B 836 11.41 -22.30 -37.08
CA SER B 836 11.56 -22.31 -38.53
C SER B 836 11.50 -23.72 -39.13
N TYR B 846 8.61 -25.78 -43.24
CA TYR B 846 7.37 -25.03 -43.13
C TYR B 846 7.64 -23.55 -43.29
N PRO B 847 7.23 -22.97 -44.44
CA PRO B 847 7.59 -21.56 -44.27
C PRO B 847 6.50 -20.80 -43.51
N GLU B 848 6.09 -21.38 -42.40
CA GLU B 848 5.24 -20.74 -41.43
C GLU B 848 5.92 -19.50 -40.91
N LEU B 849 6.99 -19.74 -40.17
CA LEU B 849 7.75 -18.68 -39.53
C LEU B 849 8.26 -17.75 -40.60
N LEU B 850 8.51 -18.32 -41.77
CA LEU B 850 8.94 -17.54 -42.90
C LEU B 850 7.92 -16.45 -43.17
N GLY B 851 6.72 -16.84 -43.59
CA GLY B 851 5.70 -15.86 -43.89
C GLY B 851 5.45 -14.93 -42.72
N VAL B 852 5.58 -15.48 -41.53
CA VAL B 852 5.40 -14.73 -40.30
C VAL B 852 6.34 -13.53 -40.21
N LEU B 853 7.62 -13.80 -40.07
CA LEU B 853 8.60 -12.75 -39.89
C LEU B 853 8.60 -11.91 -41.14
N ILE B 854 8.24 -12.53 -42.24
CA ILE B 854 8.06 -11.81 -43.48
C ILE B 854 7.07 -10.72 -43.18
N ASN B 855 6.06 -11.06 -42.39
CA ASN B 855 5.04 -10.10 -42.06
C ASN B 855 5.39 -9.30 -40.81
N ILE B 856 6.56 -9.56 -40.24
CA ILE B 856 6.96 -8.86 -39.02
C ILE B 856 6.84 -7.37 -39.23
N LEU B 857 7.31 -6.91 -40.39
CA LEU B 857 7.14 -5.52 -40.79
C LEU B 857 7.65 -4.54 -39.74
N SER B 862 15.87 0.94 -35.45
CA SER B 862 16.19 -0.38 -34.95
C SER B 862 17.06 -0.28 -33.70
N GLN B 863 17.93 0.73 -33.70
CA GLN B 863 18.88 0.96 -32.62
C GLN B 863 18.23 1.05 -31.25
N ASN B 864 17.42 2.10 -31.07
CA ASN B 864 16.70 2.32 -29.84
C ASN B 864 16.03 1.04 -29.38
N ILE B 865 15.11 0.58 -30.21
CA ILE B 865 14.36 -0.65 -29.96
C ILE B 865 15.28 -1.79 -29.58
N ARG B 866 16.37 -1.95 -30.32
CA ARG B 866 17.40 -2.93 -29.99
C ARG B 866 17.74 -2.78 -28.51
N ARG B 867 18.25 -1.62 -28.14
CA ARG B 867 18.67 -1.33 -26.77
C ARG B 867 17.60 -1.66 -25.73
N GLU B 868 16.40 -1.13 -25.92
CA GLU B 868 15.32 -1.36 -24.98
C GLU B 868 15.07 -2.86 -24.84
N THR B 869 15.21 -3.57 -25.95
CA THR B 869 15.03 -5.02 -25.97
C THR B 869 16.12 -5.68 -25.14
N VAL B 870 17.34 -5.13 -25.21
CA VAL B 870 18.44 -5.65 -24.43
C VAL B 870 18.14 -5.42 -22.95
N ARG B 871 17.41 -4.36 -22.66
CA ARG B 871 17.01 -4.08 -21.28
C ARG B 871 16.01 -5.14 -20.81
N LEU B 872 14.97 -5.34 -21.61
CA LEU B 872 13.92 -6.31 -21.26
C LEU B 872 14.48 -7.72 -21.11
N ILE B 873 15.44 -8.07 -21.97
CA ILE B 873 16.07 -9.38 -21.93
C ILE B 873 17.02 -9.45 -20.73
N GLY B 874 17.59 -8.32 -20.38
CA GLY B 874 18.43 -8.22 -19.19
C GLY B 874 17.57 -8.52 -17.98
N ILE B 875 16.29 -8.19 -18.08
CA ILE B 875 15.32 -8.58 -17.07
C ILE B 875 14.98 -10.05 -17.22
N LEU B 876 15.04 -10.55 -18.46
CA LEU B 876 14.69 -11.94 -18.74
C LEU B 876 15.79 -12.90 -18.30
N GLY B 877 17.04 -12.48 -18.42
CA GLY B 877 18.15 -13.28 -17.96
C GLY B 877 19.35 -12.43 -17.61
N ALA B 878 20.23 -12.95 -16.75
CA ALA B 878 21.29 -12.17 -16.13
C ALA B 878 22.16 -12.98 -15.20
N LEU B 879 23.20 -12.35 -14.66
CA LEU B 879 23.99 -12.91 -13.58
C LEU B 879 24.60 -14.26 -13.89
N ASP B 880 24.21 -15.26 -13.11
CA ASP B 880 24.89 -16.55 -13.03
C ASP B 880 25.29 -17.19 -14.36
N PRO B 881 24.37 -17.21 -15.35
CA PRO B 881 24.74 -17.84 -16.61
C PRO B 881 25.97 -17.18 -17.23
N TYR B 882 25.97 -15.85 -17.24
CA TYR B 882 27.14 -15.06 -17.64
C TYR B 882 28.38 -15.55 -16.90
N LYS B 883 28.35 -15.39 -15.58
CA LYS B 883 29.41 -15.92 -14.72
C LYS B 883 29.68 -17.40 -14.97
N HIS B 884 28.64 -18.15 -15.30
CA HIS B 884 28.81 -19.58 -15.59
C HIS B 884 29.64 -19.69 -16.85
N ARG B 885 29.31 -18.85 -17.82
CA ARG B 885 30.11 -18.72 -19.04
C ARG B 885 31.48 -18.15 -18.67
N GLU B 886 31.53 -17.41 -17.57
CA GLU B 886 32.80 -16.87 -17.12
C GLU B 886 33.50 -17.83 -16.17
N VAL B 887 32.83 -18.93 -15.84
CA VAL B 887 33.38 -19.91 -14.91
C VAL B 887 34.52 -20.67 -15.55
N ASP B 905 35.88 -21.47 -12.06
CA ASP B 905 36.80 -22.56 -12.39
C ASP B 905 37.83 -22.04 -13.35
N VAL B 906 37.43 -21.90 -14.61
CA VAL B 906 38.21 -21.12 -15.54
C VAL B 906 38.25 -19.75 -14.88
N ALA B 907 37.09 -19.38 -14.34
CA ALA B 907 36.96 -18.20 -13.52
C ALA B 907 38.02 -18.20 -12.45
N LEU B 908 38.12 -19.32 -11.75
CA LEU B 908 39.08 -19.45 -10.67
C LEU B 908 40.46 -19.09 -11.17
N LEU B 909 40.96 -19.88 -12.10
CA LEU B 909 42.30 -19.69 -12.65
C LEU B 909 42.51 -18.24 -13.08
N MET B 910 41.48 -17.65 -13.68
CA MET B 910 41.51 -16.24 -14.03
C MET B 910 41.87 -15.43 -12.80
N GLN B 911 41.00 -15.47 -11.81
CA GLN B 911 41.29 -14.84 -10.53
C GLN B 911 42.55 -15.44 -9.95
N GLY B 912 42.71 -16.75 -10.15
CA GLY B 912 43.89 -17.44 -9.65
C GLY B 912 45.15 -16.99 -10.36
N GLU B 918 49.14 -23.19 -8.74
CA GLU B 918 49.92 -24.02 -7.83
C GLU B 918 49.06 -24.61 -6.71
N GLU B 919 49.43 -24.29 -5.47
CA GLU B 919 48.64 -24.59 -4.29
C GLU B 919 47.22 -24.16 -4.57
N TYR B 920 47.10 -22.86 -4.81
CA TYR B 920 45.86 -22.26 -5.22
C TYR B 920 45.21 -23.10 -6.31
N TYR B 921 45.85 -23.18 -7.48
CA TYR B 921 45.26 -23.89 -8.62
C TYR B 921 44.68 -25.25 -8.22
N PRO B 922 45.44 -26.03 -7.45
CA PRO B 922 44.92 -27.32 -6.98
C PRO B 922 43.68 -27.15 -6.13
N THR B 923 43.73 -26.20 -5.21
CA THR B 923 42.61 -25.97 -4.33
C THR B 923 41.40 -25.58 -5.16
N VAL B 924 41.67 -24.86 -6.24
CA VAL B 924 40.64 -24.36 -7.11
C VAL B 924 40.03 -25.53 -7.81
N VAL B 925 40.87 -26.50 -8.13
CA VAL B 925 40.40 -27.70 -8.75
C VAL B 925 39.41 -28.32 -7.81
N ILE B 926 39.84 -28.43 -6.55
CA ILE B 926 39.01 -29.02 -5.52
C ILE B 926 37.67 -28.34 -5.54
N GLY B 927 37.71 -27.02 -5.52
CA GLY B 927 36.50 -26.24 -5.50
C GLY B 927 35.64 -26.53 -6.70
N VAL B 928 36.26 -26.78 -7.84
CA VAL B 928 35.52 -26.97 -9.08
C VAL B 928 34.76 -28.27 -8.99
N LEU B 929 35.50 -29.29 -8.59
CA LEU B 929 34.94 -30.60 -8.36
C LEU B 929 33.74 -30.47 -7.46
N MET B 930 33.94 -29.73 -6.38
CA MET B 930 32.87 -29.51 -5.42
C MET B 930 31.70 -28.80 -6.07
N LYS B 931 32.00 -27.92 -7.01
CA LYS B 931 30.98 -27.09 -7.62
C LYS B 931 30.05 -28.00 -8.37
N ILE B 932 30.63 -28.81 -9.22
CA ILE B 932 29.85 -29.79 -9.95
C ILE B 932 29.15 -30.71 -8.97
N LEU B 933 29.82 -31.00 -7.86
CA LEU B 933 29.32 -31.97 -6.90
C LEU B 933 27.98 -31.53 -6.33
N LYS B 934 27.98 -30.33 -5.77
CA LYS B 934 26.75 -29.73 -5.30
C LYS B 934 25.80 -29.63 -6.47
N ASP B 935 26.35 -29.29 -7.62
CA ASP B 935 25.56 -29.20 -8.84
C ASP B 935 25.03 -30.58 -9.22
N SER B 939 20.76 -35.85 -9.65
CA SER B 939 22.18 -35.91 -9.34
C SER B 939 22.56 -37.27 -8.80
N ILE B 940 23.85 -37.59 -8.82
CA ILE B 940 24.32 -38.84 -8.26
C ILE B 940 24.91 -38.51 -6.90
N HIS B 941 24.22 -38.95 -5.86
CA HIS B 941 24.60 -38.58 -4.52
C HIS B 941 25.91 -39.22 -4.10
N HIS B 942 25.98 -40.54 -4.24
CA HIS B 942 27.14 -41.31 -3.78
C HIS B 942 28.40 -40.82 -4.47
N SER B 943 28.22 -40.34 -5.68
CA SER B 943 29.27 -39.65 -6.39
C SER B 943 29.84 -38.63 -5.45
N THR B 944 29.01 -37.66 -5.09
CA THR B 944 29.40 -36.61 -4.18
C THR B 944 29.93 -37.17 -2.87
N VAL B 945 29.39 -38.30 -2.44
CA VAL B 945 29.83 -38.92 -1.20
C VAL B 945 31.32 -39.19 -1.27
N ILE B 946 31.69 -40.11 -2.16
CA ILE B 946 33.08 -40.48 -2.33
C ILE B 946 33.90 -39.24 -2.63
N GLN B 947 33.29 -38.33 -3.37
CA GLN B 947 33.91 -37.07 -3.73
C GLN B 947 34.43 -36.41 -2.48
N ALA B 948 33.51 -36.05 -1.60
CA ALA B 948 33.85 -35.40 -0.35
C ALA B 948 34.84 -36.22 0.44
N ILE B 949 34.68 -37.54 0.37
CA ILE B 949 35.56 -38.44 1.10
C ILE B 949 36.99 -38.13 0.74
N MET B 950 37.35 -38.43 -0.50
CA MET B 950 38.70 -38.20 -0.96
C MET B 950 39.05 -36.73 -0.92
N HIS B 951 38.02 -35.89 -0.83
CA HIS B 951 38.22 -34.47 -0.82
C HIS B 951 38.90 -34.09 0.47
N ILE B 952 38.33 -34.55 1.56
CA ILE B 952 38.90 -34.29 2.86
C ILE B 952 40.20 -35.04 2.95
N PHE B 953 40.21 -36.27 2.43
CA PHE B 953 41.39 -37.11 2.48
C PHE B 953 42.57 -36.38 1.90
N GLN B 954 42.33 -35.70 0.79
CA GLN B 954 43.37 -34.93 0.13
C GLN B 954 43.63 -33.67 0.91
N THR B 955 42.57 -33.11 1.47
CA THR B 955 42.67 -31.94 2.31
C THR B 955 43.50 -32.33 3.51
N MET B 956 43.34 -33.59 3.91
CA MET B 956 44.16 -34.17 4.95
C MET B 956 45.60 -34.30 4.49
N PHE B 963 39.23 -26.02 5.08
CA PHE B 963 39.49 -24.83 4.28
C PHE B 963 38.20 -24.06 4.03
N LEU B 964 38.33 -22.94 3.34
CA LEU B 964 37.19 -22.16 2.87
C LEU B 964 36.18 -23.04 2.17
N LYS B 965 36.63 -23.63 1.08
CA LYS B 965 35.81 -24.51 0.27
C LYS B 965 35.11 -25.50 1.16
N GLN B 966 35.82 -26.00 2.16
CA GLN B 966 35.24 -26.91 3.12
C GLN B 966 34.02 -26.27 3.78
N ILE B 967 34.14 -24.99 4.11
CA ILE B 967 33.03 -24.28 4.73
C ILE B 967 31.86 -24.28 3.76
N ILE B 968 32.13 -23.93 2.50
CA ILE B 968 31.10 -23.97 1.49
C ILE B 968 30.51 -25.37 1.45
N PRO B 969 31.39 -26.36 1.36
CA PRO B 969 31.04 -27.77 1.37
C PRO B 969 30.32 -28.16 2.64
N GLY B 970 30.47 -27.35 3.69
CA GLY B 970 29.69 -27.59 4.88
C GLY B 970 28.23 -27.49 4.49
N PHE B 971 27.88 -26.38 3.86
CA PHE B 971 26.54 -26.16 3.38
C PHE B 971 26.16 -27.21 2.37
N ILE B 972 27.15 -27.62 1.58
CA ILE B 972 26.91 -28.64 0.57
C ILE B 972 26.38 -29.92 1.24
N LEU B 973 27.14 -30.43 2.20
CA LEU B 973 26.75 -31.62 2.93
C LEU B 973 25.40 -31.38 3.57
N VAL B 974 25.19 -30.15 4.00
CA VAL B 974 23.94 -29.78 4.63
C VAL B 974 22.77 -29.98 3.67
N MET B 975 23.01 -29.82 2.38
CA MET B 975 21.96 -30.06 1.40
C MET B 975 21.33 -31.43 1.57
N HIS B 976 22.18 -32.42 1.86
CA HIS B 976 21.74 -33.78 2.15
C HIS B 976 20.83 -34.33 1.06
N PRO B 979 18.17 -41.28 1.02
CA PRO B 979 18.21 -42.49 1.82
C PRO B 979 19.23 -42.43 2.95
N PRO B 980 19.20 -43.41 3.86
CA PRO B 980 20.06 -43.48 5.04
C PRO B 980 21.55 -43.50 4.70
N SER B 981 21.85 -43.96 3.49
CA SER B 981 23.22 -43.99 3.00
C SER B 981 23.84 -42.61 3.09
N LEU B 982 23.03 -41.61 2.74
CA LEU B 982 23.40 -40.22 2.92
C LEU B 982 23.91 -40.05 4.32
N LEU B 983 23.05 -40.29 5.29
CA LEU B 983 23.38 -40.14 6.69
C LEU B 983 24.68 -40.84 7.07
N GLU B 984 24.83 -42.09 6.68
CA GLU B 984 26.05 -42.84 6.97
C GLU B 984 27.27 -42.09 6.46
N LEU B 985 27.32 -41.96 5.14
CA LEU B 985 28.44 -41.32 4.46
C LEU B 985 28.76 -39.97 5.05
N TYR B 986 27.74 -39.14 5.20
CA TYR B 986 27.92 -37.78 5.69
C TYR B 986 28.38 -37.79 7.12
N PHE B 987 28.01 -38.82 7.87
CA PHE B 987 28.43 -38.96 9.24
C PHE B 987 29.93 -39.17 9.25
N GLN B 988 30.36 -40.14 8.46
CA GLN B 988 31.76 -40.41 8.28
C GLN B 988 32.48 -39.12 7.86
N GLN B 989 31.80 -38.35 7.02
CA GLN B 989 32.35 -37.12 6.48
C GLN B 989 32.56 -36.12 7.60
N LEU B 990 31.64 -36.13 8.56
CA LEU B 990 31.75 -35.26 9.70
C LEU B 990 32.98 -35.67 10.47
N SER B 991 33.15 -36.99 10.60
CA SER B 991 34.31 -37.52 11.26
C SER B 991 35.57 -37.05 10.57
N VAL B 992 35.47 -36.86 9.26
CA VAL B 992 36.60 -36.34 8.53
C VAL B 992 36.78 -34.90 8.95
N LEU B 993 35.67 -34.19 9.04
CA LEU B 993 35.69 -32.78 9.38
C LEU B 993 36.28 -32.59 10.76
N ILE B 994 36.32 -33.68 11.53
CA ILE B 994 36.88 -33.64 12.87
C ILE B 994 38.33 -33.24 12.83
N SER B 995 38.91 -33.27 11.63
CA SER B 995 40.25 -32.75 11.43
C SER B 995 40.32 -31.30 11.87
N ILE B 996 39.46 -30.47 11.29
CA ILE B 996 39.56 -29.03 11.49
C ILE B 996 38.74 -28.57 12.67
N VAL B 997 38.69 -27.25 12.86
CA VAL B 997 37.86 -26.68 13.91
C VAL B 997 37.00 -25.55 13.38
N LYS B 998 35.69 -25.75 13.42
CA LYS B 998 34.75 -24.65 13.34
C LYS B 998 34.95 -23.94 14.68
N GLN B 999 34.78 -22.63 14.79
CA GLN B 999 34.22 -21.65 13.84
C GLN B 999 32.82 -21.92 13.34
N HIS B 1000 32.60 -21.69 12.05
CA HIS B 1000 31.24 -21.42 11.58
C HIS B 1000 30.50 -22.64 11.11
N ILE B 1001 31.18 -23.77 11.07
CA ILE B 1001 30.51 -24.98 10.65
C ILE B 1001 29.56 -25.35 11.76
N ARG B 1002 29.88 -24.87 12.96
CA ARG B 1002 29.19 -25.25 14.18
C ARG B 1002 27.68 -25.12 14.11
N PRO B 1003 27.20 -23.90 13.81
CA PRO B 1003 25.74 -23.76 13.89
C PRO B 1003 25.00 -24.64 12.92
N HIS B 1004 25.52 -24.71 11.70
CA HIS B 1004 24.90 -25.53 10.68
C HIS B 1004 24.95 -26.97 11.12
N VAL B 1005 26.03 -27.30 11.82
CA VAL B 1005 26.25 -28.64 12.29
C VAL B 1005 25.11 -29.00 13.20
N THR B 1006 24.87 -28.13 14.17
CA THR B 1006 23.75 -28.31 15.06
C THR B 1006 22.46 -28.47 14.27
N GLU B 1007 22.33 -27.62 13.24
CA GLU B 1007 21.11 -27.57 12.45
C GLU B 1007 20.78 -28.93 11.86
N ILE B 1008 21.74 -29.48 11.11
CA ILE B 1008 21.54 -30.77 10.50
C ILE B 1008 21.36 -31.80 11.60
N VAL B 1009 22.10 -31.61 12.69
CA VAL B 1009 22.11 -32.56 13.78
C VAL B 1009 20.70 -32.75 14.29
N ASP B 1010 19.93 -31.68 14.26
CA ASP B 1010 18.55 -31.74 14.69
C ASP B 1010 17.77 -32.75 13.87
N VAL B 1011 17.77 -32.56 12.55
CA VAL B 1011 16.99 -33.42 11.70
C VAL B 1011 17.90 -34.37 10.94
N ILE B 1012 17.83 -35.65 11.29
CA ILE B 1012 16.98 -36.09 12.38
C ILE B 1012 17.84 -36.59 13.52
N SER B 1013 17.34 -36.47 14.74
CA SER B 1013 18.04 -36.99 15.90
C SER B 1013 17.67 -38.46 16.12
N LEU B 1023 22.14 -44.90 16.00
CA LEU B 1023 22.36 -44.66 14.59
C LEU B 1023 23.38 -43.54 14.40
N THR B 1024 22.90 -42.38 13.99
CA THR B 1024 23.74 -41.20 13.85
C THR B 1024 24.24 -40.75 15.20
N ILE B 1025 23.71 -41.39 16.24
CA ILE B 1025 24.09 -41.14 17.61
C ILE B 1025 25.61 -41.12 17.73
N ILE B 1026 26.25 -42.14 17.19
CA ILE B 1026 27.69 -42.22 17.23
C ILE B 1026 28.28 -41.04 16.48
N SER B 1027 27.64 -40.65 15.39
CA SER B 1027 28.15 -39.57 14.56
C SER B 1027 28.23 -38.29 15.35
N VAL B 1028 27.12 -37.91 15.95
CA VAL B 1028 27.07 -36.69 16.72
C VAL B 1028 27.97 -36.82 17.93
N ILE B 1029 28.09 -38.04 18.44
CA ILE B 1029 28.97 -38.30 19.56
C ILE B 1029 30.34 -37.85 19.15
N GLU B 1030 30.70 -38.19 17.92
CA GLU B 1030 31.98 -37.82 17.37
C GLU B 1030 32.03 -36.32 17.13
N SER B 1031 30.88 -35.72 16.89
CA SER B 1031 30.84 -34.29 16.67
C SER B 1031 31.29 -33.59 17.94
N LEU B 1032 30.68 -34.00 19.04
CA LEU B 1032 31.04 -33.47 20.34
C LEU B 1032 32.48 -33.82 20.67
N SER B 1033 32.91 -34.97 20.16
CA SER B 1033 34.28 -35.39 20.38
C SER B 1033 35.19 -34.40 19.71
N ARG B 1034 34.77 -33.93 18.55
CA ARG B 1034 35.53 -33.01 17.74
C ARG B 1034 35.29 -31.61 18.24
N ALA B 1035 34.41 -31.50 19.21
CA ALA B 1035 34.06 -30.21 19.75
C ALA B 1035 35.22 -29.77 20.62
N LEU B 1036 35.49 -30.56 21.65
CA LEU B 1036 36.12 -30.06 22.86
C LEU B 1036 35.11 -29.06 23.36
N GLU B 1037 35.50 -27.85 23.72
CA GLU B 1037 34.43 -26.96 24.13
C GLU B 1037 34.11 -25.92 23.09
N GLY B 1038 32.98 -26.10 22.44
CA GLY B 1038 32.20 -25.00 21.92
C GLY B 1038 30.86 -25.47 21.41
N GLU B 1039 29.90 -24.56 21.43
CA GLU B 1039 29.99 -23.52 22.42
C GLU B 1039 29.61 -24.23 23.70
N PHE B 1040 29.66 -23.55 24.83
CA PHE B 1040 29.15 -24.17 26.03
C PHE B 1040 27.67 -24.32 25.77
N ASN B 1041 27.08 -23.23 25.32
CA ASN B 1041 25.67 -23.19 24.99
C ASN B 1041 25.30 -24.06 23.82
N PRO B 1042 25.98 -23.86 22.68
CA PRO B 1042 25.61 -24.59 21.46
C PRO B 1042 25.55 -26.07 21.77
N HIS B 1043 26.49 -26.49 22.61
CA HIS B 1043 26.42 -27.81 23.19
C HIS B 1043 25.17 -27.97 24.02
N LEU B 1044 25.02 -27.08 25.01
CA LEU B 1044 24.04 -27.26 26.07
C LEU B 1044 22.64 -27.49 25.56
N PRO B 1045 22.19 -26.62 24.65
CA PRO B 1045 20.87 -26.88 24.05
C PRO B 1045 20.86 -28.13 23.20
N THR B 1046 21.94 -28.32 22.45
CA THR B 1046 22.05 -29.51 21.64
C THR B 1046 22.12 -30.67 22.60
N ILE B 1047 22.80 -30.45 23.71
CA ILE B 1047 22.89 -31.44 24.76
C ILE B 1047 21.49 -31.76 25.22
N LEU B 1048 20.63 -30.76 25.17
CA LEU B 1048 19.26 -30.93 25.62
C LEU B 1048 18.57 -31.85 24.65
N SER B 1049 18.78 -31.62 23.36
CA SER B 1049 18.23 -32.52 22.36
C SER B 1049 18.72 -33.93 22.63
N LEU B 1050 19.97 -34.02 23.04
CA LEU B 1050 20.61 -35.30 23.26
C LEU B 1050 19.96 -36.07 24.40
N PHE B 1051 19.88 -35.43 25.56
CA PHE B 1051 19.30 -36.06 26.73
C PHE B 1051 17.84 -36.36 26.47
N LEU B 1052 17.23 -35.53 25.64
CA LEU B 1052 15.87 -35.73 25.21
C LEU B 1052 15.78 -37.07 24.55
N ASP B 1053 16.71 -37.30 23.63
CA ASP B 1053 16.78 -38.60 22.97
C ASP B 1053 17.01 -39.69 24.00
N VAL B 1054 17.83 -39.36 25.00
CA VAL B 1054 18.28 -40.34 25.99
C VAL B 1054 17.11 -40.88 26.76
N LEU B 1055 16.21 -40.00 27.18
CA LEU B 1055 15.04 -40.42 27.92
C LEU B 1055 14.20 -41.36 27.08
N GLU B 1056 14.10 -41.04 25.79
CA GLU B 1056 13.31 -41.84 24.87
C GLU B 1056 13.86 -43.25 24.76
N ASN B 1061 14.45 -51.01 25.31
CA ASN B 1061 15.78 -50.88 25.88
C ASN B 1061 16.84 -51.14 24.83
N LYS B 1062 17.15 -50.11 24.05
CA LYS B 1062 18.21 -50.24 23.07
C LYS B 1062 19.49 -49.95 23.81
N LYS B 1063 20.38 -50.93 23.84
CA LYS B 1063 21.61 -50.79 24.59
C LYS B 1063 22.41 -49.64 24.03
N VAL B 1064 22.29 -49.42 22.72
CA VAL B 1064 22.99 -48.35 22.03
C VAL B 1064 22.71 -47.03 22.70
N VAL B 1065 21.45 -46.87 23.10
CA VAL B 1065 21.04 -45.69 23.84
C VAL B 1065 21.99 -45.52 25.01
N SER B 1066 21.97 -46.46 25.94
CA SER B 1066 22.77 -46.37 27.17
C SER B 1066 24.24 -46.15 26.88
N VAL B 1067 24.74 -46.92 25.92
CA VAL B 1067 26.14 -46.87 25.55
C VAL B 1067 26.53 -45.47 25.16
N ARG B 1068 25.97 -45.01 24.05
CA ARG B 1068 26.27 -43.69 23.52
C ARG B 1068 25.97 -42.63 24.57
N ILE B 1069 25.00 -42.91 25.42
CA ILE B 1069 24.65 -42.03 26.50
C ILE B 1069 25.85 -41.79 27.39
N LEU B 1070 26.28 -42.82 28.10
CA LEU B 1070 27.37 -42.70 29.06
C LEU B 1070 28.62 -42.22 28.36
N LYS B 1071 28.78 -42.68 27.13
CA LYS B 1071 29.89 -42.27 26.29
C LYS B 1071 29.94 -40.76 26.17
N SER B 1072 28.94 -40.22 25.47
CA SER B 1072 28.85 -38.79 25.21
C SER B 1072 28.86 -38.00 26.50
N LEU B 1073 28.37 -38.62 27.55
CA LEU B 1073 28.44 -38.07 28.87
C LEU B 1073 29.88 -37.76 29.18
N VAL B 1074 30.70 -38.81 29.24
CA VAL B 1074 32.12 -38.65 29.50
C VAL B 1074 32.72 -37.65 28.52
N VAL B 1075 32.23 -37.67 27.29
CA VAL B 1075 32.74 -36.80 26.24
C VAL B 1075 32.61 -35.36 26.65
N PHE B 1076 31.42 -34.99 27.11
CA PHE B 1076 31.17 -33.66 27.63
C PHE B 1076 32.23 -33.32 28.67
N GLY B 1077 32.23 -34.08 29.75
CA GLY B 1077 33.12 -33.80 30.86
C GLY B 1077 32.71 -32.48 31.45
N PRO B 1078 33.66 -31.55 31.55
CA PRO B 1078 33.20 -30.25 32.05
C PRO B 1078 32.30 -29.56 31.04
N HIS B 1079 31.50 -28.58 31.47
CA HIS B 1079 31.24 -28.35 32.88
C HIS B 1079 29.76 -28.18 33.24
N LEU B 1080 29.20 -27.07 32.76
CA LEU B 1080 28.05 -26.42 33.37
C LEU B 1080 26.71 -27.10 33.20
N GLU B 1081 26.66 -28.15 32.40
CA GLU B 1081 25.39 -28.84 32.20
C GLU B 1081 24.90 -29.28 33.56
N GLU B 1082 23.66 -28.92 33.88
CA GLU B 1082 23.16 -29.05 35.24
C GLU B 1082 21.85 -29.79 35.26
N TYR B 1083 20.83 -29.18 34.68
CA TYR B 1083 19.56 -29.84 34.50
C TYR B 1083 19.83 -31.14 33.76
N VAL B 1084 20.74 -31.04 32.80
CA VAL B 1084 21.24 -32.20 32.09
C VAL B 1084 21.73 -33.19 33.13
N HIS B 1085 22.54 -32.71 34.06
CA HIS B 1085 23.15 -33.59 35.07
C HIS B 1085 22.10 -34.21 35.97
N LEU B 1086 21.01 -33.50 36.18
CA LEU B 1086 19.94 -34.04 37.01
C LEU B 1086 19.25 -35.17 36.29
N VAL B 1087 18.90 -34.91 35.03
CA VAL B 1087 18.27 -35.91 34.18
C VAL B 1087 19.15 -37.14 34.17
N LEU B 1088 20.45 -36.87 34.10
CA LEU B 1088 21.44 -37.91 34.20
C LEU B 1088 21.24 -38.68 35.48
N PRO B 1089 21.28 -37.98 36.62
CA PRO B 1089 21.01 -38.66 37.88
C PRO B 1089 19.62 -39.30 37.83
N THR B 1090 18.70 -38.59 37.18
CA THR B 1090 17.34 -39.08 37.07
C THR B 1090 17.27 -40.34 36.24
N ILE B 1091 17.81 -40.28 35.03
CA ILE B 1091 17.77 -41.42 34.13
C ILE B 1091 18.47 -42.57 34.80
N ILE B 1092 19.46 -42.23 35.63
CA ILE B 1092 20.24 -43.21 36.34
C ILE B 1092 19.39 -43.89 37.39
N LYS B 1093 18.47 -43.14 37.96
CA LYS B 1093 17.68 -43.65 39.06
C LYS B 1093 16.70 -44.71 38.58
N LEU B 1094 16.60 -44.86 37.26
CA LEU B 1094 15.73 -45.86 36.67
C LEU B 1094 16.04 -47.25 37.20
N SER B 1095 17.30 -47.46 37.58
CA SER B 1095 17.69 -48.73 38.18
C SER B 1095 17.90 -48.54 39.68
N SER B 1099 22.20 -50.88 28.70
CA SER B 1099 20.78 -50.62 28.85
C SER B 1099 20.27 -51.16 30.18
N GLY B 1100 21.06 -52.01 30.81
CA GLY B 1100 20.62 -52.68 32.01
C GLY B 1100 21.14 -52.06 33.30
N ASN B 1101 21.30 -52.91 34.30
CA ASN B 1101 21.98 -52.56 35.53
C ASN B 1101 23.30 -51.88 35.18
N LEU B 1102 24.16 -52.62 34.52
CA LEU B 1102 25.49 -52.16 34.13
C LEU B 1102 25.44 -50.79 33.48
N LYS B 1103 24.42 -50.55 32.67
CA LYS B 1103 24.16 -49.21 32.16
C LYS B 1103 24.22 -48.24 33.33
N LYS B 1104 23.29 -48.40 34.27
CA LYS B 1104 23.24 -47.55 35.46
C LYS B 1104 24.57 -47.45 36.20
N ALA B 1105 25.27 -48.57 36.32
CA ALA B 1105 26.60 -48.57 36.91
C ALA B 1105 27.45 -47.53 36.23
N ALA B 1106 27.68 -47.76 34.94
CA ALA B 1106 28.46 -46.89 34.08
C ALA B 1106 28.03 -45.44 34.22
N ILE B 1107 26.73 -45.24 34.34
CA ILE B 1107 26.20 -43.94 34.66
C ILE B 1107 26.93 -43.44 35.88
N ILE B 1108 26.77 -44.13 37.01
CA ILE B 1108 27.37 -43.71 38.26
C ILE B 1108 28.83 -43.36 38.09
N THR B 1109 29.53 -44.21 37.36
CA THR B 1109 30.93 -43.97 37.05
C THR B 1109 31.12 -42.62 36.36
N ILE B 1110 30.60 -42.52 35.13
CA ILE B 1110 30.79 -41.34 34.29
C ILE B 1110 30.44 -40.08 35.04
N GLY B 1111 29.36 -40.17 35.79
CA GLY B 1111 28.93 -39.06 36.63
C GLY B 1111 30.03 -38.69 37.57
N ARG B 1112 30.53 -39.68 38.32
CA ARG B 1112 31.60 -39.45 39.26
C ARG B 1112 32.75 -38.75 38.58
N LEU B 1113 33.14 -39.26 37.41
CA LEU B 1113 34.23 -38.71 36.65
C LEU B 1113 34.04 -37.24 36.35
N SER B 1114 33.04 -36.94 35.52
CA SER B 1114 32.79 -35.59 35.06
C SER B 1114 32.62 -34.64 36.23
N LYS B 1115 32.11 -35.17 37.33
CA LYS B 1115 31.99 -34.41 38.55
C LYS B 1115 33.32 -34.40 39.28
N ASN B 1116 33.74 -35.58 39.73
CA ASN B 1116 34.97 -35.74 40.52
C ASN B 1116 34.92 -34.91 41.80
N ASN B 1118 28.22 -27.41 43.33
CA ASN B 1118 27.72 -28.76 43.18
C ASN B 1118 27.30 -29.33 44.53
N ALA B 1119 26.72 -32.07 41.62
CA ALA B 1119 25.69 -31.60 42.53
C ALA B 1119 25.59 -32.50 43.74
N LEU B 1120 25.91 -31.95 44.91
CA LEU B 1120 25.77 -32.66 46.17
C LEU B 1120 24.33 -33.09 46.33
N GLU B 1121 23.44 -32.34 45.71
CA GLU B 1121 22.04 -32.69 45.65
C GLU B 1121 21.85 -34.08 45.06
N MET B 1122 22.10 -34.19 43.76
CA MET B 1122 21.89 -35.43 43.05
C MET B 1122 22.79 -36.48 43.64
N SER B 1123 23.89 -36.02 44.22
CA SER B 1123 24.80 -36.89 44.93
C SER B 1123 24.03 -37.64 45.97
N SER B 1124 23.54 -36.93 46.99
CA SER B 1124 22.81 -37.55 48.07
C SER B 1124 21.61 -38.31 47.54
N ARG B 1125 21.02 -37.79 46.47
CA ARG B 1125 19.87 -38.42 45.85
C ARG B 1125 20.16 -39.85 45.44
N ILE B 1126 21.02 -39.98 44.45
CA ILE B 1126 21.36 -41.27 43.89
C ILE B 1126 22.06 -42.10 44.95
N VAL B 1127 22.66 -41.42 45.91
CA VAL B 1127 23.26 -42.06 47.06
C VAL B 1127 22.19 -42.90 47.68
N GLN B 1128 21.15 -42.23 48.15
CA GLN B 1128 19.99 -42.90 48.72
C GLN B 1128 19.49 -44.00 47.78
N ALA B 1129 19.39 -43.67 46.50
CA ALA B 1129 18.88 -44.61 45.50
C ALA B 1129 19.60 -45.95 45.58
N LEU B 1130 20.89 -45.94 45.27
CA LEU B 1130 21.67 -47.15 45.21
C LEU B 1130 21.87 -47.79 46.58
N VAL B 1131 22.19 -46.97 47.58
CA VAL B 1131 22.45 -47.47 48.92
C VAL B 1131 21.24 -48.19 49.44
N ARG B 1132 20.07 -47.78 48.96
CA ARG B 1132 18.83 -48.49 49.26
C ARG B 1132 18.76 -49.75 48.43
N VAL B 1133 19.08 -49.61 47.14
CA VAL B 1133 19.16 -50.76 46.25
C VAL B 1133 20.17 -51.70 46.88
N LEU B 1134 21.17 -51.12 47.54
CA LEU B 1134 22.09 -51.90 48.34
C LEU B 1134 21.36 -52.43 49.55
N ASN B 1135 21.43 -53.73 49.76
CA ASN B 1135 20.79 -54.35 50.91
C ASN B 1135 21.67 -54.21 52.15
N GLU B 1138 21.92 -58.44 41.57
CA GLU B 1138 22.47 -58.45 40.22
C GLU B 1138 23.68 -57.54 40.11
N THR B 1139 23.41 -56.25 39.91
CA THR B 1139 24.47 -55.27 39.83
C THR B 1139 25.18 -55.13 41.17
N GLU B 1140 24.61 -55.77 42.20
CA GLU B 1140 24.93 -55.48 43.59
C GLU B 1140 26.43 -55.47 43.86
N TYR B 1141 27.16 -56.31 43.16
CA TYR B 1141 28.61 -56.27 43.23
C TYR B 1141 29.06 -55.07 42.41
N VAL B 1142 28.79 -55.14 41.11
CA VAL B 1142 29.10 -54.05 40.18
C VAL B 1142 28.59 -52.73 40.71
N LYS B 1143 27.41 -52.75 41.31
CA LYS B 1143 26.85 -51.56 41.92
C LYS B 1143 27.70 -51.15 43.11
N ALA B 1144 28.08 -52.12 43.95
CA ALA B 1144 28.88 -51.81 45.14
C ALA B 1144 30.13 -51.05 44.74
N THR B 1145 30.83 -51.58 43.75
CA THR B 1145 32.02 -50.94 43.24
C THR B 1145 31.69 -49.57 42.65
N MET B 1146 30.79 -49.54 41.67
CA MET B 1146 30.51 -48.33 40.89
C MET B 1146 30.14 -47.18 41.80
N ASN B 1147 29.37 -47.50 42.83
CA ASN B 1147 28.88 -46.52 43.76
C ASN B 1147 29.96 -46.12 44.74
N THR B 1148 30.70 -47.11 45.22
CA THR B 1148 31.78 -46.85 46.16
C THR B 1148 32.71 -45.83 45.53
N LEU B 1149 33.14 -46.18 44.33
CA LEU B 1149 34.05 -45.39 43.53
C LEU B 1149 33.48 -44.04 43.25
N SER B 1150 32.22 -44.02 42.83
CA SER B 1150 31.57 -42.77 42.51
C SER B 1150 31.68 -41.85 43.71
N LEU B 1151 31.38 -42.40 44.88
CA LEU B 1151 31.39 -41.63 46.10
C LEU B 1151 32.75 -41.07 46.34
N LEU B 1152 33.74 -41.96 46.43
CA LEU B 1152 35.09 -41.55 46.76
C LEU B 1152 35.53 -40.45 45.83
N LEU B 1153 35.21 -40.64 44.56
CA LEU B 1153 35.52 -39.67 43.52
C LEU B 1153 34.95 -38.32 43.88
N LEU B 1154 33.62 -38.24 43.86
CA LEU B 1154 32.97 -36.97 44.05
C LEU B 1154 33.12 -36.45 45.47
N GLN B 1155 33.44 -37.35 46.39
CA GLN B 1155 33.30 -36.98 47.78
C GLN B 1155 34.68 -36.90 48.44
N LEU B 1156 34.74 -36.50 49.71
CA LEU B 1156 33.61 -35.90 50.42
C LEU B 1156 33.89 -34.51 50.93
N ASN B 1157 34.70 -34.46 51.99
CA ASN B 1157 34.81 -33.33 52.90
C ASN B 1157 33.51 -33.21 53.70
N ILE B 1158 32.51 -34.01 53.33
CA ILE B 1158 31.26 -34.06 54.06
C ILE B 1158 31.11 -35.41 54.73
N ASP B 1159 31.20 -35.43 56.05
CA ASP B 1159 31.15 -36.66 56.80
C ASP B 1159 29.74 -37.19 56.83
N PHE B 1160 28.80 -36.28 56.67
CA PHE B 1160 27.38 -36.58 56.70
C PHE B 1160 27.03 -37.78 55.85
N THR B 1161 27.24 -37.61 54.55
CA THR B 1161 26.85 -38.60 53.54
C THR B 1161 27.30 -39.98 53.99
N VAL B 1162 28.61 -40.14 54.10
CA VAL B 1162 29.20 -41.40 54.54
C VAL B 1162 28.57 -41.93 55.82
N PHE B 1163 28.46 -41.06 56.82
CA PHE B 1163 27.93 -41.45 58.12
C PHE B 1163 26.59 -42.11 57.94
N ILE B 1164 25.73 -41.47 57.18
CA ILE B 1164 24.46 -42.07 56.81
C ILE B 1164 24.72 -43.38 56.10
N PRO B 1165 25.45 -43.30 54.98
CA PRO B 1165 25.78 -44.44 54.15
C PRO B 1165 26.48 -45.54 54.94
N VAL B 1166 27.10 -45.18 56.05
CA VAL B 1166 27.72 -46.18 56.91
C VAL B 1166 26.63 -47.11 57.38
N ILE B 1167 25.61 -46.51 57.99
CA ILE B 1167 24.41 -47.22 58.39
C ILE B 1167 23.84 -47.94 57.19
N ASN B 1168 23.43 -47.15 56.21
CA ASN B 1168 22.67 -47.61 55.06
C ASN B 1168 23.29 -48.81 54.40
N LYS B 1169 24.62 -48.86 54.45
CA LYS B 1169 25.36 -50.00 53.92
C LYS B 1169 24.86 -51.28 54.56
N THR B 1170 25.16 -51.45 55.85
CA THR B 1170 24.84 -52.69 56.56
C THR B 1170 25.32 -53.85 55.72
N LEU B 1171 24.41 -54.73 55.35
CA LEU B 1171 24.67 -55.79 54.39
C LEU B 1171 25.87 -56.64 54.78
N THR B 1179 33.20 -52.15 48.72
CA THR B 1179 32.74 -52.38 50.09
C THR B 1179 33.92 -52.31 51.06
N ILE B 1180 35.10 -52.14 50.52
CA ILE B 1180 36.31 -52.10 51.32
C ILE B 1180 37.08 -50.85 51.00
N TYR B 1181 37.54 -50.77 49.76
CA TYR B 1181 38.27 -49.63 49.27
C TYR B 1181 37.54 -48.36 49.61
N ASP B 1182 36.22 -48.40 49.42
CA ASP B 1182 35.37 -47.30 49.83
C ASP B 1182 35.55 -47.04 51.30
N ARG B 1183 35.31 -48.09 52.10
CA ARG B 1183 35.42 -47.99 53.54
C ARG B 1183 36.81 -47.53 53.93
N LEU B 1184 37.81 -48.11 53.28
CA LEU B 1184 39.19 -47.81 53.59
C LEU B 1184 39.48 -46.33 53.45
N VAL B 1185 39.21 -45.82 52.26
CA VAL B 1185 39.46 -44.42 51.96
C VAL B 1185 38.61 -43.55 52.86
N ALA B 1186 37.45 -44.08 53.24
CA ALA B 1186 36.52 -43.32 54.05
C ALA B 1186 37.09 -43.06 55.41
N LYS B 1187 37.49 -44.12 56.10
CA LYS B 1187 38.03 -43.99 57.43
C LYS B 1187 39.32 -43.21 57.37
N LEU B 1188 40.11 -43.51 56.34
CA LEU B 1188 41.38 -42.83 56.14
C LEU B 1188 41.14 -41.34 56.16
N LEU B 1189 40.19 -40.93 55.33
CA LEU B 1189 39.77 -39.54 55.25
C LEU B 1189 39.34 -39.04 56.61
N ASN B 1190 38.53 -39.83 57.30
CA ASN B 1190 37.99 -39.46 58.59
C ASN B 1190 39.10 -39.02 59.50
N ASN B 1191 40.19 -39.77 59.47
CA ASN B 1191 41.40 -39.34 60.16
C ASN B 1191 41.95 -38.09 59.51
N GLU B 1192 42.15 -38.17 58.19
CA GLU B 1192 42.85 -37.13 57.45
C GLU B 1192 42.92 -37.48 55.97
N PRO B 1193 43.21 -36.48 55.13
CA PRO B 1193 43.02 -36.58 53.68
C PRO B 1193 43.89 -37.63 52.98
N LEU B 1194 43.70 -37.71 51.66
CA LEU B 1194 44.47 -38.58 50.77
C LEU B 1194 43.95 -38.39 49.35
N PRO B 1195 44.87 -38.33 48.38
CA PRO B 1195 44.44 -38.14 46.99
C PRO B 1195 44.24 -39.43 46.22
N THR B 1196 43.87 -39.27 44.95
CA THR B 1196 43.83 -40.37 43.97
C THR B 1196 43.15 -41.63 44.46
N LYS B 1197 43.82 -42.77 44.22
CA LYS B 1197 43.35 -44.10 44.60
C LYS B 1197 42.14 -44.54 43.77
N ILE B 1198 41.57 -43.60 43.02
CA ILE B 1198 40.37 -43.88 42.24
C ILE B 1198 40.75 -44.61 40.97
N ILE B 1199 41.98 -44.40 40.53
CA ILE B 1199 42.51 -45.03 39.32
C ILE B 1199 42.28 -46.52 39.41
N ILE B 1200 42.37 -47.04 40.63
CA ILE B 1200 42.08 -48.44 40.90
C ILE B 1200 40.74 -48.83 40.31
N ASP B 1201 39.72 -48.02 40.59
CA ASP B 1201 38.37 -48.35 40.19
C ASP B 1201 38.17 -48.36 38.69
N LYS B 1202 38.50 -47.24 38.05
CA LYS B 1202 38.22 -47.07 36.63
C LYS B 1202 39.40 -46.43 35.93
N ASP B 1203 39.39 -46.48 34.60
CA ASP B 1203 40.51 -45.98 33.82
C ASP B 1203 40.14 -44.88 32.83
N PHE B 1204 39.45 -45.24 31.76
CA PHE B 1204 39.29 -44.33 30.61
C PHE B 1204 37.88 -43.75 30.52
N ASP B 1205 37.72 -42.47 30.15
CA ASP B 1205 38.76 -41.44 29.89
C ASP B 1205 39.80 -41.76 28.79
N LEU B 1206 39.36 -41.80 27.53
CA LEU B 1206 40.27 -42.00 26.41
C LEU B 1206 40.33 -40.78 25.47
N PRO B 1207 41.47 -40.07 25.46
CA PRO B 1207 41.78 -38.88 24.66
C PRO B 1207 42.44 -39.18 23.31
N ASN B 1208 42.78 -38.13 22.56
CA ASN B 1208 43.53 -38.28 21.30
C ASN B 1208 44.62 -37.21 21.17
N LYS B 1209 45.38 -37.25 20.07
CA LYS B 1209 46.54 -36.36 19.91
C LYS B 1209 47.14 -36.31 18.50
N GLU B 1210 48.23 -35.54 18.39
CA GLU B 1210 49.10 -35.44 17.21
C GLU B 1210 48.45 -35.05 15.87
N MET B 1211 48.87 -35.72 14.78
CA MET B 1211 48.57 -35.23 13.43
C MET B 1211 48.61 -36.28 12.31
N ASP B 1212 48.50 -35.78 11.08
CA ASP B 1212 48.55 -36.57 9.84
C ASP B 1212 49.10 -35.69 8.71
N ASP B 1213 49.03 -36.16 7.46
CA ASP B 1213 49.45 -35.34 6.32
C ASP B 1213 50.93 -34.90 6.44
N VAL B 1214 51.91 -35.79 6.26
CA VAL B 1214 51.96 -36.87 5.26
C VAL B 1214 51.60 -36.26 3.90
N LYS B 1215 50.74 -36.91 3.13
CA LYS B 1215 50.11 -36.29 1.96
C LYS B 1215 51.05 -35.58 0.97
N VAL B 1216 51.85 -36.33 0.22
CA VAL B 1216 52.86 -35.76 -0.70
C VAL B 1216 52.25 -34.61 -1.56
N ALA B 1217 51.27 -34.83 -2.46
CA ALA B 1217 50.90 -36.05 -3.16
C ALA B 1217 50.64 -35.68 -4.61
N SER B 1218 51.39 -36.26 -5.55
CA SER B 1218 51.25 -35.88 -6.96
C SER B 1218 51.93 -36.81 -7.94
N LYS B 1219 51.89 -36.40 -9.21
CA LYS B 1219 52.81 -36.89 -10.24
C LYS B 1219 52.87 -38.39 -10.52
N LYS B 1220 54.05 -38.95 -10.28
CA LYS B 1220 54.62 -40.08 -11.02
C LYS B 1220 54.71 -39.71 -12.50
N LEU B 1221 54.38 -40.64 -13.40
CA LEU B 1221 54.20 -40.23 -14.80
C LEU B 1221 53.12 -41.04 -15.51
N PRO B 1222 52.38 -40.38 -16.41
CA PRO B 1222 51.57 -40.96 -17.48
C PRO B 1222 52.31 -41.06 -18.82
N VAL B 1223 53.46 -41.71 -18.87
CA VAL B 1223 54.25 -41.69 -20.09
C VAL B 1223 53.53 -42.48 -21.16
N ASN B 1224 53.19 -43.72 -20.81
CA ASN B 1224 52.45 -44.57 -21.71
C ASN B 1224 51.00 -44.12 -21.75
N GLN B 1225 50.61 -43.37 -20.74
CA GLN B 1225 49.29 -42.78 -20.75
C GLN B 1225 49.31 -41.55 -21.63
N MET B 1226 50.50 -40.96 -21.80
CA MET B 1226 50.66 -39.89 -22.77
C MET B 1226 50.52 -40.54 -24.12
N VAL B 1227 51.14 -41.70 -24.23
CA VAL B 1227 51.01 -42.51 -25.42
C VAL B 1227 49.54 -42.79 -25.65
N LEU B 1228 48.80 -42.95 -24.57
CA LEU B 1228 47.38 -43.24 -24.65
C LEU B 1228 46.62 -42.02 -25.09
N LYS B 1229 47.14 -40.85 -24.75
CA LYS B 1229 46.53 -39.60 -25.15
C LYS B 1229 46.65 -39.44 -26.66
N ASN B 1230 47.87 -39.57 -27.16
CA ASN B 1230 48.11 -39.47 -28.59
C ASN B 1230 47.33 -40.57 -29.30
N ALA B 1231 47.20 -41.70 -28.62
CA ALA B 1231 46.43 -42.83 -29.12
C ALA B 1231 44.99 -42.42 -29.34
N TRP B 1232 44.42 -41.80 -28.31
CA TRP B 1232 43.08 -41.24 -28.37
C TRP B 1232 42.99 -40.33 -29.58
N ASP B 1233 44.03 -39.52 -29.76
CA ASP B 1233 44.08 -38.58 -30.87
C ASP B 1233 44.02 -39.26 -32.24
N CYS B 1234 44.70 -40.40 -32.40
CA CYS B 1234 44.81 -41.08 -33.69
C CYS B 1234 43.45 -41.36 -34.35
N SER B 1235 42.70 -42.28 -33.75
CA SER B 1235 41.34 -42.60 -34.19
C SER B 1235 40.40 -41.57 -33.59
N GLN B 1236 39.09 -41.81 -33.69
CA GLN B 1236 38.12 -40.90 -33.09
C GLN B 1236 38.26 -39.48 -33.70
N GLN B 1237 37.84 -39.26 -34.95
CA GLN B 1237 36.77 -39.99 -35.65
C GLN B 1237 35.56 -40.17 -34.71
N ARG B 1238 34.86 -39.07 -34.43
CA ARG B 1238 34.08 -38.90 -33.21
C ARG B 1238 35.02 -38.99 -32.00
N THR B 1239 35.84 -37.95 -31.89
CA THR B 1239 36.92 -37.86 -30.91
C THR B 1239 36.49 -37.89 -29.45
N LYS B 1240 35.20 -37.67 -29.19
CA LYS B 1240 34.70 -37.49 -27.84
C LYS B 1240 35.17 -38.59 -26.88
N GLU B 1241 34.99 -39.84 -27.28
CA GLU B 1241 35.39 -40.96 -26.45
C GLU B 1241 36.88 -40.95 -26.21
N ASP B 1242 37.62 -40.71 -27.28
CA ASP B 1242 39.07 -40.69 -27.22
C ASP B 1242 39.56 -39.68 -26.20
N TRP B 1243 39.15 -38.44 -26.39
CA TRP B 1243 39.57 -37.36 -25.54
C TRP B 1243 39.12 -37.61 -24.11
N GLN B 1244 37.93 -38.15 -23.97
CA GLN B 1244 37.37 -38.40 -22.64
C GLN B 1244 38.25 -39.38 -21.89
N GLU B 1245 38.48 -40.52 -22.51
CA GLU B 1245 39.29 -41.56 -21.92
C GLU B 1245 40.66 -41.00 -21.60
N TRP B 1246 41.27 -40.37 -22.58
CA TRP B 1246 42.61 -39.82 -22.45
C TRP B 1246 42.68 -38.86 -21.29
N ILE B 1247 41.59 -38.15 -21.06
CA ILE B 1247 41.52 -37.18 -19.98
C ILE B 1247 41.50 -37.93 -18.67
N ARG B 1248 40.59 -38.89 -18.57
CA ARG B 1248 40.42 -39.69 -17.35
C ARG B 1248 41.76 -40.29 -16.97
N ARG B 1249 42.51 -40.68 -17.99
CA ARG B 1249 43.85 -41.19 -17.78
C ARG B 1249 44.72 -40.09 -17.23
N LEU B 1250 44.70 -38.95 -17.90
CA LEU B 1250 45.55 -37.81 -17.57
C LEU B 1250 45.42 -37.48 -16.11
N SER B 1251 44.22 -37.69 -15.58
CA SER B 1251 43.95 -37.51 -14.17
C SER B 1251 45.00 -38.25 -13.35
N ILE B 1252 45.34 -39.45 -13.77
CA ILE B 1252 46.39 -40.19 -13.10
C ILE B 1252 47.74 -39.66 -13.53
N GLU B 1257 46.83 -35.78 -8.06
CA GLU B 1257 46.48 -36.39 -6.78
C GLU B 1257 44.99 -36.60 -6.68
N SER B 1258 44.32 -35.58 -6.16
CA SER B 1258 42.87 -35.57 -6.02
C SER B 1258 42.21 -35.86 -7.35
N SER B 1259 42.45 -34.98 -8.31
CA SER B 1259 41.79 -35.00 -9.60
C SER B 1259 41.82 -36.36 -10.26
N SER B 1260 42.90 -37.10 -10.02
CA SER B 1260 43.00 -38.49 -10.43
C SER B 1260 41.72 -39.21 -10.00
N HIS B 1261 41.51 -39.29 -8.69
CA HIS B 1261 40.31 -39.88 -8.14
C HIS B 1261 39.05 -39.21 -8.68
N ALA B 1262 39.15 -37.91 -8.94
CA ALA B 1262 37.99 -37.16 -9.41
C ALA B 1262 37.44 -37.69 -10.73
N LEU B 1263 38.32 -37.94 -11.67
CA LEU B 1263 37.91 -38.32 -13.01
C LEU B 1263 37.37 -39.74 -13.02
N ARG B 1264 37.47 -40.41 -11.88
CA ARG B 1264 37.09 -41.80 -11.78
C ARG B 1264 35.58 -41.86 -11.60
N ALA B 1265 34.96 -40.68 -11.54
CA ALA B 1265 33.52 -40.57 -11.58
C ALA B 1265 32.98 -41.39 -12.73
N CYS B 1266 33.29 -40.95 -13.94
CA CYS B 1266 33.02 -41.73 -15.15
C CYS B 1266 33.67 -41.02 -16.34
N SER B 1267 30.28 -39.79 -13.17
CA SER B 1267 29.67 -39.14 -14.33
C SER B 1267 30.71 -38.41 -15.17
N GLY B 1268 30.71 -38.69 -16.46
CA GLY B 1268 31.58 -37.96 -17.36
C GLY B 1268 31.15 -36.51 -17.43
N LEU B 1269 32.10 -35.62 -17.16
CA LEU B 1269 31.84 -34.20 -17.30
C LEU B 1269 32.96 -33.57 -18.09
N ALA B 1270 32.60 -33.04 -19.26
CA ALA B 1270 33.59 -32.55 -20.22
C ALA B 1270 34.41 -31.42 -19.65
N GLY B 1271 33.74 -30.36 -19.22
CA GLY B 1271 34.42 -29.20 -18.70
C GLY B 1271 35.30 -29.57 -17.53
N ILE B 1272 34.79 -30.49 -16.72
CA ILE B 1272 35.54 -31.02 -15.61
C ILE B 1272 36.86 -31.50 -16.12
N TYR B 1273 36.80 -32.30 -17.17
CA TYR B 1273 38.00 -32.86 -17.75
C TYR B 1273 38.93 -31.77 -18.26
N TYR B 1274 38.42 -30.93 -19.16
CA TYR B 1274 39.23 -29.99 -19.91
C TYR B 1274 40.15 -29.18 -19.02
N PRO B 1275 39.58 -28.52 -18.00
CA PRO B 1275 40.47 -27.85 -17.06
C PRO B 1275 41.40 -28.81 -16.35
N LEU B 1276 40.87 -29.93 -15.90
CA LEU B 1276 41.68 -30.93 -15.22
C LEU B 1276 42.72 -31.40 -16.20
N ALA B 1277 42.29 -31.57 -17.45
CA ALA B 1277 43.18 -31.99 -18.52
C ALA B 1277 44.28 -30.96 -18.68
N ARG B 1278 43.96 -29.72 -18.31
CA ARG B 1278 44.93 -28.66 -18.42
C ARG B 1278 45.90 -28.77 -17.28
N GLU B 1279 45.40 -29.17 -16.12
CA GLU B 1279 46.24 -29.34 -14.95
C GLU B 1279 47.25 -30.43 -15.24
N LEU B 1280 46.75 -31.50 -15.83
CA LEU B 1280 47.58 -32.58 -16.27
C LEU B 1280 48.57 -32.07 -17.29
N PHE B 1281 48.08 -31.22 -18.19
CA PHE B 1281 48.91 -30.67 -19.25
C PHE B 1281 50.04 -29.86 -18.65
N ASN B 1282 49.79 -29.35 -17.44
CA ASN B 1282 50.76 -28.57 -16.72
C ASN B 1282 51.77 -29.52 -16.11
N ALA B 1283 51.27 -30.63 -15.60
CA ALA B 1283 52.14 -31.64 -15.02
C ALA B 1283 53.10 -32.15 -16.08
N SER B 1284 52.58 -32.29 -17.30
CA SER B 1284 53.41 -32.67 -18.44
C SER B 1284 54.37 -31.54 -18.70
N PHE B 1285 53.85 -30.32 -18.64
CA PHE B 1285 54.67 -29.14 -18.77
C PHE B 1285 55.54 -29.02 -17.54
N ALA B 1286 55.20 -29.75 -16.49
CA ALA B 1286 56.05 -29.83 -15.31
C ALA B 1286 56.97 -31.03 -15.43
N GLN B 1295 60.67 -34.54 -20.89
CA GLN B 1295 60.89 -33.83 -22.15
C GLN B 1295 59.57 -33.32 -22.69
N TYR B 1296 58.55 -34.16 -22.60
CA TYR B 1296 57.22 -33.86 -23.10
C TYR B 1296 57.32 -33.58 -24.59
N GLN B 1297 58.37 -34.13 -25.20
CA GLN B 1297 58.50 -34.10 -26.62
C GLN B 1297 57.42 -35.02 -27.10
N GLU B 1298 57.25 -36.08 -26.31
CA GLU B 1298 56.09 -36.94 -26.42
C GLU B 1298 54.86 -36.06 -26.46
N ASP B 1299 54.62 -35.36 -25.37
CA ASP B 1299 53.51 -34.43 -25.28
C ASP B 1299 53.50 -33.46 -26.44
N LEU B 1300 54.68 -32.95 -26.78
CA LEU B 1300 54.81 -31.97 -27.85
C LEU B 1300 54.15 -32.45 -29.12
N ILE B 1301 54.73 -33.49 -29.71
CA ILE B 1301 54.22 -34.02 -30.96
C ILE B 1301 52.80 -34.51 -30.80
N GLN B 1302 52.52 -35.17 -29.68
CA GLN B 1302 51.21 -35.74 -29.41
C GLN B 1302 50.14 -34.69 -29.60
N SER B 1303 50.20 -33.67 -28.75
CA SER B 1303 49.28 -32.56 -28.82
C SER B 1303 49.32 -31.88 -30.17
N LEU B 1304 50.49 -31.85 -30.80
CA LEU B 1304 50.62 -31.20 -32.08
C LEU B 1304 49.68 -31.86 -33.08
N CYS B 1305 49.83 -33.17 -33.23
CA CYS B 1305 49.01 -33.93 -34.15
C CYS B 1305 47.57 -33.91 -33.68
N ALA B 1306 47.40 -33.78 -32.37
CA ALA B 1306 46.07 -33.72 -31.80
C ALA B 1306 45.36 -32.51 -32.37
N ALA B 1307 46.10 -31.41 -32.42
CA ALA B 1307 45.60 -30.20 -33.02
C ALA B 1307 45.33 -30.46 -34.48
N LEU B 1308 46.24 -31.23 -35.08
CA LEU B 1308 46.14 -31.53 -36.50
C LEU B 1308 44.93 -32.40 -36.81
N SER B 1309 44.31 -32.96 -35.78
CA SER B 1309 43.25 -33.96 -35.97
C SER B 1309 42.06 -33.40 -36.75
N SER B 1310 41.49 -32.32 -36.25
CA SER B 1310 40.33 -31.67 -36.86
C SER B 1310 39.20 -32.67 -37.09
N THR B 1320 33.72 -30.38 -30.09
CA THR B 1320 34.76 -31.33 -30.44
C THR B 1320 36.05 -30.59 -30.77
N LEU B 1321 36.15 -30.14 -32.02
CA LEU B 1321 37.29 -29.36 -32.46
C LEU B 1321 37.48 -28.17 -31.55
N LEU B 1322 36.52 -27.26 -31.58
CA LEU B 1322 36.57 -26.04 -30.80
C LEU B 1322 36.65 -26.32 -29.31
N ASN B 1323 36.18 -27.49 -28.89
CA ASN B 1323 36.27 -27.88 -27.50
C ASN B 1323 37.72 -27.88 -27.03
N LEU B 1324 38.49 -28.82 -27.55
CA LEU B 1324 39.88 -28.95 -27.20
C LEU B 1324 40.65 -27.72 -27.63
N VAL B 1325 40.20 -27.09 -28.70
CA VAL B 1325 40.82 -25.87 -29.18
C VAL B 1325 40.81 -24.85 -28.06
N GLU B 1326 39.63 -24.62 -27.52
CA GLU B 1326 39.44 -23.70 -26.43
C GLU B 1326 40.23 -24.15 -25.22
N PHE B 1327 40.31 -25.46 -25.03
CA PHE B 1327 41.09 -25.98 -23.92
C PHE B 1327 42.52 -25.47 -24.05
N MET B 1328 43.04 -25.57 -25.26
CA MET B 1328 44.37 -25.12 -25.57
C MET B 1328 44.48 -23.64 -25.32
N GLU B 1329 43.43 -22.92 -25.70
CA GLU B 1329 43.40 -21.49 -25.51
C GLU B 1329 43.61 -21.19 -24.04
N HIS B 1330 42.91 -21.95 -23.21
CA HIS B 1330 43.00 -21.81 -21.76
C HIS B 1330 44.43 -22.06 -21.33
N ASP B 1331 45.02 -23.11 -21.89
CA ASP B 1331 46.38 -23.48 -21.57
C ASP B 1331 47.29 -22.29 -21.80
N ASP B 1332 47.20 -21.75 -23.01
CA ASP B 1332 48.01 -20.61 -23.40
C ASP B 1332 47.81 -19.48 -22.42
N LYS B 1333 46.55 -19.22 -22.10
CA LYS B 1333 46.18 -18.16 -21.19
C LYS B 1333 46.95 -18.33 -19.90
N PRO B 1334 47.01 -19.57 -19.40
CA PRO B 1334 47.85 -19.73 -18.21
C PRO B 1334 49.31 -19.46 -18.50
N LEU B 1335 49.76 -19.93 -19.66
CA LEU B 1335 51.16 -19.85 -20.05
C LEU B 1335 51.27 -20.49 -21.42
N PRO B 1336 52.24 -20.04 -22.22
CA PRO B 1336 52.27 -20.46 -23.64
C PRO B 1336 52.54 -21.94 -23.87
N ILE B 1337 51.73 -22.54 -24.74
CA ILE B 1337 51.93 -23.90 -25.23
C ILE B 1337 52.67 -23.90 -26.57
N SER B 1338 53.04 -22.70 -27.01
CA SER B 1338 53.59 -22.43 -28.34
C SER B 1338 52.71 -22.89 -29.51
N ILE B 1339 53.34 -23.46 -30.52
CA ILE B 1339 52.74 -23.62 -31.85
C ILE B 1339 52.04 -22.31 -32.26
N SER B 1340 52.83 -21.26 -32.39
CA SER B 1340 52.32 -19.90 -32.59
C SER B 1340 51.42 -19.68 -33.79
N THR B 1341 52.02 -19.74 -34.97
CA THR B 1341 51.28 -19.46 -36.19
C THR B 1341 50.53 -20.72 -36.55
N LEU B 1342 50.87 -21.78 -35.86
CA LEU B 1342 50.09 -23.00 -35.92
C LEU B 1342 48.79 -22.70 -35.22
N GLY B 1343 48.92 -22.07 -34.06
CA GLY B 1343 47.76 -21.62 -33.33
C GLY B 1343 46.95 -20.71 -34.24
N GLU B 1344 47.65 -19.84 -34.95
CA GLU B 1344 47.01 -18.92 -35.87
C GLU B 1344 46.22 -19.67 -36.92
N TYR B 1345 46.87 -20.67 -37.50
CA TYR B 1345 46.29 -21.43 -38.59
C TYR B 1345 45.04 -22.14 -38.12
N ALA B 1346 45.18 -22.95 -37.08
CA ALA B 1346 44.08 -23.73 -36.57
C ALA B 1346 42.97 -22.80 -36.12
N GLN B 1347 43.38 -21.60 -35.72
CA GLN B 1347 42.42 -20.58 -35.33
C GLN B 1347 41.58 -20.22 -36.53
N ARG B 1348 42.24 -19.93 -37.63
CA ARG B 1348 41.54 -19.62 -38.86
C ARG B 1348 40.61 -20.77 -39.19
N CYS B 1349 41.10 -21.98 -38.95
CA CYS B 1349 40.34 -23.18 -39.21
C CYS B 1349 39.06 -23.20 -38.39
N HIS B 1350 39.13 -22.65 -37.19
CA HIS B 1350 37.95 -22.58 -36.34
C HIS B 1350 36.92 -21.70 -37.01
N ALA B 1351 37.39 -20.65 -37.66
CA ALA B 1351 36.53 -19.76 -38.45
C ALA B 1351 35.56 -18.99 -37.56
N TYR B 1352 35.58 -19.33 -36.27
CA TYR B 1352 34.64 -18.80 -35.30
C TYR B 1352 34.82 -17.30 -35.05
N ALA B 1353 35.89 -16.73 -35.58
CA ALA B 1353 36.16 -15.29 -35.52
C ALA B 1353 36.53 -14.78 -34.14
N LYS B 1354 36.38 -15.61 -33.11
CA LYS B 1354 36.94 -15.28 -31.81
C LYS B 1354 38.45 -15.44 -31.97
N ALA B 1355 38.80 -16.30 -32.91
CA ALA B 1355 40.17 -16.50 -33.32
C ALA B 1355 40.80 -15.19 -33.72
N LEU B 1356 39.97 -14.26 -34.19
CA LEU B 1356 40.46 -12.98 -34.68
C LEU B 1356 41.31 -12.32 -33.62
N HIS B 1357 41.05 -12.66 -32.38
CA HIS B 1357 41.90 -12.24 -31.27
C HIS B 1357 43.27 -12.89 -31.32
N TYR B 1358 43.29 -14.20 -31.52
CA TYR B 1358 44.54 -14.92 -31.56
C TYR B 1358 45.37 -14.35 -32.70
N LYS B 1359 44.73 -14.28 -33.85
CA LYS B 1359 45.34 -13.75 -35.05
C LYS B 1359 45.72 -12.30 -34.83
N GLU B 1360 45.01 -11.64 -33.94
CA GLU B 1360 45.35 -10.27 -33.62
C GLU B 1360 46.71 -10.30 -33.00
N LEU B 1361 46.83 -11.14 -31.98
CA LEU B 1361 48.09 -11.35 -31.30
C LEU B 1361 49.17 -11.66 -32.31
N GLU B 1362 48.79 -12.38 -33.36
CA GLU B 1362 49.75 -12.72 -34.39
C GLU B 1362 50.22 -11.47 -35.09
N PHE B 1363 49.28 -10.69 -35.61
CA PHE B 1363 49.62 -9.46 -36.30
C PHE B 1363 50.20 -8.51 -35.29
N ILE B 1364 49.85 -8.73 -34.03
CA ILE B 1364 50.41 -7.94 -32.97
C ILE B 1364 51.90 -8.20 -32.90
N GLU B 1365 52.33 -9.33 -33.43
CA GLU B 1365 53.72 -9.66 -33.30
C GLU B 1365 54.49 -8.88 -34.34
N GLU B 1366 54.35 -9.26 -35.60
CA GLU B 1366 55.08 -8.55 -36.63
C GLU B 1366 54.20 -7.57 -37.39
N PRO B 1367 54.82 -6.83 -38.33
CA PRO B 1367 54.24 -5.95 -39.34
C PRO B 1367 54.03 -6.64 -40.69
N SER B 1368 53.19 -7.67 -40.76
CA SER B 1368 53.00 -8.32 -42.05
C SER B 1368 51.79 -7.71 -42.74
N THR B 1369 52.05 -7.00 -43.82
CA THR B 1369 51.01 -6.28 -44.55
C THR B 1369 49.98 -7.26 -45.07
N SER B 1370 50.43 -8.49 -45.26
CA SER B 1370 49.57 -9.53 -45.72
C SER B 1370 48.70 -9.89 -44.55
N THR B 1371 49.33 -10.41 -43.52
CA THR B 1371 48.63 -10.74 -42.28
C THR B 1371 47.83 -9.56 -41.80
N ILE B 1372 48.35 -8.36 -42.04
CA ILE B 1372 47.60 -7.16 -41.71
C ILE B 1372 46.29 -7.19 -42.44
N GLU B 1373 46.35 -7.37 -43.76
CA GLU B 1373 45.14 -7.37 -44.58
C GLU B 1373 44.19 -8.44 -44.09
N SER B 1374 44.76 -9.59 -43.78
CA SER B 1374 44.01 -10.72 -43.27
C SER B 1374 43.24 -10.27 -42.05
N LEU B 1375 43.91 -9.51 -41.20
CA LEU B 1375 43.31 -9.03 -39.98
C LEU B 1375 42.21 -8.05 -40.31
N ILE B 1376 42.42 -7.26 -41.35
CA ILE B 1376 41.45 -6.26 -41.75
C ILE B 1376 40.16 -6.95 -42.08
N THR B 1377 40.24 -7.88 -43.02
CA THR B 1377 39.08 -8.63 -43.44
C THR B 1377 38.53 -9.43 -42.27
N ILE B 1378 39.40 -9.73 -41.31
CA ILE B 1378 39.01 -10.51 -40.16
C ILE B 1378 38.06 -9.70 -39.32
N ASN B 1379 38.40 -8.43 -39.11
CA ASN B 1379 37.58 -7.56 -38.32
C ASN B 1379 36.34 -7.21 -39.10
N ASN B 1380 36.49 -7.24 -40.42
CA ASN B 1380 35.36 -7.06 -41.30
C ASN B 1380 34.36 -8.14 -40.96
N GLN B 1381 34.86 -9.37 -40.89
CA GLN B 1381 34.04 -10.48 -40.47
C GLN B 1381 33.49 -10.21 -39.08
N LEU B 1382 34.32 -9.60 -38.26
CA LEU B 1382 33.93 -9.30 -36.89
C LEU B 1382 32.95 -8.15 -36.89
N HIS B 1383 33.01 -7.34 -37.94
CA HIS B 1383 32.18 -6.15 -38.05
C HIS B 1383 32.48 -5.22 -36.88
N GLN B 1384 33.68 -5.38 -36.34
CA GLN B 1384 34.25 -4.46 -35.36
C GLN B 1384 35.07 -3.50 -36.18
N THR B 1385 34.96 -3.71 -37.48
CA THR B 1385 35.94 -3.28 -38.46
C THR B 1385 36.10 -1.77 -38.58
N ASP B 1386 35.24 -0.99 -37.95
CA ASP B 1386 35.39 0.45 -38.04
C ASP B 1386 36.77 0.89 -37.55
N ALA B 1387 37.08 0.53 -36.31
CA ALA B 1387 38.35 0.89 -35.72
C ALA B 1387 39.47 0.25 -36.51
N ALA B 1388 39.21 -0.95 -37.02
CA ALA B 1388 40.19 -1.68 -37.78
C ALA B 1388 40.53 -0.94 -39.06
N ILE B 1389 39.55 -0.21 -39.57
CA ILE B 1389 39.71 0.56 -40.78
C ILE B 1389 40.54 1.74 -40.40
N GLY B 1390 40.34 2.18 -39.17
CA GLY B 1390 41.24 3.16 -38.60
C GLY B 1390 42.66 2.66 -38.74
N ILE B 1391 42.87 1.42 -38.29
CA ILE B 1391 44.19 0.84 -38.32
C ILE B 1391 44.62 0.61 -39.74
N LEU B 1392 43.67 0.58 -40.66
CA LEU B 1392 44.00 0.34 -42.06
C LEU B 1392 44.59 1.61 -42.65
N LYS B 1393 43.90 2.71 -42.39
CA LYS B 1393 44.36 4.01 -42.87
C LYS B 1393 45.67 4.27 -42.20
N HIS B 1394 45.80 3.75 -40.99
CA HIS B 1394 47.02 3.83 -40.23
C HIS B 1394 48.11 3.06 -40.94
N ALA B 1395 47.77 1.89 -41.43
CA ALA B 1395 48.75 1.04 -42.07
C ALA B 1395 49.29 1.72 -43.32
N GLN B 1396 48.38 2.25 -44.13
CA GLN B 1396 48.79 3.01 -45.30
C GLN B 1396 49.62 4.19 -44.84
N GLN B 1397 49.28 4.70 -43.67
CA GLN B 1397 50.02 5.79 -43.06
C GLN B 1397 51.31 5.27 -42.43
N HIS B 1398 51.23 4.16 -41.71
CA HIS B 1398 52.37 3.72 -40.92
C HIS B 1398 53.36 2.98 -41.79
N HIS B 1399 53.01 1.79 -42.23
CA HIS B 1399 53.96 0.99 -42.98
C HIS B 1399 53.55 0.87 -44.43
N ASP B 1400 54.33 1.54 -45.29
CA ASP B 1400 54.09 1.49 -46.73
C ASP B 1400 52.62 1.72 -47.01
N LEU B 1401 52.06 0.79 -47.78
CA LEU B 1401 50.62 0.72 -48.01
C LEU B 1401 50.32 -0.47 -48.89
N GLN B 1402 49.05 -0.86 -48.90
CA GLN B 1402 48.59 -1.93 -49.76
C GLN B 1402 47.96 -1.32 -50.99
N LEU B 1403 47.37 -2.16 -51.82
CA LEU B 1403 46.69 -1.67 -53.02
C LEU B 1403 45.25 -2.11 -53.07
N LYS B 1404 45.04 -3.42 -53.18
CA LYS B 1404 43.72 -3.97 -53.52
C LYS B 1404 42.77 -3.89 -52.35
N GLU B 1405 43.06 -4.63 -51.29
CA GLU B 1405 42.28 -4.56 -50.07
C GLU B 1405 42.33 -3.13 -49.54
N THR B 1406 43.40 -2.42 -49.88
CA THR B 1406 43.55 -1.03 -49.48
C THR B 1406 42.45 -0.18 -50.07
N TRP B 1407 42.32 -0.22 -51.39
CA TRP B 1407 41.29 0.54 -52.07
C TRP B 1407 39.92 0.05 -51.64
N TYR B 1408 39.79 -1.27 -51.51
CA TYR B 1408 38.52 -1.90 -51.18
C TYR B 1408 37.98 -1.41 -49.85
N GLU B 1409 38.85 -1.39 -48.85
CA GLU B 1409 38.46 -1.00 -47.50
C GLU B 1409 38.34 0.50 -47.36
N LYS B 1410 39.26 1.23 -48.00
CA LYS B 1410 39.20 2.69 -47.97
C LYS B 1410 37.90 3.14 -48.59
N LEU B 1411 37.41 2.34 -49.54
CA LEU B 1411 36.10 2.56 -50.16
C LEU B 1411 34.98 2.06 -49.27
N GLN B 1412 35.27 1.07 -48.42
CA GLN B 1412 34.33 0.69 -47.39
C GLN B 1412 34.25 1.87 -46.44
N ARG B 1413 35.40 2.48 -46.19
CA ARG B 1413 35.44 3.78 -45.57
C ARG B 1413 34.86 4.75 -46.58
N TRP B 1414 34.42 5.92 -46.11
CA TRP B 1414 33.86 6.91 -47.02
C TRP B 1414 34.91 7.37 -48.03
N ASP B 1415 36.15 6.99 -47.80
CA ASP B 1415 37.27 7.39 -48.65
C ASP B 1415 37.38 6.53 -49.91
N ASP B 1416 38.48 6.72 -50.63
CA ASP B 1416 38.86 5.92 -51.81
C ASP B 1416 38.05 6.22 -53.07
N ALA B 1417 37.06 7.10 -52.96
CA ALA B 1417 36.05 7.20 -54.01
C ALA B 1417 36.64 7.85 -55.24
N LEU B 1418 36.98 9.13 -55.13
CA LEU B 1418 37.71 9.80 -56.19
C LEU B 1418 39.02 9.07 -56.43
N ASN B 1419 39.55 8.49 -55.36
CA ASN B 1419 40.79 7.73 -55.43
C ASN B 1419 40.65 6.54 -56.35
N ALA B 1420 39.66 5.69 -56.09
CA ALA B 1420 39.43 4.53 -56.94
C ALA B 1420 39.08 5.00 -58.34
N TYR B 1421 38.46 6.18 -58.42
CA TYR B 1421 38.09 6.77 -59.69
C TYR B 1421 39.32 7.03 -60.56
N ASN B 1422 40.31 7.71 -59.99
CA ASN B 1422 41.52 8.03 -60.73
C ASN B 1422 42.36 6.78 -60.97
N LYS B 1423 42.54 5.99 -59.92
CA LYS B 1423 43.37 4.79 -59.98
C LYS B 1423 42.86 3.80 -61.02
N ARG B 1424 41.55 3.69 -61.13
CA ARG B 1424 40.95 2.85 -62.16
C ARG B 1424 41.06 3.55 -63.50
N GLU B 1425 40.90 4.87 -63.48
CA GLU B 1425 41.17 5.68 -64.66
C GLU B 1425 42.65 5.51 -64.98
N ALA B 1426 43.44 5.34 -63.94
CA ALA B 1426 44.85 5.01 -64.10
C ALA B 1426 45.00 3.53 -64.42
N GLU B 1433 36.23 -4.73 -62.79
CA GLU B 1433 37.21 -5.14 -61.79
C GLU B 1433 37.22 -4.16 -60.64
N VAL B 1434 38.35 -3.52 -60.40
CA VAL B 1434 38.44 -2.47 -59.40
C VAL B 1434 37.55 -1.33 -59.87
N THR B 1435 37.42 -1.22 -61.19
CA THR B 1435 36.52 -0.26 -61.79
C THR B 1435 35.09 -0.65 -61.47
N ILE B 1436 34.84 -1.95 -61.35
CA ILE B 1436 33.52 -2.42 -60.99
C ILE B 1436 33.25 -2.00 -59.55
N GLY B 1437 34.31 -1.99 -58.75
CA GLY B 1437 34.20 -1.57 -57.37
C GLY B 1437 33.90 -0.09 -57.28
N LYS B 1438 34.63 0.69 -58.06
CA LYS B 1438 34.42 2.12 -58.11
C LYS B 1438 32.99 2.38 -58.58
N MET B 1439 32.52 1.50 -59.44
CA MET B 1439 31.16 1.58 -59.94
C MET B 1439 30.22 1.32 -58.78
N ARG B 1440 30.61 0.39 -57.91
CA ARG B 1440 29.80 0.08 -56.74
C ARG B 1440 29.76 1.31 -55.86
N SER B 1441 30.83 2.09 -55.88
CA SER B 1441 30.85 3.33 -55.14
C SER B 1441 29.92 4.33 -55.79
N LEU B 1442 29.85 4.28 -57.12
CA LEU B 1442 28.96 5.16 -57.85
C LEU B 1442 27.53 4.83 -57.51
N HIS B 1443 27.30 3.56 -57.21
CA HIS B 1443 26.00 3.12 -56.75
C HIS B 1443 25.79 3.68 -55.36
N ALA B 1444 26.83 3.58 -54.55
CA ALA B 1444 26.84 4.19 -53.24
C ALA B 1444 26.74 5.68 -53.43
N LEU B 1445 27.30 6.15 -54.53
CA LEU B 1445 27.16 7.55 -54.89
C LEU B 1445 25.84 7.74 -55.60
N GLY B 1446 25.67 8.93 -56.15
CA GLY B 1446 24.56 9.25 -57.02
C GLY B 1446 25.00 9.01 -58.44
N GLU B 1447 24.47 9.82 -59.35
CA GLU B 1447 24.85 9.77 -60.77
C GLU B 1447 24.57 8.41 -61.36
N TRP B 1448 23.28 8.10 -61.46
CA TRP B 1448 22.82 6.96 -62.21
C TRP B 1448 23.29 7.06 -63.65
N ASP B 1449 23.67 8.28 -64.05
CA ASP B 1449 24.32 8.50 -65.33
C ASP B 1449 25.68 7.85 -65.33
N GLN B 1450 26.44 8.05 -64.26
CA GLN B 1450 27.73 7.41 -64.12
C GLN B 1450 27.50 5.92 -64.17
N LEU B 1451 26.38 5.51 -63.59
CA LEU B 1451 25.97 4.14 -63.62
C LEU B 1451 25.62 3.71 -65.04
N SER B 1452 25.26 4.69 -65.88
CA SER B 1452 24.91 4.39 -67.25
C SER B 1452 26.20 4.18 -68.02
N GLU B 1453 27.25 4.85 -67.57
CA GLU B 1453 28.57 4.63 -68.12
C GLU B 1453 29.01 3.23 -67.77
N LEU B 1454 28.82 2.89 -66.49
CA LEU B 1454 29.11 1.55 -66.04
C LEU B 1454 28.27 0.55 -66.81
N ALA B 1455 27.11 1.01 -67.27
CA ALA B 1455 26.20 0.18 -68.03
C ALA B 1455 26.75 -0.01 -69.42
N ALA B 1456 27.44 1.01 -69.91
CA ALA B 1456 28.10 0.90 -71.20
C ALA B 1456 29.17 -0.14 -71.06
N ASP B 1457 29.82 -0.17 -69.90
CA ASP B 1457 30.80 -1.21 -69.63
C ASP B 1457 30.10 -2.57 -69.57
N LYS B 1458 28.87 -2.57 -69.08
CA LYS B 1458 28.11 -3.81 -68.91
C LYS B 1458 27.82 -4.41 -70.25
N TRP B 1459 27.34 -3.58 -71.17
CA TRP B 1459 27.15 -4.01 -72.54
C TRP B 1459 28.48 -4.45 -73.08
N ALA B 1460 29.53 -3.70 -72.76
CA ALA B 1460 30.87 -3.98 -73.25
C ALA B 1460 31.33 -5.34 -72.79
N SER B 1461 31.34 -5.54 -71.48
CA SER B 1461 31.69 -6.84 -70.93
C SER B 1461 30.49 -7.45 -70.26
N SER B 1462 29.96 -8.53 -70.86
CA SER B 1462 28.79 -9.20 -70.31
C SER B 1462 28.88 -10.70 -70.51
N GLU B 1465 31.37 -12.57 -61.89
CA GLU B 1465 31.70 -12.56 -63.29
C GLU B 1465 30.99 -11.42 -63.99
N VAL B 1466 31.11 -11.41 -65.32
CA VAL B 1466 30.43 -10.43 -66.15
C VAL B 1466 28.97 -10.41 -65.76
N LYS B 1467 28.42 -11.61 -65.55
CA LYS B 1467 27.08 -11.77 -65.03
C LYS B 1467 26.94 -11.02 -63.71
N ARG B 1468 27.65 -11.51 -62.70
CA ARG B 1468 27.58 -10.95 -61.35
C ARG B 1468 27.83 -9.46 -61.37
N ALA B 1469 28.84 -9.06 -62.12
CA ALA B 1469 29.19 -7.65 -62.27
C ALA B 1469 27.96 -6.87 -62.70
N ILE B 1470 27.48 -7.16 -63.90
CA ILE B 1470 26.37 -6.43 -64.48
C ILE B 1470 25.17 -6.42 -63.53
N ALA B 1471 24.92 -7.55 -62.89
CA ALA B 1471 23.71 -7.73 -62.10
C ALA B 1471 23.56 -6.67 -61.02
N PRO B 1472 24.54 -6.61 -60.11
CA PRO B 1472 24.47 -5.61 -59.04
C PRO B 1472 24.46 -4.21 -59.60
N LEU B 1473 25.33 -4.02 -60.57
CA LEU B 1473 25.47 -2.75 -61.24
C LEU B 1473 24.14 -2.31 -61.81
N ALA B 1474 23.70 -3.03 -62.84
CA ALA B 1474 22.51 -2.65 -63.57
C ALA B 1474 21.32 -2.57 -62.65
N ALA B 1475 21.38 -3.31 -61.54
CA ALA B 1475 20.42 -3.14 -60.48
C ALA B 1475 20.46 -1.69 -60.03
N GLY B 1476 21.66 -1.25 -59.62
CA GLY B 1476 21.84 0.12 -59.20
C GLY B 1476 21.33 1.10 -60.25
N ALA B 1477 21.55 0.76 -61.50
CA ALA B 1477 21.12 1.61 -62.60
C ALA B 1477 19.62 1.79 -62.59
N ALA B 1478 18.91 0.66 -62.64
CA ALA B 1478 17.46 0.67 -62.69
C ALA B 1478 16.90 1.37 -61.47
N TRP B 1479 17.64 1.29 -60.37
CA TRP B 1479 17.26 2.07 -59.20
C TRP B 1479 17.32 3.53 -59.58
N GLY B 1480 18.47 3.96 -60.05
CA GLY B 1480 18.63 5.34 -60.46
C GLY B 1480 17.79 5.64 -61.68
N LEU B 1481 17.95 4.82 -62.70
CA LEU B 1481 17.23 5.04 -63.93
C LEU B 1481 15.92 4.31 -63.88
N ALA B 1482 14.83 5.07 -63.94
CA ALA B 1482 13.50 4.51 -63.85
C ALA B 1482 13.21 3.65 -65.07
N GLN B 1483 14.10 3.70 -66.06
CA GLN B 1483 13.89 2.98 -67.31
C GLN B 1483 13.68 1.51 -67.03
N TRP B 1484 12.57 1.00 -67.53
CA TRP B 1484 12.20 -0.38 -67.31
C TRP B 1484 12.96 -1.31 -68.25
N ASP B 1485 13.37 -0.78 -69.40
CA ASP B 1485 13.99 -1.60 -70.43
C ASP B 1485 15.38 -2.06 -70.03
N ARG B 1486 16.21 -1.10 -69.65
CA ARG B 1486 17.57 -1.40 -69.22
C ARG B 1486 17.49 -2.34 -68.03
N VAL B 1487 16.44 -2.13 -67.25
CA VAL B 1487 16.14 -2.98 -66.12
C VAL B 1487 15.88 -4.39 -66.60
N GLU B 1488 15.11 -4.50 -67.67
CA GLU B 1488 14.76 -5.79 -68.21
C GLU B 1488 16.02 -6.52 -68.59
N GLN B 1489 16.90 -5.82 -69.31
CA GLN B 1489 18.19 -6.35 -69.68
C GLN B 1489 18.92 -6.83 -68.44
N TYR B 1490 18.93 -5.97 -67.43
CA TYR B 1490 19.58 -6.24 -66.16
C TYR B 1490 19.15 -7.57 -65.57
N ILE B 1491 17.89 -7.63 -65.17
CA ILE B 1491 17.34 -8.79 -64.50
C ILE B 1491 17.52 -10.02 -65.36
N GLU B 1492 17.32 -9.84 -66.66
CA GLU B 1492 17.53 -10.92 -67.61
C GLU B 1492 18.93 -11.47 -67.47
N VAL B 1493 19.86 -10.58 -67.18
CA VAL B 1493 21.26 -10.93 -67.12
C VAL B 1493 21.67 -11.37 -65.73
N MET B 1494 20.73 -11.46 -64.79
CA MET B 1494 21.13 -11.43 -63.39
C MET B 1494 21.65 -12.74 -62.81
N LYS B 1495 20.76 -13.71 -62.56
CA LYS B 1495 21.17 -14.93 -61.83
C LYS B 1495 20.02 -15.88 -61.52
N PRO B 1496 20.33 -17.19 -61.49
CA PRO B 1496 19.39 -18.25 -61.09
C PRO B 1496 18.90 -18.09 -59.67
N GLN B 1497 19.81 -17.81 -58.75
CA GLN B 1497 19.41 -17.40 -57.42
C GLN B 1497 19.81 -15.95 -57.33
N SER B 1498 18.81 -15.08 -57.34
CA SER B 1498 19.05 -13.66 -57.41
C SER B 1498 18.08 -12.93 -56.50
N PRO B 1499 18.37 -12.93 -55.21
CA PRO B 1499 17.45 -12.28 -54.26
C PRO B 1499 17.14 -10.86 -54.65
N ASP B 1500 18.17 -10.11 -55.01
CA ASP B 1500 17.99 -8.73 -55.39
C ASP B 1500 17.20 -8.64 -56.68
N LYS B 1501 17.45 -9.60 -57.57
CA LYS B 1501 16.77 -9.61 -58.86
C LYS B 1501 15.50 -10.44 -58.76
N ALA B 1502 15.29 -11.02 -57.59
CA ALA B 1502 13.96 -11.52 -57.30
C ALA B 1502 13.14 -10.30 -57.01
N PHE B 1503 13.72 -9.43 -56.20
CA PHE B 1503 13.12 -8.15 -55.88
C PHE B 1503 12.85 -7.42 -57.17
N PHE B 1504 13.80 -7.53 -58.09
CA PHE B 1504 13.65 -6.89 -59.37
C PHE B 1504 12.59 -7.59 -60.18
N ASP B 1505 12.49 -8.90 -60.04
CA ASP B 1505 11.55 -9.68 -60.82
C ASP B 1505 10.15 -9.20 -60.51
N ALA B 1506 9.83 -9.25 -59.23
CA ALA B 1506 8.56 -8.76 -58.77
C ALA B 1506 8.41 -7.31 -59.15
N ILE B 1507 9.50 -6.57 -59.07
CA ILE B 1507 9.47 -5.13 -59.35
C ILE B 1507 9.02 -4.89 -60.77
N LEU B 1508 9.34 -5.82 -61.65
CA LEU B 1508 8.96 -5.72 -63.05
C LEU B 1508 7.53 -6.14 -63.23
N CYS B 1509 7.14 -7.21 -62.54
CA CYS B 1509 5.77 -7.68 -62.62
C CYS B 1509 4.85 -6.55 -62.22
N LEU B 1510 5.31 -5.79 -61.23
CA LEU B 1510 4.62 -4.63 -60.74
C LEU B 1510 4.80 -3.48 -61.70
N HIS B 1511 5.95 -3.47 -62.38
CA HIS B 1511 6.29 -2.39 -63.28
C HIS B 1511 5.19 -2.26 -64.30
N ARG B 1512 4.50 -3.36 -64.56
CA ARG B 1512 3.26 -3.24 -65.30
C ARG B 1512 2.04 -3.79 -64.56
N ASN B 1513 1.92 -5.11 -64.51
CA ASN B 1513 0.67 -5.69 -64.03
C ASN B 1513 0.82 -6.78 -62.99
N ASN B 1514 1.40 -7.89 -63.43
CA ASN B 1514 1.20 -9.19 -62.82
C ASN B 1514 1.53 -9.21 -61.35
N PHE B 1515 0.57 -9.69 -60.57
CA PHE B 1515 0.82 -9.98 -59.17
C PHE B 1515 1.52 -11.31 -59.06
N GLU B 1516 1.19 -12.22 -59.99
CA GLU B 1516 1.51 -13.62 -59.85
C GLU B 1516 3.01 -13.91 -59.75
N LYS B 1517 3.76 -13.50 -60.75
CA LYS B 1517 5.19 -13.76 -60.75
C LYS B 1517 5.81 -12.99 -59.61
N ALA B 1518 5.24 -11.82 -59.36
CA ALA B 1518 5.66 -11.01 -58.25
C ALA B 1518 5.42 -11.74 -56.95
N ALA B 1519 4.32 -12.47 -56.89
CA ALA B 1519 4.00 -13.23 -55.70
C ALA B 1519 5.01 -14.34 -55.53
N GLU B 1520 5.37 -14.95 -56.64
CA GLU B 1520 6.35 -16.02 -56.65
C GLU B 1520 7.63 -15.51 -56.06
N HIS B 1521 8.13 -14.43 -56.65
CA HIS B 1521 9.35 -13.79 -56.19
C HIS B 1521 9.23 -13.45 -54.73
N ILE B 1522 8.04 -13.00 -54.34
CA ILE B 1522 7.81 -12.54 -52.99
C ILE B 1522 8.05 -13.66 -52.03
N PHE B 1523 7.32 -14.75 -52.22
CA PHE B 1523 7.39 -15.88 -51.31
C PHE B 1523 8.79 -16.45 -51.32
N SER B 1524 9.34 -16.61 -52.51
CA SER B 1524 10.63 -17.27 -52.68
C SER B 1524 11.73 -16.51 -51.98
N ALA B 1525 11.88 -15.25 -52.34
CA ALA B 1525 12.94 -14.42 -51.80
C ALA B 1525 12.73 -14.29 -50.31
N ARG B 1526 11.45 -14.23 -49.93
CA ARG B 1526 11.10 -14.20 -48.53
C ARG B 1526 11.74 -15.38 -47.84
N ASP B 1527 11.62 -16.55 -48.46
CA ASP B 1527 12.14 -17.77 -47.89
C ASP B 1527 13.65 -17.73 -47.84
N LEU B 1528 14.25 -17.16 -48.87
CA LEU B 1528 15.69 -17.07 -48.95
C LEU B 1528 16.22 -16.26 -47.77
N LEU B 1529 15.72 -15.04 -47.67
CA LEU B 1529 16.10 -14.14 -46.61
C LEU B 1529 15.74 -14.75 -45.28
N VAL B 1530 14.73 -15.60 -45.29
CA VAL B 1530 14.29 -16.26 -44.08
C VAL B 1530 15.41 -17.16 -43.62
N THR B 1531 15.99 -17.91 -44.56
CA THR B 1531 17.11 -18.77 -44.23
C THR B 1531 18.26 -17.91 -43.75
N GLU B 1532 18.42 -16.78 -44.43
CA GLU B 1532 19.52 -15.87 -44.13
C GLU B 1532 19.48 -15.46 -42.68
N MET B 1533 18.35 -14.90 -42.27
CA MET B 1533 18.18 -14.44 -40.91
C MET B 1533 18.24 -15.63 -39.97
N SER B 1534 17.77 -16.76 -40.48
CA SER B 1534 17.75 -17.98 -39.70
C SER B 1534 19.15 -18.33 -39.27
N ALA B 1535 20.12 -17.96 -40.10
CA ALA B 1535 21.51 -18.15 -39.73
C ALA B 1535 21.88 -17.29 -38.51
N LEU B 1536 21.31 -16.09 -38.42
CA LEU B 1536 21.67 -15.18 -37.34
C LEU B 1536 21.19 -15.69 -35.98
N TYR B 1541 20.02 -6.14 -32.98
CA TYR B 1541 21.31 -6.54 -33.51
C TYR B 1541 22.17 -5.29 -33.78
N ASN B 1542 23.48 -5.30 -33.49
CA ASN B 1542 24.38 -6.47 -33.34
C ASN B 1542 24.36 -7.27 -34.62
N ARG B 1543 24.98 -6.70 -35.65
CA ARG B 1543 24.77 -7.10 -37.05
C ARG B 1543 23.32 -6.94 -37.49
N ALA B 1544 22.69 -8.05 -37.83
CA ALA B 1544 21.71 -8.13 -38.91
C ALA B 1544 20.51 -7.21 -38.80
N TYR B 1545 20.33 -6.58 -37.64
CA TYR B 1545 19.15 -5.76 -37.36
C TYR B 1545 18.85 -4.88 -38.55
N GLY B 1546 19.74 -3.95 -38.86
CA GLY B 1546 19.60 -3.18 -40.07
C GLY B 1546 19.35 -4.04 -41.30
N VAL B 1547 20.12 -5.11 -41.44
CA VAL B 1547 20.07 -5.93 -42.65
C VAL B 1547 18.73 -6.61 -42.78
N VAL B 1548 18.35 -7.33 -41.75
CA VAL B 1548 17.10 -8.04 -41.77
C VAL B 1548 15.99 -7.02 -41.91
N VAL B 1549 16.22 -5.85 -41.35
CA VAL B 1549 15.27 -4.77 -41.43
C VAL B 1549 15.10 -4.41 -42.87
N ARG B 1550 16.18 -4.53 -43.63
CA ARG B 1550 16.13 -4.21 -45.04
C ARG B 1550 15.33 -5.28 -45.73
N THR B 1551 15.48 -6.51 -45.26
CA THR B 1551 14.70 -7.59 -45.82
C THR B 1551 13.23 -7.30 -45.63
N GLN B 1552 12.84 -7.07 -44.38
CA GLN B 1552 11.46 -6.82 -44.03
C GLN B 1552 10.97 -5.57 -44.71
N MET B 1553 11.91 -4.70 -45.01
CA MET B 1553 11.59 -3.48 -45.71
C MET B 1553 11.12 -3.89 -47.07
N VAL B 1554 11.89 -4.76 -47.71
CA VAL B 1554 11.57 -5.23 -49.03
C VAL B 1554 10.22 -5.91 -49.01
N ALA B 1555 10.01 -6.74 -48.01
CA ALA B 1555 8.78 -7.51 -47.91
C ALA B 1555 7.60 -6.58 -47.78
N GLU B 1556 7.66 -5.73 -46.77
CA GLU B 1556 6.60 -4.78 -46.48
C GLU B 1556 6.32 -3.94 -47.72
N LEU B 1557 7.38 -3.67 -48.46
CA LEU B 1557 7.26 -2.93 -49.69
C LEU B 1557 6.42 -3.72 -50.66
N GLU B 1558 6.69 -5.02 -50.73
CA GLU B 1558 6.00 -5.88 -51.67
C GLU B 1558 4.53 -5.90 -51.36
N GLU B 1559 4.22 -6.16 -50.09
CA GLU B 1559 2.85 -6.21 -49.65
C GLU B 1559 2.18 -4.89 -49.95
N ILE B 1560 2.94 -3.82 -49.73
CA ILE B 1560 2.44 -2.49 -49.94
C ILE B 1560 2.08 -2.33 -51.39
N ILE B 1561 2.89 -2.94 -52.25
CA ILE B 1561 2.69 -2.85 -53.67
C ILE B 1561 1.38 -3.52 -53.97
N GLN B 1562 1.21 -4.72 -53.41
CA GLN B 1562 -0.02 -5.46 -53.57
C GLN B 1562 -1.18 -4.57 -53.20
N TYR B 1563 -1.01 -3.86 -52.10
CA TYR B 1563 -2.05 -3.01 -51.57
C TYR B 1563 -2.43 -1.90 -52.53
N LYS B 1564 -1.46 -1.09 -52.93
CA LYS B 1564 -1.73 0.08 -53.75
C LYS B 1564 -2.29 -0.36 -55.08
N LYS B 1565 -1.74 -1.46 -55.58
CA LYS B 1565 -2.23 -2.08 -56.80
C LYS B 1565 -3.71 -2.35 -56.63
N LEU B 1566 -4.04 -3.03 -55.54
CA LEU B 1566 -5.42 -3.34 -55.25
C LEU B 1566 -6.22 -2.07 -55.04
N PRO B 1567 -5.60 -1.09 -54.36
CA PRO B 1567 -6.25 0.14 -53.94
C PRO B 1567 -6.86 0.89 -55.10
N GLN B 1568 -8.11 1.30 -54.94
CA GLN B 1568 -8.71 2.24 -55.85
C GLN B 1568 -8.18 3.61 -55.45
N GLY B 1569 -8.70 4.66 -56.07
CA GLY B 1569 -8.17 5.96 -55.76
C GLY B 1569 -8.43 6.34 -54.32
N SER B 1570 -7.35 6.64 -53.62
CA SER B 1570 -7.39 7.33 -52.34
C SER B 1570 -8.39 6.82 -51.31
N GLU B 1571 -8.43 5.52 -51.06
CA GLU B 1571 -9.22 5.07 -49.92
C GLU B 1571 -8.38 4.21 -49.01
N ARG B 1572 -8.11 4.73 -47.82
CA ARG B 1572 -7.43 4.03 -46.74
C ARG B 1572 -5.99 3.74 -47.11
N ARG B 1573 -5.67 3.92 -48.38
CA ARG B 1573 -4.39 3.53 -48.93
C ARG B 1573 -3.36 4.57 -48.58
N ALA B 1574 -3.77 5.82 -48.71
CA ALA B 1574 -2.88 6.92 -48.42
C ALA B 1574 -2.45 6.82 -46.98
N MET B 1575 -3.44 6.79 -46.08
CA MET B 1575 -3.17 6.73 -44.66
C MET B 1575 -2.27 5.56 -44.35
N ILE B 1576 -2.62 4.41 -44.92
CA ILE B 1576 -1.92 3.19 -44.62
C ILE B 1576 -0.47 3.30 -45.02
N ARG B 1577 -0.22 3.60 -46.29
CA ARG B 1577 1.12 3.61 -46.81
C ARG B 1577 1.93 4.71 -46.16
N LYS B 1578 1.23 5.78 -45.80
CA LYS B 1578 1.87 6.93 -45.20
C LYS B 1578 2.42 6.52 -43.86
N THR B 1579 1.53 5.97 -43.04
CA THR B 1579 1.90 5.52 -41.72
C THR B 1579 2.99 4.49 -41.87
N TRP B 1580 2.86 3.68 -42.91
CA TRP B 1580 3.81 2.62 -43.20
C TRP B 1580 5.17 3.25 -43.33
N ASN B 1581 5.19 4.36 -44.05
CA ASN B 1581 6.42 5.08 -44.28
C ASN B 1581 6.92 5.68 -42.97
N LYS B 1582 5.99 6.14 -42.15
CA LYS B 1582 6.34 6.78 -40.90
C LYS B 1582 7.06 5.81 -39.99
N ARG B 1583 6.38 4.71 -39.72
CA ARG B 1583 6.91 3.65 -38.90
C ARG B 1583 8.21 3.16 -39.50
N LEU B 1584 8.23 3.14 -40.83
CA LEU B 1584 9.43 2.75 -41.54
C LEU B 1584 10.57 3.66 -41.11
N LEU B 1585 10.29 4.95 -41.09
CA LEU B 1585 11.27 5.93 -40.68
C LEU B 1585 11.64 5.69 -39.23
N GLY B 1586 10.74 5.01 -38.52
CA GLY B 1586 11.00 4.66 -37.14
C GLY B 1586 12.28 3.86 -36.89
N CYS B 1587 12.64 2.98 -37.82
CA CYS B 1587 13.80 2.12 -37.60
C CYS B 1587 15.11 2.84 -37.92
N GLN B 1588 14.98 4.05 -38.45
CA GLN B 1588 16.13 4.91 -38.78
C GLN B 1588 17.04 4.30 -39.83
N ASN B 1590 18.83 6.64 -41.78
CA ASN B 1590 20.13 6.27 -42.30
C ASN B 1590 20.19 6.37 -43.82
N VAL B 1591 21.31 5.93 -44.38
CA VAL B 1591 21.55 6.05 -45.81
C VAL B 1591 20.75 4.99 -46.54
N ASP B 1592 21.08 3.74 -46.29
CA ASP B 1592 20.32 2.65 -46.87
C ASP B 1592 18.87 2.76 -46.44
N VAL B 1593 18.64 3.46 -45.35
CA VAL B 1593 17.29 3.79 -44.96
C VAL B 1593 16.69 4.57 -46.10
N TRP B 1594 17.45 5.54 -46.60
CA TRP B 1594 17.00 6.31 -47.74
C TRP B 1594 16.95 5.43 -48.99
N GLN B 1595 17.69 4.34 -48.97
CA GLN B 1595 17.67 3.44 -50.12
C GLN B 1595 16.33 2.73 -50.19
N ARG B 1596 15.91 2.18 -49.07
CA ARG B 1596 14.62 1.51 -49.02
C ARG B 1596 13.52 2.53 -49.14
N VAL B 1597 13.85 3.75 -48.76
CA VAL B 1597 12.93 4.85 -48.94
C VAL B 1597 12.75 4.99 -50.43
N LEU B 1598 13.85 4.78 -51.15
CA LEU B 1598 13.82 4.86 -52.59
C LEU B 1598 13.16 3.62 -53.15
N LYS B 1599 12.98 2.61 -52.31
CA LYS B 1599 12.19 1.46 -52.71
C LYS B 1599 10.72 1.83 -52.61
N VAL B 1600 10.39 2.63 -51.60
CA VAL B 1600 9.06 3.18 -51.51
C VAL B 1600 8.87 4.01 -52.76
N ARG B 1601 9.95 4.64 -53.18
CA ARG B 1601 9.96 5.41 -54.40
C ARG B 1601 9.87 4.48 -55.60
N SER B 1602 10.22 3.22 -55.40
CA SER B 1602 10.03 2.26 -56.48
C SER B 1602 8.53 2.05 -56.59
N LEU B 1603 7.86 2.01 -55.44
CA LEU B 1603 6.40 2.01 -55.44
C LEU B 1603 5.93 3.40 -55.82
N VAL B 1604 6.84 4.34 -55.64
CA VAL B 1604 6.61 5.74 -55.92
C VAL B 1604 5.36 6.17 -55.12
N ILE B 1605 4.41 7.01 -55.58
CA ILE B 1605 4.56 8.01 -56.64
C ILE B 1605 5.46 9.12 -56.11
N LYS B 1606 5.72 10.12 -56.94
CA LYS B 1606 6.80 11.08 -56.71
C LYS B 1606 6.61 11.95 -55.48
N PRO B 1607 7.54 12.90 -55.27
CA PRO B 1607 7.41 13.91 -54.23
C PRO B 1607 6.07 14.61 -54.37
N LYS B 1608 5.52 14.54 -55.58
CA LYS B 1608 4.12 14.79 -55.83
C LYS B 1608 3.29 14.02 -54.82
N GLN B 1609 3.38 12.70 -54.86
CA GLN B 1609 2.58 11.83 -53.99
C GLN B 1609 2.70 12.25 -52.54
N ASP B 1610 3.87 12.77 -52.17
CA ASP B 1610 4.06 13.39 -50.87
C ASP B 1610 5.46 13.94 -50.74
N MET B 1611 5.62 14.84 -49.77
CA MET B 1611 6.77 15.71 -49.72
C MET B 1611 7.44 15.63 -48.37
N LYS B 1612 6.71 16.05 -47.34
CA LYS B 1612 7.25 16.14 -45.99
C LYS B 1612 7.89 14.82 -45.61
N VAL B 1613 7.37 13.75 -46.20
CA VAL B 1613 8.09 12.50 -46.26
C VAL B 1613 9.45 12.71 -46.93
N TRP B 1614 9.39 12.97 -48.24
CA TRP B 1614 10.60 13.08 -49.03
C TRP B 1614 11.40 14.29 -48.55
N ILE B 1615 10.70 15.21 -47.92
CA ILE B 1615 11.34 16.40 -47.37
C ILE B 1615 12.11 15.99 -46.14
N LYS B 1616 11.56 15.03 -45.41
CA LYS B 1616 12.24 14.53 -44.25
C LYS B 1616 13.48 13.83 -44.75
N PHE B 1617 13.31 13.16 -45.90
CA PHE B 1617 14.44 12.51 -46.55
C PHE B 1617 15.46 13.55 -46.93
N ALA B 1618 14.98 14.76 -47.16
CA ALA B 1618 15.87 15.83 -47.56
C ALA B 1618 16.65 16.35 -46.38
N ASN B 1619 15.97 16.59 -45.26
CA ASN B 1619 16.64 17.07 -44.07
C ASN B 1619 17.65 16.02 -43.67
N LEU B 1620 17.27 14.77 -43.91
CA LEU B 1620 18.14 13.64 -43.71
C LEU B 1620 19.38 13.87 -44.53
N CYS B 1621 19.17 14.13 -45.82
CA CYS B 1621 20.26 14.39 -46.73
C CYS B 1621 21.15 15.49 -46.20
N ARG B 1622 20.54 16.47 -45.54
CA ARG B 1622 21.29 17.57 -44.95
C ARG B 1622 22.22 17.05 -43.88
N LYS B 1623 21.65 16.31 -42.94
CA LYS B 1623 22.46 15.67 -41.91
C LYS B 1623 23.39 14.68 -42.58
N SER B 1624 22.88 14.07 -43.65
CA SER B 1624 23.65 13.13 -44.43
C SER B 1624 24.76 13.88 -45.14
N GLY B 1625 25.77 13.12 -45.58
CA GLY B 1625 26.90 13.70 -46.26
C GLY B 1625 26.53 14.44 -47.52
N ARG B 1626 27.50 15.19 -48.01
CA ARG B 1626 27.36 16.13 -49.13
C ARG B 1626 26.62 15.55 -50.33
N LEU B 1627 27.19 14.52 -50.93
CA LEU B 1627 26.66 13.97 -52.18
C LEU B 1627 25.16 13.80 -52.12
N GLY B 1628 24.70 12.91 -51.26
CA GLY B 1628 23.28 12.73 -51.06
C GLY B 1628 22.58 14.04 -50.72
N LEU B 1629 23.24 14.89 -49.95
CA LEU B 1629 22.65 16.16 -49.55
C LEU B 1629 22.24 16.95 -50.78
N ALA B 1630 23.21 17.40 -51.55
CA ALA B 1630 22.95 18.22 -52.72
C ALA B 1630 22.11 17.47 -53.74
N GLN B 1631 22.36 16.17 -53.88
CA GLN B 1631 21.64 15.34 -54.82
C GLN B 1631 20.15 15.42 -54.57
N LYS B 1632 19.75 14.88 -53.42
CA LYS B 1632 18.34 14.88 -53.03
C LYS B 1632 17.81 16.28 -52.98
N THR B 1633 18.68 17.21 -52.61
CA THR B 1633 18.31 18.62 -52.56
C THR B 1633 17.72 19.01 -53.89
N LEU B 1634 18.57 18.94 -54.91
CA LEU B 1634 18.15 19.28 -56.25
C LEU B 1634 16.95 18.47 -56.67
N ASN B 1635 16.97 17.18 -56.36
CA ASN B 1635 15.93 16.27 -56.79
C ASN B 1635 14.57 16.75 -56.33
N THR B 1636 14.46 16.93 -55.02
CA THR B 1636 13.19 17.26 -54.39
C THR B 1636 12.83 18.72 -54.60
N LEU B 1637 13.85 19.55 -54.78
CA LEU B 1637 13.62 20.94 -55.07
C LEU B 1637 12.89 21.01 -56.38
N LEU B 1638 13.41 20.26 -57.35
CA LEU B 1638 12.72 20.05 -58.60
C LEU B 1638 11.37 19.46 -58.30
N GLU B 1639 11.33 18.59 -57.30
CA GLU B 1639 10.12 17.88 -56.92
C GLU B 1639 9.57 17.09 -58.09
N ALA B 1652 3.20 25.59 -51.95
CA ALA B 1652 3.62 25.91 -50.58
C ALA B 1652 4.82 25.08 -50.19
N PRO B 1653 5.85 25.06 -51.05
CA PRO B 1653 7.01 24.32 -50.56
C PRO B 1653 7.83 25.22 -49.66
N PRO B 1654 7.16 25.81 -48.66
CA PRO B 1654 7.72 26.65 -47.62
C PRO B 1654 8.73 25.85 -46.85
N PRO B 1655 8.36 24.61 -46.51
CA PRO B 1655 9.43 23.85 -45.89
C PRO B 1655 10.53 23.56 -46.89
N VAL B 1656 10.18 23.43 -48.15
CA VAL B 1656 11.17 23.13 -49.17
C VAL B 1656 11.94 24.40 -49.42
N VAL B 1657 11.29 25.52 -49.12
CA VAL B 1657 11.98 26.78 -49.15
C VAL B 1657 13.06 26.69 -48.11
N TYR B 1658 12.68 26.31 -46.90
CA TYR B 1658 13.61 26.16 -45.80
C TYR B 1658 14.68 25.14 -46.13
N ALA B 1659 14.33 24.27 -47.06
CA ALA B 1659 15.19 23.18 -47.44
C ALA B 1659 16.30 23.70 -48.29
N GLN B 1660 15.92 24.21 -49.46
CA GLN B 1660 16.87 24.81 -50.38
C GLN B 1660 17.68 25.84 -49.63
N LEU B 1661 17.03 26.48 -48.66
CA LEU B 1661 17.69 27.41 -47.78
C LEU B 1661 18.81 26.69 -47.03
N LYS B 1662 18.50 25.52 -46.53
CA LYS B 1662 19.50 24.75 -45.80
C LYS B 1662 20.61 24.40 -46.76
N TYR B 1663 20.25 24.16 -48.00
CA TYR B 1663 21.22 23.83 -49.03
C TYR B 1663 22.08 25.05 -49.29
N MET B 1664 21.53 26.21 -49.01
CA MET B 1664 22.24 27.45 -49.19
C MET B 1664 23.19 27.65 -48.03
N TRP B 1665 22.77 27.24 -46.85
CA TRP B 1665 23.64 27.29 -45.69
C TRP B 1665 24.79 26.33 -45.96
N ALA B 1666 24.46 25.26 -46.67
CA ALA B 1666 25.46 24.30 -47.12
C ALA B 1666 26.37 24.99 -48.10
N THR B 1667 25.79 25.84 -48.93
CA THR B 1667 26.55 26.67 -49.83
C THR B 1667 27.22 27.77 -49.01
N GLY B 1668 26.45 28.36 -48.09
CA GLY B 1668 26.97 29.38 -47.21
C GLY B 1668 26.88 30.80 -47.72
N SER B 1669 25.98 31.06 -48.67
CA SER B 1669 25.86 32.42 -49.15
C SER B 1669 25.04 33.21 -48.14
N GLN B 1670 25.67 34.23 -47.58
CA GLN B 1670 25.07 35.01 -46.52
C GLN B 1670 23.75 35.63 -46.91
N LYS B 1671 23.84 36.59 -47.82
CA LYS B 1671 22.71 37.44 -48.11
C LYS B 1671 21.79 36.83 -49.14
N GLU B 1672 22.21 35.72 -49.74
CA GLU B 1672 21.30 34.98 -50.59
C GLU B 1672 20.29 34.39 -49.64
N ALA B 1673 20.84 33.75 -48.61
CA ALA B 1673 20.07 33.23 -47.50
C ALA B 1673 19.17 34.32 -46.98
N LEU B 1674 19.78 35.38 -46.44
CA LEU B 1674 19.03 36.47 -45.84
C LEU B 1674 17.92 36.94 -46.75
N ASN B 1675 18.26 37.06 -48.03
CA ASN B 1675 17.32 37.50 -49.03
C ASN B 1675 16.10 36.62 -49.05
N HIS B 1676 16.28 35.38 -49.49
CA HIS B 1676 15.16 34.48 -49.66
C HIS B 1676 14.42 34.30 -48.34
N LEU B 1677 15.17 34.44 -47.25
CA LEU B 1677 14.62 34.31 -45.91
C LEU B 1677 13.57 35.37 -45.69
N ILE B 1678 13.98 36.61 -45.87
CA ILE B 1678 13.07 37.72 -45.66
C ILE B 1678 12.00 37.70 -46.73
N SER B 1679 12.31 37.07 -47.85
CA SER B 1679 11.43 37.05 -49.00
C SER B 1679 10.23 36.20 -48.70
N PHE B 1680 10.50 35.00 -48.21
CA PHE B 1680 9.44 34.10 -47.81
C PHE B 1680 8.79 34.66 -46.56
N THR B 1681 9.57 35.40 -45.78
CA THR B 1681 9.07 36.01 -44.57
C THR B 1681 7.90 36.91 -44.93
N SER B 1682 8.18 37.86 -45.82
CA SER B 1682 7.16 38.80 -46.26
C SER B 1682 6.08 38.09 -47.06
N ARG B 1683 6.47 37.02 -47.74
CA ARG B 1683 5.53 36.21 -48.49
C ARG B 1683 4.42 35.76 -47.55
N MET B 1684 4.81 34.94 -46.59
CA MET B 1684 3.90 34.44 -45.57
C MET B 1684 3.25 35.57 -44.80
N ALA B 1685 3.93 36.70 -44.71
CA ALA B 1685 3.36 37.86 -44.04
C ALA B 1685 2.11 38.25 -44.78
N HIS B 1686 2.25 38.48 -46.08
CA HIS B 1686 1.13 38.84 -46.93
C HIS B 1686 0.07 37.75 -46.91
N ASP B 1687 0.51 36.50 -46.92
CA ASP B 1687 -0.41 35.37 -46.94
C ASP B 1687 -1.29 35.37 -45.71
N LEU B 1688 -0.68 35.53 -44.55
CA LEU B 1688 -1.37 35.50 -43.28
C LEU B 1688 -1.77 36.90 -42.81
N GLY B 1689 -1.40 37.91 -43.57
CA GLY B 1689 -1.66 39.28 -43.16
C GLY B 1689 -0.88 39.60 -41.91
N LEU B 1690 -1.57 40.12 -40.90
CA LEU B 1690 -0.93 40.44 -39.64
C LEU B 1690 -1.93 40.35 -38.49
N GLN B 1708 -6.39 23.63 -43.19
CA GLN B 1708 -5.56 23.08 -44.24
C GLN B 1708 -4.44 24.05 -44.59
N HIS B 1709 -4.72 24.90 -45.57
CA HIS B 1709 -3.81 25.98 -45.91
C HIS B 1709 -3.59 26.84 -44.69
N HIS B 1710 -4.62 26.90 -43.85
CA HIS B 1710 -4.54 27.63 -42.59
C HIS B 1710 -3.52 26.97 -41.68
N ILE B 1711 -3.69 25.67 -41.44
CA ILE B 1711 -2.76 24.92 -40.61
C ILE B 1711 -1.40 24.92 -41.27
N GLU B 1712 -1.41 24.80 -42.59
CA GLU B 1712 -0.20 24.86 -43.39
C GLU B 1712 0.54 26.12 -43.03
N ASP B 1713 -0.22 27.18 -42.80
CA ASP B 1713 0.33 28.47 -42.44
C ASP B 1713 0.74 28.53 -40.97
N TYR B 1714 0.11 27.71 -40.13
CA TYR B 1714 0.49 27.68 -38.73
C TYR B 1714 1.89 27.10 -38.63
N THR B 1715 2.04 25.93 -39.22
CA THR B 1715 3.32 25.28 -39.29
C THR B 1715 4.31 26.21 -39.96
N LYS B 1716 3.90 26.75 -41.10
CA LYS B 1716 4.76 27.65 -41.86
C LYS B 1716 5.15 28.85 -41.05
N LEU B 1717 4.35 29.17 -40.03
CA LEU B 1717 4.64 30.30 -39.17
C LEU B 1717 5.74 29.90 -38.23
N LEU B 1718 5.59 28.70 -37.67
CA LEU B 1718 6.62 28.15 -36.80
C LEU B 1718 7.95 28.16 -37.55
N ALA B 1719 7.90 27.69 -38.78
CA ALA B 1719 9.08 27.61 -39.62
C ALA B 1719 9.58 28.99 -39.98
N ARG B 1720 8.66 29.94 -40.06
CA ARG B 1720 9.01 31.31 -40.44
C ARG B 1720 9.85 31.94 -39.38
N CYS B 1721 9.32 31.92 -38.16
CA CYS B 1721 10.03 32.45 -37.02
C CYS B 1721 11.34 31.71 -36.88
N PHE B 1722 11.26 30.40 -37.08
CA PHE B 1722 12.42 29.53 -37.03
C PHE B 1722 13.49 30.05 -37.96
N LEU B 1723 13.05 30.45 -39.14
CA LEU B 1723 13.94 30.95 -40.14
C LEU B 1723 14.57 32.23 -39.64
N LYS B 1724 13.73 33.09 -39.10
CA LYS B 1724 14.18 34.36 -38.57
C LYS B 1724 15.36 34.13 -37.65
N GLN B 1725 15.19 33.19 -36.72
CA GLN B 1725 16.25 32.87 -35.79
C GLN B 1725 17.44 32.25 -36.49
N GLY B 1726 17.19 31.42 -37.51
CA GLY B 1726 18.24 30.69 -38.16
C GLY B 1726 19.22 31.60 -38.85
N GLU B 1727 18.68 32.44 -39.70
CA GLU B 1727 19.48 33.45 -40.35
C GLU B 1727 20.07 34.35 -39.30
N TRP B 1728 19.29 34.62 -38.26
CA TRP B 1728 19.74 35.52 -37.19
C TRP B 1728 21.07 35.06 -36.65
N ARG B 1729 21.14 33.79 -36.31
CA ARG B 1729 22.37 33.22 -35.80
C ARG B 1729 23.41 33.21 -36.90
N VAL B 1730 22.97 32.87 -38.10
CA VAL B 1730 23.87 32.75 -39.24
C VAL B 1730 24.70 34.00 -39.36
N SER B 1731 24.05 35.15 -39.24
CA SER B 1731 24.75 36.42 -39.31
C SER B 1731 25.43 36.71 -37.99
N LEU B 1732 24.83 36.21 -36.92
CA LEU B 1732 25.34 36.46 -35.57
C LEU B 1732 26.75 35.93 -35.47
N GLN B 1733 27.07 35.01 -36.37
CA GLN B 1733 28.43 34.53 -36.52
C GLN B 1733 29.37 35.71 -36.67
N PRO B 1734 29.12 36.54 -37.68
CA PRO B 1734 29.90 37.74 -37.99
C PRO B 1734 29.77 38.80 -36.92
N ASN B 1735 28.77 38.65 -36.07
CA ASN B 1735 28.11 39.81 -35.49
C ASN B 1735 27.67 39.56 -34.07
N TRP B 1736 26.84 40.49 -33.60
CA TRP B 1736 26.11 40.38 -32.34
C TRP B 1736 26.92 40.82 -31.16
N ARG B 1737 28.18 41.15 -31.37
CA ARG B 1737 28.87 41.83 -30.30
C ARG B 1737 28.24 43.21 -30.27
N LEU B 1738 27.67 43.55 -29.12
CA LEU B 1738 26.95 44.79 -28.93
C LEU B 1738 25.95 44.99 -30.05
N GLU B 1739 25.86 46.23 -30.53
CA GLU B 1739 25.41 46.55 -31.88
C GLU B 1739 24.16 45.84 -32.40
N ASN B 1740 24.34 45.29 -33.59
CA ASN B 1740 23.31 44.66 -34.40
C ASN B 1740 22.47 43.71 -33.58
N PRO B 1741 23.10 43.00 -32.64
CA PRO B 1741 22.39 42.00 -31.84
C PRO B 1741 21.08 42.52 -31.30
N ASP B 1742 21.04 43.81 -30.95
CA ASP B 1742 19.79 44.40 -30.50
C ASP B 1742 18.70 44.03 -31.47
N ALA B 1743 18.81 44.56 -32.68
CA ALA B 1743 17.90 44.23 -33.76
C ALA B 1743 17.76 42.73 -33.91
N ILE B 1744 18.90 42.05 -33.93
CA ILE B 1744 18.95 40.60 -34.00
C ILE B 1744 18.01 40.07 -32.95
N LEU B 1745 18.32 40.37 -31.69
CA LEU B 1745 17.53 39.92 -30.57
C LEU B 1745 16.06 40.20 -30.81
N GLY B 1746 15.78 41.37 -31.36
CA GLY B 1746 14.40 41.73 -31.63
C GLY B 1746 13.77 40.68 -32.50
N SER B 1747 14.42 40.41 -33.63
CA SER B 1747 13.98 39.37 -34.55
C SER B 1747 13.72 38.09 -33.80
N TYR B 1748 14.68 37.73 -32.95
CA TYR B 1748 14.52 36.56 -32.11
C TYR B 1748 13.21 36.67 -31.37
N LEU B 1749 13.14 37.66 -30.49
CA LEU B 1749 11.92 37.93 -29.74
C LEU B 1749 10.75 38.00 -30.70
N LEU B 1750 10.96 38.66 -31.83
CA LEU B 1750 9.95 38.77 -32.87
C LEU B 1750 9.51 37.38 -33.24
N ALA B 1751 10.46 36.61 -33.77
CA ALA B 1751 10.21 35.22 -34.06
C ALA B 1751 9.60 34.56 -32.83
N THR B 1752 10.15 34.85 -31.67
CA THR B 1752 9.68 34.26 -30.42
C THR B 1752 8.25 34.68 -30.14
N HIS B 1753 7.93 35.92 -30.46
CA HIS B 1753 6.58 36.41 -30.25
C HIS B 1753 5.62 35.70 -31.18
N PHE B 1754 6.16 35.23 -32.30
CA PHE B 1754 5.34 34.65 -33.34
C PHE B 1754 5.17 33.17 -33.10
N ASP B 1755 5.70 32.69 -31.98
CA ASP B 1755 6.07 31.29 -31.92
C ASP B 1755 4.95 30.28 -31.63
N LYS B 1756 4.49 30.19 -30.37
CA LYS B 1756 3.52 29.14 -29.99
C LYS B 1756 3.93 27.81 -30.62
N THR B 1757 5.04 27.23 -30.15
CA THR B 1757 6.00 26.69 -31.11
C THR B 1757 6.84 25.47 -30.85
N TRP B 1758 7.81 25.40 -31.76
CA TRP B 1758 9.02 24.58 -31.79
C TRP B 1758 9.84 25.00 -30.58
N TYR B 1759 9.30 26.00 -29.89
CA TYR B 1759 9.97 26.98 -29.08
C TYR B 1759 10.81 26.40 -27.98
N LYS B 1760 10.71 25.10 -27.75
CA LYS B 1760 11.87 24.45 -27.17
C LYS B 1760 13.09 24.87 -28.01
N ALA B 1761 12.91 24.94 -29.33
CA ALA B 1761 13.89 25.55 -30.20
C ALA B 1761 14.07 27.01 -29.80
N TRP B 1762 12.96 27.67 -29.54
CA TRP B 1762 12.95 29.09 -29.23
C TRP B 1762 13.12 29.28 -27.74
N HIS B 1763 13.34 28.15 -27.07
CA HIS B 1763 13.75 28.12 -25.68
C HIS B 1763 15.16 28.56 -25.83
N ASN B 1764 15.93 27.78 -26.56
CA ASN B 1764 17.23 28.22 -26.96
C ASN B 1764 17.16 29.63 -27.56
N TRP B 1765 16.08 29.97 -28.27
CA TRP B 1765 15.94 31.35 -28.69
C TRP B 1765 15.37 32.23 -27.58
N ALA B 1766 14.75 31.62 -26.57
CA ALA B 1766 14.43 32.39 -25.37
C ALA B 1766 15.72 32.49 -24.61
N LEU B 1767 16.60 31.54 -24.90
CA LEU B 1767 17.96 31.55 -24.39
C LEU B 1767 18.80 32.36 -25.33
N ALA B 1768 18.23 32.67 -26.48
CA ALA B 1768 18.86 33.63 -27.35
C ALA B 1768 18.59 34.91 -26.63
N ASN B 1769 17.31 35.26 -26.47
CA ASN B 1769 16.94 36.47 -25.77
C ASN B 1769 17.63 36.58 -24.41
N PHE B 1770 17.85 35.44 -23.77
CA PHE B 1770 18.55 35.41 -22.51
C PHE B 1770 20.00 35.72 -22.71
N GLU B 1771 20.53 35.30 -23.85
CA GLU B 1771 21.91 35.59 -24.17
C GLU B 1771 22.02 37.02 -24.63
N VAL B 1772 20.87 37.61 -24.92
CA VAL B 1772 20.82 39.00 -25.29
C VAL B 1772 20.92 39.72 -23.99
N THR B 1773 20.30 39.14 -22.98
CA THR B 1773 20.40 39.65 -21.63
C THR B 1773 21.81 39.43 -21.14
N SER B 1774 22.51 38.49 -21.75
CA SER B 1774 23.88 38.18 -21.41
C SER B 1774 24.80 39.22 -21.99
N SER B 1775 24.82 39.30 -23.32
CA SER B 1775 25.61 40.28 -24.03
C SER B 1775 25.32 41.65 -23.46
N LEU B 1776 24.08 41.86 -23.05
CA LEU B 1776 23.70 43.07 -22.34
C LEU B 1776 24.41 43.12 -21.01
N THR B 1777 24.34 42.03 -20.27
CA THR B 1777 25.01 41.95 -18.99
C THR B 1777 26.49 42.04 -19.26
N GLN B 1778 26.90 41.50 -20.39
CA GLN B 1778 28.28 41.60 -20.83
C GLN B 1778 28.54 43.03 -21.24
N ARG B 1779 27.53 43.65 -21.85
CA ARG B 1779 27.60 45.07 -22.14
C ARG B 1779 27.52 45.81 -20.82
N ILE B 1780 26.83 45.21 -19.87
CA ILE B 1780 26.80 45.74 -18.52
C ILE B 1780 28.08 45.33 -17.83
N LYS B 1781 28.67 44.23 -18.28
CA LYS B 1781 29.97 43.81 -17.78
C LYS B 1781 31.00 44.69 -18.43
N ASP B 1782 30.68 45.16 -19.63
CA ASP B 1782 31.54 46.10 -20.33
C ASP B 1782 31.48 47.45 -19.68
N ASP B 1783 30.31 47.80 -19.18
CA ASP B 1783 30.09 49.09 -18.55
C ASP B 1783 30.67 49.09 -17.14
N LYS B 1784 30.56 47.95 -16.48
CA LYS B 1784 31.08 47.78 -15.13
C LYS B 1784 32.60 47.74 -15.20
N VAL B 1785 33.13 47.04 -16.20
CA VAL B 1785 34.56 47.05 -16.42
C VAL B 1785 34.98 48.48 -16.73
N PRO B 1786 34.37 49.07 -17.77
CA PRO B 1786 34.71 50.47 -17.98
C PRO B 1786 33.84 51.41 -17.15
N PRO B 1787 33.75 51.16 -15.83
CA PRO B 1787 33.09 52.15 -14.98
C PRO B 1787 34.10 53.11 -14.40
N THR B 1788 34.79 53.85 -15.26
CA THR B 1788 35.83 54.77 -14.85
C THR B 1788 36.24 55.67 -15.99
N LEU B 1804 24.76 46.66 -4.88
CA LEU B 1804 25.35 47.06 -6.15
C LEU B 1804 24.41 47.98 -6.92
N ASN B 1805 24.04 49.09 -6.29
CA ASN B 1805 23.11 50.04 -6.88
C ASN B 1805 23.65 50.66 -8.16
N ALA B 1806 24.98 50.80 -8.24
CA ALA B 1806 25.63 51.35 -9.42
C ALA B 1806 25.25 50.57 -10.67
N ASN B 1807 25.72 49.33 -10.71
CA ASN B 1807 25.43 48.45 -11.83
C ASN B 1807 23.92 48.23 -11.97
N ASP B 1808 23.22 48.27 -10.85
CA ASP B 1808 21.76 48.13 -10.84
C ASP B 1808 21.15 49.17 -11.75
N ASN B 1809 21.30 50.44 -11.37
CA ASN B 1809 20.79 51.55 -12.15
C ASN B 1809 21.32 51.53 -13.57
N PHE B 1810 22.58 51.11 -13.72
CA PHE B 1810 23.20 51.00 -15.03
C PHE B 1810 22.35 50.10 -15.92
N PRO B 1811 22.13 48.85 -15.49
CA PRO B 1811 21.28 47.86 -16.15
C PRO B 1811 19.86 48.37 -16.28
N PRO B 1812 19.39 49.10 -15.26
CA PRO B 1812 18.07 49.70 -15.25
C PRO B 1812 18.01 50.84 -16.25
N GLU B 1813 16.91 51.58 -16.23
CA GLU B 1813 16.76 52.79 -17.03
C GLU B 1813 16.47 52.48 -18.49
N LEU B 1814 16.50 51.20 -18.84
CA LEU B 1814 16.00 50.77 -20.15
C LEU B 1814 14.84 49.77 -19.98
N VAL B 1815 15.05 48.58 -19.40
CA VAL B 1815 16.30 48.21 -18.77
C VAL B 1815 16.85 47.11 -19.63
N GLN B 1816 18.05 46.65 -19.29
CA GLN B 1816 18.54 45.42 -19.88
C GLN B 1816 17.96 44.35 -18.99
N ARG B 1817 17.50 44.80 -17.83
CA ARG B 1817 16.80 43.97 -16.87
C ARG B 1817 15.36 43.81 -17.33
N HIS B 1818 14.83 44.86 -17.92
CA HIS B 1818 13.50 44.80 -18.49
C HIS B 1818 13.52 43.76 -19.60
N VAL B 1819 14.49 43.91 -20.49
CA VAL B 1819 14.74 42.92 -21.51
C VAL B 1819 14.93 41.57 -20.86
N VAL B 1820 15.65 41.57 -19.74
CA VAL B 1820 16.05 40.33 -19.08
C VAL B 1820 14.86 39.57 -18.57
N PRO B 1821 14.03 40.23 -17.76
CA PRO B 1821 12.87 39.61 -17.11
C PRO B 1821 12.03 38.85 -18.10
N ALA B 1822 11.93 39.41 -19.29
CA ALA B 1822 11.21 38.78 -20.38
C ALA B 1822 11.80 37.41 -20.64
N ILE B 1823 13.10 37.39 -20.91
CA ILE B 1823 13.78 36.16 -21.25
C ILE B 1823 13.86 35.25 -20.03
N LYS B 1824 13.60 35.81 -18.85
CA LYS B 1824 13.62 35.05 -17.61
C LYS B 1824 12.34 34.24 -17.49
N GLY B 1825 11.23 34.90 -17.76
CA GLY B 1825 9.94 34.24 -17.73
C GLY B 1825 9.90 33.22 -18.85
N PHE B 1826 10.53 33.59 -19.96
CA PHE B 1826 10.61 32.69 -21.08
C PHE B 1826 11.63 31.60 -20.82
N PHE B 1827 12.47 31.82 -19.82
CA PHE B 1827 13.45 30.83 -19.42
C PHE B 1827 12.75 29.80 -18.60
N HIS B 1828 11.87 30.27 -17.75
CA HIS B 1828 10.99 29.38 -17.02
C HIS B 1828 10.18 28.63 -18.05
N SER B 1829 9.78 29.35 -19.09
CA SER B 1829 8.99 28.76 -20.16
C SER B 1829 9.82 27.71 -20.85
N ILE B 1830 11.13 27.90 -20.80
CA ILE B 1830 12.04 26.99 -21.47
C ILE B 1830 12.11 25.74 -20.64
N ALA B 1831 12.14 25.93 -19.32
CA ALA B 1831 12.08 24.82 -18.39
C ALA B 1831 10.84 24.04 -18.75
N LEU B 1832 9.78 24.75 -19.02
CA LEU B 1832 8.55 24.13 -19.46
C LEU B 1832 8.75 23.40 -20.77
N SER B 1833 9.66 23.89 -21.60
CA SER B 1833 9.84 23.30 -22.91
C SER B 1833 10.54 21.97 -22.77
N GLN B 1834 11.80 22.01 -22.36
CA GLN B 1834 12.55 20.78 -22.13
C GLN B 1834 12.02 20.06 -20.90
N SER B 1836 19.85 23.13 -23.17
CA SER B 1836 19.03 23.75 -22.14
C SER B 1836 18.75 22.77 -21.00
N SER B 1837 17.48 22.42 -20.84
CA SER B 1837 17.06 21.54 -19.75
C SER B 1837 17.59 22.10 -18.45
N LEU B 1838 18.15 21.23 -17.63
CA LEU B 1838 18.71 21.65 -16.36
C LEU B 1838 19.85 22.64 -16.57
N GLN B 1839 20.58 22.46 -17.67
CA GLN B 1839 21.71 23.35 -17.95
C GLN B 1839 21.25 24.78 -18.00
N ASP B 1840 20.45 25.11 -19.01
CA ASP B 1840 20.00 26.49 -19.16
C ASP B 1840 19.15 26.87 -17.97
N THR B 1841 18.57 25.87 -17.33
CA THR B 1841 17.79 26.13 -16.13
C THR B 1841 18.67 26.84 -15.13
N LEU B 1842 19.65 26.12 -14.61
CA LEU B 1842 20.54 26.65 -13.60
C LEU B 1842 21.21 27.90 -14.12
N ARG B 1843 21.47 27.90 -15.43
CA ARG B 1843 22.12 29.02 -16.08
C ARG B 1843 21.33 30.28 -15.80
N LEU B 1844 20.15 30.34 -16.37
CA LEU B 1844 19.27 31.48 -16.22
C LEU B 1844 18.98 31.72 -14.75
N LEU B 1845 19.00 30.66 -13.96
CA LEU B 1845 18.68 30.74 -12.55
C LEU B 1845 19.66 31.63 -11.80
N THR B 1846 20.94 31.25 -11.89
CA THR B 1846 21.97 31.97 -11.19
C THR B 1846 22.09 33.32 -11.84
N LEU B 1847 21.87 33.34 -13.14
CA LEU B 1847 21.84 34.58 -13.89
C LEU B 1847 20.87 35.53 -13.23
N TRP B 1848 19.74 35.00 -12.81
CA TRP B 1848 18.68 35.77 -12.17
C TRP B 1848 19.04 36.22 -10.77
N PHE B 1849 19.44 35.27 -9.94
CA PHE B 1849 19.75 35.57 -8.56
C PHE B 1849 20.82 36.64 -8.52
N LYS B 1850 21.78 36.52 -9.42
CA LYS B 1850 22.88 37.46 -9.50
C LYS B 1850 22.45 38.75 -10.18
N PHE B 1851 21.42 38.65 -11.02
CA PHE B 1851 20.96 39.80 -11.77
C PHE B 1851 20.55 40.89 -10.79
N GLY B 1852 19.68 40.52 -9.88
CA GLY B 1852 19.24 41.43 -8.85
C GLY B 1852 17.91 41.02 -8.28
N GLY B 1853 17.48 41.72 -7.24
CA GLY B 1853 16.21 41.45 -6.60
C GLY B 1853 15.13 42.48 -6.87
N ILE B 1854 15.32 43.34 -7.86
CA ILE B 1854 14.48 44.52 -7.97
C ILE B 1854 13.04 44.15 -8.28
N PRO B 1855 12.17 45.17 -8.30
CA PRO B 1855 10.72 44.93 -8.31
C PRO B 1855 10.22 44.15 -9.50
N GLU B 1856 10.70 44.54 -10.68
CA GLU B 1856 10.39 43.84 -11.91
C GLU B 1856 10.80 42.40 -11.73
N ALA B 1857 12.10 42.22 -11.56
CA ALA B 1857 12.71 40.93 -11.32
C ALA B 1857 11.98 40.19 -10.22
N ALA B 1858 11.75 40.86 -9.11
CA ALA B 1858 11.15 40.22 -7.95
C ALA B 1858 9.83 39.59 -8.31
N GLN B 1859 8.92 40.41 -8.85
CA GLN B 1859 7.59 39.94 -9.18
C GLN B 1859 7.64 38.85 -10.23
N ALA B 1860 8.36 39.13 -11.31
CA ALA B 1860 8.42 38.23 -12.44
C ALA B 1860 8.91 36.87 -12.01
N MET B 1861 10.08 36.84 -11.40
CA MET B 1861 10.69 35.59 -10.97
C MET B 1861 9.82 34.92 -9.93
N HIS B 1862 9.13 35.72 -9.13
CA HIS B 1862 8.22 35.16 -8.13
C HIS B 1862 7.20 34.32 -8.84
N GLU B 1863 6.60 34.91 -9.88
CA GLU B 1863 5.60 34.20 -10.64
C GLU B 1863 6.18 32.97 -11.29
N GLY B 1864 7.22 33.17 -12.09
CA GLY B 1864 7.79 32.10 -12.90
C GLY B 1864 8.31 30.93 -12.11
N PHE B 1865 9.19 31.22 -11.16
CA PHE B 1865 9.70 30.21 -10.26
C PHE B 1865 8.50 29.57 -9.59
N GLY B 1866 7.58 30.40 -9.14
CA GLY B 1866 6.34 29.89 -8.59
C GLY B 1866 5.57 29.08 -9.61
N LEU B 1867 5.72 29.42 -10.88
CA LEU B 1867 4.90 28.82 -11.91
C LEU B 1867 5.53 27.61 -12.58
N ILE B 1868 6.71 27.20 -12.15
CA ILE B 1868 7.42 26.21 -12.94
C ILE B 1868 7.39 24.81 -12.37
N LYS B 1869 8.16 24.56 -11.31
CA LYS B 1869 8.35 23.22 -10.77
C LYS B 1869 9.33 23.20 -9.62
N ILE B 1870 9.39 22.06 -8.93
CA ILE B 1870 10.29 21.89 -7.80
C ILE B 1870 11.51 21.12 -8.25
N ASP B 1871 11.29 19.89 -8.68
CA ASP B 1871 12.34 18.97 -9.07
C ASP B 1871 13.26 19.61 -10.10
N ASN B 1872 12.70 20.53 -10.87
CA ASN B 1872 13.52 21.42 -11.68
C ASN B 1872 14.62 21.97 -10.80
N TRP B 1873 14.20 22.75 -9.81
CA TRP B 1873 15.14 23.36 -8.89
C TRP B 1873 15.91 22.34 -8.07
N LEU B 1874 15.46 21.08 -8.08
CA LEU B 1874 16.10 20.07 -7.25
C LEU B 1874 17.55 19.88 -7.62
N GLU B 1875 17.82 19.80 -8.91
CA GLU B 1875 19.19 19.73 -9.38
C GLU B 1875 19.84 21.06 -9.10
N VAL B 1876 21.18 21.08 -9.06
CA VAL B 1876 21.93 22.32 -8.87
C VAL B 1876 21.77 22.78 -7.44
N ILE B 1877 21.00 22.04 -6.68
CA ILE B 1877 20.84 22.25 -5.26
C ILE B 1877 22.21 22.50 -4.66
N PRO B 1878 23.21 21.73 -5.11
CA PRO B 1878 24.51 22.17 -4.63
C PRO B 1878 24.81 23.60 -5.05
N GLN B 1879 24.56 23.92 -6.30
CA GLN B 1879 24.84 25.26 -6.81
C GLN B 1879 23.90 26.22 -6.11
N LEU B 1880 22.79 25.68 -5.63
CA LEU B 1880 21.88 26.49 -4.85
C LEU B 1880 22.59 26.92 -3.58
N ILE B 1881 23.15 25.94 -2.89
CA ILE B 1881 23.86 26.21 -1.65
C ILE B 1881 25.04 27.12 -1.93
N SER B 1882 25.54 27.06 -3.16
CA SER B 1882 26.66 27.89 -3.58
C SER B 1882 26.30 29.34 -3.40
N ARG B 1883 25.02 29.62 -3.43
CA ARG B 1883 24.52 30.85 -2.88
C ARG B 1883 24.18 30.55 -1.43
N ILE B 1884 24.88 31.21 -0.51
CA ILE B 1884 24.63 31.00 0.89
C ILE B 1884 24.15 32.30 1.50
N HIS B 1885 25.06 33.24 1.68
CA HIS B 1885 24.67 34.53 2.22
C HIS B 1885 24.39 35.48 1.09
N GLN B 1886 23.14 35.87 0.95
CA GLN B 1886 22.78 36.84 -0.07
C GLN B 1886 23.10 38.21 0.48
N PRO B 1887 24.10 38.88 -0.13
CA PRO B 1887 24.51 40.22 0.30
C PRO B 1887 23.33 41.16 0.38
N ASN B 1888 22.43 41.08 -0.59
CA ASN B 1888 21.15 41.74 -0.47
C ASN B 1888 20.15 40.66 -0.12
N GLN B 1889 19.66 40.70 1.10
CA GLN B 1889 18.59 39.82 1.51
C GLN B 1889 17.48 40.03 0.52
N THR B 1890 16.89 41.20 0.56
CA THR B 1890 16.00 41.66 -0.50
C THR B 1890 14.96 40.63 -0.82
N VAL B 1891 14.73 40.43 -2.11
CA VAL B 1891 13.84 39.38 -2.55
C VAL B 1891 14.66 38.11 -2.63
N SER B 1892 15.98 38.27 -2.48
CA SER B 1892 16.88 37.13 -2.49
C SER B 1892 16.71 36.37 -1.19
N ARG B 1893 16.40 37.12 -0.13
CA ARG B 1893 16.05 36.51 1.13
C ARG B 1893 14.86 35.64 0.88
N SER B 1894 13.87 36.21 0.20
CA SER B 1894 12.64 35.52 -0.12
C SER B 1894 12.91 34.36 -1.07
N LEU B 1895 14.01 34.44 -1.79
CA LEU B 1895 14.37 33.44 -2.75
C LEU B 1895 14.98 32.27 -2.01
N LEU B 1896 15.62 32.59 -0.90
CA LEU B 1896 16.17 31.60 -0.01
C LEU B 1896 14.99 30.95 0.67
N SER B 1897 13.95 31.75 0.86
CA SER B 1897 12.71 31.23 1.41
C SER B 1897 12.15 30.25 0.42
N LEU B 1898 12.22 30.61 -0.85
CA LEU B 1898 11.73 29.76 -1.92
C LEU B 1898 12.60 28.51 -1.97
N LEU B 1899 13.83 28.68 -1.53
CA LEU B 1899 14.79 27.61 -1.61
C LEU B 1899 14.41 26.59 -0.58
N ALA B 1900 14.18 27.04 0.64
CA ALA B 1900 13.76 26.14 1.68
C ALA B 1900 12.39 25.60 1.34
N ASP B 1901 11.65 26.33 0.52
CA ASP B 1901 10.32 25.93 0.17
C ASP B 1901 10.36 24.71 -0.72
N LEU B 1902 11.11 24.84 -1.80
CA LEU B 1902 11.26 23.75 -2.75
C LEU B 1902 11.92 22.61 -2.01
N GLY B 1903 12.81 23.00 -1.11
CA GLY B 1903 13.52 22.07 -0.26
C GLY B 1903 12.52 21.20 0.46
N LYS B 1904 11.51 21.83 1.05
CA LYS B 1904 10.51 21.13 1.83
C LYS B 1904 9.92 20.00 1.02
N ALA B 1905 9.77 20.23 -0.28
CA ALA B 1905 9.32 19.18 -1.15
C ALA B 1905 10.44 18.16 -1.27
N HIS B 1906 10.10 16.92 -0.94
CA HIS B 1906 11.05 15.81 -0.95
C HIS B 1906 12.39 16.24 -0.37
N PRO B 1907 12.36 16.88 0.81
CA PRO B 1907 13.66 17.31 1.33
C PRO B 1907 14.61 16.17 1.58
N GLN B 1908 14.09 15.11 2.22
CA GLN B 1908 14.92 13.99 2.62
C GLN B 1908 15.34 13.23 1.40
N ALA B 1909 14.67 13.49 0.28
CA ALA B 1909 15.13 12.97 -0.97
C ALA B 1909 16.55 13.45 -1.16
N LEU B 1910 16.84 14.67 -0.71
CA LEU B 1910 18.25 15.01 -0.53
C LEU B 1910 18.62 15.45 0.88
N VAL B 1911 18.27 16.68 1.23
CA VAL B 1911 18.46 17.22 2.57
C VAL B 1911 19.94 17.28 2.93
N TYR B 1912 20.77 16.68 2.10
CA TYR B 1912 22.16 16.49 2.43
C TYR B 1912 22.86 17.82 2.48
N PRO B 1913 22.69 18.61 1.41
CA PRO B 1913 23.30 19.93 1.32
C PRO B 1913 22.98 20.74 2.56
N LEU B 1914 21.76 20.55 3.05
CA LEU B 1914 21.37 21.18 4.29
C LEU B 1914 22.36 20.77 5.34
N THR B 1915 22.51 19.46 5.49
CA THR B 1915 23.39 18.91 6.50
C THR B 1915 24.79 19.48 6.38
N VAL B 1916 25.28 19.56 5.15
CA VAL B 1916 26.66 19.92 4.89
C VAL B 1916 26.88 21.38 5.25
N ALA B 1917 26.02 22.23 4.70
CA ALA B 1917 26.08 23.65 4.94
C ALA B 1917 26.02 23.89 6.43
N ILE B 1918 25.21 23.08 7.09
CA ILE B 1918 25.10 23.14 8.54
C ILE B 1918 26.45 22.86 9.14
N LYS B 1919 27.09 21.80 8.65
CA LYS B 1919 28.36 21.36 9.19
C LYS B 1919 29.40 22.46 9.05
N SER B 1920 29.59 22.92 7.82
CA SER B 1920 30.51 24.01 7.57
C SER B 1920 30.01 25.24 8.29
N ASP B 1921 30.93 26.10 8.72
CA ASP B 1921 30.49 27.36 9.30
C ASP B 1921 30.47 28.42 8.22
N SER B 1922 29.26 28.83 7.88
CA SER B 1922 29.01 29.91 6.92
C SER B 1922 28.78 31.22 7.65
N VAL B 1923 28.93 31.18 8.97
CA VAL B 1923 28.67 32.34 9.83
C VAL B 1923 27.26 32.85 9.65
N SER B 1924 27.13 34.08 9.19
CA SER B 1924 25.84 34.66 8.89
C SER B 1924 25.06 33.71 8.01
N ARG B 1925 25.72 33.22 6.97
CA ARG B 1925 25.09 32.27 6.09
C ARG B 1925 24.88 30.95 6.81
N GLN B 1926 25.64 30.69 7.87
CA GLN B 1926 25.44 29.49 8.66
C GLN B 1926 24.24 29.69 9.54
N ARG B 1927 23.99 30.95 9.88
CA ARG B 1927 22.81 31.28 10.63
C ARG B 1927 21.62 31.02 9.72
N ALA B 1928 21.75 31.45 8.47
CA ALA B 1928 20.73 31.20 7.48
C ALA B 1928 20.54 29.70 7.33
N ALA B 1929 21.65 28.99 7.44
CA ALA B 1929 21.64 27.56 7.36
C ALA B 1929 20.80 27.02 8.49
N LEU B 1930 20.89 27.70 9.64
CA LEU B 1930 20.13 27.26 10.79
C LEU B 1930 18.66 27.55 10.54
N SER B 1931 18.40 28.58 9.75
CA SER B 1931 17.04 28.93 9.42
C SER B 1931 16.43 27.82 8.57
N ILE B 1932 17.15 27.47 7.52
CA ILE B 1932 16.71 26.41 6.64
C ILE B 1932 16.63 25.13 7.45
N ILE B 1933 17.45 25.03 8.48
CA ILE B 1933 17.50 23.86 9.33
C ILE B 1933 16.18 23.79 10.06
N ASP B 1934 15.74 24.94 10.52
CA ASP B 1934 14.46 25.06 11.19
C ASP B 1934 13.38 24.59 10.24
N LYS B 1935 13.46 25.06 9.00
CA LYS B 1935 12.52 24.62 7.97
C LYS B 1935 12.50 23.10 7.91
N MET B 1936 13.70 22.53 7.94
CA MET B 1936 13.86 21.09 7.96
C MET B 1936 13.42 20.57 9.30
N ARG B 1937 13.85 21.26 10.36
CA ARG B 1937 13.46 20.90 11.70
C ARG B 1937 11.96 21.14 11.84
N MET B 1938 11.37 21.76 10.83
CA MET B 1938 9.93 21.89 10.78
C MET B 1938 9.33 20.77 9.95
N HIS B 1939 9.54 20.81 8.65
CA HIS B 1939 8.87 19.87 7.78
C HIS B 1939 9.44 18.49 8.01
N SER B 1940 8.56 17.55 8.33
CA SER B 1940 8.95 16.18 8.65
C SER B 1940 10.18 16.16 9.54
N PRO B 1941 10.13 16.94 10.62
CA PRO B 1941 11.22 17.19 11.56
C PRO B 1941 11.89 15.91 12.04
N LYS B 1942 11.14 14.83 12.11
CA LYS B 1942 11.66 13.56 12.59
C LYS B 1942 12.82 13.07 11.75
N LEU B 1943 12.57 12.95 10.45
CA LEU B 1943 13.61 12.53 9.53
C LEU B 1943 14.76 13.52 9.61
N VAL B 1944 14.44 14.78 9.86
CA VAL B 1944 15.45 15.81 9.98
C VAL B 1944 16.37 15.47 11.14
N ASN B 1945 15.76 14.98 12.21
CA ASN B 1945 16.51 14.63 13.40
C ASN B 1945 17.38 13.43 13.11
N GLN B 1946 16.76 12.37 12.59
CA GLN B 1946 17.46 11.13 12.30
C GLN B 1946 18.67 11.40 11.43
N ALA B 1947 18.44 12.17 10.39
CA ALA B 1947 19.49 12.56 9.46
C ALA B 1947 20.56 13.33 10.19
N GLU B 1948 20.14 14.30 10.99
CA GLU B 1948 21.07 15.11 11.76
C GLU B 1948 22.01 14.19 12.51
N LEU B 1949 21.42 13.18 13.14
CA LEU B 1949 22.17 12.18 13.85
C LEU B 1949 23.16 11.50 12.93
N VAL B 1950 22.70 11.16 11.75
CA VAL B 1950 23.51 10.42 10.80
C VAL B 1950 24.75 11.23 10.46
N SER B 1951 24.53 12.44 9.98
CA SER B 1951 25.60 13.31 9.53
C SER B 1951 26.56 13.57 10.66
N ASP B 1952 26.01 13.98 11.79
CA ASP B 1952 26.82 14.27 12.96
C ASP B 1952 27.66 13.08 13.34
N GLU B 1953 27.13 11.88 13.11
CA GLU B 1953 27.81 10.66 13.47
C GLU B 1953 28.95 10.40 12.50
N LEU B 1954 28.71 10.75 11.24
CA LEU B 1954 29.75 10.67 10.24
C LEU B 1954 30.89 11.55 10.71
N ILE B 1955 30.56 12.80 10.97
CA ILE B 1955 31.52 13.79 11.42
C ILE B 1955 32.18 13.29 12.68
N ARG B 1956 31.47 12.46 13.41
CA ARG B 1956 31.98 11.91 14.64
C ARG B 1956 33.11 10.96 14.29
N VAL B 1957 32.83 10.08 13.33
CA VAL B 1957 33.83 9.11 12.91
C VAL B 1957 35.07 9.86 12.52
N ALA B 1958 34.96 10.55 11.39
CA ALA B 1958 35.99 11.49 10.96
C ALA B 1958 37.37 10.87 10.98
N VAL B 1959 38.32 11.66 11.44
CA VAL B 1959 39.68 11.21 11.70
C VAL B 1959 39.72 10.51 13.04
N LEU B 1960 40.69 9.63 13.21
CA LEU B 1960 41.09 9.25 14.55
C LEU B 1960 41.46 10.54 15.24
N TRP B 1961 40.87 10.80 16.40
CA TRP B 1961 40.86 12.16 16.94
C TRP B 1961 42.22 12.54 17.46
N HIS B 1962 42.63 11.87 18.53
CA HIS B 1962 43.93 12.13 19.12
C HIS B 1962 45.04 11.89 18.11
N GLU B 1963 44.79 10.99 17.16
CA GLU B 1963 45.77 10.72 16.12
C GLU B 1963 45.86 11.91 15.19
N LEU B 1964 44.71 12.41 14.78
CA LEU B 1964 44.65 13.60 13.95
C LEU B 1964 45.40 14.72 14.63
N TRP B 1965 45.10 14.90 15.91
CA TRP B 1965 45.75 15.90 16.73
C TRP B 1965 47.24 15.66 16.74
N TYR B 1966 47.63 14.39 16.72
CA TYR B 1966 49.03 14.02 16.85
C TYR B 1966 49.81 14.42 15.61
N GLU B 1967 49.32 13.99 14.46
CA GLU B 1967 49.99 14.27 13.20
C GLU B 1967 49.96 15.77 12.93
N GLY B 1968 48.80 16.36 13.15
CA GLY B 1968 48.63 17.79 12.96
C GLY B 1968 49.58 18.58 13.82
N LEU B 1969 49.78 18.10 15.05
CA LEU B 1969 50.67 18.76 15.97
C LEU B 1969 52.11 18.49 15.56
N GLU B 1970 52.32 17.40 14.85
CA GLU B 1970 53.66 17.07 14.37
C GLU B 1970 54.03 18.11 13.32
N ASP B 1971 53.10 18.35 12.42
CA ASP B 1971 53.30 19.37 11.39
C ASP B 1971 53.35 20.75 12.02
N ALA B 1972 52.68 20.90 13.15
CA ALA B 1972 52.60 22.18 13.83
C ALA B 1972 53.95 22.51 14.46
N SER B 1973 54.54 21.51 15.10
CA SER B 1973 55.84 21.67 15.74
C SER B 1973 56.91 21.77 14.66
N ARG B 1974 56.63 21.14 13.52
CA ARG B 1974 57.48 21.31 12.35
C ARG B 1974 57.48 22.78 11.99
N GLN B 1975 56.28 23.35 11.94
CA GLN B 1975 56.08 24.75 11.64
C GLN B 1975 56.81 25.62 12.64
N PHE B 1976 56.64 25.34 13.91
CA PHE B 1976 57.32 26.08 14.97
C PHE B 1976 58.82 26.06 14.81
N PHE B 1977 59.39 24.87 15.00
CA PHE B 1977 60.83 24.68 14.99
C PHE B 1977 61.44 25.27 13.72
N GLY B 1978 60.89 24.90 12.57
CA GLY B 1978 61.34 25.49 11.32
C GLY B 1978 60.92 26.95 11.28
N GLU B 1979 61.87 27.84 10.99
CA GLU B 1979 61.54 29.24 10.75
C GLU B 1979 61.05 29.97 12.00
N HIS B 1980 60.89 29.24 13.11
CA HIS B 1980 60.35 29.82 14.33
C HIS B 1980 58.95 30.37 14.11
N ASN B 1981 58.01 29.45 13.87
CA ASN B 1981 56.59 29.79 13.89
C ASN B 1981 56.23 29.94 15.35
N THR B 1982 56.40 28.87 16.09
CA THR B 1982 56.12 28.86 17.53
C THR B 1982 54.69 29.25 17.79
N GLU B 1983 54.49 30.37 18.48
CA GLU B 1983 53.16 30.78 18.93
C GLU B 1983 52.11 30.69 17.83
N LYS B 1984 52.48 31.10 16.61
CA LYS B 1984 51.56 30.98 15.48
C LYS B 1984 51.16 29.53 15.32
N MET B 1985 52.16 28.68 15.14
CA MET B 1985 51.94 27.23 15.15
C MET B 1985 51.33 26.81 16.49
N PHE B 1986 51.74 27.46 17.57
CA PHE B 1986 51.22 27.09 18.88
C PHE B 1986 49.77 27.51 19.01
N ALA B 1987 49.36 28.46 18.17
CA ALA B 1987 47.95 28.81 18.14
C ALA B 1987 47.19 27.63 17.58
N THR B 1988 47.79 26.96 16.60
CA THR B 1988 47.22 25.74 16.06
C THR B 1988 47.23 24.70 17.15
N LEU B 1989 48.30 24.71 17.94
CA LEU B 1989 48.40 23.81 19.07
C LEU B 1989 47.35 24.20 20.10
N GLU B 1990 47.01 25.48 20.15
CA GLU B 1990 45.95 25.92 21.02
C GLU B 1990 44.65 25.28 20.56
N PRO B 1991 44.47 25.18 19.24
CA PRO B 1991 43.31 24.42 18.80
C PRO B 1991 43.45 22.95 19.13
N LEU B 1992 44.68 22.46 19.18
CA LEU B 1992 44.92 21.08 19.59
C LEU B 1992 44.54 20.98 21.05
N HIS B 1993 44.88 22.02 21.79
CA HIS B 1993 44.44 22.13 23.18
C HIS B 1993 42.93 22.21 23.20
N GLU B 1994 42.37 22.88 22.20
CA GLU B 1994 40.92 22.94 22.09
C GLU B 1994 40.42 21.53 21.83
N MET B 1995 41.18 20.78 21.03
CA MET B 1995 40.87 19.38 20.83
C MET B 1995 41.03 18.67 22.16
N LEU B 1996 42.08 19.03 22.88
CA LEU B 1996 42.29 18.49 24.22
C LEU B 1996 41.15 18.97 25.11
N LYS B 1997 40.64 20.16 24.82
CA LYS B 1997 39.54 20.70 25.59
C LYS B 1997 38.28 19.90 25.36
N ARG B 1998 38.24 19.14 24.27
CA ARG B 1998 37.10 18.30 24.00
C ARG B 1998 37.08 17.14 25.00
N GLY B 1999 38.26 16.81 25.51
CA GLY B 1999 38.39 15.72 26.46
C GLY B 1999 38.26 14.36 25.81
N PRO B 2000 38.39 13.29 26.61
CA PRO B 2000 38.30 11.91 26.13
C PRO B 2000 36.87 11.52 25.76
N GLU B 2001 36.27 12.26 24.83
CA GLU B 2001 34.86 12.12 24.51
C GLU B 2001 34.44 10.70 24.15
N THR B 2002 34.97 10.19 23.04
CA THR B 2002 34.44 8.97 22.45
C THR B 2002 34.79 7.74 23.26
N LEU B 2003 34.34 6.58 22.79
CA LEU B 2003 34.43 5.36 23.58
C LEU B 2003 35.67 4.57 23.23
N ARG B 2004 36.60 4.50 24.18
CA ARG B 2004 37.86 3.81 24.00
C ARG B 2004 38.60 4.37 22.80
N GLU B 2005 38.37 5.64 22.50
CA GLU B 2005 39.10 6.28 21.44
C GLU B 2005 39.84 7.47 22.03
N ILE B 2006 39.09 8.52 22.33
CA ILE B 2006 39.65 9.65 23.04
C ILE B 2006 39.72 9.19 24.48
N SER B 2007 38.76 8.36 24.85
CA SER B 2007 38.76 7.69 26.13
C SER B 2007 40.07 6.95 26.32
N PHE B 2008 40.32 5.97 25.46
CA PHE B 2008 41.59 5.27 25.48
C PHE B 2008 42.74 6.26 25.41
N GLN B 2009 42.58 7.28 24.57
CA GLN B 2009 43.63 8.27 24.37
C GLN B 2009 43.89 9.10 25.60
N ASN B 2010 43.02 8.97 26.60
CA ASN B 2010 43.09 9.79 27.81
C ASN B 2010 44.50 9.83 28.33
N SER B 2011 45.00 8.69 28.78
CA SER B 2011 46.27 8.60 29.50
C SER B 2011 47.35 9.40 28.80
N PHE B 2012 47.75 8.94 27.62
CA PHE B 2012 48.69 9.66 26.78
C PHE B 2012 48.24 11.10 26.70
N GLY B 2013 47.06 11.30 26.12
CA GLY B 2013 46.48 12.62 26.00
C GLY B 2013 46.49 13.39 27.30
N ARG B 2014 46.18 12.73 28.41
CA ARG B 2014 46.15 13.42 29.69
C ARG B 2014 47.56 13.86 30.01
N ASP B 2015 48.49 12.92 29.94
CA ASP B 2015 49.89 13.18 30.24
C ASP B 2015 50.39 14.30 29.35
N LEU B 2016 50.23 14.11 28.04
CA LEU B 2016 50.59 15.12 27.07
C LEU B 2016 49.91 16.44 27.43
N ASN B 2017 48.64 16.37 27.84
CA ASN B 2017 47.90 17.58 28.20
C ASN B 2017 48.56 18.28 29.36
N ASP B 2018 49.00 17.50 30.33
CA ASP B 2018 49.72 18.05 31.47
C ASP B 2018 50.98 18.71 30.94
N ALA B 2019 51.72 17.95 30.16
CA ALA B 2019 52.91 18.44 29.51
C ALA B 2019 52.55 19.65 28.66
N TYR B 2020 51.44 19.54 27.92
CA TYR B 2020 50.93 20.66 27.14
C TYR B 2020 50.60 21.82 28.06
N GLU B 2021 49.96 21.53 29.18
CA GLU B 2021 49.70 22.55 30.17
C GLU B 2021 51.03 23.06 30.68
N TRP B 2022 51.97 22.14 30.86
CA TRP B 2022 53.31 22.52 31.28
C TRP B 2022 53.95 23.28 30.15
N VAL B 2023 53.59 22.90 28.93
CA VAL B 2023 54.06 23.61 27.75
C VAL B 2023 53.30 24.92 27.67
N LEU B 2024 52.08 24.93 28.19
CA LEU B 2024 51.28 26.14 28.15
C LEU B 2024 51.88 27.20 29.04
N ASN B 2025 52.20 26.81 30.27
CA ASN B 2025 52.63 27.75 31.30
C ASN B 2025 53.84 28.60 30.91
N TYR B 2026 54.99 27.97 30.79
CA TYR B 2026 56.24 28.71 30.67
C TYR B 2026 56.46 29.27 29.28
N LYS B 2027 55.74 28.75 28.29
CA LYS B 2027 55.78 29.32 26.97
C LYS B 2027 54.90 30.55 26.98
N ARG B 2028 53.91 30.52 27.88
CA ARG B 2028 53.11 31.70 28.12
C ARG B 2028 53.81 32.58 29.13
N THR B 2029 54.94 32.13 29.64
CA THR B 2029 55.67 32.98 30.57
C THR B 2029 56.49 33.94 29.72
N LYS B 2030 57.55 33.47 29.10
CA LYS B 2030 57.98 34.12 27.86
C LYS B 2030 58.10 33.13 26.71
N ASP B 2031 59.18 32.36 26.74
CA ASP B 2031 59.43 31.32 25.75
C ASP B 2031 59.86 29.96 26.33
N ILE B 2032 61.06 29.97 26.89
CA ILE B 2032 62.03 28.86 26.80
C ILE B 2032 61.69 27.56 27.50
N ASN B 2033 61.36 27.63 28.78
CA ASN B 2033 61.14 26.42 29.58
C ASN B 2033 60.11 25.51 28.92
N ASN B 2034 58.89 26.00 28.82
CA ASN B 2034 57.85 25.23 28.19
C ASN B 2034 58.06 25.14 26.69
N LEU B 2035 59.00 25.92 26.15
CA LEU B 2035 59.38 25.77 24.75
C LEU B 2035 60.15 24.46 24.60
N ASN B 2036 60.83 24.08 25.68
CA ASN B 2036 61.53 22.81 25.76
C ASN B 2036 60.48 21.74 25.97
N GLN B 2037 59.78 21.85 27.10
CA GLN B 2037 58.78 20.87 27.50
C GLN B 2037 57.82 20.54 26.36
N ALA B 2038 57.42 21.55 25.59
CA ALA B 2038 56.54 21.33 24.46
C ALA B 2038 57.17 20.39 23.44
N TRP B 2039 58.34 20.76 22.95
CA TRP B 2039 58.99 20.00 21.88
C TRP B 2039 59.30 18.59 22.33
N ASP B 2040 59.71 18.46 23.59
CA ASP B 2040 60.07 17.16 24.13
C ASP B 2040 58.86 16.26 24.29
N ILE B 2041 57.84 16.78 24.97
CA ILE B 2041 56.64 16.01 25.25
C ILE B 2041 55.98 15.62 23.95
N TYR B 2042 56.03 16.54 23.00
CA TYR B 2042 55.47 16.31 21.68
C TYR B 2042 56.30 15.30 20.93
N TYR B 2043 57.59 15.24 21.23
CA TYR B 2043 58.46 14.26 20.57
C TYR B 2043 58.12 12.87 21.06
N ASN B 2044 58.07 12.71 22.37
CA ASN B 2044 57.74 11.44 22.99
C ASN B 2044 56.37 11.00 22.56
N VAL B 2045 55.40 11.90 22.66
CA VAL B 2045 54.04 11.62 22.26
C VAL B 2045 53.99 11.32 20.77
N PHE B 2046 54.90 11.90 20.01
CA PHE B 2046 54.94 11.66 18.57
C PHE B 2046 55.38 10.24 18.33
N ARG B 2047 56.32 9.77 19.12
CA ARG B 2047 56.79 8.40 19.03
C ARG B 2047 55.68 7.44 19.41
N ARG B 2048 55.09 7.67 20.58
CA ARG B 2048 54.03 6.81 21.08
C ARG B 2048 52.90 6.73 20.08
N ILE B 2049 52.46 7.89 19.61
CA ILE B 2049 51.35 7.97 18.69
C ILE B 2049 51.77 7.45 17.33
N SER B 2050 53.08 7.37 17.09
CA SER B 2050 53.56 6.78 15.85
C SER B 2050 53.36 5.28 15.95
N ARG B 2051 53.68 4.74 17.11
CA ARG B 2051 53.49 3.32 17.37
C ARG B 2051 52.02 2.98 17.24
N LYS B 2052 51.18 3.81 17.86
CA LYS B 2052 49.74 3.61 17.81
C LYS B 2052 49.24 3.71 16.38
N LEU B 2053 49.82 4.64 15.63
CA LEU B 2053 49.42 4.89 14.25
C LEU B 2053 49.57 3.63 13.42
N PRO B 2054 50.71 2.93 13.58
CA PRO B 2054 50.82 1.65 12.91
C PRO B 2054 49.72 0.71 13.36
N GLN B 2055 49.49 0.69 14.67
CA GLN B 2055 48.45 -0.14 15.23
C GLN B 2055 47.08 0.39 14.83
N LEU B 2056 47.04 1.66 14.44
CA LEU B 2056 45.77 2.32 14.13
C LEU B 2056 45.21 1.83 12.80
N GLN B 2057 45.99 1.02 12.09
CA GLN B 2057 45.56 0.47 10.81
C GLN B 2057 44.22 -0.25 10.90
N THR B 2058 43.96 -0.86 12.05
CA THR B 2058 42.67 -1.51 12.29
C THR B 2058 41.62 -0.48 12.65
N LEU B 2059 40.36 -0.74 12.27
CA LEU B 2059 39.28 0.18 12.57
C LEU B 2059 38.03 -0.54 13.05
N ASP B 2060 37.42 -0.02 14.12
CA ASP B 2060 36.12 -0.47 14.60
C ASP B 2060 35.37 0.67 15.27
N LEU B 2061 34.05 0.70 15.11
CA LEU B 2061 33.26 1.79 15.69
C LEU B 2061 33.08 1.68 17.20
N GLN B 2062 32.69 0.51 17.68
CA GLN B 2062 32.33 0.32 19.07
C GLN B 2062 33.48 0.68 20.00
N HIS B 2063 34.69 0.32 19.58
CA HIS B 2063 35.87 0.55 20.40
C HIS B 2063 36.42 1.95 20.16
N VAL B 2064 35.75 2.71 19.31
CA VAL B 2064 36.17 4.07 19.05
C VAL B 2064 35.03 5.04 19.36
N SER B 2065 34.02 5.05 18.50
CA SER B 2065 32.85 5.86 18.71
C SER B 2065 31.65 4.95 18.56
N PRO B 2066 31.36 4.17 19.61
CA PRO B 2066 30.29 3.19 19.49
C PRO B 2066 28.96 3.83 19.16
N LYS B 2067 28.84 5.14 19.38
CA LYS B 2067 27.63 5.89 19.04
C LYS B 2067 27.21 5.64 17.61
N LEU B 2068 28.20 5.46 16.75
CA LEU B 2068 27.96 5.03 15.39
C LEU B 2068 27.21 3.71 15.43
N SER B 2069 27.81 2.74 16.11
CA SER B 2069 27.26 1.40 16.21
C SER B 2069 25.87 1.44 16.82
N ALA B 2070 25.61 2.50 17.57
CA ALA B 2070 24.39 2.63 18.34
C ALA B 2070 23.20 2.68 17.42
N ALA B 2071 23.42 3.16 16.21
CA ALA B 2071 22.33 3.21 15.27
C ALA B 2071 22.35 1.95 14.45
N LYS B 2072 21.34 1.11 14.65
CA LYS B 2072 21.18 -0.08 13.83
C LYS B 2072 20.54 0.27 12.50
N ASP B 2073 19.53 1.12 12.54
CA ASP B 2073 18.79 1.50 11.34
C ASP B 2073 18.20 2.90 11.45
N LEU B 2074 18.07 3.56 10.30
CA LEU B 2074 17.44 4.87 10.22
C LEU B 2074 16.62 4.93 8.93
N GLU B 2075 15.57 5.72 8.95
CA GLU B 2075 14.58 5.73 7.87
C GLU B 2075 15.19 5.99 6.50
N LEU B 2076 15.88 7.11 6.36
CA LEU B 2076 16.48 7.45 5.09
C LEU B 2076 17.97 7.19 5.15
N ALA B 2077 18.43 6.21 4.38
CA ALA B 2077 19.85 6.01 4.28
C ALA B 2077 20.28 6.42 2.89
N VAL B 2078 19.96 5.59 1.90
CA VAL B 2078 20.19 5.88 0.49
C VAL B 2078 21.50 6.62 0.32
N PRO B 2079 22.61 5.96 0.62
CA PRO B 2079 23.82 6.72 0.97
C PRO B 2079 24.36 7.53 -0.19
N GLY B 2080 23.58 8.55 -0.55
CA GLY B 2080 23.88 9.34 -1.71
C GLY B 2080 23.23 8.75 -2.93
N THR B 2081 22.40 7.73 -2.70
CA THR B 2081 21.68 7.08 -3.78
C THR B 2081 20.93 8.15 -4.56
N TYR B 2082 20.12 8.91 -3.84
CA TYR B 2082 19.64 10.20 -4.32
C TYR B 2082 18.96 10.13 -5.68
N HIS B 2083 18.35 9.00 -5.99
CA HIS B 2083 17.54 8.93 -7.19
C HIS B 2083 16.30 9.73 -6.88
N ALA B 2084 15.94 10.66 -7.76
CA ALA B 2084 14.84 11.58 -7.49
C ALA B 2084 13.58 10.80 -7.15
N GLY B 2085 12.99 10.15 -8.15
CA GLY B 2085 12.07 9.09 -7.86
C GLY B 2085 12.91 7.92 -7.42
N LYS B 2086 12.52 7.25 -6.33
CA LYS B 2086 13.17 5.99 -5.97
C LYS B 2086 12.41 5.20 -4.92
N PRO B 2087 12.93 4.02 -4.59
CA PRO B 2087 12.68 3.23 -3.39
C PRO B 2087 13.75 3.56 -2.37
N ILE B 2088 13.70 4.77 -1.81
CA ILE B 2088 14.76 5.25 -0.94
C ILE B 2088 15.00 4.23 0.16
N VAL B 2089 16.25 3.85 0.34
CA VAL B 2089 16.58 2.75 1.22
C VAL B 2089 16.98 3.26 2.58
N ARG B 2090 16.53 2.54 3.60
CA ARG B 2090 17.04 2.70 4.95
C ARG B 2090 18.36 1.95 5.02
N ILE B 2091 18.95 1.88 6.22
CA ILE B 2091 20.24 1.25 6.36
C ILE B 2091 20.19 0.02 7.25
N THR B 2092 20.95 -0.99 6.85
CA THR B 2092 21.29 -2.08 7.74
C THR B 2092 22.61 -1.69 8.38
N HIS B 2093 23.05 -0.49 8.01
CA HIS B 2093 24.32 0.06 8.46
C HIS B 2093 25.44 -0.88 8.06
N PHE B 2094 26.32 -1.20 9.00
CA PHE B 2094 27.43 -2.09 8.70
C PHE B 2094 28.08 -2.58 9.98
N GLU B 2095 29.16 -3.33 9.84
CA GLU B 2095 29.96 -3.73 10.98
C GLU B 2095 30.63 -2.51 11.59
N PRO B 2096 30.74 -2.49 12.92
CA PRO B 2096 31.48 -1.42 13.59
C PRO B 2096 32.90 -1.37 13.06
N VAL B 2097 33.44 -2.55 12.78
CA VAL B 2097 34.73 -2.66 12.13
C VAL B 2097 34.64 -1.96 10.80
N PHE B 2098 35.66 -1.16 10.51
CA PHE B 2098 35.75 -0.43 9.25
C PHE B 2098 37.13 -0.63 8.67
N THR B 2099 37.29 -0.26 7.41
CA THR B 2099 38.58 -0.40 6.77
C THR B 2099 39.29 0.93 6.74
N VAL B 2100 40.36 1.04 7.51
CA VAL B 2100 41.15 2.25 7.51
C VAL B 2100 41.99 2.23 6.26
N ILE B 2101 41.86 3.27 5.44
CA ILE B 2101 42.69 3.36 4.25
C ILE B 2101 44.10 3.62 4.72
N SER B 2102 45.06 3.27 3.86
CA SER B 2102 46.44 3.58 4.15
C SER B 2102 46.88 4.66 3.18
N SER B 2103 47.11 5.86 3.72
CA SER B 2103 47.52 6.98 2.91
C SER B 2103 48.01 8.09 3.81
N LYS B 2104 48.44 9.20 3.21
CA LYS B 2104 48.76 10.38 3.97
C LYS B 2104 47.51 10.77 4.71
N GLN B 2105 46.38 10.66 4.04
CA GLN B 2105 45.08 10.85 4.66
C GLN B 2105 44.71 9.61 5.45
N ARG B 2106 45.06 8.45 4.90
CA ARG B 2106 44.66 7.17 5.48
C ARG B 2106 43.16 7.18 5.72
N PRO B 2107 42.39 7.42 4.65
CA PRO B 2107 40.97 7.73 4.54
C PRO B 2107 40.06 6.53 4.76
N ARG B 2108 39.81 6.20 6.02
CA ARG B 2108 39.16 4.96 6.37
C ARG B 2108 37.81 4.79 5.68
N ARG B 2109 37.48 3.55 5.35
CA ARG B 2109 36.31 3.29 4.55
C ARG B 2109 35.53 2.07 5.03
N VAL B 2110 34.32 1.94 4.52
CA VAL B 2110 33.48 0.77 4.76
C VAL B 2110 32.54 0.61 3.59
N ILE B 2111 31.61 -0.34 3.69
CA ILE B 2111 30.45 -0.36 2.82
C ILE B 2111 29.24 -0.65 3.70
N ILE B 2112 28.29 0.26 3.74
CA ILE B 2112 27.20 0.16 4.70
C ILE B 2112 26.00 -0.55 4.11
N LYS B 2113 25.70 -1.73 4.64
CA LYS B 2113 24.50 -2.44 4.26
C LYS B 2113 23.28 -1.56 4.50
N GLY B 2114 22.41 -1.51 3.51
CA GLY B 2114 21.21 -0.69 3.59
C GLY B 2114 19.95 -1.50 3.79
N SER B 2115 18.81 -0.87 3.56
CA SER B 2115 17.54 -1.59 3.60
C SER B 2115 17.43 -2.47 2.37
N ASP B 2116 18.12 -2.10 1.31
CA ASP B 2116 18.07 -2.86 0.08
C ASP B 2116 19.04 -4.02 0.14
N GLY B 2117 19.78 -4.09 1.24
CA GLY B 2117 20.77 -5.12 1.40
C GLY B 2117 22.00 -4.88 0.56
N LYS B 2118 22.02 -3.75 -0.14
CA LYS B 2118 23.18 -3.40 -0.94
C LYS B 2118 24.10 -2.51 -0.12
N ASP B 2119 25.28 -3.02 0.20
CA ASP B 2119 26.22 -2.25 1.00
C ASP B 2119 26.76 -1.12 0.15
N TYR B 2120 26.67 0.09 0.66
CA TYR B 2120 27.11 1.24 -0.08
C TYR B 2120 28.46 1.64 0.45
N GLN B 2121 29.47 1.46 -0.38
CA GLN B 2121 30.82 1.78 0.02
C GLN B 2121 30.91 3.27 0.33
N TYR B 2122 31.41 3.56 1.51
CA TYR B 2122 31.69 4.90 1.93
C TYR B 2122 33.17 4.97 2.26
N LEU B 2123 33.73 6.17 2.24
CA LEU B 2123 35.14 6.33 2.55
C LEU B 2123 35.37 7.67 3.21
N LEU B 2124 36.33 7.71 4.12
CA LEU B 2124 36.69 8.97 4.74
C LEU B 2124 37.32 9.87 3.69
N LYS B 2125 37.07 11.16 3.80
CA LYS B 2125 37.82 12.12 2.99
C LYS B 2125 38.32 13.23 3.89
N SER B 2126 39.64 13.32 4.00
CA SER B 2126 40.27 14.30 4.88
C SER B 2126 40.70 15.49 4.07
N HIS B 2127 40.05 16.62 4.33
CA HIS B 2127 40.33 17.86 3.62
C HIS B 2127 40.16 17.69 2.11
N GLU B 2128 38.93 17.51 1.66
CA GLU B 2128 38.63 17.37 0.24
C GLU B 2128 37.28 17.96 -0.10
N ASP B 2129 37.11 18.47 -1.32
CA ASP B 2129 35.83 19.03 -1.68
C ASP B 2129 35.06 18.06 -2.55
N ILE B 2130 34.01 17.49 -1.96
CA ILE B 2130 33.14 16.60 -2.69
C ILE B 2130 32.20 17.50 -3.44
N ARG B 2131 32.10 18.73 -2.97
CA ARG B 2131 31.32 19.74 -3.65
C ARG B 2131 31.95 19.94 -5.00
N GLN B 2132 33.26 20.16 -4.97
CA GLN B 2132 34.04 20.22 -6.19
C GLN B 2132 33.70 18.98 -6.97
N ASP B 2133 33.79 17.85 -6.30
CA ASP B 2133 33.48 16.58 -6.93
C ASP B 2133 32.01 16.50 -7.31
N ASN B 2134 31.15 17.10 -6.50
CA ASN B 2134 29.73 17.08 -6.80
C ASN B 2134 29.58 17.73 -8.14
N LEU B 2135 30.18 18.90 -8.26
CA LEU B 2135 30.21 19.62 -9.50
C LEU B 2135 30.78 18.76 -10.60
N VAL B 2136 31.72 17.89 -10.23
CA VAL B 2136 32.44 17.12 -11.23
C VAL B 2136 31.50 16.10 -11.85
N MET B 2137 30.85 15.32 -11.01
CA MET B 2137 29.93 14.32 -11.49
C MET B 2137 28.75 15.02 -12.12
N GLN B 2138 28.55 16.25 -11.73
CA GLN B 2138 27.44 17.03 -12.25
C GLN B 2138 27.69 17.34 -13.71
N LEU B 2139 28.85 17.92 -13.97
CA LEU B 2139 29.24 18.28 -15.32
C LEU B 2139 29.33 17.00 -16.10
N PHE B 2140 29.71 15.93 -15.41
CA PHE B 2140 29.80 14.62 -16.01
C PHE B 2140 28.41 14.16 -16.40
N GLY B 2141 27.42 14.71 -15.73
CA GLY B 2141 26.05 14.32 -16.00
C GLY B 2141 25.53 15.17 -17.11
N LEU B 2142 26.16 16.32 -17.29
CA LEU B 2142 25.85 17.17 -18.42
C LEU B 2142 26.36 16.42 -19.62
N VAL B 2143 27.55 15.86 -19.42
CA VAL B 2143 28.19 15.06 -20.41
C VAL B 2143 27.23 13.97 -20.78
N ASN B 2144 26.95 13.11 -19.81
CA ASN B 2144 26.13 11.93 -20.03
C ASN B 2144 24.78 12.32 -20.56
N THR B 2145 24.41 13.57 -20.36
CA THR B 2145 23.19 14.07 -20.95
C THR B 2145 23.41 14.16 -22.43
N LEU B 2146 24.50 14.82 -22.82
CA LEU B 2146 24.84 14.94 -24.22
C LEU B 2146 24.95 13.55 -24.82
N LEU B 2147 25.45 12.63 -24.02
CA LEU B 2147 25.55 11.24 -24.41
C LEU B 2147 24.16 10.73 -24.69
N GLN B 2148 23.25 11.01 -23.78
CA GLN B 2148 21.87 10.64 -23.98
C GLN B 2148 21.35 11.45 -25.15
N ASN B 2149 21.85 12.66 -25.25
CA ASN B 2149 21.45 13.54 -26.33
C ASN B 2149 22.12 13.12 -27.64
N ASP B 2150 23.08 12.22 -27.55
CA ASP B 2150 23.91 11.91 -28.72
C ASP B 2150 23.19 11.16 -29.82
N PRO B 2151 23.81 11.14 -31.00
CA PRO B 2151 23.79 10.59 -32.35
C PRO B 2151 24.18 9.14 -32.29
N GLU B 2152 24.43 8.50 -33.42
CA GLU B 2152 24.81 7.09 -33.44
C GLU B 2152 26.03 6.85 -32.56
N SER B 2153 26.73 7.93 -32.24
CA SER B 2153 27.63 7.91 -31.12
C SER B 2153 26.90 7.36 -29.90
N PHE B 2154 25.63 7.70 -29.73
CA PHE B 2154 24.84 7.11 -28.66
C PHE B 2154 24.48 5.68 -29.00
N GLN B 2155 24.64 5.29 -30.26
CA GLN B 2155 24.58 3.88 -30.55
C GLN B 2155 25.94 3.28 -30.23
N ARG B 2156 26.93 4.15 -30.22
CA ARG B 2156 28.29 3.78 -29.86
C ARG B 2156 28.44 3.99 -28.37
N HIS B 2157 27.32 4.34 -27.74
CA HIS B 2157 27.33 5.09 -26.50
C HIS B 2157 28.20 4.53 -25.42
N LEU B 2158 28.98 5.43 -24.85
CA LEU B 2158 29.69 5.19 -23.62
C LEU B 2158 29.58 6.45 -22.78
N ASN B 2159 29.15 6.30 -21.55
CA ASN B 2159 29.00 7.45 -20.67
C ASN B 2159 29.79 7.25 -19.40
N ILE B 2160 30.09 8.35 -18.73
CA ILE B 2160 30.91 8.29 -17.54
C ILE B 2160 30.06 7.86 -16.37
N GLN B 2161 30.44 6.75 -15.75
CA GLN B 2161 29.79 6.34 -14.52
C GLN B 2161 30.22 7.30 -13.43
N GLN B 2162 29.27 7.89 -12.73
CA GLN B 2162 29.60 8.91 -11.74
C GLN B 2162 29.54 8.32 -10.35
N TYR B 2163 30.72 8.19 -9.73
CA TYR B 2163 30.79 7.68 -8.38
C TYR B 2163 30.18 8.70 -7.46
N PRO B 2164 29.10 8.31 -6.77
CA PRO B 2164 28.60 9.31 -5.84
C PRO B 2164 29.55 9.49 -4.66
N ALA B 2165 29.73 10.73 -4.23
CA ALA B 2165 30.49 11.01 -3.03
C ALA B 2165 29.81 12.11 -2.22
N ILE B 2166 29.59 11.85 -0.94
CA ILE B 2166 28.89 12.81 -0.11
C ILE B 2166 29.88 13.76 0.52
N PRO B 2167 29.59 15.06 0.41
CA PRO B 2167 30.50 15.92 1.17
C PRO B 2167 30.28 15.71 2.66
N LEU B 2168 31.29 16.01 3.47
CA LEU B 2168 31.13 15.81 4.89
C LEU B 2168 31.23 17.14 5.65
N SER B 2169 32.45 17.67 5.75
CA SER B 2169 32.63 18.92 6.48
C SER B 2169 33.30 19.93 5.59
N PRO B 2170 33.54 21.14 6.11
CA PRO B 2170 34.06 22.22 5.29
C PRO B 2170 35.31 21.80 4.55
N LYS B 2171 36.23 21.18 5.25
CA LYS B 2171 37.11 20.25 4.57
C LYS B 2171 36.82 18.88 5.13
N THR B 2172 36.18 18.05 4.32
CA THR B 2172 35.97 16.64 4.58
C THR B 2172 35.09 16.10 3.49
N GLY B 2173 34.88 14.78 3.46
CA GLY B 2173 33.94 14.21 2.52
C GLY B 2173 33.65 12.75 2.75
N LEU B 2174 32.61 12.25 2.09
CA LEU B 2174 32.35 10.83 2.09
C LEU B 2174 32.44 10.28 0.67
N LEU B 2175 33.45 9.46 0.44
CA LEU B 2175 33.66 8.82 -0.84
C LEU B 2175 32.98 7.47 -0.81
N GLY B 2176 33.26 6.65 -1.81
CA GLY B 2176 32.99 5.23 -1.69
C GLY B 2176 33.87 4.42 -2.60
N TRP B 2177 34.07 3.16 -2.24
CA TRP B 2177 34.78 2.24 -3.11
C TRP B 2177 33.89 1.95 -4.30
N VAL B 2178 34.41 2.17 -5.50
CA VAL B 2178 33.61 2.06 -6.70
C VAL B 2178 33.16 0.63 -6.92
N PRO B 2179 32.46 0.41 -8.04
CA PRO B 2179 32.18 -0.95 -8.45
C PRO B 2179 33.50 -1.66 -8.70
N ASN B 2180 33.52 -2.99 -8.74
CA ASN B 2180 34.78 -3.71 -8.65
C ASN B 2180 35.72 -3.19 -9.71
N SER B 2181 36.89 -2.78 -9.26
CA SER B 2181 37.75 -1.93 -10.05
C SER B 2181 39.19 -2.29 -9.85
N ASP B 2182 40.03 -1.80 -10.75
CA ASP B 2182 41.45 -1.94 -10.61
C ASP B 2182 42.12 -0.58 -10.75
N THR B 2183 42.73 -0.10 -9.68
CA THR B 2183 43.50 1.13 -9.75
C THR B 2183 44.65 0.88 -10.69
N PHE B 2184 44.83 1.77 -11.66
CA PHE B 2184 45.85 1.61 -12.67
C PHE B 2184 47.17 1.28 -12.01
N HIS B 2185 47.71 2.21 -11.23
CA HIS B 2185 48.98 1.99 -10.56
C HIS B 2185 48.97 0.68 -9.80
N VAL B 2186 47.94 0.49 -8.98
CA VAL B 2186 47.84 -0.71 -8.18
C VAL B 2186 47.87 -1.94 -9.05
N LEU B 2187 46.81 -2.11 -9.84
CA LEU B 2187 46.62 -3.31 -10.64
C LEU B 2187 47.85 -3.62 -11.45
N ILE B 2188 48.38 -2.58 -12.08
CA ILE B 2188 49.58 -2.68 -12.88
C ILE B 2188 50.67 -3.29 -12.03
N ARG B 2189 51.06 -2.56 -10.99
CA ARG B 2189 52.17 -2.96 -10.15
C ARG B 2189 52.02 -4.40 -9.73
N GLU B 2190 50.79 -4.77 -9.40
CA GLU B 2190 50.46 -6.14 -9.06
C GLU B 2190 50.88 -7.06 -10.18
N HIS B 2191 50.21 -6.95 -11.31
CA HIS B 2191 50.40 -7.88 -12.42
C HIS B 2191 51.85 -7.92 -12.88
N ARG B 2192 52.46 -6.76 -13.02
CA ARG B 2192 53.84 -6.64 -13.47
C ARG B 2192 54.77 -7.33 -12.50
N GLU B 2193 54.49 -7.19 -11.21
CA GLU B 2193 55.26 -7.89 -10.21
C GLU B 2193 54.85 -9.35 -10.24
N ALA B 2194 53.60 -9.60 -10.57
CA ALA B 2194 53.10 -10.95 -10.66
C ALA B 2194 53.50 -11.48 -12.01
N SER B 2195 54.11 -10.60 -12.79
CA SER B 2195 54.75 -10.98 -14.02
C SER B 2195 56.17 -11.34 -13.67
N LYS B 2196 56.47 -11.30 -12.37
CA LYS B 2196 57.76 -11.72 -11.87
C LYS B 2196 58.85 -10.89 -12.51
N ILE B 2197 58.92 -9.62 -12.13
CA ILE B 2197 59.75 -8.64 -12.79
C ILE B 2197 59.60 -7.34 -12.04
N PRO B 2198 60.67 -6.53 -12.04
CA PRO B 2198 60.77 -5.32 -11.21
C PRO B 2198 59.56 -4.42 -11.37
N LEU B 2199 59.03 -3.95 -10.25
CA LEU B 2199 57.88 -3.07 -10.27
C LEU B 2199 58.22 -1.86 -11.11
N ASN B 2200 59.29 -1.18 -10.73
CA ASN B 2200 59.74 -0.09 -11.56
C ASN B 2200 60.91 -0.56 -12.38
N ILE B 2201 60.67 -0.70 -13.67
CA ILE B 2201 61.76 -0.82 -14.61
C ILE B 2201 62.02 0.59 -15.03
N GLU B 2202 61.14 1.47 -14.57
CA GLU B 2202 61.16 2.86 -14.95
C GLU B 2202 62.29 3.53 -14.20
N HIS B 2203 62.15 3.61 -12.88
CA HIS B 2203 63.19 4.15 -12.03
C HIS B 2203 64.44 3.32 -12.19
N ARG B 2204 64.24 2.10 -12.67
CA ARG B 2204 65.34 1.18 -12.84
C ARG B 2204 66.12 1.63 -14.05
N ILE B 2205 65.50 1.58 -15.22
CA ILE B 2205 66.16 2.00 -16.45
C ILE B 2205 66.60 3.44 -16.33
N MET B 2206 66.01 4.17 -15.39
CA MET B 2206 66.32 5.57 -15.19
C MET B 2206 67.65 5.71 -14.50
N LEU B 2207 67.71 5.27 -13.25
CA LEU B 2207 68.94 5.33 -12.48
C LEU B 2207 70.05 4.65 -13.27
N GLN B 2208 69.68 3.58 -13.95
CA GLN B 2208 70.58 2.87 -14.83
C GLN B 2208 71.12 3.83 -15.86
N MET B 2209 70.21 4.55 -16.51
CA MET B 2209 70.60 5.47 -17.56
C MET B 2209 71.57 6.51 -17.01
N ALA B 2210 71.19 7.16 -15.91
CA ALA B 2210 72.07 8.13 -15.29
C ALA B 2210 71.68 8.38 -13.85
N PRO B 2211 72.42 9.25 -13.17
CA PRO B 2211 72.17 9.50 -11.75
C PRO B 2211 70.79 10.05 -11.43
N ASP B 2212 70.34 11.06 -12.17
CA ASP B 2212 69.04 11.68 -11.87
C ASP B 2212 68.35 12.27 -13.08
N TYR B 2213 67.03 12.23 -13.07
CA TYR B 2213 66.24 12.90 -14.09
C TYR B 2213 65.94 14.29 -13.60
N ASP B 2214 66.30 14.55 -12.35
CA ASP B 2214 66.04 15.83 -11.73
C ASP B 2214 66.75 16.92 -12.50
N ASN B 2215 68.04 16.72 -12.72
CA ASN B 2215 68.83 17.72 -13.42
C ASN B 2215 68.82 17.45 -14.90
N LEU B 2216 68.10 16.42 -15.32
CA LEU B 2216 68.08 16.01 -16.72
C LEU B 2216 67.63 17.16 -17.61
N THR B 2217 68.43 17.45 -18.64
CA THR B 2217 68.06 18.50 -19.55
C THR B 2217 67.01 17.98 -20.49
N LEU B 2218 66.52 18.84 -21.38
CA LEU B 2218 65.54 18.44 -22.36
C LEU B 2218 66.14 17.32 -23.18
N LEU B 2219 67.44 17.46 -23.42
CA LEU B 2219 68.17 16.51 -24.21
C LEU B 2219 68.36 15.28 -23.39
N GLN B 2220 69.08 15.43 -22.29
CA GLN B 2220 69.40 14.32 -21.42
C GLN B 2220 68.15 13.52 -21.11
N LYS B 2221 67.09 14.20 -20.70
CA LYS B 2221 65.85 13.52 -20.39
C LYS B 2221 65.32 12.85 -21.63
N VAL B 2222 65.47 13.50 -22.78
CA VAL B 2222 64.93 12.95 -24.01
C VAL B 2222 65.56 11.61 -24.32
N GLU B 2223 66.89 11.62 -24.44
CA GLU B 2223 67.62 10.42 -24.80
C GLU B 2223 67.37 9.36 -23.75
N VAL B 2224 67.24 9.79 -22.50
CA VAL B 2224 67.02 8.85 -21.42
C VAL B 2224 65.72 8.12 -21.63
N PHE B 2225 64.65 8.90 -21.75
CA PHE B 2225 63.32 8.38 -21.91
C PHE B 2225 63.28 7.50 -23.12
N THR B 2226 64.01 7.92 -24.14
CA THR B 2226 64.07 7.18 -25.38
C THR B 2226 64.65 5.81 -25.12
N TYR B 2227 65.83 5.78 -24.54
CA TYR B 2227 66.58 4.55 -24.34
C TYR B 2227 65.78 3.59 -23.50
N ALA B 2228 65.24 4.11 -22.41
CA ALA B 2228 64.43 3.31 -21.51
C ALA B 2228 63.25 2.74 -22.27
N LEU B 2229 62.56 3.62 -22.99
CA LEU B 2229 61.39 3.23 -23.76
C LEU B 2229 61.75 2.06 -24.65
N ASP B 2230 62.88 2.20 -25.32
CA ASP B 2230 63.41 1.17 -26.18
C ASP B 2230 63.53 -0.12 -25.38
N ASN B 2231 64.12 -0.02 -24.21
CA ASN B 2231 64.28 -1.16 -23.34
C ASN B 2231 62.92 -1.72 -22.95
N THR B 2232 61.95 -0.84 -22.76
CA THR B 2232 60.67 -1.23 -22.21
C THR B 2232 59.63 -1.51 -23.29
N LYS B 2233 58.41 -1.75 -22.82
CA LYS B 2233 57.21 -1.85 -23.66
C LYS B 2233 56.04 -2.09 -22.74
N GLY B 2234 54.84 -1.82 -23.24
CA GLY B 2234 53.64 -1.82 -22.41
C GLY B 2234 52.72 -2.98 -22.64
N GLN B 2235 53.20 -3.98 -23.36
CA GLN B 2235 52.37 -5.09 -23.78
C GLN B 2235 51.74 -5.77 -22.57
N ASP B 2236 52.36 -5.60 -21.41
CA ASP B 2236 51.85 -6.15 -20.17
C ASP B 2236 50.43 -5.69 -19.92
N LEU B 2237 50.13 -4.46 -20.30
CA LEU B 2237 48.80 -3.92 -20.15
C LEU B 2237 47.85 -4.74 -21.00
N TYR B 2238 48.19 -4.84 -22.27
CA TYR B 2238 47.38 -5.59 -23.22
C TYR B 2238 47.24 -7.01 -22.72
N LYS B 2239 48.22 -7.44 -21.95
CA LYS B 2239 48.26 -8.78 -21.43
C LYS B 2239 47.39 -8.90 -20.20
N VAL B 2240 47.06 -7.76 -19.63
CA VAL B 2240 46.14 -7.73 -18.52
C VAL B 2240 44.77 -7.86 -19.13
N LEU B 2241 44.60 -7.16 -20.24
CA LEU B 2241 43.41 -7.32 -21.04
C LEU B 2241 43.25 -8.80 -21.29
N TRP B 2242 44.32 -9.39 -21.80
CA TRP B 2242 44.34 -10.82 -22.08
C TRP B 2242 44.06 -11.62 -20.82
N LEU B 2243 44.41 -11.04 -19.67
CA LEU B 2243 44.16 -11.71 -18.41
C LEU B 2243 42.70 -11.55 -18.08
N LYS B 2244 42.19 -10.36 -18.36
CA LYS B 2244 40.78 -10.09 -18.17
C LYS B 2244 39.97 -10.68 -19.31
N SER B 2245 40.67 -11.21 -20.32
CA SER B 2245 40.07 -11.51 -21.62
C SER B 2245 39.02 -12.59 -21.56
N ARG B 2246 38.84 -13.23 -20.40
CA ARG B 2246 38.16 -14.51 -20.33
C ARG B 2246 36.82 -14.47 -21.05
N SER B 2247 36.56 -15.56 -21.79
CA SER B 2247 35.59 -15.68 -22.88
C SER B 2247 36.11 -15.06 -24.18
N SER B 2248 37.20 -14.30 -24.08
CA SER B 2248 38.02 -13.88 -25.22
C SER B 2248 37.28 -12.91 -26.13
N GLU B 2249 35.97 -12.80 -25.94
CA GLU B 2249 35.22 -11.77 -26.61
C GLU B 2249 35.25 -10.62 -25.65
N SER B 2250 35.74 -10.93 -24.46
CA SER B 2250 35.93 -9.92 -23.45
C SER B 2250 37.10 -9.10 -23.90
N TRP B 2251 38.08 -9.77 -24.52
CA TRP B 2251 39.24 -9.08 -25.02
C TRP B 2251 38.75 -7.99 -25.95
N LEU B 2252 37.97 -8.39 -26.95
CA LEU B 2252 37.39 -7.46 -27.91
C LEU B 2252 36.55 -6.37 -27.26
N ASP B 2253 35.45 -6.80 -26.69
CA ASP B 2253 34.44 -5.89 -26.17
C ASP B 2253 35.06 -4.91 -25.21
N ARG B 2254 35.74 -5.43 -24.20
CA ARG B 2254 36.33 -4.59 -23.20
C ARG B 2254 37.42 -3.74 -23.81
N ARG B 2255 38.00 -4.20 -24.92
CA ARG B 2255 38.97 -3.36 -25.60
C ARG B 2255 38.24 -2.12 -26.04
N THR B 2256 37.08 -2.32 -26.66
CA THR B 2256 36.28 -1.19 -27.09
C THR B 2256 35.88 -0.36 -25.89
N THR B 2257 35.69 -1.05 -24.77
CA THR B 2257 35.22 -0.40 -23.56
C THR B 2257 36.23 0.57 -23.08
N TYR B 2258 37.45 0.07 -22.88
CA TYR B 2258 38.54 0.89 -22.38
C TYR B 2258 38.86 1.93 -23.41
N THR B 2259 38.58 1.60 -24.66
CA THR B 2259 38.83 2.52 -25.74
C THR B 2259 38.00 3.75 -25.53
N ARG B 2260 36.69 3.51 -25.44
CA ARG B 2260 35.75 4.58 -25.28
C ARG B 2260 36.01 5.27 -23.96
N SER B 2261 36.51 4.50 -23.02
CA SER B 2261 36.80 5.01 -21.71
C SER B 2261 37.82 6.10 -21.88
N LEU B 2262 38.89 5.73 -22.55
CA LEU B 2262 39.95 6.64 -22.88
C LEU B 2262 39.38 7.85 -23.56
N ALA B 2263 38.43 7.61 -24.46
CA ALA B 2263 37.87 8.69 -25.25
C ALA B 2263 37.20 9.73 -24.38
N VAL B 2264 36.24 9.25 -23.59
CA VAL B 2264 35.40 10.11 -22.79
C VAL B 2264 36.29 10.84 -21.83
N MET B 2265 37.27 10.11 -21.31
CA MET B 2265 38.24 10.69 -20.42
C MET B 2265 38.85 11.86 -21.12
N SER B 2266 39.35 11.61 -22.32
CA SER B 2266 40.10 12.60 -23.07
C SER B 2266 39.28 13.86 -23.23
N MET B 2267 38.07 13.68 -23.72
CA MET B 2267 37.15 14.78 -23.89
C MET B 2267 37.04 15.52 -22.59
N VAL B 2268 36.79 14.76 -21.54
CA VAL B 2268 36.49 15.29 -20.24
C VAL B 2268 37.58 16.21 -19.76
N GLY B 2269 38.80 15.70 -19.72
CA GLY B 2269 39.91 16.47 -19.22
C GLY B 2269 40.25 17.64 -20.10
N TYR B 2270 40.44 17.36 -21.38
CA TYR B 2270 40.84 18.37 -22.35
C TYR B 2270 39.93 19.55 -22.20
N ILE B 2271 38.66 19.26 -22.00
CA ILE B 2271 37.73 20.26 -21.53
C ILE B 2271 38.22 20.84 -20.21
N LEU B 2272 38.18 20.01 -19.19
CA LEU B 2272 38.19 20.46 -17.82
C LEU B 2272 39.55 20.50 -17.17
N GLY B 2273 40.58 20.16 -17.92
CA GLY B 2273 41.89 20.00 -17.30
C GLY B 2273 41.77 18.93 -16.24
N LEU B 2274 42.46 19.14 -15.11
CA LEU B 2274 42.53 18.17 -14.03
C LEU B 2274 42.97 16.79 -14.51
N GLY B 2275 44.21 16.71 -14.97
CA GLY B 2275 44.72 15.46 -15.50
C GLY B 2275 44.94 14.35 -14.49
N ASP B 2276 45.66 14.69 -13.42
CA ASP B 2276 46.04 13.71 -12.42
C ASP B 2276 46.69 12.51 -13.09
N ARG B 2277 47.88 12.73 -13.65
CA ARG B 2277 48.56 11.74 -14.46
C ARG B 2277 48.91 10.51 -13.66
N HIS B 2278 48.77 10.62 -12.35
CA HIS B 2278 49.08 9.51 -11.47
C HIS B 2278 48.31 8.28 -11.92
N PRO B 2279 49.05 7.20 -12.17
CA PRO B 2279 48.37 5.92 -12.41
C PRO B 2279 47.63 5.52 -11.16
N SER B 2280 48.03 6.10 -10.05
CA SER B 2280 47.27 6.01 -8.83
C SER B 2280 45.97 6.72 -9.10
N ASN B 2281 46.09 7.96 -9.56
CA ASN B 2281 44.92 8.75 -9.91
C ASN B 2281 44.20 8.08 -11.07
N LEU B 2282 44.91 7.23 -11.79
CA LEU B 2282 44.29 6.46 -12.87
C LEU B 2282 43.69 5.16 -12.35
N MET B 2283 42.54 4.79 -12.91
CA MET B 2283 41.88 3.56 -12.50
C MET B 2283 40.97 3.04 -13.60
N LEU B 2284 40.60 1.78 -13.46
CA LEU B 2284 39.78 1.07 -14.43
C LEU B 2284 38.90 0.12 -13.65
N ASP B 2285 38.19 -0.77 -14.33
CA ASP B 2285 37.21 -1.61 -13.63
C ASP B 2285 37.51 -3.10 -13.67
N ARG B 2286 37.42 -3.73 -12.51
CA ARG B 2286 37.60 -5.17 -12.36
C ARG B 2286 36.44 -5.92 -13.01
N ILE B 2287 35.42 -5.17 -13.38
CA ILE B 2287 34.32 -5.69 -14.17
C ILE B 2287 34.81 -5.77 -15.59
N THR B 2288 33.90 -6.06 -16.53
CA THR B 2288 34.25 -6.10 -17.94
C THR B 2288 34.92 -4.79 -18.30
N GLY B 2289 34.61 -3.78 -17.51
CA GLY B 2289 35.53 -2.70 -17.30
C GLY B 2289 35.34 -1.41 -18.07
N LYS B 2290 35.74 -0.34 -17.41
CA LYS B 2290 35.83 0.97 -17.99
C LYS B 2290 36.84 1.72 -17.15
N VAL B 2291 37.40 2.78 -17.68
CA VAL B 2291 38.44 3.49 -16.97
C VAL B 2291 37.83 4.36 -15.91
N VAL B 2292 38.47 4.40 -14.74
CA VAL B 2292 38.04 5.31 -13.71
C VAL B 2292 39.05 6.43 -13.59
N HIS B 2293 38.65 7.61 -13.99
CA HIS B 2293 39.44 8.78 -13.70
C HIS B 2293 38.72 9.51 -12.59
N ILE B 2294 39.32 9.52 -11.41
CA ILE B 2294 38.63 10.07 -10.25
C ILE B 2294 39.52 11.05 -9.50
N ASP B 2295 38.99 11.58 -8.41
CA ASP B 2295 39.71 12.51 -7.55
C ASP B 2295 40.24 13.68 -8.36
N PHE B 2296 39.33 14.49 -8.87
CA PHE B 2296 39.73 15.55 -9.77
C PHE B 2296 40.16 16.76 -8.96
N GLY B 2297 41.41 17.17 -9.13
CA GLY B 2297 41.90 18.32 -8.41
C GLY B 2297 41.21 19.62 -8.80
N ASP B 2298 41.25 19.97 -10.09
CA ASP B 2298 40.67 21.22 -10.57
C ASP B 2298 40.88 21.49 -12.06
N CYS B 2299 40.11 22.43 -12.58
CA CYS B 2299 40.16 22.84 -13.97
C CYS B 2299 41.56 23.11 -14.47
N PHE B 2300 42.19 24.12 -13.88
CA PHE B 2300 43.43 24.69 -14.35
C PHE B 2300 44.56 23.69 -14.47
N GLU B 2301 45.43 23.92 -15.44
CA GLU B 2301 46.58 23.06 -15.68
C GLU B 2301 47.45 22.92 -14.44
N ALA B 2302 47.73 21.66 -14.09
CA ALA B 2302 48.65 21.37 -13.02
C ALA B 2302 50.02 21.87 -13.45
N ALA B 2303 50.29 21.77 -14.74
CA ALA B 2303 51.41 22.46 -15.33
C ALA B 2303 51.36 23.91 -14.87
N ILE B 2304 50.30 24.60 -15.29
CA ILE B 2304 50.08 25.98 -14.90
C ILE B 2304 50.18 26.10 -13.39
N LEU B 2305 49.55 25.17 -12.70
CA LEU B 2305 49.72 25.06 -11.26
C LEU B 2305 51.20 24.93 -10.91
N ARG B 2306 51.82 23.84 -11.36
CA ARG B 2306 53.20 23.51 -10.98
C ARG B 2306 54.15 24.67 -11.22
N GLU B 2307 55.09 24.96 -10.31
CA GLU B 2307 55.64 24.10 -9.23
C GLU B 2307 56.27 22.85 -9.82
N LYS B 2308 55.86 21.66 -9.40
CA LYS B 2308 56.65 20.48 -9.75
C LYS B 2308 56.26 19.99 -11.12
N TYR B 2309 57.24 20.01 -12.01
CA TYR B 2309 57.16 19.50 -13.39
C TYR B 2309 56.25 20.35 -14.27
N PRO B 2310 56.52 20.36 -15.59
CA PRO B 2310 55.73 20.93 -16.67
C PRO B 2310 54.80 19.95 -17.38
N GLU B 2311 53.82 19.35 -16.70
CA GLU B 2311 53.00 18.37 -17.41
C GLU B 2311 51.72 18.95 -17.97
N LYS B 2312 51.65 19.03 -19.29
CA LYS B 2312 50.38 19.30 -19.94
C LYS B 2312 50.16 18.39 -21.15
N VAL B 2313 49.12 17.57 -21.08
CA VAL B 2313 48.62 16.90 -22.26
C VAL B 2313 47.13 16.80 -22.09
N PRO B 2314 46.39 16.85 -23.19
CA PRO B 2314 44.95 16.71 -22.96
C PRO B 2314 44.61 15.38 -22.33
N PHE B 2315 45.20 14.32 -22.86
CA PHE B 2315 45.04 13.00 -22.27
C PHE B 2315 46.30 12.60 -21.54
N ARG B 2316 46.27 11.40 -20.98
CA ARG B 2316 47.48 10.75 -20.49
C ARG B 2316 47.42 9.30 -20.94
N LEU B 2317 48.42 8.87 -21.71
CA LEU B 2317 48.39 7.52 -22.22
C LEU B 2317 49.69 6.78 -21.99
N THR B 2318 49.65 5.70 -21.21
CA THR B 2318 50.81 4.85 -21.12
C THR B 2318 50.94 4.34 -22.52
N ARG B 2319 52.13 4.52 -23.08
CA ARG B 2319 52.32 4.50 -24.51
C ARG B 2319 51.78 3.23 -25.13
N MET B 2320 52.44 2.11 -24.84
CA MET B 2320 52.05 0.87 -25.46
C MET B 2320 50.85 0.28 -24.76
N LEU B 2321 50.54 0.77 -23.56
CA LEU B 2321 49.28 0.43 -22.95
C LEU B 2321 48.20 0.87 -23.90
N THR B 2322 48.12 2.18 -24.07
CA THR B 2322 47.16 2.79 -24.98
C THR B 2322 47.23 2.15 -26.36
N TYR B 2323 48.44 2.07 -26.89
CA TYR B 2323 48.66 1.56 -28.23
C TYR B 2323 48.11 0.16 -28.40
N ALA B 2324 48.74 -0.77 -27.69
CA ALA B 2324 48.41 -2.18 -27.78
C ALA B 2324 46.99 -2.45 -27.31
N MET B 2325 46.36 -1.45 -26.69
CA MET B 2325 44.98 -1.61 -26.28
C MET B 2325 44.15 -2.02 -27.49
N GLU B 2326 44.18 -1.21 -28.54
CA GLU B 2326 43.59 -1.63 -29.80
C GLU B 2326 44.46 -1.29 -30.98
N VAL B 2327 44.89 -2.31 -31.71
CA VAL B 2327 45.48 -2.16 -33.03
C VAL B 2327 46.51 -1.05 -33.08
N SER B 2328 46.37 -0.17 -34.07
CA SER B 2328 47.12 1.07 -34.09
C SER B 2328 46.44 1.94 -33.06
N GLY B 2329 47.21 2.40 -32.08
CA GLY B 2329 46.62 2.98 -30.89
C GLY B 2329 45.69 4.15 -31.16
N ILE B 2330 44.47 3.99 -30.70
CA ILE B 2330 43.44 5.03 -30.70
C ILE B 2330 43.38 5.70 -32.05
N GLU B 2331 43.62 4.94 -33.11
CA GLU B 2331 43.60 5.57 -34.41
C GLU B 2331 42.17 5.99 -34.70
N GLY B 2332 41.27 5.00 -34.67
CA GLY B 2332 39.85 5.27 -34.77
C GLY B 2332 39.23 5.52 -33.42
N SER B 2333 39.86 4.96 -32.40
CA SER B 2333 39.32 5.03 -31.06
C SER B 2333 39.35 6.46 -30.64
N PHE B 2334 40.50 7.09 -30.77
CA PHE B 2334 40.57 8.50 -30.49
C PHE B 2334 39.91 9.25 -31.61
N ARG B 2335 39.71 8.59 -32.75
CA ARG B 2335 38.99 9.27 -33.83
C ARG B 2335 37.53 9.24 -33.46
N ILE B 2336 37.11 8.15 -32.86
CA ILE B 2336 35.76 8.08 -32.33
C ILE B 2336 35.65 9.21 -31.33
N THR B 2337 36.67 9.31 -30.48
CA THR B 2337 36.73 10.32 -29.45
C THR B 2337 36.62 11.68 -30.08
N CYS B 2338 37.14 11.78 -31.30
CA CYS B 2338 37.15 13.02 -32.01
C CYS B 2338 35.73 13.33 -32.36
N GLU B 2339 35.02 12.35 -32.90
CA GLU B 2339 33.63 12.51 -33.24
C GLU B 2339 32.87 13.03 -32.05
N ASN B 2340 33.05 12.34 -30.94
CA ASN B 2340 32.34 12.66 -29.72
C ASN B 2340 32.62 14.08 -29.30
N VAL B 2341 33.91 14.33 -29.09
CA VAL B 2341 34.37 15.60 -28.57
C VAL B 2341 33.97 16.69 -29.52
N MET B 2342 33.69 16.32 -30.76
CA MET B 2342 33.30 17.28 -31.77
C MET B 2342 31.87 17.61 -31.55
N MET B 2343 31.07 16.60 -31.24
CA MET B 2343 29.67 16.83 -30.96
C MET B 2343 29.61 17.78 -29.79
N VAL B 2344 30.40 17.44 -28.79
CA VAL B 2344 30.60 18.28 -27.62
C VAL B 2344 30.92 19.67 -28.09
N LEU B 2345 31.86 19.74 -29.01
CA LEU B 2345 32.40 21.00 -29.48
C LEU B 2345 31.38 21.76 -30.29
N ARG B 2346 30.28 21.10 -30.58
CA ARG B 2346 29.21 21.72 -31.32
C ARG B 2346 28.04 21.91 -30.39
N ASP B 2347 27.40 20.78 -30.08
CA ASP B 2347 26.23 20.80 -29.24
C ASP B 2347 26.59 21.29 -27.87
N ASN B 2348 25.85 22.28 -27.39
CA ASN B 2348 25.93 22.72 -26.00
C ASN B 2348 27.27 23.37 -25.69
N LYS B 2349 28.16 23.25 -26.66
CA LYS B 2349 29.49 23.83 -26.61
C LYS B 2349 29.35 25.29 -26.32
N GLU B 2350 28.27 25.87 -26.82
CA GLU B 2350 28.03 27.24 -26.46
C GLU B 2350 27.33 27.23 -25.12
N SER B 2351 26.07 26.82 -25.13
CA SER B 2351 25.22 27.11 -23.99
C SER B 2351 25.57 26.32 -22.76
N LEU B 2352 25.63 25.00 -22.91
CA LEU B 2352 25.76 24.18 -21.72
C LEU B 2352 27.18 24.21 -21.26
N MET B 2353 28.09 24.25 -22.22
CA MET B 2353 29.49 24.37 -21.88
C MET B 2353 29.67 25.59 -21.03
N ALA B 2354 29.25 26.74 -21.55
CA ALA B 2354 29.38 28.00 -20.83
C ALA B 2354 28.66 27.93 -19.51
N ILE B 2355 27.60 27.14 -19.46
CA ILE B 2355 26.80 27.01 -18.25
C ILE B 2355 27.64 26.35 -17.18
N LEU B 2356 28.19 25.18 -17.51
CA LEU B 2356 29.01 24.43 -16.58
C LEU B 2356 30.21 25.25 -16.21
N GLU B 2357 30.61 26.11 -17.14
CA GLU B 2357 31.70 27.02 -16.88
C GLU B 2357 31.29 27.92 -15.75
N ALA B 2358 30.11 28.50 -15.88
CA ALA B 2358 29.58 29.37 -14.86
C ALA B 2358 29.54 28.60 -13.57
N PHE B 2359 29.26 27.31 -13.67
CA PHE B 2359 29.23 26.46 -12.50
C PHE B 2359 30.60 26.50 -11.85
N ALA B 2360 31.63 26.36 -12.66
CA ALA B 2360 32.98 26.45 -12.14
C ALA B 2360 33.24 27.87 -11.67
N TYR B 2361 32.64 28.81 -12.39
CA TYR B 2361 32.67 30.22 -12.02
C TYR B 2361 31.87 30.31 -10.75
N ASP B 2362 32.03 31.42 -10.01
CA ASP B 2362 31.39 31.60 -8.70
C ASP B 2362 32.10 30.86 -7.57
N PRO B 2363 31.68 31.17 -6.33
CA PRO B 2363 31.85 31.44 -4.90
C PRO B 2363 32.45 30.37 -4.00
N LEU B 2364 32.48 30.71 -2.72
CA LEU B 2364 33.50 30.29 -1.76
C LEU B 2364 33.85 28.82 -1.73
N ILE B 2365 32.88 27.94 -1.89
CA ILE B 2365 33.22 26.53 -2.02
C ILE B 2365 33.90 26.36 -3.36
N ASN B 2366 33.21 26.82 -4.40
CA ASN B 2366 33.70 26.73 -5.76
C ASN B 2366 34.91 27.62 -5.90
N TRP B 2367 34.80 28.84 -5.38
CA TRP B 2367 35.93 29.74 -5.31
C TRP B 2367 37.07 29.10 -4.53
N GLY B 2368 36.73 28.12 -3.70
CA GLY B 2368 37.73 27.34 -3.00
C GLY B 2368 38.46 26.36 -3.88
N PHE B 2369 37.71 25.61 -4.67
CA PHE B 2369 38.30 24.65 -5.59
C PHE B 2369 39.19 25.37 -6.58
N ASP B 2370 38.68 26.50 -7.06
CA ASP B 2370 39.37 27.27 -8.07
C ASP B 2370 40.52 28.06 -7.49
N LEU B 2371 40.39 28.48 -6.24
CA LEU B 2371 41.52 29.09 -5.56
C LEU B 2371 42.61 28.07 -5.57
N PRO B 2372 42.31 26.90 -4.98
CA PRO B 2372 43.21 25.73 -4.92
C PRO B 2372 43.70 25.39 -6.30
N THR B 2373 42.89 25.69 -7.31
CA THR B 2373 43.30 25.47 -8.69
C THR B 2373 44.49 26.34 -9.03
N HIS B 2374 44.68 27.45 -8.33
CA HIS B 2374 45.79 28.33 -8.68
C HIS B 2374 47.13 27.73 -8.19
N ALA B 2375 47.40 27.53 -6.89
CA ALA B 2375 46.50 27.75 -5.77
C ALA B 2375 46.68 29.17 -5.21
N VAL B 2376 46.01 29.46 -4.11
CA VAL B 2376 46.17 30.75 -3.44
C VAL B 2376 47.64 30.95 -3.10
N MET B 2377 48.32 29.83 -2.84
CA MET B 2377 49.76 29.85 -2.59
C MET B 2377 50.51 30.09 -3.89
N GLU B 2378 49.90 29.72 -5.01
CA GLU B 2378 50.47 30.04 -6.31
C GLU B 2378 49.94 31.39 -6.74
N GLN B 2379 48.98 31.88 -5.96
CA GLN B 2379 48.43 33.21 -6.12
C GLN B 2379 49.25 34.14 -5.25
N THR B 2380 50.28 33.61 -4.63
CA THR B 2380 51.08 34.35 -3.65
C THR B 2380 52.03 35.32 -4.33
N GLY B 2381 52.93 35.92 -3.56
CA GLY B 2381 53.38 37.28 -3.79
C GLY B 2381 54.04 37.70 -5.08
N ILE B 2382 54.07 39.02 -5.20
CA ILE B 2382 54.25 39.78 -6.41
C ILE B 2382 54.81 41.11 -5.96
N ASP B 2383 54.81 42.10 -6.85
CA ASP B 2383 55.39 43.42 -6.56
C ASP B 2383 55.03 44.08 -5.19
N LEU B 2384 53.79 44.04 -4.67
CA LEU B 2384 52.58 43.50 -5.27
C LEU B 2384 51.38 44.42 -5.12
N PRO B 2385 51.46 45.65 -5.65
CA PRO B 2385 50.09 46.17 -5.64
C PRO B 2385 49.41 45.85 -6.96
N LEU B 2386 48.14 46.18 -7.15
CA LEU B 2386 47.67 46.35 -8.52
C LEU B 2386 48.27 47.65 -9.02
N ALA B 2387 48.00 48.72 -8.27
CA ALA B 2387 48.77 49.95 -8.33
C ALA B 2387 49.15 50.45 -6.93
N ASN B 2388 48.11 50.87 -6.21
CA ASN B 2388 48.19 51.47 -4.88
C ASN B 2388 48.64 50.57 -3.73
N PRO B 2389 48.10 49.34 -3.67
CA PRO B 2389 47.94 48.48 -2.49
C PRO B 2389 49.22 48.25 -1.69
N SER B 2390 50.38 48.43 -2.31
CA SER B 2390 51.63 48.34 -1.58
C SER B 2390 51.79 49.61 -0.75
N GLU B 2391 51.93 50.74 -1.43
CA GLU B 2391 52.01 52.04 -0.75
C GLU B 2391 50.69 52.43 -0.11
N LEU B 2392 49.62 51.69 -0.40
CA LEU B 2392 48.31 51.97 0.18
C LEU B 2392 48.10 51.23 1.49
N LEU B 2393 49.04 50.36 1.83
CA LEU B 2393 49.05 49.67 3.11
C LEU B 2393 49.84 50.51 4.11
N ARG B 2394 50.28 51.67 3.62
CA ARG B 2394 51.06 52.64 4.39
C ARG B 2394 50.14 53.47 5.25
N LYS B 2395 50.68 54.55 5.80
CA LYS B 2395 50.11 55.28 6.93
C LYS B 2395 48.73 55.84 6.61
N GLY B 2396 48.33 55.73 5.34
CA GLY B 2396 46.92 55.80 4.99
C GLY B 2396 46.11 54.72 5.71
N VAL B 2397 46.79 53.73 6.27
CA VAL B 2397 46.17 52.81 7.22
C VAL B 2397 46.03 53.63 8.52
N ILE B 2398 45.46 53.15 9.62
CA ILE B 2398 45.06 51.79 9.94
C ILE B 2398 43.68 51.45 9.42
N SER B 2399 43.07 52.40 8.71
CA SER B 2399 41.70 52.23 8.23
C SER B 2399 41.52 50.91 7.50
N VAL B 2400 42.61 50.40 6.92
CA VAL B 2400 42.65 49.03 6.41
C VAL B 2400 42.19 48.04 7.47
N GLU B 2401 42.58 48.27 8.73
CA GLU B 2401 42.12 47.43 9.84
C GLU B 2401 40.69 47.78 10.22
N ASP B 2402 40.32 49.04 10.05
CA ASP B 2402 38.97 49.49 10.33
C ASP B 2402 38.00 49.05 9.25
N ALA B 2403 38.41 49.23 8.00
CA ALA B 2403 37.61 48.86 6.83
C ALA B 2403 37.64 47.36 6.61
N ALA B 2404 38.83 46.83 6.31
CA ALA B 2404 39.00 45.44 5.92
C ALA B 2404 38.16 45.13 4.70
N LYS B 2405 37.23 44.19 4.84
CA LYS B 2405 36.50 43.66 3.70
C LYS B 2405 37.54 43.13 2.73
N MET B 2406 37.59 43.70 1.54
CA MET B 2406 38.63 43.36 0.59
C MET B 2406 39.96 44.05 0.90
N GLU B 2407 41.11 43.37 0.82
CA GLU B 2407 41.28 41.90 0.82
C GLU B 2407 40.51 41.06 -0.19
N LEU B 2408 39.67 40.18 0.33
CA LEU B 2408 39.13 39.03 -0.38
C LEU B 2408 38.44 39.33 -1.70
N GLN B 2409 37.91 40.53 -1.89
CA GLN B 2409 37.28 40.83 -3.17
C GLN B 2409 38.35 41.07 -4.23
N GLN B 2410 39.58 41.28 -3.78
CA GLN B 2410 40.69 41.43 -4.70
C GLN B 2410 41.01 40.06 -5.23
N LYS B 2411 41.41 39.18 -4.32
CA LYS B 2411 41.67 37.79 -4.64
C LYS B 2411 40.54 37.15 -5.43
N ALA B 2412 39.30 37.49 -5.07
CA ALA B 2412 38.14 36.90 -5.73
C ALA B 2412 37.95 37.54 -7.09
N GLU B 2413 38.40 38.78 -7.23
CA GLU B 2413 38.39 39.41 -8.54
C GLU B 2413 39.36 38.65 -9.40
N VAL B 2414 40.45 38.23 -8.79
CA VAL B 2414 41.47 37.47 -9.48
C VAL B 2414 40.93 36.09 -9.77
N ARG B 2415 39.98 35.66 -8.95
CA ARG B 2415 39.36 34.38 -9.15
C ARG B 2415 38.54 34.49 -10.40
N ASN B 2416 37.77 35.57 -10.48
CA ASN B 2416 36.96 35.85 -11.65
C ASN B 2416 37.84 36.02 -12.86
N ALA B 2417 39.08 36.45 -12.64
CA ALA B 2417 40.01 36.69 -13.72
C ALA B 2417 40.48 35.37 -14.27
N ARG B 2418 40.92 34.50 -13.37
CA ARG B 2418 41.41 33.20 -13.74
C ARG B 2418 40.29 32.43 -14.38
N ALA B 2419 39.07 32.72 -13.93
CA ALA B 2419 37.88 32.09 -14.43
C ALA B 2419 37.65 32.56 -15.84
N THR B 2420 37.84 33.85 -16.04
CA THR B 2420 37.63 34.47 -17.33
C THR B 2420 38.59 33.81 -18.29
N LEU B 2421 39.82 33.67 -17.84
CA LEU B 2421 40.86 33.06 -18.64
C LEU B 2421 40.51 31.62 -18.89
N VAL B 2422 39.82 31.02 -17.94
CA VAL B 2422 39.51 29.61 -18.00
C VAL B 2422 38.54 29.40 -19.12
N LEU B 2423 37.46 30.17 -19.07
CA LEU B 2423 36.42 30.09 -20.07
C LEU B 2423 37.00 30.48 -21.40
N LYS B 2424 37.96 31.39 -21.37
CA LYS B 2424 38.64 31.81 -22.57
C LYS B 2424 39.26 30.59 -23.18
N ARG B 2425 39.93 29.84 -22.32
CA ARG B 2425 40.60 28.63 -22.73
C ARG B 2425 39.59 27.57 -23.10
N ILE B 2426 38.34 27.77 -22.71
CA ILE B 2426 37.29 26.86 -23.08
C ILE B 2426 36.89 27.14 -24.51
N ALA B 2427 36.73 28.42 -24.82
CA ALA B 2427 36.33 28.85 -26.15
C ALA B 2427 37.42 28.47 -27.13
N ASP B 2428 38.64 28.63 -26.67
CA ASP B 2428 39.77 28.11 -27.40
C ASP B 2428 39.53 26.62 -27.52
N LYS B 2429 39.34 25.97 -26.38
CA LYS B 2429 39.11 24.54 -26.39
C LYS B 2429 37.89 24.23 -27.24
N LEU B 2430 36.82 24.98 -27.03
CA LEU B 2430 35.59 24.60 -27.70
C LEU B 2430 35.43 25.34 -28.99
N THR B 2431 35.54 24.57 -30.07
CA THR B 2431 34.98 24.94 -31.38
C THR B 2431 35.66 25.95 -32.34
N GLY B 2432 36.78 26.63 -32.03
CA GLY B 2432 37.70 26.38 -30.95
C GLY B 2432 39.05 26.95 -31.34
N ASN B 2433 40.07 26.69 -30.53
CA ASN B 2433 41.41 27.20 -30.79
C ASN B 2433 42.42 26.75 -29.74
N ASP B 2434 43.69 26.84 -30.10
CA ASP B 2434 44.82 26.54 -29.22
C ASP B 2434 45.99 26.70 -30.15
N PHE B 2435 47.20 26.78 -29.61
CA PHE B 2435 48.39 26.67 -30.46
C PHE B 2435 48.57 27.93 -31.29
N PRO B 2436 49.74 28.07 -31.93
CA PRO B 2436 50.13 29.25 -32.69
C PRO B 2436 49.09 29.73 -33.69
N ARG B 2437 48.47 28.81 -34.43
CA ARG B 2437 47.33 29.22 -35.24
C ARG B 2437 46.08 28.75 -34.53
N CYS B 2438 44.91 29.06 -35.06
CA CYS B 2438 43.68 28.60 -34.45
C CYS B 2438 42.69 27.97 -35.42
N GLN B 2439 42.17 28.84 -36.27
CA GLN B 2439 40.91 28.65 -36.97
C GLN B 2439 39.87 28.28 -35.92
N GLU B 2440 38.98 27.35 -36.25
CA GLU B 2440 38.39 26.48 -35.26
C GLU B 2440 39.36 25.36 -35.03
N LEU B 2441 39.87 24.91 -36.17
CA LEU B 2441 40.63 23.68 -36.39
C LEU B 2441 39.67 22.50 -36.37
N SER B 2442 38.50 22.76 -35.82
CA SER B 2442 37.36 21.88 -35.79
C SER B 2442 37.70 20.48 -35.33
N VAL B 2443 37.06 19.51 -35.96
CA VAL B 2443 37.25 18.13 -35.58
C VAL B 2443 38.62 17.64 -35.95
N PRO B 2444 38.94 17.77 -37.24
CA PRO B 2444 40.11 17.06 -37.73
C PRO B 2444 41.35 17.54 -37.06
N ASP B 2445 41.44 18.86 -36.98
CA ASP B 2445 42.66 19.48 -36.52
C ASP B 2445 42.63 19.39 -35.02
N GLN B 2446 41.66 20.01 -34.35
CA GLN B 2446 41.73 20.04 -32.89
C GLN B 2446 41.97 18.62 -32.37
N VAL B 2447 41.40 17.64 -33.05
CA VAL B 2447 41.72 16.25 -32.73
C VAL B 2447 43.17 15.96 -33.01
N ASP B 2448 43.67 16.44 -34.13
CA ASP B 2448 45.03 16.15 -34.53
C ASP B 2448 46.03 16.70 -33.53
N LYS B 2449 45.95 18.01 -33.30
CA LYS B 2449 46.82 18.69 -32.37
C LYS B 2449 46.68 18.08 -31.01
N LEU B 2450 45.47 17.61 -30.70
CA LEU B 2450 45.28 16.86 -29.48
C LEU B 2450 46.18 15.65 -29.52
N ILE B 2451 46.14 14.95 -30.65
CA ILE B 2451 46.83 13.68 -30.80
C ILE B 2451 48.31 13.91 -30.71
N GLN B 2452 48.74 15.08 -31.12
CA GLN B 2452 50.14 15.45 -31.06
C GLN B 2452 50.49 15.64 -29.62
N GLN B 2453 49.64 16.41 -28.95
CA GLN B 2453 49.79 16.69 -27.54
C GLN B 2453 49.86 15.40 -26.76
N ALA B 2454 49.24 14.37 -27.32
CA ALA B 2454 49.30 13.05 -26.73
C ALA B 2454 50.63 12.41 -27.07
N THR B 2455 51.03 12.62 -28.32
CA THR B 2455 52.23 12.00 -28.86
C THR B 2455 53.44 12.63 -28.23
N SER B 2456 53.46 13.95 -28.25
CA SER B 2456 54.58 14.70 -27.72
C SER B 2456 54.30 15.05 -26.27
N VAL B 2457 55.31 15.00 -25.41
CA VAL B 2457 56.68 14.73 -25.78
C VAL B 2457 57.31 14.08 -24.59
N GLU B 2458 58.63 13.96 -24.61
CA GLU B 2458 59.33 13.79 -23.36
C GLU B 2458 58.98 14.99 -22.49
N ASN B 2459 58.73 16.12 -23.13
CA ASN B 2459 58.28 17.33 -22.45
C ASN B 2459 57.03 17.02 -21.65
N LEU B 2460 56.12 16.30 -22.27
CA LEU B 2460 55.04 15.66 -21.55
C LEU B 2460 55.66 14.81 -20.47
N CYS B 2461 56.43 13.81 -20.91
CA CYS B 2461 57.00 12.80 -20.03
C CYS B 2461 57.88 13.44 -18.97
N GLN B 2462 58.20 14.72 -19.17
CA GLN B 2462 58.89 15.51 -18.17
C GLN B 2462 58.08 15.60 -16.88
N HIS B 2463 56.82 15.19 -16.92
CA HIS B 2463 56.00 15.10 -15.71
C HIS B 2463 56.72 14.26 -14.66
N TYR B 2464 56.83 14.78 -13.44
CA TYR B 2464 57.75 14.17 -12.49
C TYR B 2464 57.06 13.16 -11.62
N ILE B 2465 57.41 11.90 -11.84
CA ILE B 2465 57.03 10.78 -11.00
C ILE B 2465 55.53 10.53 -11.05
N GLY B 2466 54.79 11.46 -11.65
CA GLY B 2466 53.35 11.33 -11.71
C GLY B 2466 52.91 10.83 -13.05
N TRP B 2467 53.84 10.86 -13.99
CA TRP B 2467 53.58 10.36 -15.31
C TRP B 2467 53.60 8.84 -15.28
N CYS B 2468 54.55 8.30 -14.51
CA CYS B 2468 54.75 6.85 -14.40
C CYS B 2468 54.90 6.22 -15.78
N SER B 2469 55.76 6.82 -16.60
CA SER B 2469 55.98 6.36 -17.96
C SER B 2469 56.41 4.90 -18.00
N VAL C 3 96.23 23.46 -24.96
CA VAL C 3 95.25 22.61 -25.60
C VAL C 3 94.75 21.55 -24.63
N ILE C 4 94.39 21.98 -23.42
CA ILE C 4 93.86 21.07 -22.42
C ILE C 4 92.53 20.52 -22.89
N LEU C 5 92.28 19.25 -22.64
CA LEU C 5 91.08 18.58 -23.13
C LEU C 5 90.34 17.82 -22.02
N ALA C 6 89.03 18.05 -21.94
CA ALA C 6 88.18 17.33 -20.99
C ALA C 6 86.72 17.32 -21.44
N SER C 7 85.95 16.39 -20.90
CA SER C 7 84.52 16.29 -21.20
C SER C 7 83.75 15.94 -19.92
N ALA C 8 82.44 16.14 -19.95
CA ALA C 8 81.60 15.94 -18.78
C ALA C 8 80.40 15.04 -19.03
N GLY C 9 80.27 13.99 -18.22
CA GLY C 9 79.16 13.07 -18.35
C GLY C 9 78.07 13.18 -17.31
N TYR C 10 77.04 12.37 -17.50
CA TYR C 10 76.00 12.20 -16.50
C TYR C 10 76.55 11.35 -15.37
N ASP C 11 77.75 10.81 -15.61
CA ASP C 11 78.49 10.08 -14.60
C ASP C 11 78.91 11.03 -13.48
N HIS C 12 78.70 12.32 -13.71
CA HIS C 12 78.86 13.35 -12.67
C HIS C 12 80.32 13.60 -12.33
N THR C 13 81.23 12.83 -12.93
CA THR C 13 82.65 13.02 -12.72
C THR C 13 83.37 13.29 -14.03
N ILE C 14 84.30 14.24 -14.01
CA ILE C 14 85.04 14.59 -15.21
C ILE C 14 86.54 14.56 -14.94
N ARG C 15 87.32 14.31 -16.00
CA ARG C 15 88.77 14.29 -15.89
C ARG C 15 89.38 14.83 -17.18
N PHE C 16 90.51 15.54 -17.05
CA PHE C 16 91.11 16.18 -18.21
C PHE C 16 91.91 15.21 -19.05
N TRP C 17 91.53 15.08 -20.31
CA TRP C 17 92.24 14.23 -21.25
C TRP C 17 93.53 14.92 -21.67
N GLU C 18 94.58 14.15 -21.91
CA GLU C 18 95.84 14.75 -22.34
C GLU C 18 95.73 15.19 -23.79
N ALA C 19 96.77 15.82 -24.32
CA ALA C 19 96.68 16.43 -25.63
C ALA C 19 96.31 15.48 -26.77
N LEU C 20 97.24 14.60 -27.14
CA LEU C 20 96.93 13.55 -28.10
C LEU C 20 96.61 12.21 -27.45
N THR C 21 96.73 12.16 -26.12
CA THR C 21 96.55 10.88 -25.42
C THR C 21 95.07 10.60 -25.27
N GLY C 22 94.31 11.65 -24.97
CA GLY C 22 92.90 11.50 -24.69
C GLY C 22 92.66 10.77 -23.38
N VAL C 23 93.75 10.46 -22.69
CA VAL C 23 93.65 9.82 -21.39
C VAL C 23 93.26 10.89 -20.40
N CYS C 24 92.15 10.67 -19.70
CA CYS C 24 91.58 11.74 -18.90
C CYS C 24 92.09 11.66 -17.47
N SER C 25 92.89 12.65 -17.10
CA SER C 25 93.38 12.75 -15.73
C SER C 25 93.19 14.15 -15.18
N ARG C 26 92.35 14.23 -14.16
CA ARG C 26 92.09 15.43 -13.38
C ARG C 26 91.02 15.03 -12.40
N THR C 27 90.78 15.83 -11.38
CA THR C 27 89.58 15.62 -10.59
C THR C 27 88.61 16.73 -10.89
N ILE C 28 87.54 16.39 -11.59
CA ILE C 28 86.46 17.32 -11.85
C ILE C 28 85.17 16.59 -11.54
N GLN C 29 84.44 17.08 -10.55
CA GLN C 29 83.23 16.41 -10.15
C GLN C 29 82.03 17.27 -10.45
N HIS C 30 81.21 16.82 -11.40
CA HIS C 30 79.91 17.41 -11.62
C HIS C 30 79.01 16.92 -10.49
N ALA C 31 79.54 15.96 -9.73
CA ALA C 31 78.79 15.15 -8.79
C ALA C 31 78.00 16.02 -7.83
N ASP C 32 76.81 15.54 -7.50
CA ASP C 32 75.64 16.31 -7.05
C ASP C 32 74.89 16.80 -8.29
N SER C 33 75.45 16.49 -9.47
CA SER C 33 74.87 16.93 -10.74
C SER C 33 75.67 16.43 -11.94
N GLN C 34 75.15 16.69 -13.12
CA GLN C 34 75.92 16.58 -14.34
C GLN C 34 76.54 17.94 -14.60
N VAL C 35 77.11 18.12 -15.79
CA VAL C 35 77.48 19.45 -16.25
C VAL C 35 76.72 19.69 -17.55
N ASN C 36 76.13 20.86 -17.70
CA ASN C 36 75.28 21.10 -18.86
C ASN C 36 76.15 21.46 -20.06
N ARG C 37 76.74 22.64 -20.03
CA ARG C 37 77.73 22.99 -21.03
C ARG C 37 79.08 22.72 -20.43
N LEU C 38 80.14 22.97 -21.19
CA LEU C 38 81.47 22.96 -20.62
C LEU C 38 82.27 24.14 -21.15
N GLU C 39 82.76 24.98 -20.24
CA GLU C 39 83.54 26.15 -20.63
C GLU C 39 84.67 26.44 -19.64
N ILE C 40 85.85 26.75 -20.17
CA ILE C 40 86.97 27.20 -19.37
C ILE C 40 87.06 28.71 -19.51
N THR C 41 88.05 29.34 -18.88
CA THR C 41 88.20 30.78 -18.99
C THR C 41 88.96 31.16 -20.26
N SER C 42 89.13 32.46 -20.48
CA SER C 42 89.85 32.96 -21.64
C SER C 42 91.32 32.62 -21.48
N ASP C 43 91.80 32.76 -20.25
CA ASP C 43 93.15 32.36 -19.89
C ASP C 43 93.13 30.93 -19.38
N LYS C 44 91.95 30.33 -19.41
CA LYS C 44 91.72 29.01 -18.86
C LYS C 44 92.07 29.00 -17.38
N LYS C 45 91.57 30.01 -16.67
CA LYS C 45 91.74 30.11 -15.23
C LYS C 45 90.77 29.19 -14.53
N TYR C 46 89.48 29.51 -14.65
CA TYR C 46 88.43 28.71 -14.04
C TYR C 46 87.50 28.15 -15.12
N LEU C 47 86.82 27.06 -14.80
CA LEU C 47 85.89 26.44 -15.73
C LEU C 47 84.56 26.14 -15.06
N ALA C 48 83.48 26.77 -15.54
CA ALA C 48 82.19 26.67 -14.86
C ALA C 48 81.13 25.94 -15.66
N ALA C 49 80.29 25.17 -14.96
CA ALA C 49 79.14 24.50 -15.58
C ALA C 49 78.06 24.18 -14.54
N ALA C 50 76.84 23.94 -14.98
CA ALA C 50 75.74 23.62 -14.07
C ALA C 50 74.91 22.41 -14.48
N GLY C 51 74.94 21.35 -13.67
CA GLY C 51 73.99 20.27 -13.85
C GLY C 51 72.60 20.59 -13.39
N HIS C 52 72.49 21.10 -12.16
CA HIS C 52 71.21 21.62 -11.68
C HIS C 52 71.35 22.93 -10.93
N LEU C 53 70.72 23.97 -11.45
CA LEU C 53 70.31 25.14 -10.66
C LEU C 53 71.44 26.01 -10.14
N HIS C 54 72.67 25.53 -10.21
CA HIS C 54 73.80 26.33 -9.75
C HIS C 54 75.02 26.17 -10.64
N VAL C 55 75.60 27.29 -11.04
CA VAL C 55 76.82 27.28 -11.83
C VAL C 55 77.98 27.00 -10.88
N ARG C 56 78.90 26.15 -11.33
CA ARG C 56 80.03 25.79 -10.51
C ARG C 56 81.32 25.84 -11.32
N LEU C 57 82.24 26.69 -10.88
CA LEU C 57 83.55 26.82 -11.49
C LEU C 57 84.63 26.08 -10.71
N TYR C 58 85.36 25.23 -11.41
CA TYR C 58 86.55 24.58 -10.88
C TYR C 58 87.71 25.01 -11.75
N ASP C 59 88.81 25.43 -11.13
CA ASP C 59 89.87 26.13 -11.84
C ASP C 59 90.46 25.32 -12.99
N ILE C 60 90.49 25.94 -14.17
CA ILE C 60 91.09 25.32 -15.33
C ILE C 60 92.61 25.48 -15.24
N ARG C 61 93.05 26.56 -14.60
CA ARG C 61 94.46 26.85 -14.46
C ARG C 61 95.09 25.97 -13.39
N SER C 62 94.33 25.71 -12.33
CA SER C 62 94.81 24.89 -11.22
C SER C 62 94.39 23.44 -11.43
N ASN C 63 95.25 22.51 -11.05
CA ASN C 63 94.96 21.12 -11.31
C ASN C 63 93.97 20.60 -10.28
N ASN C 64 92.84 20.16 -10.80
CA ASN C 64 91.71 19.70 -10.00
C ASN C 64 91.43 20.58 -8.78
N PRO C 65 91.41 21.91 -8.98
CA PRO C 65 90.81 22.61 -7.84
C PRO C 65 89.32 22.36 -7.79
N ASN C 66 88.78 22.05 -6.61
CA ASN C 66 87.33 21.95 -6.50
C ASN C 66 86.66 23.32 -6.64
N PRO C 67 87.09 24.27 -5.82
CA PRO C 67 86.56 25.61 -5.57
C PRO C 67 87.18 26.75 -6.38
N VAL C 68 86.91 26.85 -7.67
CA VAL C 68 87.30 28.07 -8.37
C VAL C 68 86.30 29.14 -7.99
N SER C 69 85.06 28.94 -8.41
CA SER C 69 84.00 29.89 -8.12
C SER C 69 82.68 29.16 -7.99
N SER C 70 81.69 29.80 -7.39
CA SER C 70 80.34 29.26 -7.38
C SER C 70 79.38 30.37 -7.76
N PHE C 71 78.67 30.18 -8.86
CA PHE C 71 77.78 31.22 -9.34
C PHE C 71 76.33 30.79 -9.25
N GLU C 72 75.59 31.41 -8.34
CA GLU C 72 74.15 31.24 -8.33
C GLU C 72 73.58 32.01 -9.52
N GLY C 73 72.39 31.65 -9.96
CA GLY C 73 71.79 32.34 -11.09
C GLY C 73 70.35 32.00 -11.35
N HIS C 74 69.86 32.38 -12.52
CA HIS C 74 68.51 32.05 -12.94
C HIS C 74 68.35 30.54 -12.82
N LYS C 75 67.29 30.10 -12.15
CA LYS C 75 67.29 28.74 -11.65
C LYS C 75 67.16 27.71 -12.77
N GLY C 76 68.14 26.81 -12.83
CA GLY C 76 68.11 25.67 -13.71
C GLY C 76 69.53 25.28 -14.04
N ASN C 77 69.70 24.21 -14.80
CA ASN C 77 70.98 23.98 -15.43
C ASN C 77 71.14 25.11 -16.43
N VAL C 78 72.25 25.82 -16.37
CA VAL C 78 72.48 26.85 -17.37
C VAL C 78 72.58 26.15 -18.70
N THR C 79 71.78 26.56 -19.65
CA THR C 79 71.76 25.89 -20.94
C THR C 79 73.06 26.20 -21.67
N SER C 80 73.42 27.47 -21.70
CA SER C 80 74.71 27.87 -22.23
C SER C 80 75.13 29.21 -21.64
N ILE C 81 76.42 29.51 -21.72
CA ILE C 81 76.97 30.72 -21.12
C ILE C 81 78.16 31.20 -21.94
N ALA C 82 78.48 32.48 -21.81
CA ALA C 82 79.61 33.04 -22.54
C ALA C 82 80.50 33.91 -21.66
N PHE C 83 81.76 33.51 -21.53
CA PHE C 83 82.77 34.34 -20.89
C PHE C 83 83.39 35.21 -21.97
N GLN C 84 83.34 36.52 -21.79
CA GLN C 84 83.74 37.41 -22.87
C GLN C 84 85.25 37.39 -23.04
N GLN C 85 85.73 38.16 -24.01
CA GLN C 85 87.16 38.29 -24.21
C GLN C 85 87.72 38.94 -22.96
N GLU C 86 86.95 39.86 -22.40
CA GLU C 86 87.26 40.48 -21.14
C GLU C 86 87.38 39.44 -20.04
N ASN C 87 86.52 38.42 -20.12
CA ASN C 87 86.44 37.38 -19.11
C ASN C 87 86.21 38.01 -17.73
N ARG C 88 85.50 39.13 -17.74
CA ARG C 88 85.15 39.85 -16.52
C ARG C 88 83.65 40.00 -16.50
N TRP C 89 83.14 40.74 -17.47
CA TRP C 89 81.74 40.69 -17.79
C TRP C 89 81.55 39.43 -18.62
N MET C 90 80.68 38.53 -18.15
CA MET C 90 80.52 37.22 -18.79
C MET C 90 79.06 36.83 -18.89
N VAL C 91 78.67 36.40 -20.09
CA VAL C 91 77.28 36.06 -20.37
C VAL C 91 76.94 34.66 -19.88
N SER C 92 75.72 34.49 -19.39
CA SER C 92 75.21 33.19 -19.00
C SER C 92 73.72 33.09 -19.27
N SER C 93 73.28 31.92 -19.72
CA SER C 93 71.87 31.68 -20.00
C SER C 93 71.42 30.42 -19.28
N SER C 94 70.23 30.46 -18.71
CA SER C 94 69.78 29.37 -17.85
C SER C 94 68.41 28.84 -18.25
N GLU C 95 68.10 27.67 -17.75
CA GLU C 95 66.83 27.01 -18.02
C GLU C 95 65.67 27.75 -17.41
N ASP C 96 65.97 28.74 -16.58
CA ASP C 96 64.95 29.44 -15.80
C ASP C 96 63.86 30.08 -16.64
N GLY C 97 64.13 30.31 -17.92
CA GLY C 97 63.15 30.96 -18.77
C GLY C 97 63.56 32.38 -19.10
N THR C 98 64.54 32.88 -18.36
CA THR C 98 65.07 34.21 -18.60
C THR C 98 66.58 34.17 -18.42
N ILE C 99 67.29 34.91 -19.28
CA ILE C 99 68.74 34.86 -19.24
C ILE C 99 69.27 35.76 -18.14
N LYS C 100 70.00 35.15 -17.20
CA LYS C 100 70.72 35.89 -16.20
C LYS C 100 72.19 35.54 -16.35
N VAL C 101 72.99 36.52 -16.75
CA VAL C 101 74.40 36.29 -17.01
C VAL C 101 75.20 36.39 -15.73
N TRP C 102 76.03 35.39 -15.48
CA TRP C 102 76.98 35.56 -14.41
C TRP C 102 78.26 36.06 -15.02
N ASP C 103 78.57 37.32 -14.73
CA ASP C 103 79.83 37.90 -15.11
C ASP C 103 80.88 37.35 -14.17
N VAL C 104 82.12 37.43 -14.60
CA VAL C 104 83.23 36.90 -13.82
C VAL C 104 83.65 37.96 -12.81
N ARG C 105 82.92 39.07 -12.78
CA ARG C 105 83.40 40.30 -12.16
C ARG C 105 83.94 40.12 -10.73
N SER C 106 83.15 39.87 -9.68
CA SER C 106 83.83 39.30 -8.52
C SER C 106 84.29 37.95 -9.01
N PRO C 107 83.33 37.08 -9.36
CA PRO C 107 82.39 36.36 -10.22
C PRO C 107 81.04 37.05 -10.15
N SER C 108 80.90 38.31 -10.53
CA SER C 108 79.68 39.01 -10.14
C SER C 108 78.62 38.88 -11.19
N VAL C 109 77.40 38.56 -10.80
CA VAL C 109 76.36 38.33 -11.78
C VAL C 109 75.29 39.40 -11.74
N GLN C 110 75.25 40.25 -12.77
CA GLN C 110 74.01 40.94 -13.08
C GLN C 110 73.71 40.90 -14.57
N ARG C 111 72.63 40.23 -14.94
CA ARG C 111 71.97 40.45 -16.23
C ARG C 111 70.50 40.07 -16.13
N ASN C 112 69.65 40.74 -16.89
CA ASN C 112 68.30 40.24 -17.07
C ASN C 112 67.91 40.26 -18.53
N TYR C 113 67.67 39.08 -19.08
CA TYR C 113 67.05 38.98 -20.39
C TYR C 113 65.89 38.02 -20.28
N LYS C 114 64.68 38.54 -20.46
CA LYS C 114 63.49 37.70 -20.40
C LYS C 114 63.31 36.93 -21.71
N HIS C 115 62.65 35.79 -21.62
CA HIS C 115 62.29 35.04 -22.81
C HIS C 115 60.96 34.35 -22.62
N ASN C 116 60.50 33.66 -23.66
CA ASN C 116 59.25 32.92 -23.58
C ASN C 116 59.51 31.46 -23.22
N ALA C 117 60.77 31.12 -23.01
CA ALA C 117 61.15 29.80 -22.56
C ALA C 117 62.54 29.85 -21.93
N PRO C 118 63.06 28.69 -21.49
CA PRO C 118 64.38 28.57 -20.90
C PRO C 118 65.42 29.23 -21.77
N VAL C 119 66.40 29.90 -21.19
CA VAL C 119 67.31 30.66 -22.03
C VAL C 119 68.26 29.64 -22.63
N ASN C 120 68.25 29.58 -23.95
CA ASN C 120 68.88 28.49 -24.68
C ASN C 120 70.39 28.63 -24.74
N GLU C 121 70.86 29.82 -25.07
CA GLU C 121 72.30 30.07 -25.05
C GLU C 121 72.63 31.53 -24.77
N VAL C 122 73.76 31.76 -24.12
CA VAL C 122 74.27 33.10 -23.94
C VAL C 122 75.27 33.39 -25.06
N ALA C 123 74.99 34.38 -25.88
CA ALA C 123 75.75 34.61 -27.10
C ALA C 123 76.55 35.91 -27.08
N ILE C 124 77.24 36.17 -28.18
CA ILE C 124 77.99 37.41 -28.38
C ILE C 124 78.02 37.70 -29.88
N HIS C 125 78.04 38.98 -30.22
CA HIS C 125 78.04 39.40 -31.62
C HIS C 125 79.47 39.68 -32.09
N PRO C 126 79.61 40.14 -33.33
CA PRO C 126 80.92 40.53 -33.88
C PRO C 126 81.64 41.45 -32.91
N ASN C 127 80.87 42.30 -32.22
CA ASN C 127 81.35 42.99 -31.04
C ASN C 127 81.04 42.10 -29.84
N GLN C 128 82.06 41.74 -29.07
CA GLN C 128 81.88 40.90 -27.90
C GLN C 128 80.91 41.55 -26.92
N GLY C 129 80.94 42.88 -26.86
CA GLY C 129 80.01 43.63 -26.03
C GLY C 129 78.62 43.62 -26.60
N GLU C 130 78.48 43.07 -27.80
CA GLU C 130 77.19 42.98 -28.46
C GLU C 130 76.76 41.51 -28.54
N LEU C 131 75.45 41.27 -28.50
CA LEU C 131 74.92 39.91 -28.49
C LEU C 131 73.42 39.85 -28.74
N ILE C 132 72.89 38.63 -28.75
CA ILE C 132 71.47 38.40 -28.91
C ILE C 132 71.09 37.13 -28.17
N SER C 133 69.81 36.99 -27.83
CA SER C 133 69.36 35.83 -27.07
C SER C 133 68.19 35.10 -27.73
N CYS C 134 68.42 33.87 -28.16
CA CYS C 134 67.36 33.05 -28.73
C CYS C 134 67.10 31.85 -27.81
N ASP C 135 65.92 31.85 -27.21
CA ASP C 135 65.56 30.85 -26.21
C ASP C 135 65.06 29.56 -26.86
N GLN C 136 64.52 28.68 -26.04
CA GLN C 136 63.95 27.42 -26.51
C GLN C 136 62.53 27.69 -26.97
N ASP C 137 62.14 28.95 -26.88
CA ASP C 137 60.84 29.39 -27.36
C ASP C 137 60.89 29.76 -28.83
N GLY C 138 61.65 30.80 -29.13
CA GLY C 138 61.36 31.65 -30.27
C GLY C 138 62.39 32.74 -30.51
N ASN C 139 61.96 33.79 -31.23
CA ASN C 139 62.84 34.75 -31.87
C ASN C 139 63.91 35.33 -30.97
N ILE C 140 65.12 35.43 -31.53
CA ILE C 140 66.30 35.89 -30.83
C ILE C 140 66.08 37.26 -30.23
N ARG C 141 66.63 37.50 -29.05
CA ARG C 141 66.53 38.80 -28.41
C ARG C 141 67.90 39.44 -28.24
N ILE C 142 68.12 40.53 -28.96
CA ILE C 142 69.40 41.24 -28.91
C ILE C 142 69.65 41.78 -27.51
N TRP C 143 70.84 41.49 -26.99
CA TRP C 143 71.25 41.99 -25.69
C TRP C 143 72.70 42.46 -25.70
N ASP C 144 72.96 43.67 -25.24
CA ASP C 144 74.31 44.21 -25.18
C ASP C 144 74.95 43.92 -23.82
N LEU C 145 76.15 44.47 -23.59
CA LEU C 145 76.92 44.10 -22.40
C LEU C 145 76.69 45.05 -21.23
N GLY C 146 76.05 44.52 -20.20
CA GLY C 146 75.76 45.25 -18.97
C GLY C 146 74.97 46.53 -19.19
N GLU C 147 74.25 46.61 -20.31
CA GLU C 147 73.53 47.81 -20.70
C GLU C 147 72.83 47.64 -22.04
N ASN C 148 71.93 48.57 -22.35
CA ASN C 148 71.32 48.71 -23.68
C ASN C 148 70.83 47.40 -24.26
N GLN C 149 70.25 46.56 -23.41
CA GLN C 149 69.82 45.25 -23.85
C GLN C 149 68.31 45.13 -23.79
N CYS C 150 67.67 45.03 -24.95
CA CYS C 150 66.27 44.64 -24.95
C CYS C 150 66.04 43.49 -25.90
N THR C 151 66.12 43.77 -27.20
CA THR C 151 66.02 42.74 -28.23
C THR C 151 66.06 43.28 -29.66
N ASN C 152 66.35 42.38 -30.59
CA ASN C 152 65.92 42.49 -31.97
C ASN C 152 65.43 41.10 -32.34
N GLN C 153 64.17 40.96 -32.70
CA GLN C 153 63.59 39.61 -32.79
C GLN C 153 63.94 38.92 -34.08
N LEU C 154 64.61 37.78 -33.98
CA LEU C 154 64.85 36.94 -35.15
C LEU C 154 64.28 35.56 -34.94
N THR C 155 63.25 35.23 -35.70
CA THR C 155 62.59 33.93 -35.55
C THR C 155 62.80 33.05 -36.77
N PRO C 156 63.61 32.00 -36.62
CA PRO C 156 63.77 31.05 -37.70
C PRO C 156 62.50 30.25 -37.95
N GLU C 157 61.70 30.10 -36.91
CA GLU C 157 60.44 29.37 -37.00
C GLU C 157 59.47 29.82 -35.91
N ASP C 158 58.19 29.55 -36.13
CA ASP C 158 57.15 29.95 -35.18
C ASP C 158 56.81 28.84 -34.19
N ASN C 159 57.45 27.69 -34.33
CA ASN C 159 57.12 26.54 -33.51
C ASN C 159 58.34 25.94 -32.83
N THR C 160 59.23 25.38 -33.65
CA THR C 160 60.34 24.57 -33.15
C THR C 160 61.13 25.29 -32.08
N PRO C 161 61.36 24.60 -30.96
CA PRO C 161 62.18 25.16 -29.90
C PRO C 161 63.60 25.39 -30.39
N LEU C 162 64.19 26.54 -30.07
CA LEU C 162 65.55 26.79 -30.49
C LEU C 162 66.49 26.36 -29.38
N GLN C 163 67.27 25.34 -29.66
CA GLN C 163 68.12 24.71 -28.66
C GLN C 163 69.12 25.70 -28.07
N SER C 164 69.64 26.57 -28.93
CA SER C 164 70.62 27.56 -28.50
C SER C 164 70.64 28.75 -29.43
N LEU C 165 71.21 29.86 -28.95
CA LEU C 165 71.57 30.97 -29.81
C LEU C 165 73.03 30.80 -30.20
N SER C 166 73.29 30.55 -31.48
CA SER C 166 74.64 30.20 -31.92
C SER C 166 75.27 31.27 -32.81
N VAL C 167 76.29 31.95 -32.28
CA VAL C 167 77.06 32.90 -33.06
C VAL C 167 78.56 32.71 -32.82
N ALA C 168 79.28 32.38 -33.89
CA ALA C 168 80.74 32.33 -33.86
C ALA C 168 81.29 33.68 -34.25
N SER C 169 82.60 33.78 -34.47
CA SER C 169 83.11 35.05 -34.96
C SER C 169 83.20 35.00 -36.49
N ASP C 170 82.32 35.77 -37.11
CA ASP C 170 82.32 36.06 -38.53
C ASP C 170 82.20 37.56 -38.64
N GLY C 171 81.05 38.03 -38.16
CA GLY C 171 80.62 39.41 -38.21
C GLY C 171 79.61 39.60 -39.31
N SER C 172 79.64 38.71 -40.30
CA SER C 172 78.45 38.40 -41.07
C SER C 172 78.16 36.90 -40.98
N MET C 173 77.08 36.53 -40.30
CA MET C 173 76.61 35.14 -40.26
C MET C 173 75.39 34.98 -39.36
N LEU C 174 74.68 33.88 -39.55
CA LEU C 174 73.75 33.39 -38.54
C LEU C 174 73.61 31.89 -38.71
N VAL C 175 73.27 31.21 -37.62
CA VAL C 175 73.16 29.75 -37.62
C VAL C 175 72.72 29.31 -36.24
N ALA C 176 72.24 28.08 -36.15
CA ALA C 176 71.66 27.57 -34.92
C ALA C 176 71.47 26.07 -34.96
N GLY C 177 70.84 25.54 -33.91
CA GLY C 177 70.40 24.16 -33.90
C GLY C 177 69.19 24.07 -32.98
N ASN C 178 68.35 23.05 -33.19
CA ASN C 178 67.03 23.09 -32.59
C ASN C 178 66.31 21.75 -32.63
N ASN C 179 65.07 21.79 -32.17
CA ASN C 179 64.18 20.63 -32.21
C ASN C 179 63.98 20.19 -33.66
N LYS C 180 64.17 21.13 -34.57
CA LYS C 180 64.02 20.87 -36.00
C LYS C 180 64.81 19.65 -36.45
N GLY C 181 66.13 19.74 -36.36
CA GLY C 181 66.99 18.72 -36.93
C GLY C 181 67.44 19.18 -38.30
N ASN C 182 66.69 20.12 -38.86
CA ASN C 182 67.12 20.86 -40.03
C ASN C 182 67.42 22.29 -39.58
N CYS C 183 68.70 22.66 -39.61
CA CYS C 183 69.13 23.86 -38.91
C CYS C 183 68.98 25.13 -39.74
N TYR C 184 68.15 26.04 -39.23
CA TYR C 184 67.95 27.32 -39.89
C TYR C 184 69.13 28.23 -39.62
N VAL C 185 69.73 28.70 -40.70
CA VAL C 185 70.87 29.59 -40.62
C VAL C 185 70.59 30.77 -41.53
N TRP C 186 71.20 31.89 -41.21
CA TRP C 186 70.97 33.13 -41.92
C TRP C 186 72.27 33.86 -42.18
N ARG C 187 72.23 34.86 -43.05
CA ARG C 187 73.39 35.70 -43.27
C ARG C 187 73.17 37.06 -42.63
N MET C 188 74.00 37.40 -41.65
CA MET C 188 73.91 38.68 -41.00
C MET C 188 74.67 39.74 -41.79
N PRO C 189 74.36 41.02 -41.53
CA PRO C 189 75.10 42.13 -42.12
C PRO C 189 76.38 42.41 -41.33
N HIS C 190 77.13 43.43 -41.72
CA HIS C 190 78.35 43.76 -40.99
C HIS C 190 78.01 44.82 -39.95
N HIS C 191 78.10 44.42 -38.69
CA HIS C 191 77.63 45.26 -37.60
C HIS C 191 78.29 44.86 -36.29
N THR C 192 78.21 45.72 -35.28
CA THR C 192 78.68 45.34 -33.96
C THR C 192 77.61 44.39 -33.44
N ASP C 193 76.42 44.90 -33.14
CA ASP C 193 75.21 44.15 -33.43
C ASP C 193 74.18 45.03 -34.11
N ALA C 194 73.87 44.74 -35.37
CA ALA C 194 72.63 45.14 -36.02
C ALA C 194 72.09 43.89 -36.69
N SER C 195 72.85 43.45 -37.69
CA SER C 195 72.71 42.16 -38.33
C SER C 195 71.29 41.83 -38.79
N THR C 196 70.78 42.59 -39.75
CA THR C 196 69.57 42.17 -40.42
C THR C 196 69.90 40.85 -41.09
N LEU C 197 69.11 39.82 -40.81
CA LEU C 197 69.44 38.49 -41.26
C LEU C 197 69.13 38.29 -42.73
N GLU C 198 69.93 37.45 -43.38
CA GLU C 198 69.66 37.02 -44.73
C GLU C 198 69.63 35.52 -44.69
N PRO C 199 68.43 34.95 -44.46
CA PRO C 199 68.30 33.53 -44.14
C PRO C 199 69.03 32.64 -45.13
N VAL C 200 69.81 31.70 -44.63
CA VAL C 200 70.45 30.75 -45.51
C VAL C 200 69.44 29.66 -45.77
N THR C 201 69.18 28.83 -44.76
CA THR C 201 68.21 27.75 -44.87
C THR C 201 68.15 26.90 -43.62
N LYS C 202 67.08 26.12 -43.50
CA LYS C 202 67.04 25.09 -42.48
C LYS C 202 67.51 23.81 -43.13
N PHE C 203 68.67 23.32 -42.70
CA PHE C 203 69.32 22.22 -43.40
C PHE C 203 69.51 21.01 -42.51
N LYS C 204 68.91 19.90 -42.90
CA LYS C 204 69.01 18.70 -42.12
C LYS C 204 70.25 17.91 -42.51
N SER C 205 71.14 17.73 -41.54
CA SER C 205 72.22 16.76 -41.66
C SER C 205 71.70 15.49 -41.02
N HIS C 206 71.48 15.56 -39.71
CA HIS C 206 70.63 14.60 -39.04
C HIS C 206 69.31 15.30 -38.77
N THR C 207 68.27 14.89 -39.48
CA THR C 207 66.99 15.59 -39.43
C THR C 207 66.30 15.40 -38.09
N LYS C 208 66.71 14.37 -37.37
CA LYS C 208 66.10 14.10 -36.08
C LYS C 208 66.90 14.75 -34.97
N TYR C 209 66.30 15.77 -34.36
CA TYR C 209 66.87 16.46 -33.21
C TYR C 209 68.35 16.76 -33.37
N ILE C 210 68.70 17.64 -34.29
CA ILE C 210 70.08 18.07 -34.40
C ILE C 210 70.38 18.91 -33.19
N THR C 211 71.43 18.56 -32.46
CA THR C 211 71.69 19.19 -31.17
C THR C 211 72.81 20.21 -31.23
N ARG C 212 74.05 19.73 -31.35
CA ARG C 212 75.20 20.62 -31.32
C ARG C 212 75.42 21.26 -32.68
N VAL C 213 75.39 22.59 -32.72
CA VAL C 213 75.59 23.29 -33.98
C VAL C 213 76.83 24.17 -33.88
N LEU C 214 77.88 23.82 -34.62
CA LEU C 214 79.10 24.61 -34.55
C LEU C 214 79.74 24.83 -35.91
N LEU C 215 80.01 26.09 -36.23
CA LEU C 215 80.75 26.42 -37.43
C LEU C 215 82.19 25.99 -37.25
N SER C 216 82.92 25.84 -38.35
CA SER C 216 84.31 25.40 -38.27
C SER C 216 85.18 26.54 -37.74
N ALA C 217 86.48 26.27 -37.62
CA ALA C 217 87.43 27.27 -37.13
C ALA C 217 87.36 28.52 -38.00
N ASP C 218 87.52 28.32 -39.30
CA ASP C 218 87.35 29.40 -40.26
C ASP C 218 85.90 29.45 -40.70
N VAL C 219 85.11 28.54 -40.12
CA VAL C 219 83.70 28.40 -40.43
C VAL C 219 83.53 28.05 -41.90
N LYS C 220 84.57 27.45 -42.48
CA LYS C 220 84.50 26.99 -43.85
C LYS C 220 83.70 25.70 -43.85
N ASN C 221 83.83 24.96 -42.76
CA ASN C 221 82.98 23.80 -42.53
C ASN C 221 81.94 24.13 -41.46
N LEU C 222 81.12 23.13 -41.15
CA LEU C 222 80.09 23.26 -40.13
C LEU C 222 79.79 21.86 -39.61
N ALA C 223 79.21 21.77 -38.42
CA ALA C 223 78.92 20.47 -37.83
C ALA C 223 77.64 20.48 -37.03
N THR C 224 76.88 19.39 -37.19
CA THR C 224 75.65 19.18 -36.43
C THR C 224 75.67 17.81 -35.76
N CYS C 225 75.66 17.81 -34.43
CA CYS C 225 75.63 16.57 -33.66
C CYS C 225 74.21 16.35 -33.16
N SER C 226 73.79 15.08 -33.12
CA SER C 226 72.47 14.76 -32.64
C SER C 226 72.54 13.66 -31.58
N ALA C 227 71.45 13.51 -30.84
CA ALA C 227 71.32 12.45 -29.86
C ALA C 227 70.75 11.24 -30.57
N ASP C 228 70.58 11.39 -31.87
CA ASP C 228 70.02 10.36 -32.73
C ASP C 228 71.14 9.39 -33.09
N HIS C 229 72.33 9.68 -32.57
CA HIS C 229 73.54 8.94 -32.88
C HIS C 229 73.82 9.13 -34.36
N THR C 230 73.35 10.26 -34.87
CA THR C 230 73.52 10.62 -36.26
C THR C 230 74.06 12.03 -36.35
N ALA C 231 75.25 12.17 -36.92
CA ALA C 231 75.84 13.48 -37.13
C ALA C 231 76.57 13.54 -38.46
N ARG C 232 76.31 14.59 -39.24
CA ARG C 232 76.95 14.77 -40.53
C ARG C 232 77.49 16.18 -40.69
N VAL C 233 78.81 16.30 -40.87
CA VAL C 233 79.42 17.60 -41.05
C VAL C 233 79.07 18.12 -42.43
N TRP C 234 79.13 19.44 -42.57
CA TRP C 234 78.86 20.10 -43.82
C TRP C 234 80.05 20.97 -44.16
N ASN C 235 80.17 21.38 -45.42
CA ASN C 235 81.18 22.37 -45.76
C ASN C 235 80.47 23.69 -45.92
N ILE C 236 80.69 24.57 -44.95
CA ILE C 236 79.94 25.81 -44.86
C ILE C 236 80.52 26.80 -45.85
N GLU C 237 81.74 26.50 -46.29
CA GLU C 237 82.41 27.32 -47.28
C GLU C 237 81.53 27.42 -48.50
N ASP C 238 81.16 26.28 -49.06
CA ASP C 238 80.22 26.28 -50.17
C ASP C 238 78.87 25.74 -49.74
N ASN C 239 77.90 26.63 -49.68
CA ASN C 239 76.49 26.28 -49.52
C ASN C 239 76.24 25.29 -48.40
N TYR C 240 77.03 25.39 -47.33
CA TYR C 240 76.95 24.45 -46.22
C TYR C 240 76.92 23.01 -46.74
N GLN C 241 77.70 22.73 -47.77
CA GLN C 241 77.59 21.46 -48.46
C GLN C 241 78.00 20.34 -47.51
N LEU C 242 77.12 19.37 -47.35
CA LEU C 242 77.33 18.29 -46.37
C LEU C 242 78.68 17.64 -46.62
N GLU C 243 79.46 17.50 -45.55
CA GLU C 243 80.82 17.05 -45.71
C GLU C 243 81.03 15.69 -45.04
N THR C 244 81.09 15.68 -43.72
CA THR C 244 81.51 14.48 -43.03
C THR C 244 80.46 13.91 -42.08
N THR C 245 79.96 12.73 -42.40
CA THR C 245 79.14 12.00 -41.45
C THR C 245 80.02 11.66 -40.26
N LEU C 246 79.57 11.98 -39.06
CA LEU C 246 80.37 11.74 -37.88
C LEU C 246 80.07 10.36 -37.32
N ASP C 247 81.09 9.51 -37.31
CA ASP C 247 80.93 8.15 -36.82
C ASP C 247 80.75 8.18 -35.31
N GLY C 248 79.68 7.55 -34.85
CA GLY C 248 79.43 7.46 -33.42
C GLY C 248 78.50 6.32 -33.09
N HIS C 249 78.56 5.87 -31.84
CA HIS C 249 77.69 4.83 -31.35
C HIS C 249 76.38 5.49 -30.99
N GLN C 250 75.48 4.75 -30.33
CA GLN C 250 74.29 5.41 -29.87
C GLN C 250 74.77 6.34 -28.79
N ARG C 251 74.48 7.62 -28.98
CA ARG C 251 75.12 8.63 -28.16
C ARG C 251 74.32 9.92 -28.14
N TRP C 252 74.59 10.74 -27.15
CA TRP C 252 74.11 12.11 -27.16
C TRP C 252 75.33 13.00 -27.28
N VAL C 253 75.41 13.76 -28.36
CA VAL C 253 76.46 14.74 -28.49
C VAL C 253 75.90 16.15 -28.47
N TRP C 254 76.14 16.86 -27.38
CA TRP C 254 75.87 18.28 -27.34
C TRP C 254 77.15 19.01 -27.67
N ASP C 255 78.21 18.23 -27.84
CA ASP C 255 79.50 18.79 -28.18
C ASP C 255 80.01 18.22 -29.49
N CYS C 256 80.11 19.07 -30.51
CA CYS C 256 80.81 18.72 -31.72
C CYS C 256 81.81 19.82 -32.04
N ALA C 257 83.10 19.51 -31.97
CA ALA C 257 84.12 20.52 -32.25
C ALA C 257 85.46 19.93 -32.66
N PHE C 258 86.27 20.76 -33.29
CA PHE C 258 87.70 20.53 -33.43
C PHE C 258 88.40 21.82 -33.02
N SER C 259 89.18 21.77 -31.95
CA SER C 259 89.71 22.98 -31.34
C SER C 259 90.97 23.48 -32.03
N ALA C 260 92.06 22.75 -31.83
CA ALA C 260 93.36 23.15 -32.36
C ALA C 260 93.60 22.50 -33.72
N ASP C 261 92.61 21.74 -34.19
CA ASP C 261 92.80 20.95 -35.40
C ASP C 261 91.99 21.44 -36.60
N SER C 262 90.67 21.21 -36.55
CA SER C 262 89.82 21.22 -37.74
C SER C 262 90.37 20.17 -38.68
N ALA C 263 91.03 19.20 -38.07
CA ALA C 263 91.76 18.14 -38.74
C ALA C 263 91.29 16.82 -38.16
N TYR C 264 91.56 16.66 -36.88
CA TYR C 264 90.93 15.60 -36.08
C TYR C 264 89.66 16.16 -35.46
N LEU C 265 88.61 15.35 -35.43
CA LEU C 265 87.32 15.82 -34.94
C LEU C 265 86.96 15.24 -33.58
N VAL C 266 86.95 16.10 -32.56
CA VAL C 266 86.58 15.67 -31.22
C VAL C 266 85.07 15.48 -31.15
N THR C 267 84.64 14.44 -30.46
CA THR C 267 83.22 14.13 -30.40
C THR C 267 82.68 13.99 -28.98
N ALA C 268 81.38 13.73 -28.87
CA ALA C 268 80.73 13.50 -27.58
C ALA C 268 79.81 12.28 -27.66
N CYS C 269 80.08 11.28 -26.83
CA CYS C 269 79.32 10.05 -26.90
C CYS C 269 78.70 9.68 -25.56
N SER C 270 77.40 9.41 -25.58
CA SER C 270 76.73 8.85 -24.42
C SER C 270 77.21 7.42 -24.21
N ASP C 271 77.95 6.91 -25.18
CA ASP C 271 78.45 5.54 -25.17
C ASP C 271 79.44 5.29 -24.04
N HIS C 272 79.82 6.37 -23.34
CA HIS C 272 80.74 6.36 -22.19
C HIS C 272 82.18 6.33 -22.65
N TYR C 273 82.38 6.13 -23.95
CA TYR C 273 83.68 6.34 -24.56
C TYR C 273 83.49 7.21 -25.79
N VAL C 274 84.09 8.40 -25.76
CA VAL C 274 83.92 9.34 -26.84
C VAL C 274 84.97 9.06 -27.89
N ARG C 275 84.53 8.83 -29.12
CA ARG C 275 85.45 8.56 -30.21
C ARG C 275 85.64 9.81 -31.03
N LEU C 276 86.83 10.39 -30.96
CA LEU C 276 87.12 11.59 -31.71
C LEU C 276 87.60 11.20 -33.09
N TRP C 277 86.97 11.79 -34.11
CA TRP C 277 87.29 11.44 -35.49
C TRP C 277 88.39 12.32 -36.04
N ASP C 278 88.66 12.18 -37.33
CA ASP C 278 89.51 13.14 -38.02
C ASP C 278 88.61 14.06 -38.82
N LEU C 279 88.58 15.33 -38.41
CA LEU C 279 87.76 16.34 -39.07
C LEU C 279 88.08 16.40 -40.55
N SER C 280 89.34 16.13 -40.91
CA SER C 280 89.73 16.12 -42.31
C SER C 280 88.98 15.04 -43.08
N THR C 281 89.11 13.80 -42.65
CA THR C 281 88.35 12.71 -43.24
C THR C 281 87.53 12.00 -42.18
N SER C 282 88.24 11.23 -41.35
CA SER C 282 87.66 10.56 -40.20
C SER C 282 88.76 9.76 -39.51
N GLU C 283 88.53 9.39 -38.26
CA GLU C 283 89.46 8.57 -37.50
C GLU C 283 88.81 8.12 -36.21
N ILE C 284 89.56 7.37 -35.42
CA ILE C 284 89.28 7.31 -33.99
C ILE C 284 90.49 7.94 -33.33
N VAL C 285 90.32 9.12 -32.76
CA VAL C 285 91.43 9.78 -32.10
C VAL C 285 91.22 9.72 -30.61
N ARG C 286 92.06 8.93 -29.94
CA ARG C 286 91.95 8.71 -28.50
C ARG C 286 90.51 8.48 -28.10
N GLN C 287 89.92 7.39 -28.56
CA GLN C 287 88.51 7.16 -28.30
C GLN C 287 88.34 6.62 -26.90
N TYR C 288 87.59 7.35 -26.08
CA TYR C 288 87.45 7.06 -24.67
C TYR C 288 86.60 8.12 -24.00
N GLY C 289 86.29 7.90 -22.72
CA GLY C 289 85.63 8.92 -21.92
C GLY C 289 85.90 8.76 -20.45
N GLY C 290 85.78 9.85 -19.70
CA GLY C 290 85.94 9.81 -18.26
C GLY C 290 84.63 9.43 -17.60
N HIS C 291 83.53 9.67 -18.31
CA HIS C 291 82.22 9.35 -17.80
C HIS C 291 81.97 7.86 -17.92
N HIS C 292 81.67 7.23 -16.79
CA HIS C 292 81.40 5.81 -16.78
C HIS C 292 80.10 5.52 -17.50
N LYS C 293 79.08 6.31 -17.20
CA LYS C 293 77.79 6.15 -17.87
C LYS C 293 77.88 6.59 -19.33
N GLY C 294 78.34 7.81 -19.54
CA GLY C 294 78.36 8.39 -20.87
C GLY C 294 78.31 9.89 -20.78
N ALA C 295 78.37 10.57 -21.91
CA ALA C 295 78.44 12.03 -21.87
C ALA C 295 77.92 12.73 -23.11
N VAL C 296 77.54 13.99 -22.92
CA VAL C 296 77.66 14.98 -23.96
C VAL C 296 78.31 16.19 -23.33
N CYS C 297 79.53 16.52 -23.76
CA CYS C 297 80.27 17.69 -23.29
C CYS C 297 81.67 17.68 -23.90
N VAL C 298 82.36 18.81 -23.78
CA VAL C 298 83.77 18.92 -24.17
C VAL C 298 84.27 20.33 -23.88
N ALA C 299 85.58 20.49 -23.86
CA ALA C 299 86.19 21.81 -23.72
C ALA C 299 87.58 21.86 -24.35
N LEU C 300 88.21 23.02 -24.30
CA LEU C 300 89.57 23.18 -24.83
C LEU C 300 90.32 24.26 -24.07
N ASN C 301 91.63 24.13 -23.96
CA ASN C 301 92.44 25.13 -23.29
C ASN C 301 93.89 25.12 -23.79
N VAL D 3 -79.92 58.82 24.18
CA VAL D 3 -79.33 57.67 24.84
C VAL D 3 -79.28 56.49 23.88
N ILE D 4 -78.77 56.72 22.68
CA ILE D 4 -78.64 55.66 21.69
C ILE D 4 -77.61 54.66 22.18
N LEU D 5 -77.88 53.38 21.94
CA LEU D 5 -77.01 52.31 22.45
C LEU D 5 -76.62 51.32 21.36
N ALA D 6 -75.33 51.03 21.28
CA ALA D 6 -74.81 50.01 20.35
C ALA D 6 -73.46 49.46 20.81
N SER D 7 -73.10 48.30 20.28
CA SER D 7 -71.82 47.67 20.59
C SER D 7 -71.25 47.02 19.33
N ALA D 8 -69.96 46.70 19.36
CA ALA D 8 -69.26 46.18 18.19
C ALA D 8 -68.50 44.90 18.46
N GLY D 9 -68.78 43.87 17.67
CA GLY D 9 -68.11 42.60 17.82
C GLY D 9 -67.05 42.25 16.79
N TYR D 10 -66.41 41.12 17.00
CA TYR D 10 -65.51 40.56 16.00
C TYR D 10 -66.35 39.96 14.89
N ASP D 11 -67.66 39.92 15.13
CA ASP D 11 -68.63 39.52 14.13
C ASP D 11 -68.66 40.53 12.99
N HIS D 12 -67.98 41.65 13.19
CA HIS D 12 -67.73 42.64 12.15
C HIS D 12 -68.99 43.43 11.80
N THR D 13 -70.11 43.06 12.40
CA THR D 13 -71.36 43.77 12.17
C THR D 13 -71.92 44.32 13.48
N ILE D 14 -72.41 45.56 13.44
CA ILE D 14 -72.97 46.19 14.63
C ILE D 14 -74.36 46.72 14.35
N ARG D 15 -75.17 46.81 15.40
CA ARG D 15 -76.53 47.34 15.30
C ARG D 15 -76.89 48.11 16.57
N PHE D 16 -77.66 49.18 16.43
CA PHE D 16 -77.97 50.03 17.57
C PHE D 16 -79.08 49.45 18.42
N TRP D 17 -78.77 49.20 19.68
CA TRP D 17 -79.75 48.71 20.63
C TRP D 17 -80.68 49.84 21.04
N GLU D 18 -81.94 49.53 21.30
CA GLU D 18 -82.87 50.57 21.70
C GLU D 18 -82.60 50.96 23.15
N ALA D 19 -83.33 51.96 23.65
CA ALA D 19 -83.01 52.51 24.97
C ALA D 19 -83.04 51.50 26.11
N LEU D 20 -84.22 51.05 26.49
CA LEU D 20 -84.33 49.98 27.48
C LEU D 20 -84.55 48.61 26.84
N THR D 21 -84.68 48.58 25.53
CA THR D 21 -85.00 47.32 24.84
C THR D 21 -83.74 46.49 24.70
N GLY D 22 -82.64 47.17 24.39
CA GLY D 22 -81.39 46.50 24.12
C GLY D 22 -81.45 45.70 22.83
N VAL D 23 -82.57 45.82 22.13
CA VAL D 23 -82.74 45.17 20.84
C VAL D 23 -81.96 45.98 19.84
N CYS D 24 -81.02 45.35 19.15
CA CYS D 24 -80.10 46.11 18.33
C CYS D 24 -80.59 46.21 16.91
N SER D 25 -80.95 47.43 16.51
CA SER D 25 -81.38 47.67 15.14
C SER D 25 -80.67 48.88 14.57
N ARG D 26 -79.87 48.62 13.55
CA ARG D 26 -79.17 49.62 12.75
C ARG D 26 -78.32 48.82 11.78
N THR D 27 -77.81 49.45 10.75
CA THR D 27 -76.78 48.78 9.98
C THR D 27 -75.45 49.46 10.25
N ILE D 28 -74.59 48.75 10.97
CA ILE D 28 -73.24 49.19 11.21
C ILE D 28 -72.33 48.02 10.93
N GLN D 29 -71.47 48.18 9.93
CA GLN D 29 -70.61 47.10 9.55
C GLN D 29 -69.15 47.43 9.84
N HIS D 30 -68.59 46.73 10.81
CA HIS D 30 -67.15 46.78 11.02
C HIS D 30 -66.52 45.95 9.91
N ALA D 31 -67.37 45.27 9.15
CA ALA D 31 -66.98 44.21 8.23
C ALA D 31 -65.92 44.70 7.26
N ASP D 32 -65.01 43.79 6.94
CA ASP D 32 -63.63 44.06 6.50
C ASP D 32 -62.75 44.24 7.73
N SER D 33 -63.37 44.19 8.91
CA SER D 33 -62.68 44.40 10.18
C SER D 33 -63.61 44.26 11.37
N GLN D 34 -63.02 44.32 12.56
CA GLN D 34 -63.78 44.53 13.77
C GLN D 34 -63.84 46.04 14.01
N VAL D 35 -64.28 46.43 15.19
CA VAL D 35 -64.11 47.81 15.63
C VAL D 35 -63.33 47.77 16.93
N ASN D 36 -62.33 48.63 17.06
CA ASN D 36 -61.46 48.55 18.22
C ASN D 36 -62.13 49.23 19.40
N ARG D 37 -62.21 50.54 19.36
CA ARG D 37 -62.98 51.27 20.35
C ARG D 37 -64.35 51.52 19.74
N LEU D 38 -65.23 52.16 20.50
CA LEU D 38 -66.47 52.66 19.91
C LEU D 38 -66.75 54.06 20.42
N GLU D 39 -66.89 55.01 19.50
CA GLU D 39 -67.16 56.39 19.86
C GLU D 39 -68.09 57.08 18.87
N ILE D 40 -69.07 57.82 19.39
CA ILE D 40 -69.93 58.65 18.57
C ILE D 40 -69.44 60.09 18.68
N THR D 41 -70.13 61.02 18.05
CA THR D 41 -69.71 62.42 18.13
C THR D 41 -70.27 63.08 19.38
N SER D 42 -69.92 64.36 19.58
CA SER D 42 -70.40 65.11 20.73
C SER D 42 -71.89 65.35 20.57
N ASP D 43 -72.28 65.64 19.33
CA ASP D 43 -73.68 65.79 18.97
C ASP D 43 -74.21 64.46 18.49
N LYS D 44 -73.34 63.44 18.54
CA LYS D 44 -73.65 62.12 18.01
C LYS D 44 -73.97 62.23 16.52
N LYS D 45 -73.12 62.96 15.81
CA LYS D 45 -73.24 63.10 14.36
C LYS D 45 -72.69 61.86 13.68
N TYR D 46 -71.38 61.66 13.80
CA TYR D 46 -70.71 60.50 13.22
C TYR D 46 -70.06 59.66 14.30
N LEU D 47 -69.86 58.39 14.01
CA LEU D 47 -69.23 57.47 14.95
C LEU D 47 -68.11 56.67 14.29
N ALA D 48 -66.88 56.85 14.77
CA ALA D 48 -65.73 56.26 14.09
C ALA D 48 -65.02 55.19 14.91
N ALA D 49 -64.54 54.15 14.24
CA ALA D 49 -63.73 53.10 14.86
C ALA D 49 -62.86 52.38 13.83
N ALA D 50 -61.81 51.69 14.30
CA ALA D 50 -60.92 50.97 13.38
C ALA D 50 -60.62 49.54 13.82
N GLY D 51 -61.06 48.56 13.04
CA GLY D 51 -60.59 47.20 13.23
C GLY D 51 -59.17 46.96 12.77
N HIS D 52 -58.88 47.37 11.54
CA HIS D 52 -57.52 47.35 11.05
C HIS D 52 -57.13 48.61 10.28
N LEU D 53 -56.15 49.34 10.79
CA LEU D 53 -55.33 50.24 9.99
C LEU D 53 -56.05 51.48 9.44
N HIS D 54 -57.37 51.49 9.51
CA HIS D 54 -58.11 52.66 9.03
C HIS D 54 -59.29 52.99 9.92
N VAL D 55 -59.40 54.25 10.30
CA VAL D 55 -60.53 54.73 11.08
C VAL D 55 -61.71 54.89 10.14
N ARG D 56 -62.88 54.46 10.59
CA ARG D 56 -64.07 54.55 9.77
C ARG D 56 -65.24 55.10 10.57
N LEU D 57 -65.77 56.23 10.10
CA LEU D 57 -66.93 56.86 10.71
C LEU D 57 -68.21 56.56 9.94
N TYR D 58 -69.21 56.08 10.65
CA TYR D 58 -70.56 55.91 10.13
C TYR D 58 -71.46 56.77 10.99
N ASP D 59 -72.32 57.58 10.35
CA ASP D 59 -73.03 58.64 11.04
C ASP D 59 -73.88 58.14 12.20
N ILE D 60 -73.68 58.73 13.38
CA ILE D 60 -74.48 58.41 14.53
C ILE D 60 -75.82 59.13 14.44
N ARG D 61 -75.80 60.29 13.78
CA ARG D 61 -77.00 61.09 13.63
C ARG D 61 -77.92 60.50 12.57
N SER D 62 -77.32 59.95 11.51
CA SER D 62 -78.07 59.36 10.42
C SER D 62 -78.23 57.88 10.66
N ASN D 63 -79.39 57.33 10.29
CA ASN D 63 -79.66 55.94 10.57
C ASN D 63 -78.94 55.06 9.56
N ASN D 64 -78.05 54.23 10.08
CA ASN D 64 -77.19 53.35 9.30
C ASN D 64 -76.60 54.04 8.07
N PRO D 65 -76.07 55.26 8.24
CA PRO D 65 -75.25 55.68 7.09
C PRO D 65 -73.97 54.87 7.05
N ASN D 66 -73.58 54.35 5.89
CA ASN D 66 -72.28 53.71 5.79
C ASN D 66 -71.14 54.71 5.92
N PRO D 67 -71.19 55.76 5.07
CA PRO D 67 -70.18 56.79 4.81
C PRO D 67 -70.32 58.09 5.59
N VAL D 68 -70.03 58.10 6.88
CA VAL D 68 -69.93 59.39 7.55
C VAL D 68 -68.60 59.99 7.16
N SER D 69 -67.52 59.34 7.60
CA SER D 69 -66.18 59.81 7.28
C SER D 69 -65.24 58.62 7.18
N SER D 70 -64.08 58.84 6.57
CA SER D 70 -63.04 57.82 6.57
C SER D 70 -61.72 58.48 6.94
N PHE D 71 -61.14 58.06 8.06
CA PHE D 71 -59.92 58.69 8.53
C PHE D 71 -58.75 57.73 8.45
N GLU D 72 -57.82 58.01 7.54
CA GLU D 72 -56.56 57.30 7.53
C GLU D 72 -55.75 57.82 8.71
N GLY D 73 -54.77 57.04 9.16
CA GLY D 73 -53.96 57.47 10.29
C GLY D 73 -52.75 56.60 10.55
N HIS D 74 -52.15 56.80 11.72
CA HIS D 74 -51.03 55.98 12.15
C HIS D 74 -51.46 54.53 12.07
N LYS D 75 -50.65 53.71 11.41
CA LYS D 75 -51.16 52.43 10.93
C LYS D 75 -51.44 51.46 12.07
N GLY D 76 -52.69 51.01 12.13
CA GLY D 76 -53.09 49.95 13.03
C GLY D 76 -54.55 50.14 13.37
N ASN D 77 -55.11 49.23 14.14
CA ASN D 77 -56.39 49.51 14.77
C ASN D 77 -56.10 50.63 15.75
N VAL D 78 -56.85 51.71 15.67
CA VAL D 78 -56.68 52.77 16.64
C VAL D 78 -57.04 52.18 17.99
N THR D 79 -56.13 52.28 18.95
CA THR D 79 -56.37 51.68 20.25
C THR D 79 -57.45 52.46 20.96
N SER D 80 -57.30 53.78 20.97
CA SER D 80 -58.35 54.65 21.47
C SER D 80 -58.22 56.03 20.87
N ILE D 81 -59.30 56.80 20.93
CA ILE D 81 -59.35 58.12 20.31
C ILE D 81 -60.26 59.03 21.11
N ALA D 82 -60.06 60.35 20.97
CA ALA D 82 -60.90 61.30 21.69
C ALA D 82 -61.39 62.42 20.78
N PHE D 83 -62.71 62.52 20.65
CA PHE D 83 -63.32 63.67 19.99
C PHE D 83 -63.57 64.73 21.05
N GLN D 84 -63.02 65.92 20.86
CA GLN D 84 -63.05 66.91 21.92
C GLN D 84 -64.46 67.48 22.08
N GLN D 85 -64.61 68.38 23.04
CA GLN D 85 -65.87 69.06 23.23
C GLN D 85 -66.14 69.85 21.96
N GLU D 86 -65.08 70.40 21.39
CA GLU D 86 -65.14 71.07 20.11
C GLU D 86 -65.64 70.12 19.03
N ASN D 87 -65.25 68.86 19.14
CA ASN D 87 -65.57 67.86 18.14
C ASN D 87 -65.11 68.33 16.76
N ARG D 88 -64.03 69.09 16.74
CA ARG D 88 -63.44 69.59 15.52
C ARG D 88 -61.99 69.16 15.51
N TRP D 89 -61.24 69.68 16.47
CA TRP D 89 -59.96 69.10 16.79
C TRP D 89 -60.25 67.87 17.65
N MET D 90 -59.81 66.71 17.20
CA MET D 90 -60.15 65.44 17.85
C MET D 90 -58.95 64.52 17.98
N VAL D 91 -58.75 64.00 19.18
CA VAL D 91 -57.60 63.16 19.48
C VAL D 91 -57.81 61.73 19.01
N SER D 92 -56.75 61.11 18.52
CA SER D 92 -56.78 59.69 18.16
C SER D 92 -55.44 59.04 18.43
N SER D 93 -55.48 57.80 18.91
CA SER D 93 -54.27 57.04 19.21
C SER D 93 -54.33 55.69 18.51
N SER D 94 -53.21 55.27 17.94
CA SER D 94 -53.21 54.08 17.11
C SER D 94 -52.15 53.08 17.53
N GLU D 95 -52.32 51.85 17.04
CA GLU D 95 -51.40 50.77 17.34
C GLU D 95 -50.03 51.01 16.71
N ASP D 96 -49.94 52.02 15.87
CA ASP D 96 -48.73 52.27 15.08
C ASP D 96 -47.48 52.46 15.91
N GLY D 97 -47.64 52.79 17.19
CA GLY D 97 -46.49 53.04 18.03
C GLY D 97 -46.32 54.51 18.33
N THR D 98 -47.04 55.33 17.59
CA THR D 98 -47.03 56.76 17.80
C THR D 98 -48.43 57.31 17.62
N ILE D 99 -48.80 58.28 18.45
CA ILE D 99 -50.17 58.78 18.41
C ILE D 99 -50.30 59.80 17.28
N LYS D 100 -51.21 59.49 16.36
CA LYS D 100 -51.61 60.44 15.34
C LYS D 100 -53.10 60.68 15.49
N VAL D 101 -53.45 61.90 15.87
CA VAL D 101 -54.85 62.22 16.13
C VAL D 101 -55.55 62.59 14.85
N TRP D 102 -56.71 61.98 14.60
CA TRP D 102 -57.53 62.48 13.52
C TRP D 102 -58.51 63.45 14.12
N ASP D 103 -58.32 64.72 13.81
CA ASP D 103 -59.26 65.75 14.17
C ASP D 103 -60.44 65.62 13.24
N VAL D 104 -61.56 66.18 13.65
CA VAL D 104 -62.78 66.10 12.88
C VAL D 104 -62.77 67.22 11.84
N ARG D 105 -61.67 67.97 11.80
CA ARG D 105 -61.66 69.27 11.16
C ARG D 105 -62.23 69.29 9.74
N SER D 106 -61.59 68.74 8.70
CA SER D 106 -62.44 68.45 7.54
C SER D 106 -63.38 67.38 8.05
N PRO D 107 -62.81 66.23 8.42
CA PRO D 107 -62.23 65.21 9.29
C PRO D 107 -60.70 65.34 9.22
N SER D 108 -60.10 66.45 9.59
CA SER D 108 -58.70 66.63 9.18
C SER D 108 -57.77 66.12 10.25
N VAL D 109 -56.76 65.36 9.85
CA VAL D 109 -55.90 64.76 10.85
C VAL D 109 -54.49 65.34 10.80
N GLN D 110 -54.13 66.13 11.81
CA GLN D 110 -52.73 66.31 12.12
C GLN D 110 -52.46 66.18 13.62
N ARG D 111 -51.71 65.14 14.00
CA ARG D 111 -51.02 65.12 15.29
C ARG D 111 -49.81 64.21 15.20
N ASN D 112 -48.76 64.52 15.95
CA ASN D 112 -47.70 63.55 16.14
C ASN D 112 -47.34 63.44 17.61
N TYR D 113 -47.57 62.27 18.18
CA TYR D 113 -47.03 61.97 19.49
C TYR D 113 -46.32 60.63 19.40
N LYS D 114 -45.00 60.65 19.59
CA LYS D 114 -44.22 59.42 19.55
C LYS D 114 -44.34 58.67 20.87
N HIS D 115 -44.17 57.36 20.80
CA HIS D 115 -44.13 56.55 22.01
C HIS D 115 -43.15 55.40 21.84
N ASN D 116 -42.99 54.60 22.89
CA ASN D 116 -42.12 53.44 22.83
C ASN D 116 -42.91 52.19 22.48
N ALA D 117 -44.22 52.35 22.29
CA ALA D 117 -45.08 51.27 21.85
C ALA D 117 -46.33 51.83 21.21
N PRO D 118 -47.25 50.95 20.79
CA PRO D 118 -48.53 51.33 20.19
C PRO D 118 -49.23 52.36 21.06
N VAL D 119 -49.89 53.34 20.45
CA VAL D 119 -50.44 54.40 21.28
C VAL D 119 -51.69 53.83 21.88
N ASN D 120 -51.71 53.80 23.21
CA ASN D 120 -52.71 53.03 23.96
C ASN D 120 -54.05 53.74 24.01
N GLU D 121 -54.04 55.03 24.31
CA GLU D 121 -55.27 55.82 24.28
C GLU D 121 -55.01 57.28 23.96
N VAL D 122 -55.97 57.91 23.31
CA VAL D 122 -55.94 59.34 23.10
C VAL D 122 -56.76 60.01 24.21
N ALA D 123 -56.10 60.84 25.02
CA ALA D 123 -56.72 61.36 26.23
C ALA D 123 -56.96 62.87 26.20
N ILE D 124 -57.51 63.38 27.28
CA ILE D 124 -57.72 64.81 27.46
C ILE D 124 -57.65 65.13 28.94
N HIS D 125 -57.17 66.32 29.27
CA HIS D 125 -57.01 66.73 30.66
C HIS D 125 -58.22 67.54 31.11
N PRO D 126 -58.19 68.05 32.35
CA PRO D 126 -59.24 68.91 32.88
C PRO D 126 -59.56 70.04 31.89
N ASN D 127 -58.52 70.50 31.20
CA ASN D 127 -58.71 71.30 30.00
C ASN D 127 -58.75 70.34 28.83
N GLN D 128 -59.84 70.39 28.06
CA GLN D 128 -59.99 69.52 26.89
C GLN D 128 -58.85 69.73 25.91
N GLY D 129 -58.38 70.97 25.83
CA GLY D 129 -57.23 71.30 24.99
C GLY D 129 -55.94 70.76 25.57
N GLU D 130 -56.02 70.23 26.79
CA GLU D 130 -54.86 69.66 27.45
C GLU D 130 -55.02 68.15 27.55
N LEU D 131 -53.91 67.42 27.52
CA LEU D 131 -53.94 65.97 27.54
C LEU D 131 -52.57 65.33 27.80
N ILE D 132 -52.55 64.01 27.83
CA ILE D 132 -51.32 63.26 27.99
C ILE D 132 -51.46 61.93 27.28
N SER D 133 -50.33 61.30 26.95
CA SER D 133 -50.35 60.05 26.22
C SER D 133 -49.54 58.94 26.90
N CYS D 134 -50.23 57.90 27.35
CA CYS D 134 -49.57 56.74 27.93
C CYS D 134 -49.78 55.53 27.04
N ASP D 135 -48.68 55.06 26.44
CA ASP D 135 -48.74 53.98 25.46
C ASP D 135 -48.77 52.62 26.14
N GLN D 136 -48.61 51.58 25.33
CA GLN D 136 -48.56 50.21 25.82
C GLN D 136 -47.15 49.92 26.28
N ASP D 137 -46.30 50.93 26.18
CA ASP D 137 -44.94 50.85 26.66
C ASP D 137 -44.83 51.24 28.13
N GLY D 138 -45.14 52.50 28.41
CA GLY D 138 -44.55 53.20 29.53
C GLY D 138 -45.08 54.60 29.74
N ASN D 139 -44.28 55.41 30.45
CA ASN D 139 -44.73 56.64 31.07
C ASN D 139 -45.50 57.58 30.16
N ILE D 140 -46.58 58.13 30.71
CA ILE D 140 -47.50 58.99 29.99
C ILE D 140 -46.77 60.18 29.37
N ARG D 141 -47.20 60.58 28.18
CA ARG D 141 -46.61 61.74 27.52
C ARG D 141 -47.62 62.85 27.34
N ILE D 142 -47.42 63.96 28.04
CA ILE D 142 -48.33 65.10 27.96
C ILE D 142 -48.36 65.66 26.56
N TRP D 143 -49.56 65.84 26.04
CA TRP D 143 -49.74 66.44 24.72
C TRP D 143 -50.92 67.42 24.73
N ASP D 144 -50.68 68.63 24.23
CA ASP D 144 -51.74 69.64 24.16
C ASP D 144 -52.45 69.61 22.80
N LEU D 145 -53.34 70.56 22.55
CA LEU D 145 -54.20 70.49 21.38
C LEU D 145 -53.62 71.26 20.20
N GLY D 146 -53.23 70.51 19.16
CA GLY D 146 -52.69 71.05 17.94
C GLY D 146 -51.48 71.94 18.13
N GLU D 147 -50.78 71.75 19.26
CA GLU D 147 -49.65 72.60 19.63
C GLU D 147 -49.07 72.21 20.98
N ASN D 148 -47.88 72.72 21.27
CA ASN D 148 -47.26 72.65 22.60
C ASN D 148 -47.31 71.25 23.20
N GLN D 149 -47.10 70.25 22.38
CA GLN D 149 -47.20 68.87 22.84
C GLN D 149 -45.85 68.18 22.79
N CYS D 150 -45.28 67.87 23.95
CA CYS D 150 -44.14 66.98 23.96
C CYS D 150 -44.36 65.84 24.93
N THR D 151 -44.33 66.15 26.23
CA THR D 151 -44.62 65.18 27.28
C THR D 151 -44.46 65.72 28.70
N ASN D 152 -45.06 65.01 29.65
CA ASN D 152 -44.62 64.98 31.03
C ASN D 152 -44.71 63.51 31.42
N GLN D 153 -43.58 62.90 31.79
CA GLN D 153 -43.56 61.44 31.90
C GLN D 153 -44.15 60.96 33.21
N LEU D 154 -45.21 60.16 33.12
CA LEU D 154 -45.75 59.50 34.30
C LEU D 154 -45.74 58.00 34.12
N THR D 155 -44.92 57.31 34.90
CA THR D 155 -44.80 55.86 34.77
C THR D 155 -45.33 55.15 35.99
N PRO D 156 -46.48 54.48 35.85
CA PRO D 156 -47.00 53.67 36.96
C PRO D 156 -46.12 52.46 37.23
N GLU D 157 -45.44 52.00 36.18
CA GLU D 157 -44.55 50.85 36.30
C GLU D 157 -43.49 50.87 35.22
N ASP D 158 -42.41 50.14 35.43
CA ASP D 158 -41.30 50.10 34.49
C ASP D 158 -41.39 48.92 33.52
N ASN D 159 -42.43 48.11 33.68
CA ASN D 159 -42.57 46.91 32.88
C ASN D 159 -43.93 46.81 32.19
N THR D 160 -44.96 46.64 33.01
CA THR D 160 -46.30 46.31 32.53
C THR D 160 -46.76 47.26 31.44
N PRO D 161 -47.23 46.69 30.33
CA PRO D 161 -47.78 47.50 29.26
C PRO D 161 -49.00 48.26 29.74
N LEU D 162 -49.11 49.53 29.40
CA LEU D 162 -50.27 50.30 29.80
C LEU D 162 -51.30 50.25 28.70
N GLN D 163 -52.42 49.59 28.99
CA GLN D 163 -53.44 49.33 28.00
C GLN D 163 -53.99 50.60 27.40
N SER D 164 -54.14 51.63 28.23
CA SER D 164 -54.67 52.90 27.77
C SER D 164 -54.24 54.04 28.69
N LEU D 165 -54.33 55.26 28.19
CA LEU D 165 -54.25 56.44 29.03
C LEU D 165 -55.67 56.85 29.41
N SER D 166 -56.00 56.74 30.69
CA SER D 166 -57.37 56.95 31.13
C SER D 166 -57.55 58.19 32.00
N VAL D 167 -58.23 59.19 31.45
CA VAL D 167 -58.59 60.38 32.21
C VAL D 167 -60.04 60.77 31.98
N ALA D 168 -60.83 60.77 33.04
CA ALA D 168 -62.20 61.26 33.01
C ALA D 168 -62.19 62.73 33.38
N SER D 169 -63.37 63.33 33.58
CA SER D 169 -63.35 64.70 34.06
C SER D 169 -63.45 64.72 35.57
N ASP D 170 -62.34 65.10 36.18
CA ASP D 170 -62.22 65.40 37.60
C ASP D 170 -61.54 66.74 37.69
N GLY D 171 -60.31 66.73 37.21
CA GLY D 171 -59.39 67.84 37.23
C GLY D 171 -58.38 67.65 38.34
N SER D 172 -58.73 66.85 39.34
CA SER D 172 -57.75 66.12 40.13
C SER D 172 -58.07 64.64 40.05
N MET D 173 -57.21 63.87 39.40
CA MET D 173 -57.29 62.41 39.38
C MET D 173 -56.24 61.77 38.50
N LEU D 174 -56.00 60.48 38.69
CA LEU D 174 -55.32 59.67 37.71
C LEU D 174 -55.77 58.23 37.89
N VAL D 175 -55.71 57.44 36.83
CA VAL D 175 -56.17 56.06 36.84
C VAL D 175 -55.93 55.46 35.47
N ALA D 176 -55.96 54.13 35.41
CA ALA D 176 -55.61 53.43 34.18
C ALA D 176 -56.02 51.96 34.26
N GLY D 177 -55.63 51.22 33.23
CA GLY D 177 -55.75 49.77 33.23
C GLY D 177 -54.67 49.21 32.33
N ASN D 178 -54.28 47.96 32.55
CA ASN D 178 -53.04 47.48 31.96
C ASN D 178 -52.89 45.97 32.03
N ASN D 179 -51.72 45.51 31.57
CA ASN D 179 -51.36 44.11 31.64
C ASN D 179 -51.33 43.65 33.09
N LYS D 180 -51.15 44.61 33.99
CA LYS D 180 -51.10 44.34 35.42
C LYS D 180 -52.30 43.52 35.89
N GLY D 181 -53.48 44.10 35.79
CA GLY D 181 -54.66 43.50 36.37
C GLY D 181 -54.91 44.12 37.73
N ASN D 182 -53.86 44.71 38.28
CA ASN D 182 -53.98 45.59 39.44
C ASN D 182 -53.71 47.00 38.96
N CYS D 183 -54.74 47.84 38.97
CA CYS D 183 -54.68 49.10 38.25
C CYS D 183 -54.06 50.22 39.06
N TYR D 184 -52.95 50.75 38.55
CA TYR D 184 -52.27 51.86 39.19
C TYR D 184 -53.02 53.14 38.90
N VAL D 185 -53.39 53.84 39.96
CA VAL D 185 -54.10 55.09 39.86
C VAL D 185 -53.39 56.09 40.75
N TRP D 186 -53.53 57.36 40.40
CA TRP D 186 -52.84 58.43 41.11
C TRP D 186 -53.77 59.60 41.34
N ARG D 187 -53.35 60.52 42.19
CA ARG D 187 -54.10 61.75 42.40
C ARG D 187 -53.38 62.92 41.73
N MET D 188 -54.03 63.51 40.75
CA MET D 188 -53.45 64.67 40.07
C MET D 188 -53.75 65.95 40.84
N PRO D 189 -52.97 67.00 40.56
CA PRO D 189 -53.24 68.33 41.13
C PRO D 189 -54.31 69.05 40.33
N HIS D 190 -54.62 70.29 40.70
CA HIS D 190 -55.62 71.05 39.96
C HIS D 190 -54.91 71.88 38.91
N HIS D 191 -55.13 71.53 37.64
CA HIS D 191 -54.39 72.09 36.54
C HIS D 191 -55.16 71.96 35.24
N THR D 192 -54.75 72.71 34.22
CA THR D 192 -55.34 72.50 32.90
C THR D 192 -54.71 71.21 32.40
N ASP D 193 -53.41 71.24 32.11
CA ASP D 193 -52.58 70.08 32.41
C ASP D 193 -51.28 70.52 33.08
N ALA D 194 -51.11 70.14 34.35
CA ALA D 194 -49.82 70.05 35.00
C ALA D 194 -49.80 68.71 35.69
N SER D 195 -50.66 68.61 36.69
CA SER D 195 -51.03 67.36 37.36
C SER D 195 -49.83 66.54 37.82
N THR D 196 -49.07 67.06 38.78
CA THR D 196 -48.11 66.22 39.46
C THR D 196 -48.92 65.14 40.14
N LEU D 197 -48.57 63.88 39.89
CA LEU D 197 -49.40 62.77 40.36
C LEU D 197 -49.18 62.51 41.84
N GLU D 198 -50.24 62.05 42.49
CA GLU D 198 -50.15 61.57 43.86
C GLU D 198 -50.69 60.16 43.83
N PRO D 199 -49.80 59.18 43.63
CA PRO D 199 -50.23 57.82 43.33
C PRO D 199 -51.23 57.29 44.33
N VAL D 200 -52.31 56.71 43.84
CA VAL D 200 -53.27 56.09 44.73
C VAL D 200 -52.75 54.69 45.02
N THR D 201 -52.83 53.81 44.02
CA THR D 201 -52.34 52.44 44.16
C THR D 201 -52.61 51.62 42.92
N LYS D 202 -51.91 50.49 42.81
CA LYS D 202 -52.27 49.49 41.82
C LYS D 202 -53.20 48.50 42.48
N PHE D 203 -54.45 48.49 42.06
CA PHE D 203 -55.48 47.74 42.77
C PHE D 203 -56.11 46.68 41.90
N LYS D 204 -55.97 45.43 42.31
CA LYS D 204 -56.54 44.33 41.55
C LYS D 204 -57.99 44.09 41.95
N SER D 205 -58.88 44.24 40.97
CA SER D 205 -60.24 43.76 41.11
C SER D 205 -60.25 42.38 40.50
N HIS D 206 -60.03 42.33 39.19
CA HIS D 206 -59.60 41.11 38.53
C HIS D 206 -58.12 41.26 38.26
N THR D 207 -57.30 40.49 38.98
CA THR D 207 -55.85 40.66 38.93
C THR D 207 -55.29 40.19 37.60
N LYS D 208 -56.07 39.38 36.88
CA LYS D 208 -55.61 38.87 35.60
C LYS D 208 -56.11 39.77 34.48
N TYR D 209 -55.16 40.46 33.85
CA TYR D 209 -55.42 41.29 32.69
C TYR D 209 -56.68 42.14 32.84
N ILE D 210 -56.66 43.11 33.74
CA ILE D 210 -57.77 44.03 33.85
C ILE D 210 -57.73 44.91 32.60
N THR D 211 -58.84 44.96 31.87
CA THR D 211 -58.84 45.62 30.58
C THR D 211 -59.49 46.99 30.62
N ARG D 212 -60.81 47.02 30.74
CA ARG D 212 -61.54 48.29 30.69
C ARG D 212 -61.49 48.98 32.04
N VAL D 213 -60.97 50.20 32.06
CA VAL D 213 -60.89 50.95 33.30
C VAL D 213 -61.69 52.23 33.17
N LEU D 214 -62.80 52.33 33.92
CA LEU D 214 -63.63 53.52 33.83
C LEU D 214 -64.13 53.99 35.19
N LEU D 215 -63.89 55.26 35.48
CA LEU D 215 -64.45 55.87 36.68
C LEU D 215 -65.95 56.02 36.50
N SER D 216 -66.68 56.17 37.60
CA SER D 216 -68.13 56.30 37.51
C SER D 216 -68.51 57.67 36.96
N ALA D 217 -69.81 57.92 36.83
CA ALA D 217 -70.30 59.19 36.33
C ALA D 217 -69.77 60.33 37.18
N ASP D 218 -69.98 60.24 38.48
CA ASP D 218 -69.42 61.19 39.42
C ASP D 218 -68.07 60.68 39.87
N VAL D 219 -67.68 59.54 39.30
CA VAL D 219 -66.43 58.87 39.63
C VAL D 219 -66.40 58.52 41.11
N LYS D 220 -67.58 58.37 41.69
CA LYS D 220 -67.70 57.94 43.07
C LYS D 220 -67.45 56.44 43.09
N ASN D 221 -67.85 55.78 42.00
CA ASN D 221 -67.50 54.39 41.79
C ASN D 221 -66.42 54.28 40.74
N LEU D 222 -66.04 53.04 40.44
CA LEU D 222 -65.05 52.74 39.43
C LEU D 222 -65.31 51.33 38.93
N ALA D 223 -64.81 51.01 37.75
CA ALA D 223 -65.03 49.68 37.18
C ALA D 223 -63.84 49.18 36.39
N THR D 224 -63.55 47.89 36.56
CA THR D 224 -62.50 47.22 35.83
C THR D 224 -63.04 45.94 35.17
N CYS D 225 -63.03 45.92 33.85
CA CYS D 225 -63.47 44.76 33.10
C CYS D 225 -62.26 43.99 32.60
N SER D 226 -62.35 42.67 32.59
CA SER D 226 -61.25 41.85 32.11
C SER D 226 -61.73 40.85 31.08
N ALA D 227 -60.79 40.27 30.35
CA ALA D 227 -61.08 39.23 29.38
C ALA D 227 -61.01 37.91 30.11
N ASP D 228 -60.79 38.00 31.42
CA ASP D 228 -60.67 36.85 32.29
C ASP D 228 -62.07 36.39 32.66
N HIS D 229 -63.05 37.10 32.13
CA HIS D 229 -64.46 36.88 32.45
C HIS D 229 -64.65 37.20 33.93
N THR D 230 -63.77 38.07 34.41
CA THR D 230 -63.79 38.48 35.81
C THR D 230 -63.76 40.00 35.87
N ALA D 231 -64.80 40.59 36.42
CA ALA D 231 -64.85 42.03 36.61
C ALA D 231 -65.50 42.40 37.94
N ARG D 232 -64.85 43.27 38.70
CA ARG D 232 -65.38 43.71 39.99
C ARG D 232 -65.35 45.22 40.12
N VAL D 233 -66.51 45.83 40.28
CA VAL D 233 -66.58 47.27 40.44
C VAL D 233 -66.06 47.64 41.81
N TRP D 234 -65.60 48.89 41.93
CA TRP D 234 -65.10 49.42 43.18
C TRP D 234 -65.87 50.69 43.50
N ASN D 235 -65.82 51.13 44.75
CA ASN D 235 -66.38 52.43 45.06
C ASN D 235 -65.22 53.39 45.21
N ILE D 236 -65.09 54.27 44.22
CA ILE D 236 -63.92 55.13 44.11
C ILE D 236 -64.08 56.28 45.09
N GLU D 237 -65.32 56.48 45.53
CA GLU D 237 -65.63 57.51 46.50
C GLU D 237 -64.77 57.28 47.73
N ASP D 238 -64.87 56.10 48.30
CA ASP D 238 -64.00 55.76 49.41
C ASP D 238 -62.96 54.73 49.01
N ASN D 239 -61.71 55.19 48.93
CA ASN D 239 -60.55 54.33 48.79
C ASN D 239 -60.70 53.30 47.68
N TYR D 240 -61.39 53.67 46.60
CA TYR D 240 -61.68 52.75 45.51
C TYR D 240 -62.19 51.42 46.06
N GLN D 241 -63.03 51.48 47.09
CA GLN D 241 -63.41 50.27 47.80
C GLN D 241 -64.21 49.38 46.87
N LEU D 242 -63.77 48.14 46.72
CA LEU D 242 -64.38 47.21 45.77
C LEU D 242 -65.87 47.12 46.01
N GLU D 243 -66.65 47.27 44.95
CA GLU D 243 -68.09 47.38 45.11
C GLU D 243 -68.79 46.20 44.46
N THR D 244 -68.84 46.17 43.14
CA THR D 244 -69.69 45.22 42.46
C THR D 244 -68.95 44.27 41.53
N THR D 245 -68.93 43.00 41.87
CA THR D 245 -68.46 42.00 40.95
C THR D 245 -69.40 41.99 39.75
N LEU D 246 -68.87 42.10 38.55
CA LEU D 246 -69.70 42.17 37.37
C LEU D 246 -69.95 40.76 36.83
N ASP D 247 -71.21 40.37 36.83
CA ASP D 247 -71.59 39.04 36.36
C ASP D 247 -71.41 38.98 34.86
N GLY D 248 -70.66 37.98 34.40
CA GLY D 248 -70.46 37.77 32.99
C GLY D 248 -70.04 36.36 32.68
N HIS D 249 -70.27 35.95 31.44
CA HIS D 249 -69.86 34.64 30.97
C HIS D 249 -68.40 34.74 30.59
N GLN D 250 -67.86 33.71 29.95
CA GLN D 250 -66.50 33.85 29.49
C GLN D 250 -66.59 34.88 28.39
N ARG D 251 -65.83 35.96 28.56
CA ARG D 251 -66.05 37.12 27.73
C ARG D 251 -64.81 38.00 27.70
N TRP D 252 -64.75 38.85 26.69
CA TRP D 252 -63.79 39.93 26.67
C TRP D 252 -64.59 41.22 26.78
N VAL D 253 -64.36 41.97 27.84
CA VAL D 253 -64.96 43.28 27.95
C VAL D 253 -63.89 44.37 27.90
N TRP D 254 -63.85 45.10 26.81
CA TRP D 254 -63.06 46.31 26.75
C TRP D 254 -63.96 47.48 27.06
N ASP D 255 -65.25 47.17 27.24
CA ASP D 255 -66.23 48.18 27.56
C ASP D 255 -66.91 47.87 28.87
N CYS D 256 -66.67 48.71 29.87
CA CYS D 256 -67.46 48.68 31.09
C CYS D 256 -67.96 50.09 31.39
N ALA D 257 -69.27 50.29 31.32
CA ALA D 257 -69.83 51.60 31.57
C ALA D 257 -71.30 51.59 31.98
N PHE D 258 -71.71 52.68 32.60
CA PHE D 258 -73.12 53.00 32.73
C PHE D 258 -73.28 54.45 32.31
N SER D 259 -74.02 54.68 31.23
CA SER D 259 -74.06 56.01 30.61
C SER D 259 -75.04 56.95 31.27
N ALA D 260 -76.33 56.70 31.08
CA ALA D 260 -77.36 57.57 31.60
C ALA D 260 -77.83 57.07 32.96
N ASP D 261 -77.20 56.02 33.45
CA ASP D 261 -77.68 55.38 34.67
C ASP D 261 -76.75 55.53 35.86
N SER D 262 -75.62 54.81 35.83
CA SER D 262 -74.82 54.53 37.02
C SER D 262 -75.72 53.77 37.98
N ALA D 263 -76.71 53.12 37.38
CA ALA D 263 -77.79 52.43 38.07
C ALA D 263 -77.85 51.03 37.51
N TYR D 264 -78.18 50.95 36.22
CA TYR D 264 -78.00 49.73 35.45
C TYR D 264 -76.61 49.74 34.83
N LEU D 265 -75.94 48.60 34.82
CA LEU D 265 -74.57 48.54 34.32
C LEU D 265 -74.46 47.84 32.98
N VAL D 266 -74.13 48.60 31.95
CA VAL D 266 -73.95 48.06 30.61
C VAL D 266 -72.63 47.30 30.55
N THR D 267 -72.63 46.16 29.88
CA THR D 267 -71.43 45.33 29.84
C THR D 267 -71.00 44.96 28.41
N ALA D 268 -69.89 44.23 28.32
CA ALA D 268 -69.37 43.75 27.04
C ALA D 268 -68.99 42.27 27.14
N CYS D 269 -69.63 41.44 26.33
CA CYS D 269 -69.38 40.01 26.43
C CYS D 269 -68.96 39.41 25.10
N SER D 270 -67.86 38.67 25.12
CA SER D 270 -67.46 37.87 23.98
C SER D 270 -68.44 36.73 23.78
N ASP D 271 -69.33 36.56 24.76
CA ASP D 271 -70.30 35.49 24.77
C ASP D 271 -71.31 35.60 23.64
N HIS D 272 -71.26 36.73 22.92
CA HIS D 272 -72.11 37.06 21.77
C HIS D 272 -73.47 37.59 22.22
N TYR D 273 -73.72 37.51 23.52
CA TYR D 273 -74.84 38.21 24.12
C TYR D 273 -74.32 38.96 25.33
N VAL D 274 -74.42 40.28 25.28
CA VAL D 274 -73.92 41.11 26.36
C VAL D 274 -74.99 41.26 27.41
N ARG D 275 -74.66 40.90 28.64
CA ARG D 275 -75.62 41.03 29.72
C ARG D 275 -75.31 42.27 30.52
N LEU D 276 -76.20 43.25 30.44
CA LEU D 276 -76.01 44.49 31.17
C LEU D 276 -76.59 44.35 32.56
N TRP D 277 -75.80 44.67 33.56
CA TRP D 277 -76.21 44.47 34.94
C TRP D 277 -76.89 45.73 35.47
N ASP D 278 -77.19 45.71 36.77
CA ASP D 278 -77.62 46.94 37.44
C ASP D 278 -76.43 47.46 38.23
N LEU D 279 -75.91 48.61 37.79
CA LEU D 279 -74.79 49.25 38.44
C LEU D 279 -75.05 49.46 39.93
N SER D 280 -76.30 49.70 40.27
CA SER D 280 -76.68 49.86 41.67
C SER D 280 -76.39 48.59 42.47
N THR D 281 -76.99 47.48 42.05
CA THR D 281 -76.70 46.19 42.67
C THR D 281 -76.22 45.21 41.63
N SER D 282 -77.16 44.75 40.81
CA SER D 282 -76.89 43.89 39.67
C SER D 282 -78.21 43.56 38.99
N GLU D 283 -78.14 43.11 37.74
CA GLU D 283 -79.31 42.69 36.99
C GLU D 283 -78.88 42.00 35.72
N ILE D 284 -79.86 41.58 34.93
CA ILE D 284 -79.63 41.40 33.51
C ILE D 284 -80.51 42.42 32.84
N VAL D 285 -79.90 43.44 32.24
CA VAL D 285 -80.67 44.47 31.57
C VAL D 285 -80.51 44.31 30.07
N ARG D 286 -81.59 43.88 29.42
CA ARG D 286 -81.57 43.61 27.99
C ARG D 286 -80.33 42.84 27.59
N GLN D 287 -80.20 41.62 28.07
CA GLN D 287 -78.98 40.86 27.83
C GLN D 287 -79.03 40.27 26.43
N TYR D 288 -78.07 40.66 25.61
CA TYR D 288 -78.05 40.31 24.19
C TYR D 288 -76.86 40.95 23.51
N GLY D 289 -76.65 40.61 22.25
CA GLY D 289 -75.67 41.28 21.44
C GLY D 289 -75.98 41.21 19.96
N GLY D 290 -75.45 42.17 19.20
CA GLY D 290 -75.60 42.16 17.76
C GLY D 290 -74.55 41.31 17.10
N HIS D 291 -73.44 41.12 17.81
CA HIS D 291 -72.35 40.30 17.32
C HIS D 291 -72.68 38.84 17.47
N HIS D 292 -72.65 38.12 16.35
CA HIS D 292 -72.95 36.71 16.36
C HIS D 292 -71.85 35.96 17.09
N LYS D 293 -70.60 36.30 16.80
CA LYS D 293 -69.48 35.67 17.46
C LYS D 293 -69.39 36.12 18.92
N GLY D 294 -69.35 37.43 19.11
CA GLY D 294 -69.13 38.01 20.43
C GLY D 294 -68.53 39.38 20.31
N ALA D 295 -68.32 40.05 21.43
CA ALA D 295 -67.83 41.42 21.37
C ALA D 295 -67.08 41.89 22.60
N VAL D 296 -66.25 42.91 22.38
CA VAL D 296 -65.98 43.88 23.41
C VAL D 296 -66.12 45.24 22.75
N CYS D 297 -67.12 46.01 23.17
CA CYS D 297 -67.36 47.37 22.69
C CYS D 297 -68.65 47.91 23.29
N VAL D 298 -68.86 49.21 23.14
CA VAL D 298 -70.12 49.85 23.53
C VAL D 298 -70.05 51.35 23.21
N ALA D 299 -71.21 51.99 23.19
CA ALA D 299 -71.26 53.44 23.01
C ALA D 299 -72.53 54.02 23.64
N LEU D 300 -72.67 55.35 23.56
CA LEU D 300 -73.86 56.01 24.08
C LEU D 300 -74.14 57.30 23.30
N ASN D 301 -75.41 57.66 23.18
CA ASN D 301 -75.77 58.90 22.50
C ASN D 301 -77.11 59.43 23.00
#